data_2X06
#
_entry.id   2X06
#
_cell.length_a   80.930
_cell.length_b   203.710
_cell.length_c   100.050
_cell.angle_alpha   90.00
_cell.angle_beta   112.05
_cell.angle_gamma   90.00
#
_symmetry.space_group_name_H-M   'P 1 21 1'
#
loop_
_entity.id
_entity.type
_entity.pdbx_description
1 polymer 'L-SULFOLACTATE DEHYDROGENASE'
2 non-polymer NICOTINAMIDE-ADENINE-DINUCLEOTIDE
3 water water
#
_entity_poly.entity_id   1
_entity_poly.type   'polypeptide(L)'
_entity_poly.pdbx_seq_one_letter_code
;(MSE)ILKPENEKKLIIDVLKKFGVPEEDAKITADVFVDADLKGFTSHGIGRFPQYITALKLGNINPKPDIKIVKESPAT
AVIDGDLGLGQVVGKKA(MSE)ELAIKKAKNVGVGVVATRNANHFGIAGYYSELA(MSE)NQD(MSE)IGITITNTEPA
(MSE)APFGGKEKILGTNPIAIAFKGNKYKFSLD(MSE)ATASIARGKILEALRKKIKIPEGCAVDKDGKPTTDPAKALE
GCILPFGGPKGYGLALAIE(MSE)LSAIGGAEVGTKVKGTANPEERCTKGDLFIAINPEFF(MSE)GKEEFKRKVDELLD
EIKNSEPAEGFEILIPGEIEERNK(MSE)KRKDGFEIDKNLYNQLKEICNELGLNIEDYIE
;
_entity_poly.pdbx_strand_id   A,B,C,D,E,F,G,H
#
loop_
_chem_comp.id
_chem_comp.type
_chem_comp.name
_chem_comp.formula
NAD non-polymer NICOTINAMIDE-ADENINE-DINUCLEOTIDE 'C21 H27 N7 O14 P2'
#
# COMPACT_ATOMS: atom_id res chain seq x y z
N MSE A 1 -10.09 33.54 35.10
CA MSE A 1 -9.07 32.55 34.79
C MSE A 1 -9.19 32.04 33.36
O MSE A 1 -9.89 31.06 33.10
CB MSE A 1 -9.17 31.38 35.75
CG MSE A 1 -8.06 30.35 35.60
SE MSE A 1 -6.47 30.83 36.62
CE MSE A 1 -7.28 30.86 38.41
N ILE A 2 -8.51 32.70 32.43
CA ILE A 2 -8.59 32.30 31.02
C ILE A 2 -7.48 31.31 30.66
N LEU A 3 -7.88 30.29 29.90
CA LEU A 3 -6.98 29.32 29.30
C LEU A 3 -7.19 29.34 27.80
N LYS A 4 -6.13 29.48 27.04
CA LYS A 4 -6.23 29.48 25.60
C LYS A 4 -6.05 28.07 25.09
N PRO A 5 -6.80 27.72 24.02
CA PRO A 5 -6.77 26.39 23.40
C PRO A 5 -5.35 25.96 23.06
N GLU A 6 -4.62 26.82 22.35
CA GLU A 6 -3.24 26.52 21.95
C GLU A 6 -2.35 26.25 23.16
N ASN A 7 -2.58 26.99 24.24
CA ASN A 7 -1.81 26.77 25.43
C ASN A 7 -2.24 25.51 26.16
N GLU A 8 -3.53 25.17 26.07
CA GLU A 8 -4.01 23.91 26.63
C GLU A 8 -3.35 22.76 25.90
N LYS A 9 -3.17 22.92 24.59
CA LYS A 9 -2.59 21.85 23.81
C LYS A 9 -1.12 21.70 24.20
N LYS A 10 -0.44 22.83 24.26
CA LYS A 10 0.98 22.89 24.64
C LYS A 10 1.17 22.26 26.02
N LEU A 11 0.26 22.56 26.93
CA LEU A 11 0.34 22.05 28.29
C LEU A 11 0.17 20.53 28.34
N ILE A 12 -0.81 20.03 27.59
CA ILE A 12 -1.09 18.61 27.60
C ILE A 12 0.05 17.86 26.92
N ILE A 13 0.48 18.36 25.78
CA ILE A 13 1.58 17.72 25.05
C ILE A 13 2.82 17.59 25.94
N ASP A 14 3.15 18.67 26.64
CA ASP A 14 4.31 18.71 27.51
C ASP A 14 4.23 17.71 28.67
N VAL A 15 3.10 17.67 29.37
CA VAL A 15 2.95 16.76 30.48
C VAL A 15 3.01 15.28 30.07
N LEU A 16 2.23 14.90 29.04
CA LEU A 16 2.27 13.53 28.55
C LEU A 16 3.66 13.11 28.07
N LYS A 17 4.37 13.99 27.38
CA LYS A 17 5.76 13.70 27.00
C LYS A 17 6.66 13.30 28.18
N LYS A 18 6.46 13.90 29.35
CA LYS A 18 7.20 13.51 30.56
C LYS A 18 6.98 12.04 30.92
N PHE A 19 5.80 11.52 30.62
CA PHE A 19 5.46 10.15 31.00
C PHE A 19 5.79 9.11 29.94
N GLY A 20 6.40 9.53 28.84
CA GLY A 20 6.80 8.58 27.81
C GLY A 20 5.86 8.45 26.63
N VAL A 21 4.74 9.16 26.66
CA VAL A 21 3.90 9.23 25.48
C VAL A 21 4.65 9.92 24.34
N PRO A 22 4.84 9.23 23.20
CA PRO A 22 5.44 9.86 22.02
C PRO A 22 4.72 11.15 21.59
N GLU A 23 5.45 12.08 20.97
CA GLU A 23 4.87 13.35 20.53
C GLU A 23 3.56 13.20 19.77
N GLU A 24 3.60 12.50 18.65
CA GLU A 24 2.42 12.31 17.81
C GLU A 24 1.19 11.84 18.58
N ASP A 25 1.38 10.88 19.47
CA ASP A 25 0.30 10.35 20.27
C ASP A 25 -0.24 11.47 21.14
N ALA A 26 0.66 12.25 21.74
CA ALA A 26 0.26 13.30 22.65
C ALA A 26 -0.49 14.42 21.94
N LYS A 27 -0.04 14.77 20.73
CA LYS A 27 -0.72 15.80 19.97
C LYS A 27 -2.15 15.37 19.70
N ILE A 28 -2.33 14.09 19.35
CA ILE A 28 -3.66 13.55 19.10
C ILE A 28 -4.54 13.70 20.32
N THR A 29 -4.03 13.29 21.49
CA THR A 29 -4.82 13.36 22.71
C THR A 29 -5.21 14.80 23.05
N ALA A 30 -4.25 15.72 22.88
CA ALA A 30 -4.45 17.11 23.20
C ALA A 30 -5.59 17.69 22.38
N ASP A 31 -5.65 17.32 21.11
CA ASP A 31 -6.73 17.82 20.22
C ASP A 31 -8.14 17.46 20.67
N VAL A 32 -8.30 16.29 21.28
CA VAL A 32 -9.60 15.83 21.78
C VAL A 32 -9.97 16.54 23.09
N PHE A 33 -8.97 16.86 23.92
CA PHE A 33 -9.22 17.70 25.09
C PHE A 33 -9.58 19.14 24.66
N VAL A 34 -8.84 19.66 23.68
CA VAL A 34 -9.10 21.02 23.23
C VAL A 34 -10.48 21.11 22.59
N ASP A 35 -10.80 20.12 21.76
CA ASP A 35 -12.09 20.10 21.10
C ASP A 35 -13.24 20.09 22.11
N ALA A 36 -13.16 19.25 23.14
CA ALA A 36 -14.21 19.19 24.17
C ALA A 36 -14.46 20.56 24.82
N ASP A 37 -13.39 21.20 25.25
CA ASP A 37 -13.50 22.48 25.93
C ASP A 37 -14.07 23.58 25.03
N LEU A 38 -13.55 23.71 23.81
CA LEU A 38 -14.07 24.73 22.90
C LEU A 38 -15.55 24.51 22.70
N LYS A 39 -15.94 23.25 22.52
CA LYS A 39 -17.33 22.88 22.25
C LYS A 39 -18.26 23.07 23.45
N GLY A 40 -17.71 23.14 24.66
CA GLY A 40 -18.52 23.35 25.84
C GLY A 40 -18.72 22.12 26.71
N PHE A 41 -18.17 20.99 26.28
CA PHE A 41 -18.34 19.74 27.00
C PHE A 41 -17.27 19.67 28.07
N THR A 42 -17.36 20.52 29.08
CA THR A 42 -16.20 20.74 29.93
C THR A 42 -15.78 19.54 30.75
N SER A 43 -16.73 18.63 31.00
CA SER A 43 -16.46 17.47 31.82
C SER A 43 -15.69 16.39 31.06
N HIS A 44 -15.34 16.68 29.81
CA HIS A 44 -14.40 15.81 29.10
C HIS A 44 -13.24 16.62 28.54
N GLY A 45 -13.10 17.85 29.04
CA GLY A 45 -12.00 18.70 28.63
C GLY A 45 -10.81 18.58 29.56
N ILE A 46 -10.08 19.69 29.72
CA ILE A 46 -8.89 19.77 30.58
C ILE A 46 -9.20 19.44 32.04
N GLY A 47 -10.45 19.64 32.45
CA GLY A 47 -10.84 19.30 33.82
C GLY A 47 -10.56 17.85 34.17
N ARG A 48 -10.49 16.97 33.18
CA ARG A 48 -10.28 15.55 33.44
C ARG A 48 -8.84 15.14 33.29
N PHE A 49 -7.98 16.06 32.86
CA PHE A 49 -6.57 15.74 32.68
C PHE A 49 -5.90 15.24 33.98
N PRO A 50 -6.21 15.88 35.12
CA PRO A 50 -5.59 15.43 36.39
C PRO A 50 -5.82 13.95 36.68
N GLN A 51 -7.01 13.45 36.35
CA GLN A 51 -7.28 12.03 36.55
C GLN A 51 -6.45 11.16 35.62
N TYR A 52 -6.12 11.70 34.46
CA TYR A 52 -5.23 11.03 33.50
C TYR A 52 -3.84 10.82 34.07
N ILE A 53 -3.33 11.83 34.78
CA ILE A 53 -1.98 11.75 35.34
C ILE A 53 -1.99 10.68 36.41
N THR A 54 -2.97 10.74 37.31
CA THR A 54 -3.08 9.73 38.35
C THR A 54 -2.93 8.37 37.71
N ALA A 55 -3.66 8.13 36.63
CA ALA A 55 -3.68 6.80 36.01
C ALA A 55 -2.36 6.44 35.35
N LEU A 56 -1.71 7.43 34.74
CA LEU A 56 -0.38 7.22 34.20
C LEU A 56 0.59 6.80 35.29
N LYS A 57 0.50 7.44 36.46
CA LYS A 57 1.38 7.11 37.56
C LYS A 57 1.09 5.70 38.06
N LEU A 58 -0.20 5.36 38.21
CA LEU A 58 -0.59 4.02 38.68
C LEU A 58 -0.50 2.94 37.60
N GLY A 59 -0.10 3.33 36.38
CA GLY A 59 0.13 2.37 35.31
C GLY A 59 -1.09 1.93 34.53
N ASN A 60 -2.26 2.47 34.89
CA ASN A 60 -3.50 2.14 34.23
C ASN A 60 -3.63 2.74 32.81
N ILE A 61 -2.81 3.73 32.49
CA ILE A 61 -2.63 4.11 31.11
C ILE A 61 -1.25 3.67 30.67
N ASN A 62 -1.16 3.18 29.43
CA ASN A 62 0.11 2.74 28.87
C ASN A 62 0.67 3.78 27.89
N PRO A 63 1.76 4.44 28.28
CA PRO A 63 2.27 5.52 27.43
C PRO A 63 2.78 5.01 26.09
N LYS A 64 3.19 3.75 26.02
CA LYS A 64 3.75 3.18 24.78
C LYS A 64 3.02 1.92 24.30
N PRO A 65 1.71 2.04 24.05
CA PRO A 65 0.94 0.81 23.87
C PRO A 65 1.38 0.05 22.62
N ASP A 66 1.26 -1.27 22.68
CA ASP A 66 1.37 -2.09 21.48
C ASP A 66 -0.04 -2.41 20.96
N ILE A 67 -0.56 -1.53 20.12
CA ILE A 67 -1.93 -1.64 19.64
C ILE A 67 -2.06 -2.63 18.49
N LYS A 68 -2.92 -3.62 18.66
CA LYS A 68 -3.03 -4.71 17.68
C LYS A 68 -4.41 -4.82 17.06
N ILE A 69 -4.42 -5.02 15.75
CA ILE A 69 -5.63 -5.46 15.08
C ILE A 69 -5.69 -6.98 15.28
N VAL A 70 -6.67 -7.42 16.07
CA VAL A 70 -6.78 -8.81 16.48
C VAL A 70 -7.62 -9.69 15.51
N LYS A 71 -8.53 -9.06 14.77
CA LYS A 71 -9.25 -9.72 13.66
C LYS A 71 -9.56 -8.70 12.61
N GLU A 72 -9.60 -9.12 11.36
CA GLU A 72 -9.89 -8.18 10.30
C GLU A 72 -10.61 -8.84 9.13
N SER A 73 -11.52 -8.09 8.53
CA SER A 73 -12.19 -8.49 7.30
C SER A 73 -12.17 -7.26 6.41
N PRO A 74 -12.60 -7.40 5.16
CA PRO A 74 -12.67 -6.22 4.31
C PRO A 74 -13.55 -5.12 4.89
N ALA A 75 -14.51 -5.46 5.76
CA ALA A 75 -15.40 -4.44 6.32
C ALA A 75 -15.33 -4.25 7.85
N THR A 76 -14.54 -5.06 8.54
CA THR A 76 -14.58 -5.04 10.00
C THR A 76 -13.22 -5.23 10.66
N ALA A 77 -13.08 -4.76 11.90
CA ALA A 77 -11.89 -5.08 12.68
C ALA A 77 -12.13 -5.03 14.16
N VAL A 78 -11.32 -5.78 14.90
CA VAL A 78 -11.22 -5.63 16.33
C VAL A 78 -9.82 -5.14 16.66
N ILE A 79 -9.75 -4.11 17.48
CA ILE A 79 -8.45 -3.60 17.92
C ILE A 79 -8.31 -3.81 19.41
N ASP A 80 -7.17 -4.33 19.83
CA ASP A 80 -6.82 -4.39 21.25
C ASP A 80 -5.85 -3.24 21.57
N GLY A 81 -6.25 -2.36 22.48
CA GLY A 81 -5.52 -1.11 22.74
C GLY A 81 -4.34 -1.14 23.71
N ASP A 82 -4.04 -2.30 24.28
CA ASP A 82 -2.92 -2.46 25.23
C ASP A 82 -2.91 -1.41 26.34
N LEU A 83 -4.11 -1.03 26.78
CA LEU A 83 -4.28 -0.01 27.81
C LEU A 83 -3.75 1.36 27.43
N GLY A 84 -3.60 1.60 26.14
CA GLY A 84 -3.17 2.91 25.69
C GLY A 84 -4.20 4.01 25.87
N LEU A 85 -3.77 5.25 25.64
CA LEU A 85 -4.67 6.40 25.68
C LEU A 85 -5.82 6.15 24.70
N GLY A 86 -7.05 6.43 25.15
CA GLY A 86 -8.23 6.14 24.39
C GLY A 86 -8.30 6.93 23.09
N GLN A 87 -7.68 8.09 23.09
CA GLN A 87 -7.69 9.00 21.94
C GLN A 87 -6.87 8.43 20.81
N VAL A 88 -5.75 7.79 21.16
CA VAL A 88 -4.87 7.20 20.16
C VAL A 88 -5.52 5.97 19.53
N VAL A 89 -6.04 5.07 20.37
CA VAL A 89 -6.71 3.87 19.89
C VAL A 89 -7.95 4.26 19.13
N GLY A 90 -8.69 5.21 19.69
CA GLY A 90 -9.88 5.74 19.06
C GLY A 90 -9.62 6.31 17.68
N LYS A 91 -8.61 7.16 17.55
CA LYS A 91 -8.30 7.74 16.25
C LYS A 91 -7.90 6.65 15.26
N LYS A 92 -7.20 5.63 15.73
CA LYS A 92 -6.74 4.56 14.84
C LYS A 92 -7.90 3.74 14.33
N ALA A 93 -8.77 3.34 15.26
CA ALA A 93 -9.98 2.62 14.95
C ALA A 93 -10.85 3.34 13.90
N MSE A 94 -11.16 4.60 14.15
CA MSE A 94 -12.08 5.31 13.25
C MSE A 94 -11.45 5.53 11.87
O MSE A 94 -12.15 5.53 10.86
CB MSE A 94 -12.61 6.61 13.86
CG MSE A 94 -13.54 7.39 12.94
SE MSE A 94 -15.10 6.34 12.28
CE MSE A 94 -16.47 6.92 13.55
N GLU A 95 -10.14 5.67 11.83
CA GLU A 95 -9.45 5.88 10.55
C GLU A 95 -9.45 4.58 9.76
N LEU A 96 -9.35 3.47 10.48
CA LEU A 96 -9.44 2.14 9.89
C LEU A 96 -10.86 1.88 9.38
N ALA A 97 -11.86 2.29 10.16
CA ALA A 97 -13.25 2.19 9.74
C ALA A 97 -13.45 3.02 8.47
N ILE A 98 -12.92 4.22 8.46
CA ILE A 98 -13.04 5.05 7.29
C ILE A 98 -12.36 4.38 6.10
N LYS A 99 -11.17 3.80 6.31
CA LYS A 99 -10.43 3.20 5.20
C LYS A 99 -11.18 2.03 4.56
N LYS A 100 -11.79 1.18 5.38
CA LYS A 100 -12.56 0.05 4.89
C LYS A 100 -13.83 0.53 4.16
N ALA A 101 -14.56 1.46 4.77
CA ALA A 101 -15.68 2.12 4.11
C ALA A 101 -15.31 2.72 2.76
N LYS A 102 -14.09 3.22 2.63
CA LYS A 102 -13.64 3.75 1.35
C LYS A 102 -13.55 2.62 0.31
N ASN A 103 -13.31 1.41 0.79
CA ASN A 103 -13.09 0.27 -0.09
C ASN A 103 -14.35 -0.52 -0.44
N VAL A 104 -15.20 -0.77 0.56
CA VAL A 104 -16.36 -1.62 0.40
C VAL A 104 -17.66 -0.96 0.84
N GLY A 105 -17.61 0.34 1.15
CA GLY A 105 -18.81 1.10 1.43
C GLY A 105 -19.16 1.32 2.89
N VAL A 106 -18.62 0.50 3.77
CA VAL A 106 -18.90 0.58 5.21
C VAL A 106 -17.79 -0.09 6.00
N GLY A 107 -17.47 0.51 7.15
CA GLY A 107 -16.49 -0.05 8.06
C GLY A 107 -16.97 -0.05 9.49
N VAL A 108 -16.73 -1.16 10.16
CA VAL A 108 -17.06 -1.28 11.58
C VAL A 108 -15.83 -1.75 12.36
N VAL A 109 -15.47 -1.00 13.39
CA VAL A 109 -14.31 -1.37 14.17
C VAL A 109 -14.64 -1.34 15.66
N ALA A 110 -14.32 -2.43 16.32
CA ALA A 110 -14.57 -2.57 17.75
C ALA A 110 -13.25 -2.45 18.50
N THR A 111 -13.27 -1.85 19.68
CA THR A 111 -12.07 -1.78 20.52
C THR A 111 -12.33 -2.31 21.92
N ARG A 112 -11.29 -2.93 22.47
CA ARG A 112 -11.30 -3.40 23.84
C ARG A 112 -9.99 -2.96 24.46
N ASN A 113 -9.96 -2.91 25.79
CA ASN A 113 -8.70 -2.75 26.47
C ASN A 113 -8.06 -1.39 26.13
N ALA A 114 -8.86 -0.34 26.19
CA ALA A 114 -8.36 1.04 26.03
C ALA A 114 -9.11 1.96 26.97
N ASN A 115 -8.55 3.14 27.20
CA ASN A 115 -9.16 4.07 28.13
C ASN A 115 -10.19 5.02 27.54
N HIS A 116 -10.91 5.69 28.44
CA HIS A 116 -11.76 6.84 28.12
C HIS A 116 -11.17 7.64 26.97
N PHE A 117 -12.00 7.92 25.96
CA PHE A 117 -11.55 8.64 24.77
C PHE A 117 -12.10 10.05 24.68
N GLY A 118 -12.81 10.47 25.73
CA GLY A 118 -13.35 11.82 25.80
C GLY A 118 -14.63 11.95 25.02
N ILE A 119 -14.73 12.98 24.20
CA ILE A 119 -16.00 13.22 23.50
C ILE A 119 -16.15 12.38 22.22
N ALA A 120 -17.28 11.72 22.11
CA ALA A 120 -17.53 10.77 21.03
C ALA A 120 -17.56 11.46 19.67
N GLY A 121 -18.19 12.63 19.63
CA GLY A 121 -18.36 13.40 18.41
C GLY A 121 -17.08 13.64 17.64
N TYR A 122 -15.96 13.78 18.33
CA TYR A 122 -14.69 13.99 17.66
C TYR A 122 -14.38 12.86 16.64
N TYR A 123 -14.70 11.63 16.98
CA TYR A 123 -14.41 10.49 16.10
C TYR A 123 -15.39 10.40 14.96
N SER A 124 -16.65 10.72 15.23
CA SER A 124 -17.65 10.69 14.19
C SER A 124 -17.36 11.79 13.18
N GLU A 125 -16.86 12.92 13.69
CA GLU A 125 -16.52 14.07 12.83
C GLU A 125 -15.35 13.77 11.90
N LEU A 126 -14.45 12.86 12.29
CA LEU A 126 -13.41 12.41 11.38
C LEU A 126 -14.04 11.88 10.10
N ALA A 127 -15.06 11.02 10.25
CA ALA A 127 -15.70 10.45 9.08
C ALA A 127 -16.40 11.53 8.30
N MSE A 128 -17.05 12.43 9.01
CA MSE A 128 -17.85 13.46 8.36
C MSE A 128 -16.95 14.28 7.45
O MSE A 128 -17.30 14.61 6.30
CB MSE A 128 -18.54 14.33 9.40
CG MSE A 128 -19.15 15.61 8.84
SE MSE A 128 -19.83 16.81 10.25
CE MSE A 128 -18.16 17.73 10.72
N ASN A 129 -15.77 14.60 7.95
CA ASN A 129 -14.83 15.37 7.17
C ASN A 129 -14.14 14.53 6.10
N GLN A 130 -14.57 13.28 5.95
CA GLN A 130 -14.09 12.43 4.87
C GLN A 130 -15.24 12.20 3.91
N ASP A 131 -16.29 12.99 4.09
CA ASP A 131 -17.50 12.95 3.28
C ASP A 131 -18.34 11.68 3.51
N MSE A 132 -18.29 11.16 4.75
CA MSE A 132 -19.07 9.98 5.17
C MSE A 132 -19.91 10.22 6.41
O MSE A 132 -19.92 11.31 6.97
CB MSE A 132 -18.15 8.81 5.46
CG MSE A 132 -17.29 8.50 4.29
SE MSE A 132 -16.05 7.07 4.66
CE MSE A 132 -14.86 7.32 3.11
N ILE A 133 -20.64 9.20 6.82
CA ILE A 133 -21.41 9.26 8.03
C ILE A 133 -20.61 8.54 9.10
N GLY A 134 -20.43 9.21 10.24
CA GLY A 134 -19.71 8.61 11.34
C GLY A 134 -20.64 8.31 12.50
N ILE A 135 -20.49 7.13 13.09
CA ILE A 135 -21.23 6.80 14.28
C ILE A 135 -20.28 6.20 15.29
N THR A 136 -20.30 6.75 16.49
CA THR A 136 -19.48 6.26 17.59
C THR A 136 -20.35 6.02 18.81
N ILE A 137 -20.17 4.88 19.44
CA ILE A 137 -20.87 4.59 20.68
C ILE A 137 -19.83 4.03 21.61
N THR A 138 -20.08 4.13 22.91
CA THR A 138 -19.15 3.59 23.88
C THR A 138 -19.78 3.20 25.21
N ASN A 139 -18.99 2.47 26.00
CA ASN A 139 -19.36 2.02 27.32
C ASN A 139 -18.90 2.96 28.40
N THR A 140 -19.32 2.70 29.63
CA THR A 140 -18.97 3.52 30.78
C THR A 140 -19.27 2.73 32.04
N GLU A 141 -18.59 3.07 33.14
CA GLU A 141 -18.93 2.54 34.46
C GLU A 141 -20.40 2.72 34.79
N PRO A 142 -20.99 1.76 35.52
CA PRO A 142 -22.41 1.86 35.87
C PRO A 142 -22.79 3.23 36.47
N ALA A 143 -23.81 3.85 35.90
CA ALA A 143 -24.25 5.16 36.36
C ALA A 143 -25.78 5.31 36.38
N MSE A 144 -26.48 4.46 35.63
CA MSE A 144 -27.95 4.53 35.56
C MSE A 144 -28.62 3.20 35.78
O MSE A 144 -28.07 2.14 35.51
CB MSE A 144 -28.41 5.03 34.20
CG MSE A 144 -27.52 6.04 33.55
SE MSE A 144 -28.21 6.47 31.77
CE MSE A 144 -28.30 4.70 30.96
N ALA A 145 -29.86 3.25 36.24
CA ALA A 145 -30.65 2.06 36.44
C ALA A 145 -31.47 1.87 35.18
N PRO A 146 -31.86 0.62 34.89
CA PRO A 146 -32.79 0.33 33.80
C PRO A 146 -34.11 1.00 34.11
N PHE A 147 -34.94 1.25 33.09
CA PHE A 147 -36.20 1.91 33.35
C PHE A 147 -37.04 1.14 34.34
N GLY A 148 -37.40 1.81 35.43
CA GLY A 148 -38.20 1.19 36.46
C GLY A 148 -37.39 0.46 37.51
N GLY A 149 -36.08 0.71 37.53
CA GLY A 149 -35.21 0.15 38.55
C GLY A 149 -34.56 1.24 39.40
N LYS A 150 -33.79 0.84 40.40
CA LYS A 150 -33.16 1.81 41.30
C LYS A 150 -31.67 1.55 41.47
N GLU A 151 -31.16 0.56 40.74
CA GLU A 151 -29.79 0.07 40.88
C GLU A 151 -28.92 0.50 39.69
N LYS A 152 -27.74 1.02 39.96
CA LYS A 152 -26.90 1.49 38.85
C LYS A 152 -26.15 0.36 38.13
N ILE A 153 -26.44 0.24 36.84
CA ILE A 153 -26.00 -0.88 36.00
C ILE A 153 -25.45 -0.38 34.67
N LEU A 154 -26.24 0.42 33.95
CA LEU A 154 -25.82 0.94 32.65
C LEU A 154 -24.91 2.16 32.82
N GLY A 155 -23.94 2.31 31.92
CA GLY A 155 -23.08 3.49 31.88
C GLY A 155 -23.80 4.65 31.21
N THR A 156 -23.13 5.79 31.07
CA THR A 156 -23.81 6.93 30.46
C THR A 156 -23.89 6.81 28.93
N ASN A 157 -23.21 5.81 28.40
CA ASN A 157 -23.40 5.35 27.03
C ASN A 157 -23.83 6.38 26.03
N PRO A 158 -22.85 7.05 25.41
CA PRO A 158 -22.99 8.13 24.47
C PRO A 158 -23.04 7.58 23.07
N ILE A 159 -23.80 8.24 22.21
CA ILE A 159 -23.76 7.98 20.80
C ILE A 159 -23.52 9.28 20.06
N ALA A 160 -22.71 9.22 19.01
CA ALA A 160 -22.50 10.38 18.15
C ALA A 160 -22.68 10.02 16.67
N ILE A 161 -23.47 10.81 15.97
CA ILE A 161 -23.71 10.62 14.56
C ILE A 161 -23.45 11.90 13.80
N ALA A 162 -22.62 11.83 12.77
CA ALA A 162 -22.24 13.06 12.07
C ALA A 162 -22.13 12.84 10.57
N PHE A 163 -22.56 13.85 9.82
CA PHE A 163 -22.47 13.86 8.37
C PHE A 163 -22.76 15.29 7.88
N LYS A 164 -22.46 15.57 6.62
CA LYS A 164 -22.68 16.93 6.15
C LYS A 164 -23.07 17.04 4.68
N GLY A 165 -23.69 18.17 4.34
CA GLY A 165 -23.95 18.53 2.96
C GLY A 165 -22.85 19.46 2.49
N ASN A 166 -23.16 20.29 1.50
CA ASN A 166 -22.22 21.31 1.06
C ASN A 166 -22.26 22.52 1.97
N LYS A 167 -23.43 22.80 2.52
CA LYS A 167 -23.66 24.00 3.30
C LYS A 167 -23.88 23.70 4.79
N TYR A 168 -24.66 22.65 5.06
CA TYR A 168 -25.07 22.32 6.42
C TYR A 168 -24.36 21.10 6.99
N LYS A 169 -24.10 21.14 8.29
CA LYS A 169 -23.49 20.02 8.97
CA LYS A 169 -23.48 20.02 8.99
C LYS A 169 -24.45 19.50 10.02
N PHE A 170 -24.39 18.19 10.28
CA PHE A 170 -25.19 17.58 11.32
C PHE A 170 -24.22 16.84 12.25
N SER A 171 -24.28 17.14 13.54
CA SER A 171 -23.36 16.49 14.47
C SER A 171 -24.01 16.21 15.82
N LEU A 172 -24.55 15.00 15.97
CA LEU A 172 -25.22 14.64 17.19
C LEU A 172 -24.22 13.97 18.11
N ASP A 173 -24.03 14.55 19.29
CA ASP A 173 -23.14 14.00 20.29
C ASP A 173 -23.89 14.03 21.63
N MSE A 174 -24.27 12.86 22.13
CA MSE A 174 -25.12 12.83 23.28
C MSE A 174 -24.93 11.59 24.14
O MSE A 174 -24.66 10.51 23.64
CB MSE A 174 -26.58 12.88 22.83
CG MSE A 174 -26.87 11.83 21.78
SE MSE A 174 -28.75 11.40 21.62
CE MSE A 174 -28.98 10.38 23.30
N ALA A 175 -25.08 11.79 25.45
CA ALA A 175 -25.20 10.71 26.41
C ALA A 175 -26.66 10.27 26.43
N THR A 176 -26.89 9.00 26.76
CA THR A 176 -28.25 8.51 26.89
C THR A 176 -28.70 8.72 28.33
N ALA A 177 -27.79 9.27 29.13
CA ALA A 177 -28.10 9.73 30.48
C ALA A 177 -28.87 11.05 30.38
N SER A 178 -29.97 11.16 31.10
CA SER A 178 -30.73 12.41 31.07
C SER A 178 -29.98 13.57 31.73
N ILE A 179 -28.84 13.29 32.35
CA ILE A 179 -28.05 14.36 32.97
C ILE A 179 -26.61 13.92 33.26
N ALA A 180 -25.70 14.88 33.26
CA ALA A 180 -24.30 14.58 33.53
C ALA A 180 -24.05 14.63 35.03
N ARG A 181 -23.11 13.81 35.51
CA ARG A 181 -22.75 13.87 36.92
C ARG A 181 -22.17 15.24 37.27
N GLY A 182 -21.45 15.83 36.31
CA GLY A 182 -20.89 17.14 36.48
C GLY A 182 -21.98 18.15 36.76
N LYS A 183 -22.98 18.20 35.88
CA LYS A 183 -24.10 19.12 36.03
C LYS A 183 -24.86 18.93 37.35
N ILE A 184 -24.56 17.85 38.07
CA ILE A 184 -25.20 17.56 39.35
C ILE A 184 -24.37 18.07 40.52
N LEU A 185 -23.13 17.58 40.60
CA LEU A 185 -22.19 17.98 41.63
C LEU A 185 -22.17 19.50 41.71
N GLU A 186 -22.30 20.13 40.55
CA GLU A 186 -22.41 21.57 40.44
C GLU A 186 -23.54 22.11 41.31
N ALA A 187 -24.71 21.48 41.23
CA ALA A 187 -25.89 21.99 41.92
C ALA A 187 -25.90 21.68 43.42
N LEU A 188 -24.83 21.08 43.93
CA LEU A 188 -24.66 20.94 45.38
C LEU A 188 -23.83 22.12 45.89
N ARG A 189 -23.08 22.72 44.98
CA ARG A 189 -22.40 23.98 45.23
C ARG A 189 -23.39 25.12 45.06
N LYS A 190 -23.88 25.28 43.82
CA LYS A 190 -24.83 26.33 43.49
C LYS A 190 -26.10 26.27 44.34
N LYS A 191 -26.33 25.12 44.98
CA LYS A 191 -27.45 24.93 45.91
C LYS A 191 -28.80 24.77 45.20
N ILE A 192 -28.81 24.88 43.87
CA ILE A 192 -30.03 24.73 43.09
C ILE A 192 -30.65 23.34 43.21
N LYS A 193 -31.54 23.02 42.27
CA LYS A 193 -32.12 21.70 42.16
C LYS A 193 -31.98 21.24 40.71
N ILE A 194 -31.44 20.05 40.50
CA ILE A 194 -31.32 19.51 39.14
C ILE A 194 -32.70 19.36 38.49
N PRO A 195 -32.73 19.27 37.15
CA PRO A 195 -33.99 19.19 36.40
C PRO A 195 -34.90 18.09 36.90
N GLU A 196 -36.14 18.07 36.40
CA GLU A 196 -37.12 17.07 36.84
C GLU A 196 -37.04 15.81 35.99
N GLY A 197 -37.24 14.66 36.63
CA GLY A 197 -37.21 13.37 35.94
C GLY A 197 -35.82 12.87 35.59
N CYS A 198 -34.80 13.46 36.19
CA CYS A 198 -33.44 13.11 35.82
C CYS A 198 -32.78 12.09 36.75
N ALA A 199 -33.37 11.85 37.92
CA ALA A 199 -32.72 11.00 38.92
C ALA A 199 -33.68 10.28 39.88
N VAL A 200 -33.17 9.22 40.51
CA VAL A 200 -33.82 8.57 41.64
C VAL A 200 -32.91 8.71 42.85
N ASP A 201 -33.46 8.53 44.05
CA ASP A 201 -32.79 8.96 45.27
C ASP A 201 -31.93 7.94 46.03
N LYS A 202 -32.00 6.67 45.64
CA LYS A 202 -31.38 5.57 46.36
C LYS A 202 -32.45 4.50 46.39
N ASP A 203 -33.68 5.00 46.33
CA ASP A 203 -34.85 4.17 46.20
C ASP A 203 -35.50 4.60 44.90
N GLY A 204 -36.53 3.87 44.48
CA GLY A 204 -37.16 4.15 43.20
C GLY A 204 -37.74 5.56 43.10
N LYS A 205 -38.01 6.16 44.25
CA LYS A 205 -38.62 7.50 44.32
C LYS A 205 -37.78 8.56 43.60
N PRO A 206 -38.40 9.28 42.67
CA PRO A 206 -37.79 10.40 41.94
C PRO A 206 -37.33 11.52 42.87
N THR A 207 -36.32 12.28 42.45
CA THR A 207 -35.83 13.40 43.24
C THR A 207 -35.10 14.45 42.39
N THR A 208 -35.40 15.71 42.67
CA THR A 208 -34.82 16.82 41.93
C THR A 208 -33.70 17.44 42.76
N ASP A 209 -33.29 16.74 43.82
CA ASP A 209 -32.26 17.25 44.71
C ASP A 209 -30.90 16.56 44.52
N PRO A 210 -29.85 17.37 44.36
CA PRO A 210 -28.50 16.92 43.98
C PRO A 210 -27.83 15.99 44.98
N ALA A 211 -28.31 15.94 46.21
CA ALA A 211 -27.66 15.14 47.24
C ALA A 211 -28.14 13.70 47.18
N LYS A 212 -29.44 13.49 47.41
CA LYS A 212 -30.00 12.15 47.31
C LYS A 212 -29.65 11.57 45.95
N ALA A 213 -29.63 12.42 44.94
CA ALA A 213 -29.35 12.00 43.56
C ALA A 213 -27.92 11.51 43.34
N LEU A 214 -26.95 12.18 43.98
CA LEU A 214 -25.56 11.76 43.89
C LEU A 214 -25.35 10.43 44.63
N GLU A 215 -26.28 10.13 45.54
CA GLU A 215 -26.28 8.89 46.32
C GLU A 215 -27.21 7.83 45.72
N GLY A 216 -28.05 8.23 44.79
CA GLY A 216 -28.89 7.30 44.05
C GLY A 216 -28.31 7.08 42.66
N CYS A 217 -29.14 7.18 41.64
CA CYS A 217 -28.62 7.09 40.28
C CYS A 217 -29.41 7.84 39.20
N ILE A 218 -28.76 8.05 38.07
CA ILE A 218 -29.27 8.84 36.98
C ILE A 218 -30.22 8.01 36.12
N LEU A 219 -31.29 8.64 35.62
CA LEU A 219 -32.21 7.96 34.70
C LEU A 219 -31.78 8.15 33.23
N PRO A 220 -32.03 7.13 32.39
CA PRO A 220 -31.78 7.33 30.96
C PRO A 220 -32.70 8.42 30.44
N PHE A 221 -32.45 8.94 29.24
CA PHE A 221 -33.05 10.19 28.81
C PHE A 221 -34.50 10.15 28.28
N GLY A 222 -34.92 9.09 27.62
CA GLY A 222 -36.18 9.21 26.91
C GLY A 222 -37.23 8.21 27.34
N GLY A 223 -37.57 8.27 28.63
CA GLY A 223 -38.45 7.27 29.22
C GLY A 223 -37.96 5.87 28.93
N PRO A 224 -38.89 4.95 28.61
CA PRO A 224 -38.51 3.57 28.33
C PRO A 224 -37.72 3.51 27.03
N LYS A 225 -38.04 4.41 26.11
CA LYS A 225 -37.33 4.42 24.83
C LYS A 225 -35.84 4.71 25.00
N GLY A 226 -35.51 5.82 25.63
CA GLY A 226 -34.11 6.15 25.81
C GLY A 226 -33.38 4.99 26.45
N TYR A 227 -34.00 4.40 27.46
CA TYR A 227 -33.43 3.28 28.17
C TYR A 227 -33.09 2.13 27.23
N GLY A 228 -34.04 1.77 26.37
CA GLY A 228 -33.83 0.73 25.37
C GLY A 228 -32.60 1.02 24.53
N LEU A 229 -32.48 2.27 24.06
CA LEU A 229 -31.31 2.68 23.29
C LEU A 229 -30.02 2.64 24.13
N ALA A 230 -30.11 3.07 25.39
CA ALA A 230 -28.98 2.94 26.28
C ALA A 230 -28.53 1.48 26.39
N LEU A 231 -29.50 0.56 26.43
CA LEU A 231 -29.20 -0.85 26.68
C LEU A 231 -28.51 -1.44 25.46
N ALA A 232 -29.07 -1.14 24.30
CA ALA A 232 -28.48 -1.56 23.05
C ALA A 232 -27.05 -1.03 22.97
N ILE A 233 -26.82 0.18 23.46
CA ILE A 233 -25.50 0.75 23.35
C ILE A 233 -24.56 0.02 24.28
N GLU A 234 -25.02 -0.26 25.50
CA GLU A 234 -24.18 -0.96 26.45
C GLU A 234 -23.59 -2.19 25.78
N MSE A 235 -24.44 -2.88 25.01
CA MSE A 235 -24.06 -4.16 24.44
C MSE A 235 -23.33 -4.04 23.10
O MSE A 235 -22.37 -4.76 22.85
CB MSE A 235 -25.28 -5.06 24.29
CG MSE A 235 -24.95 -6.46 23.83
SE MSE A 235 -23.80 -7.46 25.08
CE MSE A 235 -22.19 -7.71 23.98
N LEU A 236 -23.79 -3.14 22.24
CA LEU A 236 -23.11 -2.99 20.95
C LEU A 236 -21.70 -2.43 21.13
N SER A 237 -21.53 -1.59 22.15
CA SER A 237 -20.24 -0.96 22.39
C SER A 237 -19.17 -1.95 22.79
N ALA A 238 -19.59 -3.15 23.15
CA ALA A 238 -18.68 -4.09 23.78
C ALA A 238 -18.44 -5.33 22.94
N ILE A 239 -18.83 -5.30 21.67
CA ILE A 239 -18.77 -6.49 20.85
C ILE A 239 -17.35 -6.94 20.51
N GLY A 240 -16.35 -6.15 20.87
CA GLY A 240 -14.98 -6.49 20.58
C GLY A 240 -14.36 -7.25 21.73
N GLY A 241 -15.17 -7.52 22.75
CA GLY A 241 -14.71 -8.27 23.90
C GLY A 241 -14.46 -7.40 25.11
N ALA A 242 -15.19 -6.29 25.22
CA ALA A 242 -15.09 -5.47 26.42
C ALA A 242 -15.99 -6.02 27.50
N GLU A 243 -16.05 -5.38 28.65
CA GLU A 243 -17.05 -5.77 29.62
C GLU A 243 -18.36 -5.06 29.33
N VAL A 244 -19.41 -5.48 30.04
CA VAL A 244 -20.71 -4.81 30.06
C VAL A 244 -21.21 -4.71 31.49
N GLY A 245 -22.30 -3.99 31.73
CA GLY A 245 -22.89 -3.90 33.05
C GLY A 245 -21.91 -3.43 34.12
N THR A 246 -21.90 -4.11 35.27
CA THR A 246 -21.11 -3.68 36.41
C THR A 246 -19.66 -4.12 36.30
N LYS A 247 -19.37 -4.93 35.29
CA LYS A 247 -18.00 -5.33 35.02
C LYS A 247 -17.23 -4.21 34.32
N VAL A 248 -17.93 -3.21 33.80
CA VAL A 248 -17.26 -2.04 33.25
C VAL A 248 -16.66 -1.18 34.37
N LYS A 249 -15.34 -1.04 34.33
CA LYS A 249 -14.59 -0.39 35.39
C LYS A 249 -13.65 0.64 34.80
N GLY A 250 -13.16 1.55 35.63
CA GLY A 250 -12.04 2.41 35.27
C GLY A 250 -12.21 3.45 34.17
N THR A 251 -13.43 3.97 33.98
CA THR A 251 -13.64 5.03 33.00
C THR A 251 -13.57 6.41 33.67
N ALA A 252 -14.03 6.49 34.91
CA ALA A 252 -13.81 7.70 35.70
C ALA A 252 -12.68 7.47 36.71
N ASN A 253 -12.62 6.25 37.25
CA ASN A 253 -11.66 5.93 38.30
C ASN A 253 -10.25 5.64 37.78
N PRO A 254 -9.28 6.50 38.11
CA PRO A 254 -7.89 6.33 37.66
C PRO A 254 -7.26 5.08 38.28
N GLU A 255 -7.82 4.60 39.38
CA GLU A 255 -7.22 3.50 40.12
C GLU A 255 -7.57 2.09 39.61
N GLU A 256 -8.56 1.99 38.73
CA GLU A 256 -8.94 0.73 38.10
C GLU A 256 -8.52 0.69 36.62
N ARG A 257 -8.05 -0.47 36.14
CA ARG A 257 -7.80 -0.63 34.71
C ARG A 257 -9.11 -0.57 33.93
N CYS A 258 -9.09 0.07 32.77
CA CYS A 258 -10.28 0.31 31.98
C CYS A 258 -10.78 -0.94 31.24
N THR A 259 -12.08 -1.23 31.34
CA THR A 259 -12.65 -2.40 30.67
C THR A 259 -13.82 -2.08 29.72
N LYS A 260 -14.04 -0.79 29.49
CA LYS A 260 -15.07 -0.33 28.55
C LYS A 260 -14.78 -0.81 27.13
N GLY A 261 -15.76 -0.65 26.24
CA GLY A 261 -15.57 -0.95 24.82
C GLY A 261 -16.10 0.16 23.94
N ASP A 262 -15.53 0.31 22.74
CA ASP A 262 -15.97 1.31 21.78
C ASP A 262 -16.33 0.67 20.44
N LEU A 263 -17.32 1.22 19.76
CA LEU A 263 -17.63 0.83 18.40
C LEU A 263 -17.49 2.05 17.48
N PHE A 264 -16.72 1.92 16.42
CA PHE A 264 -16.67 2.97 15.41
C PHE A 264 -17.26 2.50 14.07
N ILE A 265 -18.31 3.17 13.62
CA ILE A 265 -18.85 2.89 12.32
C ILE A 265 -18.66 4.07 11.36
N ALA A 266 -18.26 3.76 10.13
CA ALA A 266 -18.31 4.72 9.02
C ALA A 266 -19.15 4.16 7.86
N ILE A 267 -20.07 4.95 7.35
CA ILE A 267 -20.82 4.56 6.16
C ILE A 267 -20.58 5.54 5.03
N ASN A 268 -20.22 5.01 3.86
CA ASN A 268 -19.78 5.80 2.71
C ASN A 268 -20.85 5.96 1.63
N PRO A 269 -21.39 7.18 1.47
CA PRO A 269 -22.45 7.50 0.49
C PRO A 269 -22.08 7.18 -0.98
N GLU A 270 -20.79 7.21 -1.31
CA GLU A 270 -20.35 6.84 -2.65
C GLU A 270 -20.96 5.51 -3.08
N PHE A 271 -21.10 4.57 -2.14
CA PHE A 271 -21.58 3.24 -2.44
C PHE A 271 -23.10 3.14 -2.39
N PHE A 272 -23.77 4.24 -2.10
CA PHE A 272 -25.24 4.27 -2.12
C PHE A 272 -25.70 5.28 -3.17
N MSE A 273 -26.48 6.28 -2.78
CA MSE A 273 -26.94 7.23 -3.78
C MSE A 273 -25.82 8.06 -4.41
O MSE A 273 -25.99 8.62 -5.52
CB MSE A 273 -28.00 8.15 -3.18
CG MSE A 273 -27.51 8.95 -1.98
SE MSE A 273 -28.93 10.09 -1.25
CE MSE A 273 -29.35 11.13 -2.86
N GLY A 274 -24.69 8.18 -3.71
CA GLY A 274 -23.58 8.99 -4.19
C GLY A 274 -23.16 10.13 -3.28
N LYS A 275 -21.88 10.53 -3.40
CA LYS A 275 -21.32 11.61 -2.60
C LYS A 275 -22.07 12.94 -2.83
N GLU A 276 -22.03 13.45 -4.06
CA GLU A 276 -22.63 14.76 -4.33
C GLU A 276 -24.13 14.71 -4.09
N GLU A 277 -24.75 13.59 -4.42
CA GLU A 277 -26.19 13.43 -4.31
C GLU A 277 -26.60 13.45 -2.84
N PHE A 278 -25.82 12.77 -2.02
CA PHE A 278 -26.05 12.74 -0.57
C PHE A 278 -25.91 14.16 0.01
N LYS A 279 -24.81 14.83 -0.34
CA LYS A 279 -24.57 16.18 0.16
C LYS A 279 -25.76 17.09 -0.18
N ARG A 280 -26.20 17.08 -1.42
CA ARG A 280 -27.40 17.87 -1.78
C ARG A 280 -28.65 17.48 -0.98
N LYS A 281 -28.78 16.19 -0.67
CA LYS A 281 -29.94 15.72 0.08
C LYS A 281 -29.91 16.22 1.52
N VAL A 282 -28.74 16.09 2.16
CA VAL A 282 -28.57 16.61 3.51
C VAL A 282 -28.90 18.10 3.56
N ASP A 283 -28.42 18.84 2.57
CA ASP A 283 -28.68 20.28 2.58
C ASP A 283 -30.16 20.58 2.42
N GLU A 284 -30.84 19.81 1.57
CA GLU A 284 -32.27 19.99 1.34
C GLU A 284 -33.01 19.80 2.67
N LEU A 285 -32.83 18.62 3.27
CA LEU A 285 -33.43 18.31 4.56
C LEU A 285 -33.14 19.35 5.64
N LEU A 286 -31.86 19.69 5.82
CA LEU A 286 -31.50 20.60 6.90
C LEU A 286 -31.96 22.02 6.65
N ASP A 287 -32.08 22.40 5.39
CA ASP A 287 -32.57 23.72 5.07
C ASP A 287 -34.04 23.79 5.41
N GLU A 288 -34.78 22.75 5.05
CA GLU A 288 -36.20 22.68 5.34
C GLU A 288 -36.46 22.71 6.84
N ILE A 289 -35.70 21.92 7.59
CA ILE A 289 -35.81 21.90 9.03
C ILE A 289 -35.53 23.30 9.61
N LYS A 290 -34.36 23.82 9.26
CA LYS A 290 -33.88 25.07 9.84
C LYS A 290 -34.87 26.23 9.61
N ASN A 291 -35.58 26.18 8.49
CA ASN A 291 -36.44 27.28 8.10
C ASN A 291 -37.93 26.97 8.28
N SER A 292 -38.23 25.84 8.91
CA SER A 292 -39.61 25.53 9.28
C SER A 292 -40.06 26.48 10.39
N GLU A 293 -41.35 26.48 10.69
CA GLU A 293 -41.90 27.48 11.61
C GLU A 293 -41.64 27.12 13.07
N PRO A 294 -41.14 28.10 13.85
CA PRO A 294 -40.82 27.97 15.28
C PRO A 294 -42.08 28.03 16.15
N ALA A 295 -41.93 27.65 17.43
CA ALA A 295 -43.08 27.46 18.32
C ALA A 295 -43.46 28.65 19.21
N GLU A 296 -42.47 29.30 19.81
CA GLU A 296 -42.78 30.41 20.72
C GLU A 296 -41.57 31.33 20.96
N GLY A 297 -40.77 31.00 21.95
CA GLY A 297 -39.52 31.70 22.16
C GLY A 297 -38.40 30.81 21.67
N PHE A 298 -38.72 29.94 20.72
CA PHE A 298 -37.77 28.93 20.26
C PHE A 298 -37.08 29.28 18.96
N GLU A 299 -35.82 28.90 18.88
CA GLU A 299 -35.04 28.92 17.66
CA GLU A 299 -35.13 28.92 17.60
C GLU A 299 -34.89 27.47 17.24
N ILE A 300 -35.03 27.15 15.97
CA ILE A 300 -34.79 25.78 15.56
C ILE A 300 -33.32 25.52 15.24
N LEU A 301 -32.73 24.57 15.93
CA LEU A 301 -31.33 24.28 15.76
C LEU A 301 -31.12 22.89 15.18
N ILE A 302 -30.11 22.75 14.34
CA ILE A 302 -29.59 21.43 14.02
C ILE A 302 -28.67 20.99 15.17
N PRO A 303 -28.73 19.71 15.55
CA PRO A 303 -27.72 19.19 16.48
C PRO A 303 -26.31 19.49 16.03
N GLY A 304 -25.47 19.99 16.95
CA GLY A 304 -24.08 20.32 16.69
C GLY A 304 -23.87 21.82 16.51
N GLU A 305 -24.98 22.54 16.43
CA GLU A 305 -24.99 23.97 16.15
C GLU A 305 -24.66 24.76 17.42
N ILE A 306 -25.11 24.28 18.58
CA ILE A 306 -24.71 24.88 19.84
C ILE A 306 -23.20 24.79 20.05
N GLU A 307 -22.63 23.63 19.71
CA GLU A 307 -21.19 23.40 19.90
C GLU A 307 -20.38 24.25 18.93
N GLU A 308 -20.93 24.46 17.75
CA GLU A 308 -20.27 25.29 16.77
C GLU A 308 -20.23 26.75 17.25
N ARG A 309 -21.36 27.22 17.80
CA ARG A 309 -21.42 28.58 18.33
C ARG A 309 -20.43 28.71 19.48
N ASN A 310 -20.37 27.69 20.32
CA ASN A 310 -19.41 27.67 21.41
C ASN A 310 -17.95 27.76 20.97
N LYS A 311 -17.57 26.96 19.99
CA LYS A 311 -16.21 26.95 19.46
C LYS A 311 -15.79 28.33 18.91
N MSE A 312 -16.76 29.10 18.42
CA MSE A 312 -16.49 30.41 17.88
C MSE A 312 -16.24 31.38 19.01
O MSE A 312 -15.23 32.07 19.04
CB MSE A 312 -17.67 30.90 17.06
CG MSE A 312 -17.91 30.12 15.78
SE MSE A 312 -16.62 30.51 14.37
CE MSE A 312 -15.36 29.07 14.71
N LYS A 313 -17.19 31.42 19.96
CA LYS A 313 -17.13 32.38 21.05
C LYS A 313 -15.99 32.09 22.03
N ARG A 314 -15.52 30.85 22.05
CA ARG A 314 -14.47 30.45 22.98
C ARG A 314 -13.15 30.25 22.27
N LYS A 315 -13.09 30.62 20.99
CA LYS A 315 -11.88 30.47 20.19
C LYS A 315 -10.68 31.16 20.87
N ASP A 316 -10.94 32.25 21.59
CA ASP A 316 -9.90 33.07 22.21
C ASP A 316 -9.55 32.68 23.65
N GLY A 317 -10.12 31.57 24.11
CA GLY A 317 -9.85 31.13 25.46
C GLY A 317 -11.12 30.98 26.26
N PHE A 318 -11.02 30.26 27.36
CA PHE A 318 -12.18 29.91 28.17
C PHE A 318 -11.85 29.84 29.65
N GLU A 319 -12.89 29.95 30.47
CA GLU A 319 -12.74 29.95 31.92
C GLU A 319 -12.46 28.55 32.49
N ILE A 320 -11.41 28.46 33.32
CA ILE A 320 -11.25 27.31 34.22
C ILE A 320 -11.27 27.81 35.67
N ASP A 321 -11.59 26.95 36.62
CA ASP A 321 -11.67 27.37 38.02
C ASP A 321 -10.32 27.30 38.77
N LYS A 322 -10.25 27.97 39.92
CA LYS A 322 -9.01 28.00 40.69
C LYS A 322 -8.58 26.61 41.10
N ASN A 323 -9.52 25.83 41.61
CA ASN A 323 -9.24 24.45 41.98
C ASN A 323 -8.51 23.69 40.86
N LEU A 324 -8.95 23.85 39.62
CA LEU A 324 -8.31 23.16 38.50
C LEU A 324 -6.92 23.73 38.22
N TYR A 325 -6.85 25.07 38.19
CA TYR A 325 -5.56 25.74 38.05
C TYR A 325 -4.55 25.19 39.06
N ASN A 326 -4.99 25.03 40.31
CA ASN A 326 -4.13 24.47 41.34
C ASN A 326 -3.72 23.03 41.00
N GLN A 327 -4.68 22.24 40.52
CA GLN A 327 -4.37 20.88 40.12
C GLN A 327 -3.30 20.81 39.04
N LEU A 328 -3.42 21.68 38.04
CA LEU A 328 -2.45 21.79 36.95
C LEU A 328 -1.07 22.27 37.40
N LYS A 329 -1.05 23.31 38.21
CA LYS A 329 0.18 23.80 38.80
C LYS A 329 0.91 22.69 39.56
N GLU A 330 0.16 21.93 40.36
CA GLU A 330 0.73 20.82 41.10
C GLU A 330 1.39 19.80 40.19
N ILE A 331 0.73 19.48 39.10
CA ILE A 331 1.26 18.56 38.11
C ILE A 331 2.53 19.10 37.46
N CYS A 332 2.49 20.35 37.01
CA CYS A 332 3.65 21.01 36.41
C CYS A 332 4.87 21.05 37.34
N ASN A 333 4.65 21.48 38.58
CA ASN A 333 5.72 21.48 39.55
C ASN A 333 6.36 20.09 39.68
N GLU A 334 5.53 19.07 39.84
CA GLU A 334 6.03 17.71 39.94
C GLU A 334 7.00 17.32 38.83
N LEU A 335 6.83 17.89 37.64
CA LEU A 335 7.55 17.44 36.45
C LEU A 335 8.60 18.45 36.00
N GLY A 336 8.87 19.43 36.87
CA GLY A 336 9.75 20.52 36.48
C GLY A 336 9.17 21.35 35.35
N LEU A 337 7.86 21.58 35.38
CA LEU A 337 7.21 22.42 34.37
C LEU A 337 6.76 23.72 34.99
N ASN A 338 6.64 24.74 34.17
CA ASN A 338 6.30 26.06 34.64
C ASN A 338 4.88 26.43 34.19
N ILE A 339 3.94 26.40 35.13
CA ILE A 339 2.54 26.67 34.79
C ILE A 339 2.36 27.99 34.06
N GLU A 340 3.18 28.97 34.38
CA GLU A 340 3.04 30.31 33.80
C GLU A 340 3.31 30.28 32.31
N ASP A 341 3.84 29.17 31.81
CA ASP A 341 4.06 29.01 30.37
C ASP A 341 2.75 28.68 29.65
N TYR A 342 1.75 28.23 30.40
CA TYR A 342 0.51 27.81 29.80
C TYR A 342 -0.66 28.71 30.18
N ILE A 343 -0.77 29.06 31.44
CA ILE A 343 -1.84 29.99 31.83
C ILE A 343 -1.28 31.36 32.19
N GLU A 344 -1.32 32.25 31.21
CA GLU A 344 -0.74 33.58 31.38
C GLU A 344 -1.62 34.37 32.35
N MSE B 1 -65.13 -9.97 17.15
CA MSE B 1 -65.01 -11.38 17.49
C MSE B 1 -63.59 -11.88 17.24
O MSE B 1 -62.73 -11.14 16.79
CB MSE B 1 -66.01 -12.23 16.70
CG MSE B 1 -65.78 -12.26 15.20
SE MSE B 1 -65.89 -10.51 14.36
CE MSE B 1 -67.69 -10.00 14.90
N ILE B 2 -63.37 -13.16 17.53
CA ILE B 2 -62.02 -13.72 17.57
C ILE B 2 -61.46 -14.08 16.21
N LEU B 3 -60.27 -13.53 15.93
CA LEU B 3 -59.49 -13.89 14.77
C LEU B 3 -58.28 -14.68 15.26
N LYS B 4 -58.02 -15.82 14.64
CA LYS B 4 -56.89 -16.63 15.03
C LYS B 4 -55.74 -16.30 14.09
N PRO B 5 -54.51 -16.34 14.61
CA PRO B 5 -53.32 -16.02 13.82
C PRO B 5 -53.23 -16.78 12.48
N GLU B 6 -53.40 -18.10 12.52
CA GLU B 6 -53.28 -18.96 11.33
C GLU B 6 -54.34 -18.64 10.26
N ASN B 7 -55.53 -18.26 10.72
CA ASN B 7 -56.62 -17.86 9.85
C ASN B 7 -56.38 -16.49 9.21
N GLU B 8 -55.89 -15.55 10.00
CA GLU B 8 -55.44 -14.28 9.47
C GLU B 8 -54.43 -14.49 8.36
N LYS B 9 -53.46 -15.36 8.60
CA LYS B 9 -52.42 -15.56 7.60
C LYS B 9 -53.01 -16.11 6.33
N LYS B 10 -53.89 -17.09 6.50
CA LYS B 10 -54.53 -17.76 5.38
C LYS B 10 -55.35 -16.75 4.60
N LEU B 11 -56.11 -15.91 5.31
CA LEU B 11 -56.92 -14.88 4.66
C LEU B 11 -56.09 -13.89 3.82
N ILE B 12 -55.02 -13.34 4.40
CA ILE B 12 -54.17 -12.41 3.66
C ILE B 12 -53.55 -13.05 2.43
N ILE B 13 -53.00 -14.25 2.60
CA ILE B 13 -52.43 -14.96 1.47
C ILE B 13 -53.46 -15.11 0.34
N ASP B 14 -54.70 -15.45 0.69
CA ASP B 14 -55.73 -15.71 -0.31
C ASP B 14 -56.15 -14.45 -1.03
N VAL B 15 -56.31 -13.35 -0.32
CA VAL B 15 -56.63 -12.10 -0.97
C VAL B 15 -55.50 -11.68 -1.89
N LEU B 16 -54.30 -11.54 -1.35
CA LEU B 16 -53.15 -11.07 -2.14
C LEU B 16 -52.87 -11.93 -3.39
N LYS B 17 -53.10 -13.23 -3.31
CA LYS B 17 -52.88 -14.05 -4.51
C LYS B 17 -53.88 -13.71 -5.60
N LYS B 18 -55.09 -13.31 -5.21
CA LYS B 18 -56.09 -12.91 -6.18
C LYS B 18 -55.64 -11.67 -6.93
N PHE B 19 -54.76 -10.90 -6.29
CA PHE B 19 -54.25 -9.67 -6.90
C PHE B 19 -52.93 -9.85 -7.63
N GLY B 20 -52.50 -11.08 -7.78
CA GLY B 20 -51.35 -11.38 -8.62
C GLY B 20 -50.06 -11.39 -7.86
N VAL B 21 -50.15 -11.34 -6.53
CA VAL B 21 -48.98 -11.49 -5.69
C VAL B 21 -48.62 -12.96 -5.59
N PRO B 22 -47.41 -13.32 -6.03
CA PRO B 22 -46.95 -14.73 -6.02
C PRO B 22 -47.07 -15.32 -4.62
N GLU B 23 -47.47 -16.58 -4.50
CA GLU B 23 -47.70 -17.20 -3.20
C GLU B 23 -46.61 -16.93 -2.15
N GLU B 24 -45.34 -17.02 -2.55
CA GLU B 24 -44.23 -16.80 -1.59
C GLU B 24 -44.18 -15.39 -1.03
N ASP B 25 -44.30 -14.39 -1.89
CA ASP B 25 -44.40 -13.02 -1.44
C ASP B 25 -45.56 -12.81 -0.45
N ALA B 26 -46.72 -13.41 -0.76
CA ALA B 26 -47.92 -13.31 0.07
C ALA B 26 -47.70 -13.91 1.47
N LYS B 27 -47.08 -15.09 1.53
CA LYS B 27 -46.74 -15.69 2.82
C LYS B 27 -45.91 -14.74 3.70
N ILE B 28 -44.81 -14.25 3.14
CA ILE B 28 -43.97 -13.26 3.79
C ILE B 28 -44.78 -12.08 4.28
N THR B 29 -45.59 -11.52 3.38
CA THR B 29 -46.43 -10.38 3.72
C THR B 29 -47.39 -10.72 4.86
N ALA B 30 -48.00 -11.89 4.80
CA ALA B 30 -48.94 -12.28 5.86
C ALA B 30 -48.21 -12.42 7.19
N ASP B 31 -47.00 -12.94 7.14
CA ASP B 31 -46.24 -13.16 8.36
C ASP B 31 -46.01 -11.86 9.07
N VAL B 32 -45.87 -10.79 8.31
CA VAL B 32 -45.53 -9.54 8.96
C VAL B 32 -46.76 -8.87 9.55
N PHE B 33 -47.92 -9.09 8.93
CA PHE B 33 -49.16 -8.56 9.47
C PHE B 33 -49.42 -9.25 10.80
N VAL B 34 -49.30 -10.56 10.79
CA VAL B 34 -49.53 -11.37 11.98
C VAL B 34 -48.58 -10.97 13.12
N ASP B 35 -47.29 -10.85 12.83
CA ASP B 35 -46.33 -10.44 13.85
C ASP B 35 -46.82 -9.14 14.50
N ALA B 36 -47.23 -8.19 13.66
CA ALA B 36 -47.83 -6.94 14.14
C ALA B 36 -48.98 -7.18 15.12
N ASP B 37 -49.95 -7.97 14.68
CA ASP B 37 -51.16 -8.21 15.47
C ASP B 37 -50.89 -8.93 16.78
N LEU B 38 -50.13 -10.02 16.71
CA LEU B 38 -49.75 -10.76 17.89
C LEU B 38 -49.01 -9.86 18.90
N LYS B 39 -48.16 -8.98 18.40
CA LYS B 39 -47.35 -8.14 19.28
C LYS B 39 -48.18 -6.99 19.87
N GLY B 40 -49.37 -6.77 19.32
CA GLY B 40 -50.25 -5.71 19.79
C GLY B 40 -50.09 -4.39 19.08
N PHE B 41 -49.28 -4.37 18.02
CA PHE B 41 -49.06 -3.16 17.23
C PHE B 41 -50.20 -3.06 16.24
N THR B 42 -51.41 -2.80 16.73
CA THR B 42 -52.61 -2.97 15.93
C THR B 42 -52.65 -2.09 14.67
N SER B 43 -52.06 -0.90 14.74
CA SER B 43 -52.12 0.03 13.62
C SER B 43 -51.37 -0.46 12.37
N HIS B 44 -50.54 -1.48 12.55
CA HIS B 44 -49.80 -2.06 11.43
C HIS B 44 -50.23 -3.48 11.14
N GLY B 45 -51.28 -3.93 11.81
CA GLY B 45 -51.80 -5.27 11.62
C GLY B 45 -52.88 -5.35 10.57
N ILE B 46 -53.77 -6.33 10.71
CA ILE B 46 -54.83 -6.58 9.73
C ILE B 46 -55.72 -5.35 9.50
N GLY B 47 -55.80 -4.50 10.51
CA GLY B 47 -56.62 -3.30 10.42
C GLY B 47 -56.24 -2.44 9.23
N ARG B 48 -54.99 -2.58 8.79
CA ARG B 48 -54.47 -1.74 7.72
C ARG B 48 -54.55 -2.42 6.37
N PHE B 49 -54.99 -3.67 6.37
CA PHE B 49 -55.03 -4.44 5.13
C PHE B 49 -55.99 -3.89 4.06
N PRO B 50 -57.16 -3.36 4.47
CA PRO B 50 -58.02 -2.76 3.45
C PRO B 50 -57.31 -1.69 2.60
N GLN B 51 -56.48 -0.86 3.24
CA GLN B 51 -55.75 0.19 2.51
C GLN B 51 -54.75 -0.36 1.51
N TYR B 52 -54.21 -1.55 1.79
CA TYR B 52 -53.39 -2.25 0.80
C TYR B 52 -54.23 -2.55 -0.44
N ILE B 53 -55.50 -2.91 -0.24
CA ILE B 53 -56.39 -3.26 -1.33
C ILE B 53 -56.68 -2.08 -2.25
N THR B 54 -57.05 -0.95 -1.67
CA THR B 54 -57.11 0.30 -2.42
C THR B 54 -55.84 0.47 -3.25
N ALA B 55 -54.69 0.43 -2.58
CA ALA B 55 -53.40 0.66 -3.23
C ALA B 55 -53.11 -0.30 -4.38
N LEU B 56 -53.50 -1.56 -4.24
CA LEU B 56 -53.31 -2.53 -5.33
C LEU B 56 -54.21 -2.17 -6.53
N LYS B 57 -55.44 -1.76 -6.26
CA LYS B 57 -56.36 -1.35 -7.32
C LYS B 57 -55.87 -0.11 -8.05
N LEU B 58 -55.31 0.86 -7.32
CA LEU B 58 -54.79 2.08 -7.91
C LEU B 58 -53.42 1.89 -8.53
N GLY B 59 -52.84 0.70 -8.35
CA GLY B 59 -51.54 0.40 -8.93
C GLY B 59 -50.36 1.02 -8.21
N ASN B 60 -50.59 1.54 -7.02
CA ASN B 60 -49.53 2.09 -6.19
C ASN B 60 -48.77 1.02 -5.44
N ILE B 61 -49.30 -0.20 -5.48
CA ILE B 61 -48.55 -1.37 -5.04
C ILE B 61 -48.46 -2.33 -6.19
N ASN B 62 -47.24 -2.72 -6.52
CA ASN B 62 -47.00 -3.65 -7.62
C ASN B 62 -46.86 -5.10 -7.15
N PRO B 63 -47.83 -5.93 -7.55
CA PRO B 63 -47.98 -7.34 -7.18
C PRO B 63 -46.82 -8.18 -7.70
N LYS B 64 -46.24 -7.77 -8.84
CA LYS B 64 -45.12 -8.50 -9.43
C LYS B 64 -44.00 -7.54 -9.79
N PRO B 65 -43.35 -6.98 -8.76
CA PRO B 65 -42.25 -6.03 -8.95
C PRO B 65 -41.01 -6.69 -9.51
N ASP B 66 -40.35 -6.03 -10.45
CA ASP B 66 -38.97 -6.35 -10.80
C ASP B 66 -38.03 -5.69 -9.79
N ILE B 67 -37.77 -6.37 -8.67
CA ILE B 67 -36.92 -5.84 -7.62
C ILE B 67 -35.45 -5.95 -7.99
N LYS B 68 -34.82 -4.80 -8.19
CA LYS B 68 -33.45 -4.76 -8.69
C LYS B 68 -32.44 -4.36 -7.62
N ILE B 69 -31.34 -5.08 -7.59
CA ILE B 69 -30.17 -4.63 -6.88
C ILE B 69 -29.48 -3.62 -7.81
N VAL B 70 -29.68 -2.33 -7.54
CA VAL B 70 -29.16 -1.26 -8.37
C VAL B 70 -27.66 -1.05 -8.15
N LYS B 71 -27.24 -1.12 -6.90
CA LYS B 71 -25.84 -0.91 -6.52
C LYS B 71 -25.42 -2.04 -5.58
N GLU B 72 -24.14 -2.40 -5.59
CA GLU B 72 -23.68 -3.50 -4.75
C GLU B 72 -22.18 -3.56 -4.55
N SER B 73 -21.76 -3.86 -3.32
CA SER B 73 -20.37 -4.19 -2.99
C SER B 73 -20.38 -5.40 -2.06
N PRO B 74 -19.20 -5.90 -1.69
CA PRO B 74 -19.18 -7.04 -0.76
C PRO B 74 -19.98 -6.78 0.52
N ALA B 75 -20.26 -5.52 0.86
CA ALA B 75 -20.81 -5.23 2.18
C ALA B 75 -22.02 -4.33 2.13
N THR B 76 -22.29 -3.76 0.96
CA THR B 76 -23.41 -2.83 0.85
C THR B 76 -24.23 -3.07 -0.41
N ALA B 77 -25.39 -2.40 -0.48
CA ALA B 77 -26.29 -2.56 -1.61
C ALA B 77 -27.45 -1.57 -1.59
N VAL B 78 -27.88 -1.17 -2.78
CA VAL B 78 -29.07 -0.39 -2.94
C VAL B 78 -30.08 -1.19 -3.77
N ILE B 79 -31.27 -1.40 -3.21
CA ILE B 79 -32.33 -2.12 -3.89
C ILE B 79 -33.49 -1.17 -4.25
N ASP B 80 -33.91 -1.20 -5.50
CA ASP B 80 -35.05 -0.40 -5.94
C ASP B 80 -36.26 -1.32 -5.98
N GLY B 81 -37.35 -0.92 -5.35
CA GLY B 81 -38.46 -1.83 -5.12
C GLY B 81 -39.56 -1.96 -6.17
N ASP B 82 -39.43 -1.27 -7.30
CA ASP B 82 -40.42 -1.33 -8.37
C ASP B 82 -41.84 -1.21 -7.84
N LEU B 83 -41.98 -0.45 -6.76
CA LEU B 83 -43.24 -0.17 -6.11
C LEU B 83 -43.89 -1.38 -5.43
N GLY B 84 -43.14 -2.46 -5.30
CA GLY B 84 -43.60 -3.67 -4.65
C GLY B 84 -43.97 -3.55 -3.17
N LEU B 85 -44.62 -4.59 -2.66
CA LEU B 85 -44.93 -4.67 -1.24
C LEU B 85 -43.68 -4.41 -0.39
N GLY B 86 -43.85 -3.66 0.68
CA GLY B 86 -42.74 -3.32 1.56
C GLY B 86 -42.18 -4.54 2.28
N GLN B 87 -43.08 -5.38 2.77
CA GLN B 87 -42.68 -6.67 3.35
C GLN B 87 -41.80 -7.48 2.41
N VAL B 88 -42.10 -7.47 1.12
CA VAL B 88 -41.39 -8.35 0.18
C VAL B 88 -40.03 -7.75 -0.18
N VAL B 89 -40.00 -6.45 -0.43
CA VAL B 89 -38.74 -5.74 -0.64
C VAL B 89 -37.92 -5.77 0.64
N GLY B 90 -38.58 -5.51 1.76
CA GLY B 90 -37.95 -5.60 3.06
C GLY B 90 -37.27 -6.91 3.40
N LYS B 91 -37.95 -8.02 3.12
CA LYS B 91 -37.38 -9.34 3.42
C LYS B 91 -36.10 -9.49 2.61
N LYS B 92 -36.17 -9.15 1.33
CA LYS B 92 -35.04 -9.29 0.44
C LYS B 92 -33.86 -8.45 0.94
N ALA B 93 -34.14 -7.18 1.18
CA ALA B 93 -33.12 -6.26 1.66
C ALA B 93 -32.39 -6.83 2.88
N MSE B 94 -33.13 -7.11 3.95
CA MSE B 94 -32.49 -7.63 5.15
C MSE B 94 -31.75 -8.95 4.89
O MSE B 94 -30.59 -9.09 5.29
CB MSE B 94 -33.50 -7.76 6.31
CG MSE B 94 -32.89 -8.20 7.64
SE MSE B 94 -31.32 -7.18 8.27
CE MSE B 94 -32.23 -5.90 9.45
N GLU B 95 -32.40 -9.89 4.20
CA GLU B 95 -31.75 -11.15 3.86
C GLU B 95 -30.43 -10.90 3.12
N LEU B 96 -30.39 -9.84 2.32
CA LEU B 96 -29.15 -9.50 1.61
C LEU B 96 -28.14 -8.84 2.56
N ALA B 97 -28.62 -8.04 3.51
CA ALA B 97 -27.72 -7.45 4.50
C ALA B 97 -27.11 -8.58 5.32
N ILE B 98 -27.95 -9.54 5.70
CA ILE B 98 -27.53 -10.66 6.53
C ILE B 98 -26.49 -11.52 5.85
N LYS B 99 -26.77 -11.90 4.60
CA LYS B 99 -25.86 -12.74 3.83
C LYS B 99 -24.53 -12.05 3.60
N LYS B 100 -24.55 -10.75 3.35
CA LYS B 100 -23.32 -9.98 3.24
C LYS B 100 -22.56 -9.93 4.58
N ALA B 101 -23.31 -9.80 5.68
CA ALA B 101 -22.68 -9.78 7.01
C ALA B 101 -22.05 -11.14 7.34
N LYS B 102 -22.62 -12.20 6.78
CA LYS B 102 -22.10 -13.56 6.97
C LYS B 102 -20.75 -13.70 6.26
N ASN B 103 -20.54 -12.89 5.22
CA ASN B 103 -19.34 -12.97 4.40
C ASN B 103 -18.20 -12.07 4.85
N VAL B 104 -18.53 -10.88 5.36
CA VAL B 104 -17.49 -9.91 5.71
C VAL B 104 -17.75 -9.21 7.04
N GLY B 105 -18.78 -9.64 7.75
CA GLY B 105 -18.98 -9.20 9.13
C GLY B 105 -20.09 -8.21 9.26
N VAL B 106 -20.33 -7.43 8.22
CA VAL B 106 -21.39 -6.46 8.27
C VAL B 106 -21.96 -6.22 6.88
N GLY B 107 -23.25 -5.93 6.84
CA GLY B 107 -23.95 -5.69 5.60
C GLY B 107 -24.93 -4.55 5.75
N VAL B 108 -24.92 -3.69 4.75
CA VAL B 108 -25.76 -2.51 4.76
C VAL B 108 -26.49 -2.37 3.44
N VAL B 109 -27.81 -2.26 3.52
CA VAL B 109 -28.66 -2.28 2.33
C VAL B 109 -29.81 -1.28 2.43
N ALA B 110 -29.83 -0.35 1.48
CA ALA B 110 -30.84 0.69 1.43
C ALA B 110 -31.89 0.39 0.38
N THR B 111 -33.13 0.78 0.64
CA THR B 111 -34.17 0.62 -0.38
C THR B 111 -34.72 1.97 -0.77
N ARG B 112 -35.18 2.08 -2.01
CA ARG B 112 -35.95 3.22 -2.48
C ARG B 112 -37.11 2.67 -3.27
N ASN B 113 -38.14 3.49 -3.46
CA ASN B 113 -39.19 3.19 -4.42
C ASN B 113 -39.88 1.87 -4.06
N ALA B 114 -40.20 1.76 -2.77
CA ALA B 114 -40.91 0.61 -2.23
C ALA B 114 -42.02 1.13 -1.33
N ASN B 115 -42.72 0.23 -0.63
CA ASN B 115 -43.87 0.62 0.19
C ASN B 115 -43.69 0.39 1.68
N HIS B 116 -44.60 0.97 2.45
CA HIS B 116 -44.70 0.77 3.89
C HIS B 116 -44.55 -0.70 4.25
N PHE B 117 -43.68 -1.00 5.21
CA PHE B 117 -43.26 -2.40 5.42
C PHE B 117 -43.74 -3.01 6.75
N GLY B 118 -44.64 -2.27 7.40
CA GLY B 118 -45.23 -2.71 8.66
C GLY B 118 -44.33 -2.42 9.83
N ILE B 119 -44.17 -3.39 10.71
CA ILE B 119 -43.34 -3.16 11.88
C ILE B 119 -41.86 -3.40 11.60
N ALA B 120 -41.04 -2.43 11.99
CA ALA B 120 -39.60 -2.54 11.84
C ALA B 120 -39.01 -3.75 12.53
N GLY B 121 -39.54 -4.08 13.70
CA GLY B 121 -39.03 -5.18 14.49
C GLY B 121 -38.86 -6.47 13.71
N TYR B 122 -39.85 -6.80 12.89
CA TYR B 122 -39.85 -8.06 12.16
C TYR B 122 -38.56 -8.27 11.39
N TYR B 123 -38.04 -7.21 10.77
CA TYR B 123 -36.85 -7.33 9.93
C TYR B 123 -35.56 -7.48 10.75
N SER B 124 -35.50 -6.82 11.91
CA SER B 124 -34.34 -6.94 12.80
C SER B 124 -34.25 -8.34 13.44
N GLU B 125 -35.40 -9.00 13.58
CA GLU B 125 -35.42 -10.32 14.16
C GLU B 125 -35.02 -11.42 13.17
N LEU B 126 -35.08 -11.13 11.87
CA LEU B 126 -34.49 -12.04 10.90
C LEU B 126 -32.99 -12.15 11.19
N ALA B 127 -32.37 -11.01 11.49
CA ALA B 127 -30.96 -11.01 11.82
C ALA B 127 -30.76 -11.72 13.15
N MSE B 128 -31.59 -11.36 14.13
CA MSE B 128 -31.50 -11.96 15.43
C MSE B 128 -31.57 -13.48 15.39
O MSE B 128 -30.83 -14.17 16.09
CB MSE B 128 -32.61 -11.41 16.33
CG MSE B 128 -32.55 -11.92 17.76
SE MSE B 128 -34.12 -11.40 18.81
CE MSE B 128 -35.48 -12.51 17.95
N ASN B 129 -32.45 -14.02 14.55
CA ASN B 129 -32.61 -15.46 14.46
C ASN B 129 -31.53 -16.13 13.62
N GLN B 130 -30.72 -15.31 12.95
CA GLN B 130 -29.52 -15.81 12.30
C GLN B 130 -28.29 -15.59 13.17
N ASP B 131 -28.52 -15.41 14.47
CA ASP B 131 -27.45 -15.14 15.43
C ASP B 131 -26.62 -13.89 15.08
N MSE B 132 -27.32 -12.80 14.81
CA MSE B 132 -26.68 -11.54 14.46
C MSE B 132 -27.41 -10.35 15.08
O MSE B 132 -28.48 -10.51 15.68
CB MSE B 132 -26.62 -11.39 12.95
CG MSE B 132 -25.77 -12.45 12.29
SE MSE B 132 -25.58 -12.13 10.38
CE MSE B 132 -24.46 -13.68 9.91
N ILE B 133 -26.82 -9.16 14.94
CA ILE B 133 -27.46 -7.94 15.41
C ILE B 133 -28.20 -7.30 14.25
N GLY B 134 -29.46 -6.96 14.46
CA GLY B 134 -30.26 -6.40 13.39
C GLY B 134 -30.72 -4.99 13.65
N ILE B 135 -30.46 -4.11 12.67
CA ILE B 135 -30.87 -2.72 12.80
C ILE B 135 -31.65 -2.27 11.57
N THR B 136 -32.82 -1.72 11.82
CA THR B 136 -33.72 -1.28 10.77
C THR B 136 -34.23 0.10 11.12
N ILE B 137 -34.03 1.03 10.20
CA ILE B 137 -34.59 2.36 10.34
C ILE B 137 -35.40 2.67 9.10
N THR B 138 -36.43 3.50 9.24
CA THR B 138 -37.18 3.93 8.08
C THR B 138 -37.73 5.36 8.20
N ASN B 139 -38.04 5.92 7.03
CA ASN B 139 -38.74 7.16 6.83
C ASN B 139 -40.24 7.07 7.01
N THR B 140 -40.90 8.23 6.92
CA THR B 140 -42.34 8.33 7.05
C THR B 140 -42.81 9.70 6.57
N GLU B 141 -44.06 9.78 6.12
CA GLU B 141 -44.70 11.06 5.86
C GLU B 141 -44.51 12.03 7.05
N PRO B 142 -44.32 13.32 6.77
CA PRO B 142 -44.20 14.30 7.87
C PRO B 142 -45.32 14.13 8.90
N ALA B 143 -44.93 14.03 10.16
CA ALA B 143 -45.87 13.73 11.23
C ALA B 143 -45.53 14.51 12.49
N MSE B 144 -44.32 15.08 12.52
CA MSE B 144 -43.85 15.73 13.73
C MSE B 144 -42.84 16.84 13.50
O MSE B 144 -42.18 16.91 12.47
CB MSE B 144 -43.29 14.70 14.72
CG MSE B 144 -42.07 13.94 14.27
SE MSE B 144 -41.60 12.61 15.64
CE MSE B 144 -39.92 11.97 14.88
N ALA B 145 -42.76 17.74 14.48
CA ALA B 145 -41.96 18.95 14.34
C ALA B 145 -40.58 18.74 14.92
N PRO B 146 -39.59 19.46 14.37
CA PRO B 146 -38.30 19.53 15.02
C PRO B 146 -38.46 20.14 16.40
N PHE B 147 -37.51 19.88 17.29
CA PHE B 147 -37.54 20.50 18.61
C PHE B 147 -37.59 22.01 18.42
N GLY B 148 -38.50 22.66 19.15
CA GLY B 148 -38.66 24.10 19.05
C GLY B 148 -39.52 24.53 17.88
N GLY B 149 -40.09 23.58 17.16
CA GLY B 149 -40.88 23.87 15.97
C GLY B 149 -42.35 23.55 16.16
N LYS B 150 -43.19 23.96 15.21
CA LYS B 150 -44.62 23.67 15.27
C LYS B 150 -45.17 23.08 13.97
N GLU B 151 -44.29 22.89 13.00
CA GLU B 151 -44.67 22.37 11.68
C GLU B 151 -44.19 20.92 11.52
N LYS B 152 -45.01 20.08 10.85
CA LYS B 152 -44.64 18.70 10.59
C LYS B 152 -43.62 18.56 9.45
N ILE B 153 -42.52 17.88 9.72
CA ILE B 153 -41.43 17.77 8.77
C ILE B 153 -40.82 16.37 8.86
N LEU B 154 -40.60 15.92 10.09
CA LEU B 154 -40.01 14.60 10.30
C LEU B 154 -41.10 13.55 10.27
N GLY B 155 -40.82 12.42 9.62
CA GLY B 155 -41.68 11.27 9.75
C GLY B 155 -41.62 10.72 11.17
N THR B 156 -42.48 9.74 11.47
CA THR B 156 -42.44 9.08 12.77
C THR B 156 -41.22 8.16 12.95
N ASN B 157 -40.49 7.93 11.87
CA ASN B 157 -39.12 7.40 11.90
C ASN B 157 -38.77 6.36 12.96
N PRO B 158 -39.24 5.13 12.77
CA PRO B 158 -38.98 4.05 13.72
C PRO B 158 -37.55 3.61 13.67
N ILE B 159 -37.06 3.10 14.80
CA ILE B 159 -35.84 2.32 14.82
C ILE B 159 -36.08 0.99 15.54
N ALA B 160 -35.37 -0.04 15.11
CA ALA B 160 -35.57 -1.36 15.68
C ALA B 160 -34.22 -2.07 15.70
N ILE B 161 -33.90 -2.63 16.86
CA ILE B 161 -32.61 -3.25 17.11
C ILE B 161 -32.88 -4.56 17.83
N ALA B 162 -32.35 -5.66 17.29
CA ALA B 162 -32.62 -6.93 17.92
C ALA B 162 -31.38 -7.76 17.95
N PHE B 163 -31.27 -8.59 18.97
CA PHE B 163 -30.18 -9.54 19.08
C PHE B 163 -30.51 -10.41 20.27
N LYS B 164 -29.82 -11.54 20.39
CA LYS B 164 -30.16 -12.47 21.45
C LYS B 164 -28.97 -13.27 21.92
N GLY B 165 -29.01 -13.71 23.17
CA GLY B 165 -28.02 -14.63 23.68
C GLY B 165 -28.56 -16.05 23.61
N ASN B 166 -28.13 -16.88 24.54
CA ASN B 166 -28.66 -18.23 24.60
C ASN B 166 -30.08 -18.27 25.12
N LYS B 167 -30.35 -17.52 26.19
CA LYS B 167 -31.69 -17.57 26.77
C LYS B 167 -32.46 -16.25 26.76
N TYR B 168 -31.77 -15.12 26.62
CA TYR B 168 -32.47 -13.84 26.60
C TYR B 168 -32.53 -13.28 25.18
N LYS B 169 -33.60 -12.56 24.88
CA LYS B 169 -33.78 -11.93 23.59
C LYS B 169 -33.95 -10.43 23.78
N PHE B 170 -33.34 -9.65 22.91
CA PHE B 170 -33.46 -8.21 22.98
C PHE B 170 -34.07 -7.75 21.68
N SER B 171 -35.24 -7.11 21.76
CA SER B 171 -35.87 -6.61 20.55
C SER B 171 -36.49 -5.24 20.77
N LEU B 172 -35.70 -4.21 20.50
CA LEU B 172 -36.18 -2.85 20.59
C LEU B 172 -36.85 -2.41 19.29
N ASP B 173 -38.07 -1.95 19.39
CA ASP B 173 -38.81 -1.54 18.21
C ASP B 173 -39.66 -0.33 18.57
N MSE B 174 -39.16 0.86 18.23
CA MSE B 174 -39.78 2.10 18.70
C MSE B 174 -39.90 3.14 17.58
O MSE B 174 -39.04 3.24 16.71
CB MSE B 174 -38.94 2.69 19.81
CG MSE B 174 -37.46 2.83 19.41
SE MSE B 174 -36.41 3.94 20.64
CE MSE B 174 -36.53 2.81 22.22
N ALA B 175 -40.97 3.91 17.63
CA ALA B 175 -41.07 5.10 16.81
C ALA B 175 -40.33 6.21 17.58
N THR B 176 -39.88 7.25 16.89
CA THR B 176 -39.24 8.34 17.60
C THR B 176 -40.23 9.45 17.94
N ALA B 177 -41.51 9.20 17.71
CA ALA B 177 -42.53 10.15 18.16
C ALA B 177 -42.72 9.96 19.65
N SER B 178 -43.11 11.02 20.33
CA SER B 178 -43.31 10.94 21.77
C SER B 178 -44.61 10.19 22.08
N ILE B 179 -45.54 10.22 21.15
CA ILE B 179 -46.79 9.51 21.37
C ILE B 179 -47.42 9.06 20.06
N ALA B 180 -47.89 7.82 20.04
CA ALA B 180 -48.66 7.35 18.89
C ALA B 180 -49.97 8.14 18.84
N ARG B 181 -50.43 8.43 17.62
CA ARG B 181 -51.66 9.18 17.41
C ARG B 181 -52.88 8.46 17.99
N GLY B 182 -52.93 7.14 17.83
CA GLY B 182 -53.99 6.34 18.42
C GLY B 182 -54.17 6.55 19.91
N LYS B 183 -53.08 6.87 20.61
CA LYS B 183 -53.17 7.20 22.03
C LYS B 183 -53.87 8.55 22.23
N ILE B 184 -53.63 9.47 21.32
CA ILE B 184 -54.30 10.76 21.39
C ILE B 184 -55.76 10.57 21.02
N LEU B 185 -56.01 9.81 19.95
CA LEU B 185 -57.39 9.49 19.57
C LEU B 185 -58.17 8.83 20.72
N GLU B 186 -57.52 7.92 21.42
CA GLU B 186 -58.16 7.21 22.52
C GLU B 186 -58.41 8.15 23.70
N ALA B 187 -57.42 8.98 24.01
CA ALA B 187 -57.60 9.97 25.06
C ALA B 187 -58.75 10.90 24.69
N LEU B 188 -58.94 11.15 23.39
CA LEU B 188 -60.05 11.99 22.95
C LEU B 188 -61.34 11.38 23.48
N ARG B 189 -61.62 10.14 23.07
CA ARG B 189 -62.82 9.40 23.47
C ARG B 189 -62.98 9.27 24.98
N LYS B 190 -62.01 8.64 25.63
CA LYS B 190 -62.02 8.53 27.08
C LYS B 190 -62.10 9.91 27.74
N LYS B 191 -62.04 10.96 26.93
CA LYS B 191 -62.03 12.34 27.43
C LYS B 191 -61.07 12.54 28.61
N ILE B 192 -59.78 12.36 28.33
CA ILE B 192 -58.73 12.47 29.34
C ILE B 192 -57.51 13.17 28.76
N LYS B 193 -56.64 13.68 29.62
CA LYS B 193 -55.44 14.38 29.17
C LYS B 193 -54.42 13.41 28.57
N ILE B 194 -53.48 13.92 27.78
CA ILE B 194 -52.33 13.13 27.37
C ILE B 194 -51.11 13.72 28.03
N PRO B 195 -50.06 12.90 28.19
CA PRO B 195 -48.79 13.29 28.82
C PRO B 195 -48.25 14.61 28.31
N GLU B 196 -47.45 15.27 29.13
CA GLU B 196 -46.88 16.56 28.75
C GLU B 196 -45.65 16.38 27.88
N GLY B 197 -45.35 17.37 27.04
CA GLY B 197 -44.18 17.36 26.20
C GLY B 197 -44.33 16.45 25.00
N CYS B 198 -45.57 16.34 24.52
CA CYS B 198 -45.85 15.42 23.42
C CYS B 198 -46.38 16.17 22.20
N ALA B 199 -47.17 17.20 22.44
CA ALA B 199 -47.80 17.94 21.35
C ALA B 199 -47.83 19.43 21.62
N VAL B 200 -47.84 20.20 20.53
CA VAL B 200 -48.15 21.61 20.56
C VAL B 200 -49.38 21.87 19.67
N ASP B 201 -50.12 22.95 19.94
CA ASP B 201 -51.30 23.28 19.14
C ASP B 201 -50.97 24.08 17.86
N LYS B 202 -52.02 24.37 17.09
CA LYS B 202 -51.90 25.20 15.89
C LYS B 202 -51.02 26.42 16.15
N ASP B 203 -50.97 26.85 17.41
CA ASP B 203 -50.26 28.09 17.77
C ASP B 203 -48.90 27.87 18.42
N GLY B 204 -48.46 26.63 18.51
CA GLY B 204 -47.13 26.32 19.00
C GLY B 204 -46.95 26.34 20.51
N LYS B 205 -48.05 26.48 21.24
CA LYS B 205 -47.97 26.43 22.69
C LYS B 205 -48.22 24.99 23.14
N PRO B 206 -47.46 24.53 24.14
CA PRO B 206 -47.60 23.12 24.52
C PRO B 206 -49.02 22.85 24.98
N THR B 207 -49.58 21.74 24.54
CA THR B 207 -50.92 21.35 24.94
C THR B 207 -50.96 19.89 25.44
N THR B 208 -51.94 19.57 26.27
CA THR B 208 -52.19 18.20 26.71
C THR B 208 -53.64 17.80 26.41
N ASP B 209 -54.37 18.72 25.78
CA ASP B 209 -55.74 18.46 25.38
C ASP B 209 -55.73 17.62 24.09
N PRO B 210 -56.35 16.43 24.13
CA PRO B 210 -56.30 15.51 22.99
C PRO B 210 -56.72 16.21 21.70
N ALA B 211 -57.83 16.94 21.73
CA ALA B 211 -58.39 17.54 20.52
C ALA B 211 -57.45 18.54 19.90
N LYS B 212 -56.79 19.33 20.73
CA LYS B 212 -55.94 20.41 20.25
C LYS B 212 -54.57 19.90 19.79
N ALA B 213 -54.18 18.74 20.30
CA ALA B 213 -53.01 18.03 19.81
C ALA B 213 -53.26 17.55 18.40
N LEU B 214 -54.48 17.05 18.19
CA LEU B 214 -54.89 16.47 16.91
C LEU B 214 -54.80 17.52 15.81
N GLU B 215 -55.22 18.75 16.11
CA GLU B 215 -55.22 19.82 15.12
C GLU B 215 -53.94 20.64 15.17
N GLY B 216 -52.92 20.11 15.85
CA GLY B 216 -51.65 20.79 15.97
C GLY B 216 -50.50 19.96 15.43
N CYS B 217 -49.64 19.48 16.31
CA CYS B 217 -48.41 18.81 15.92
C CYS B 217 -47.72 18.04 17.05
N ILE B 218 -47.39 16.78 16.78
CA ILE B 218 -46.70 15.93 17.73
C ILE B 218 -45.21 16.27 17.75
N LEU B 219 -44.57 16.14 18.91
CA LEU B 219 -43.14 16.39 19.03
C LEU B 219 -42.36 15.09 19.17
N PRO B 220 -41.05 15.10 18.82
CA PRO B 220 -40.21 13.91 18.97
C PRO B 220 -40.11 13.50 20.44
N PHE B 221 -39.56 12.32 20.71
CA PHE B 221 -39.68 11.77 22.06
C PHE B 221 -38.77 12.38 23.14
N GLY B 222 -37.46 12.36 22.96
CA GLY B 222 -36.62 12.65 24.10
C GLY B 222 -36.00 14.03 24.12
N GLY B 223 -36.84 15.05 24.34
CA GLY B 223 -36.38 16.41 24.19
C GLY B 223 -35.46 16.57 22.97
N PRO B 224 -34.44 17.41 23.12
CA PRO B 224 -33.54 17.67 21.99
C PRO B 224 -32.88 16.37 21.48
N LYS B 225 -32.53 15.47 22.39
CA LYS B 225 -31.83 14.25 22.02
C LYS B 225 -32.64 13.34 21.10
N GLY B 226 -33.93 13.21 21.42
CA GLY B 226 -34.81 12.35 20.65
C GLY B 226 -34.90 12.93 19.27
N TYR B 227 -35.23 14.21 19.23
CA TYR B 227 -35.24 14.98 18.01
C TYR B 227 -34.02 14.66 17.16
N GLY B 228 -32.84 14.78 17.77
CA GLY B 228 -31.60 14.48 17.09
C GLY B 228 -31.67 13.14 16.39
N LEU B 229 -31.87 12.08 17.17
CA LEU B 229 -31.99 10.73 16.64
C LEU B 229 -33.02 10.66 15.51
N ALA B 230 -34.17 11.27 15.75
CA ALA B 230 -35.24 11.31 14.76
C ALA B 230 -34.75 11.97 13.48
N LEU B 231 -33.97 13.03 13.61
CA LEU B 231 -33.47 13.72 12.44
C LEU B 231 -32.46 12.86 11.71
N ALA B 232 -31.62 12.15 12.46
CA ALA B 232 -30.63 11.27 11.85
C ALA B 232 -31.30 10.08 11.17
N ILE B 233 -32.42 9.64 11.72
CA ILE B 233 -33.14 8.54 11.09
C ILE B 233 -33.74 9.01 9.77
N GLU B 234 -34.37 10.18 9.80
CA GLU B 234 -34.93 10.78 8.59
C GLU B 234 -33.93 10.72 7.44
N MSE B 235 -32.68 11.01 7.74
CA MSE B 235 -31.69 11.16 6.69
C MSE B 235 -31.05 9.84 6.28
O MSE B 235 -30.89 9.57 5.09
CB MSE B 235 -30.60 12.16 7.08
CG MSE B 235 -29.58 12.39 5.97
SE MSE B 235 -30.35 13.22 4.33
CE MSE B 235 -29.79 11.93 2.96
N LEU B 236 -30.66 9.04 7.27
CA LEU B 236 -29.93 7.80 6.96
C LEU B 236 -30.86 6.78 6.30
N SER B 237 -32.15 6.90 6.59
CA SER B 237 -33.17 6.06 5.95
C SER B 237 -33.21 6.24 4.45
N ALA B 238 -32.60 7.31 3.95
CA ALA B 238 -32.87 7.71 2.58
C ALA B 238 -31.65 7.64 1.70
N ILE B 239 -30.57 7.08 2.22
CA ILE B 239 -29.31 7.15 1.50
C ILE B 239 -29.31 6.29 0.25
N GLY B 240 -30.43 5.63 0.00
CA GLY B 240 -30.60 4.83 -1.20
C GLY B 240 -31.19 5.65 -2.33
N GLY B 241 -31.58 6.87 -2.02
CA GLY B 241 -32.20 7.76 -3.00
C GLY B 241 -33.69 7.97 -2.77
N ALA B 242 -34.17 7.60 -1.59
CA ALA B 242 -35.54 7.92 -1.20
C ALA B 242 -35.66 9.43 -0.99
N GLU B 243 -36.89 9.90 -0.80
CA GLU B 243 -37.09 11.30 -0.42
C GLU B 243 -36.97 11.50 1.09
N VAL B 244 -36.85 12.75 1.53
CA VAL B 244 -36.80 13.09 2.96
C VAL B 244 -37.70 14.29 3.21
N GLY B 245 -37.94 14.61 4.47
CA GLY B 245 -38.75 15.78 4.78
C GLY B 245 -40.14 15.72 4.16
N THR B 246 -40.63 16.85 3.66
CA THR B 246 -42.01 16.90 3.17
C THR B 246 -42.25 16.24 1.81
N LYS B 247 -41.18 15.83 1.14
CA LYS B 247 -41.28 15.13 -0.15
C LYS B 247 -41.55 13.64 0.08
N VAL B 248 -41.66 13.25 1.35
CA VAL B 248 -42.03 11.88 1.68
C VAL B 248 -43.55 11.69 1.62
N LYS B 249 -43.98 10.81 0.72
CA LYS B 249 -45.40 10.62 0.44
C LYS B 249 -45.76 9.15 0.37
N GLY B 250 -47.05 8.87 0.53
CA GLY B 250 -47.60 7.55 0.28
C GLY B 250 -47.13 6.44 1.19
N THR B 251 -46.86 6.74 2.46
CA THR B 251 -46.59 5.71 3.47
C THR B 251 -47.88 5.45 4.24
N ALA B 252 -48.88 6.30 4.05
CA ALA B 252 -50.15 6.15 4.75
C ALA B 252 -51.31 6.62 3.88
N ASN B 253 -51.02 6.92 2.62
CA ASN B 253 -52.04 7.35 1.69
C ASN B 253 -51.99 6.49 0.42
N PRO B 254 -52.92 5.54 0.31
CA PRO B 254 -52.98 4.58 -0.81
C PRO B 254 -53.11 5.27 -2.17
N GLU B 255 -53.48 6.55 -2.17
CA GLU B 255 -53.65 7.29 -3.41
C GLU B 255 -52.34 7.86 -3.93
N GLU B 256 -51.30 7.83 -3.10
CA GLU B 256 -50.00 8.38 -3.47
C GLU B 256 -48.95 7.30 -3.62
N ARG B 257 -48.05 7.50 -4.57
CA ARG B 257 -46.92 6.61 -4.77
C ARG B 257 -45.88 6.79 -3.66
N CYS B 258 -45.39 5.69 -3.10
CA CYS B 258 -44.49 5.78 -1.95
C CYS B 258 -43.09 6.26 -2.31
N THR B 259 -42.60 7.24 -1.54
CA THR B 259 -41.28 7.81 -1.75
C THR B 259 -40.34 7.61 -0.54
N LYS B 260 -40.80 6.89 0.47
CA LYS B 260 -39.99 6.67 1.67
C LYS B 260 -38.78 5.78 1.38
N GLY B 261 -37.80 5.79 2.29
CA GLY B 261 -36.67 4.89 2.20
C GLY B 261 -36.42 4.07 3.46
N ASP B 262 -35.74 2.94 3.30
CA ASP B 262 -35.40 2.05 4.41
C ASP B 262 -33.90 1.79 4.43
N LEU B 263 -33.37 1.48 5.61
CA LEU B 263 -31.98 1.05 5.76
C LEU B 263 -31.95 -0.17 6.66
N PHE B 264 -31.33 -1.24 6.18
CA PHE B 264 -31.24 -2.47 6.96
C PHE B 264 -29.80 -2.78 7.20
N ILE B 265 -29.46 -2.97 8.46
CA ILE B 265 -28.09 -3.31 8.79
C ILE B 265 -28.03 -4.66 9.48
N ALA B 266 -26.99 -5.42 9.19
CA ALA B 266 -26.70 -6.63 9.95
C ALA B 266 -25.24 -6.60 10.40
N ILE B 267 -25.02 -6.89 11.67
CA ILE B 267 -23.68 -7.04 12.22
C ILE B 267 -23.50 -8.43 12.80
N ASN B 268 -22.44 -9.09 12.36
CA ASN B 268 -22.22 -10.50 12.66
C ASN B 268 -21.12 -10.66 13.69
N PRO B 269 -21.51 -11.01 14.93
CA PRO B 269 -20.65 -11.20 16.10
C PRO B 269 -19.49 -12.15 15.88
N GLU B 270 -19.61 -13.06 14.92
CA GLU B 270 -18.48 -13.96 14.63
C GLU B 270 -17.23 -13.23 14.17
N PHE B 271 -17.41 -12.04 13.59
CA PHE B 271 -16.29 -11.29 13.03
C PHE B 271 -15.62 -10.41 14.06
N PHE B 272 -16.18 -10.40 15.26
CA PHE B 272 -15.63 -9.64 16.37
C PHE B 272 -15.29 -10.60 17.49
N MSE B 273 -15.99 -10.52 18.62
CA MSE B 273 -15.57 -11.29 19.77
C MSE B 273 -15.84 -12.78 19.62
O MSE B 273 -15.15 -13.60 20.23
CB MSE B 273 -16.20 -10.78 21.04
CG MSE B 273 -17.65 -11.11 21.15
SE MSE B 273 -18.45 -10.12 22.63
CE MSE B 273 -17.63 -11.13 24.11
N GLY B 274 -16.83 -13.12 18.80
CA GLY B 274 -17.26 -14.49 18.61
C GLY B 274 -18.76 -14.67 18.85
N LYS B 275 -19.39 -15.54 18.06
CA LYS B 275 -20.82 -15.83 18.20
C LYS B 275 -21.18 -16.26 19.63
N GLU B 276 -20.54 -17.32 20.11
CA GLU B 276 -20.85 -17.84 21.44
C GLU B 276 -20.54 -16.85 22.54
N GLU B 277 -19.36 -16.23 22.50
CA GLU B 277 -19.00 -15.27 23.55
C GLU B 277 -19.96 -14.08 23.57
N PHE B 278 -20.37 -13.61 22.40
CA PHE B 278 -21.41 -12.58 22.31
C PHE B 278 -22.70 -13.04 23.00
N LYS B 279 -23.15 -14.24 22.67
CA LYS B 279 -24.32 -14.83 23.31
C LYS B 279 -24.20 -14.96 24.84
N ARG B 280 -23.04 -15.40 25.34
CA ARG B 280 -22.81 -15.48 26.79
C ARG B 280 -22.84 -14.09 27.42
N LYS B 281 -22.32 -13.09 26.72
CA LYS B 281 -22.32 -11.74 27.26
C LYS B 281 -23.69 -11.04 27.21
N VAL B 282 -24.43 -11.23 26.12
CA VAL B 282 -25.82 -10.74 26.09
C VAL B 282 -26.60 -11.27 27.31
N ASP B 283 -26.42 -12.55 27.62
CA ASP B 283 -27.09 -13.14 28.76
C ASP B 283 -26.61 -12.59 30.11
N GLU B 284 -25.32 -12.34 30.25
CA GLU B 284 -24.81 -11.77 31.48
C GLU B 284 -25.42 -10.39 31.68
N LEU B 285 -25.37 -9.59 30.62
CA LEU B 285 -25.94 -8.26 30.63
C LEU B 285 -27.44 -8.25 30.91
N LEU B 286 -28.20 -9.01 30.14
CA LEU B 286 -29.64 -8.95 30.27
C LEU B 286 -30.10 -9.56 31.59
N ASP B 287 -29.44 -10.65 32.00
CA ASP B 287 -29.68 -11.26 33.31
C ASP B 287 -29.48 -10.20 34.40
N GLU B 288 -28.31 -9.59 34.39
CA GLU B 288 -27.93 -8.61 35.41
C GLU B 288 -28.96 -7.50 35.55
N ILE B 289 -29.61 -7.16 34.45
CA ILE B 289 -30.58 -6.09 34.41
C ILE B 289 -32.00 -6.53 34.79
N LYS B 290 -32.42 -7.68 34.28
CA LYS B 290 -33.71 -8.22 34.65
C LYS B 290 -33.80 -8.46 36.16
N ASN B 291 -32.67 -8.72 36.80
CA ASN B 291 -32.70 -9.08 38.21
C ASN B 291 -32.17 -8.03 39.18
N SER B 292 -31.68 -6.92 38.65
CA SER B 292 -31.34 -5.78 39.51
C SER B 292 -32.60 -5.39 40.27
N GLU B 293 -32.44 -4.65 41.36
CA GLU B 293 -33.60 -4.34 42.20
C GLU B 293 -34.51 -3.30 41.54
N PRO B 294 -35.83 -3.56 41.58
CA PRO B 294 -36.87 -2.75 40.96
C PRO B 294 -37.30 -1.63 41.89
N ALA B 295 -37.70 -0.50 41.30
CA ALA B 295 -38.18 0.65 42.07
C ALA B 295 -39.57 0.39 42.63
N GLU B 296 -40.07 1.37 43.39
CA GLU B 296 -41.37 1.31 44.05
C GLU B 296 -42.30 0.19 43.56
N GLY B 297 -43.19 0.51 42.63
CA GLY B 297 -44.16 -0.45 42.13
C GLY B 297 -43.95 -0.68 40.65
N PHE B 298 -42.76 -1.13 40.30
CA PHE B 298 -42.39 -1.39 38.92
C PHE B 298 -41.81 -2.77 38.80
N GLU B 299 -41.97 -3.39 37.64
CA GLU B 299 -41.14 -4.54 37.31
C GLU B 299 -40.17 -4.05 36.23
N ILE B 300 -38.99 -4.64 36.16
CA ILE B 300 -38.01 -4.25 35.16
C ILE B 300 -38.15 -5.13 33.92
N LEU B 301 -38.15 -4.50 32.75
CA LEU B 301 -38.32 -5.20 31.50
C LEU B 301 -37.22 -4.95 30.48
N ILE B 302 -36.85 -6.00 29.76
CA ILE B 302 -36.02 -5.88 28.56
C ILE B 302 -36.92 -5.38 27.43
N PRO B 303 -36.40 -4.50 26.55
CA PRO B 303 -37.18 -4.06 25.38
C PRO B 303 -37.57 -5.23 24.51
N GLY B 304 -38.86 -5.30 24.15
CA GLY B 304 -39.35 -6.40 23.36
C GLY B 304 -40.18 -7.36 24.18
N GLU B 305 -40.08 -7.24 25.49
CA GLU B 305 -40.75 -8.17 26.40
C GLU B 305 -42.27 -7.98 26.48
N ILE B 306 -42.72 -6.73 26.43
CA ILE B 306 -44.14 -6.47 26.47
C ILE B 306 -44.80 -7.11 25.23
N GLU B 307 -44.11 -7.06 24.10
CA GLU B 307 -44.62 -7.60 22.84
C GLU B 307 -44.61 -9.13 22.86
N GLU B 308 -43.60 -9.71 23.49
CA GLU B 308 -43.54 -11.15 23.68
C GLU B 308 -44.67 -11.63 24.59
N ARG B 309 -44.97 -10.90 25.66
CA ARG B 309 -46.09 -11.24 26.51
CA ARG B 309 -46.08 -11.26 26.51
C ARG B 309 -47.39 -11.24 25.72
N ASN B 310 -47.54 -10.27 24.84
CA ASN B 310 -48.72 -10.19 24.01
C ASN B 310 -48.85 -11.35 23.06
N LYS B 311 -47.75 -11.72 22.42
CA LYS B 311 -47.75 -12.83 21.48
C LYS B 311 -48.23 -14.10 22.17
N MSE B 312 -47.75 -14.34 23.38
CA MSE B 312 -48.12 -15.54 24.14
C MSE B 312 -49.53 -15.47 24.73
O MSE B 312 -50.03 -16.47 25.26
CB MSE B 312 -47.12 -15.82 25.28
CG MSE B 312 -45.69 -16.10 24.85
SE MSE B 312 -45.50 -17.58 23.60
CE MSE B 312 -45.64 -16.59 21.93
N LYS B 313 -50.15 -14.29 24.68
CA LYS B 313 -51.51 -14.12 25.20
C LYS B 313 -52.51 -14.12 24.07
N ARG B 314 -52.01 -13.90 22.85
CA ARG B 314 -52.87 -13.58 21.73
C ARG B 314 -52.80 -14.61 20.60
N LYS B 315 -51.90 -15.59 20.74
CA LYS B 315 -51.73 -16.63 19.72
C LYS B 315 -52.92 -17.59 19.62
N ASP B 316 -53.72 -17.66 20.68
CA ASP B 316 -54.92 -18.49 20.63
C ASP B 316 -56.09 -17.67 20.10
N GLY B 317 -55.77 -16.49 19.59
CA GLY B 317 -56.77 -15.65 18.99
C GLY B 317 -56.90 -14.32 19.70
N PHE B 318 -57.31 -13.31 18.95
CA PHE B 318 -57.41 -11.95 19.46
C PHE B 318 -58.60 -11.23 18.85
N GLU B 319 -59.09 -10.21 19.55
CA GLU B 319 -60.28 -9.48 19.14
C GLU B 319 -60.09 -8.51 17.97
N ILE B 320 -61.05 -8.52 17.05
CA ILE B 320 -61.19 -7.46 16.07
C ILE B 320 -62.63 -6.99 16.11
N ASP B 321 -62.90 -5.76 15.66
CA ASP B 321 -64.24 -5.21 15.76
C ASP B 321 -65.06 -5.39 14.48
N LYS B 322 -66.37 -5.14 14.57
CA LYS B 322 -67.28 -5.42 13.47
C LYS B 322 -66.95 -4.63 12.21
N ASN B 323 -66.53 -3.37 12.39
CA ASN B 323 -66.15 -2.54 11.25
C ASN B 323 -65.13 -3.23 10.36
N LEU B 324 -64.03 -3.68 10.95
CA LEU B 324 -63.01 -4.42 10.21
C LEU B 324 -63.59 -5.71 9.62
N TYR B 325 -64.36 -6.44 10.44
CA TYR B 325 -64.99 -7.66 9.97
C TYR B 325 -65.77 -7.41 8.67
N ASN B 326 -66.61 -6.41 8.68
CA ASN B 326 -67.36 -6.01 7.49
C ASN B 326 -66.46 -5.74 6.29
N GLN B 327 -65.42 -4.94 6.49
CA GLN B 327 -64.50 -4.62 5.39
C GLN B 327 -63.88 -5.89 4.85
N LEU B 328 -63.53 -6.79 5.75
CA LEU B 328 -62.88 -8.01 5.32
C LEU B 328 -63.89 -8.84 4.53
N LYS B 329 -65.07 -9.03 5.08
CA LYS B 329 -66.13 -9.76 4.39
C LYS B 329 -66.29 -9.28 2.94
N GLU B 330 -66.45 -7.97 2.77
CA GLU B 330 -66.71 -7.38 1.46
C GLU B 330 -65.52 -7.58 0.54
N ILE B 331 -64.31 -7.55 1.10
CA ILE B 331 -63.11 -7.81 0.34
C ILE B 331 -63.15 -9.25 -0.20
N CYS B 332 -63.55 -10.19 0.65
CA CYS B 332 -63.73 -11.58 0.26
C CYS B 332 -64.88 -11.75 -0.74
N ASN B 333 -66.00 -11.07 -0.48
CA ASN B 333 -67.15 -11.09 -1.40
C ASN B 333 -66.75 -10.78 -2.84
N GLU B 334 -65.94 -9.74 -2.98
CA GLU B 334 -65.58 -9.19 -4.28
C GLU B 334 -64.63 -10.11 -5.01
N LEU B 335 -63.81 -10.82 -4.24
CA LEU B 335 -62.79 -11.69 -4.82
C LEU B 335 -63.30 -13.11 -4.96
N GLY B 336 -64.53 -13.33 -4.52
CA GLY B 336 -65.11 -14.66 -4.58
C GLY B 336 -64.57 -15.61 -3.52
N LEU B 337 -64.20 -15.07 -2.36
CA LEU B 337 -63.90 -15.90 -1.22
C LEU B 337 -65.03 -15.75 -0.20
N ASN B 338 -64.97 -16.55 0.86
CA ASN B 338 -65.98 -16.48 1.92
C ASN B 338 -65.29 -16.20 3.25
N ILE B 339 -65.59 -15.05 3.85
CA ILE B 339 -65.00 -14.67 5.14
C ILE B 339 -65.22 -15.76 6.17
N GLU B 340 -66.33 -16.47 6.05
CA GLU B 340 -66.70 -17.50 7.00
C GLU B 340 -65.68 -18.65 7.00
N ASP B 341 -64.78 -18.64 6.03
CA ASP B 341 -63.65 -19.58 5.99
C ASP B 341 -62.47 -19.14 6.87
N TYR B 342 -62.52 -17.90 7.38
CA TYR B 342 -61.37 -17.35 8.06
C TYR B 342 -61.71 -16.85 9.45
N ILE B 343 -62.96 -16.43 9.61
CA ILE B 343 -63.43 -15.97 10.91
C ILE B 343 -64.69 -16.75 11.28
N GLU B 344 -64.61 -17.47 12.39
CA GLU B 344 -65.55 -18.55 12.67
C GLU B 344 -65.72 -18.77 14.16
N MSE C 1 -36.06 23.64 -21.37
CA MSE C 1 -36.83 22.94 -20.34
C MSE C 1 -36.02 22.83 -19.06
O MSE C 1 -34.83 23.17 -19.03
CB MSE C 1 -37.22 21.55 -20.84
CG MSE C 1 -36.90 21.29 -22.31
SE MSE C 1 -38.09 19.99 -23.16
CE MSE C 1 -39.74 21.04 -23.22
N ILE C 2 -36.65 22.35 -18.00
CA ILE C 2 -35.97 22.18 -16.72
C ILE C 2 -35.27 20.83 -16.64
N LEU C 3 -33.93 20.88 -16.61
CA LEU C 3 -33.11 19.70 -16.47
C LEU C 3 -32.70 19.44 -15.02
N LYS C 4 -32.96 18.23 -14.53
CA LYS C 4 -32.62 17.88 -13.15
C LYS C 4 -31.24 17.20 -13.05
N PRO C 5 -30.43 17.68 -12.10
CA PRO C 5 -29.03 17.27 -11.85
C PRO C 5 -28.80 15.78 -12.06
N GLU C 6 -29.62 14.97 -11.40
CA GLU C 6 -29.50 13.51 -11.44
C GLU C 6 -29.73 12.93 -12.84
N ASN C 7 -30.63 13.56 -13.59
CA ASN C 7 -30.90 13.14 -14.95
C ASN C 7 -29.80 13.61 -15.91
N GLU C 8 -29.18 14.74 -15.56
CA GLU C 8 -28.05 15.24 -16.31
C GLU C 8 -26.86 14.30 -16.13
N LYS C 9 -26.65 13.88 -14.89
CA LYS C 9 -25.62 12.90 -14.59
C LYS C 9 -25.91 11.58 -15.28
N LYS C 10 -27.17 11.18 -15.28
CA LYS C 10 -27.55 9.94 -15.95
C LYS C 10 -27.28 10.06 -17.45
N LEU C 11 -27.63 11.21 -18.02
CA LEU C 11 -27.45 11.43 -19.46
C LEU C 11 -25.99 11.35 -19.89
N ILE C 12 -25.11 11.95 -19.09
CA ILE C 12 -23.70 12.05 -19.45
C ILE C 12 -23.03 10.71 -19.35
N ILE C 13 -23.39 9.95 -18.31
CA ILE C 13 -22.84 8.63 -18.10
C ILE C 13 -23.25 7.70 -19.21
N ASP C 14 -24.56 7.64 -19.47
CA ASP C 14 -25.10 6.79 -20.51
C ASP C 14 -24.48 7.10 -21.89
N VAL C 15 -24.40 8.37 -22.25
CA VAL C 15 -23.74 8.71 -23.52
C VAL C 15 -22.26 8.29 -23.59
N LEU C 16 -21.49 8.63 -22.56
CA LEU C 16 -20.05 8.34 -22.56
C LEU C 16 -19.74 6.84 -22.56
N LYS C 17 -20.52 6.06 -21.82
CA LYS C 17 -20.33 4.62 -21.80
C LYS C 17 -20.40 4.07 -23.23
N LYS C 18 -21.34 4.58 -24.02
CA LYS C 18 -21.48 4.19 -25.42
C LYS C 18 -20.19 4.35 -26.22
N PHE C 19 -19.36 5.32 -25.82
CA PHE C 19 -18.06 5.52 -26.45
C PHE C 19 -16.94 4.66 -25.85
N GLY C 20 -17.27 3.85 -24.86
CA GLY C 20 -16.28 2.95 -24.29
C GLY C 20 -15.48 3.58 -23.16
N VAL C 21 -15.98 4.70 -22.64
CA VAL C 21 -15.50 5.22 -21.37
C VAL C 21 -16.00 4.32 -20.24
N PRO C 22 -15.07 3.85 -19.39
CA PRO C 22 -15.47 3.04 -18.23
C PRO C 22 -16.45 3.80 -17.33
N GLU C 23 -17.43 3.13 -16.75
CA GLU C 23 -18.46 3.83 -15.97
C GLU C 23 -17.88 4.80 -14.92
N GLU C 24 -16.87 4.36 -14.17
CA GLU C 24 -16.27 5.22 -13.14
C GLU C 24 -15.73 6.53 -13.69
N ASP C 25 -15.03 6.46 -14.82
CA ASP C 25 -14.53 7.65 -15.48
C ASP C 25 -15.69 8.52 -15.95
N ALA C 26 -16.79 7.88 -16.31
CA ALA C 26 -17.92 8.62 -16.83
C ALA C 26 -18.62 9.35 -15.69
N LYS C 27 -18.70 8.68 -14.55
CA LYS C 27 -19.32 9.28 -13.38
C LYS C 27 -18.49 10.46 -12.89
N ILE C 28 -17.18 10.34 -12.95
CA ILE C 28 -16.32 11.43 -12.56
C ILE C 28 -16.58 12.62 -13.47
N THR C 29 -16.57 12.37 -14.77
CA THR C 29 -16.82 13.43 -15.73
C THR C 29 -18.17 14.08 -15.46
N ALA C 30 -19.18 13.27 -15.23
CA ALA C 30 -20.53 13.78 -15.09
C ALA C 30 -20.64 14.71 -13.89
N ASP C 31 -19.99 14.34 -12.79
CA ASP C 31 -20.07 15.16 -11.59
C ASP C 31 -19.53 16.57 -11.81
N VAL C 32 -18.41 16.66 -12.54
CA VAL C 32 -17.82 17.95 -12.85
C VAL C 32 -18.80 18.81 -13.67
N PHE C 33 -19.40 18.22 -14.70
CA PHE C 33 -20.43 18.92 -15.47
C PHE C 33 -21.56 19.42 -14.58
N VAL C 34 -22.06 18.55 -13.71
CA VAL C 34 -23.18 18.88 -12.83
C VAL C 34 -22.83 19.99 -11.83
N ASP C 35 -21.59 19.97 -11.34
CA ASP C 35 -21.09 21.00 -10.45
C ASP C 35 -21.16 22.37 -11.14
N ALA C 36 -20.59 22.46 -12.33
CA ALA C 36 -20.60 23.69 -13.11
C ALA C 36 -22.01 24.22 -13.30
N ASP C 37 -22.92 23.33 -13.68
CA ASP C 37 -24.31 23.72 -13.89
C ASP C 37 -25.07 24.12 -12.63
N LEU C 38 -24.78 23.48 -11.50
CA LEU C 38 -25.48 23.85 -10.27
C LEU C 38 -24.95 25.17 -9.74
N LYS C 39 -23.66 25.41 -9.94
CA LYS C 39 -23.03 26.61 -9.42
C LYS C 39 -23.31 27.84 -10.28
N GLY C 40 -23.63 27.60 -11.55
CA GLY C 40 -23.98 28.69 -12.44
C GLY C 40 -22.87 29.06 -13.41
N PHE C 41 -21.93 28.14 -13.63
CA PHE C 41 -20.94 28.34 -14.67
C PHE C 41 -21.43 27.62 -15.92
N THR C 42 -22.58 28.08 -16.41
CA THR C 42 -23.32 27.42 -17.48
C THR C 42 -22.46 27.05 -18.68
N SER C 43 -21.48 27.90 -19.00
CA SER C 43 -20.61 27.69 -20.15
C SER C 43 -19.56 26.58 -19.96
N HIS C 44 -19.58 25.93 -18.81
CA HIS C 44 -18.70 24.79 -18.55
C HIS C 44 -19.52 23.57 -18.18
N GLY C 45 -20.83 23.78 -18.15
CA GLY C 45 -21.77 22.74 -17.82
C GLY C 45 -22.20 21.97 -19.03
N ILE C 46 -23.47 21.63 -19.06
CA ILE C 46 -24.02 20.72 -20.06
C ILE C 46 -24.01 21.29 -21.48
N GLY C 47 -24.07 22.61 -21.60
CA GLY C 47 -24.05 23.26 -22.90
C GLY C 47 -22.76 23.02 -23.66
N ARG C 48 -21.75 22.59 -22.94
CA ARG C 48 -20.43 22.36 -23.47
C ARG C 48 -20.31 20.92 -23.95
N PHE C 49 -21.31 20.11 -23.62
CA PHE C 49 -21.24 18.66 -23.82
C PHE C 49 -21.29 18.19 -25.29
N PRO C 50 -22.11 18.85 -26.14
CA PRO C 50 -22.02 18.56 -27.57
C PRO C 50 -20.60 18.58 -28.11
N GLN C 51 -19.76 19.51 -27.66
CA GLN C 51 -18.43 19.67 -28.25
C GLN C 51 -17.61 18.44 -27.98
N TYR C 52 -17.74 17.94 -26.76
CA TYR C 52 -17.02 16.77 -26.29
C TYR C 52 -17.35 15.60 -27.19
N ILE C 53 -18.63 15.50 -27.53
CA ILE C 53 -19.10 14.42 -28.38
C ILE C 53 -18.46 14.53 -29.73
N THR C 54 -18.34 15.76 -30.22
CA THR C 54 -17.70 16.01 -31.51
C THR C 54 -16.26 15.52 -31.44
N ALA C 55 -15.61 15.80 -30.32
CA ALA C 55 -14.23 15.40 -30.09
C ALA C 55 -14.07 13.88 -29.93
N LEU C 56 -14.99 13.24 -29.21
CA LEU C 56 -14.91 11.77 -29.13
C LEU C 56 -14.97 11.15 -30.52
N LYS C 57 -15.90 11.63 -31.35
CA LYS C 57 -16.07 11.11 -32.71
C LYS C 57 -14.84 11.37 -33.55
N LEU C 58 -14.05 12.39 -33.19
CA LEU C 58 -12.84 12.69 -33.97
C LEU C 58 -11.61 11.97 -33.43
N GLY C 59 -11.67 11.51 -32.19
CA GLY C 59 -10.54 10.84 -31.58
C GLY C 59 -9.64 11.80 -30.81
N ASN C 60 -10.12 13.03 -30.63
CA ASN C 60 -9.38 14.03 -29.87
C ASN C 60 -9.57 13.87 -28.38
N ILE C 61 -10.65 13.18 -28.02
CA ILE C 61 -10.83 12.61 -26.69
C ILE C 61 -10.69 11.10 -26.77
N ASN C 62 -9.76 10.56 -26.00
CA ASN C 62 -9.56 9.12 -25.93
C ASN C 62 -10.35 8.57 -24.75
N PRO C 63 -11.34 7.71 -25.03
CA PRO C 63 -12.28 7.19 -24.03
C PRO C 63 -11.68 6.08 -23.16
N LYS C 64 -10.50 5.59 -23.53
CA LYS C 64 -9.80 4.56 -22.78
C LYS C 64 -8.32 4.87 -22.80
N PRO C 65 -7.94 5.96 -22.10
CA PRO C 65 -6.59 6.52 -22.13
C PRO C 65 -5.67 5.75 -21.23
N ASP C 66 -4.39 5.73 -21.58
CA ASP C 66 -3.38 5.10 -20.77
C ASP C 66 -2.67 6.19 -20.00
N ILE C 67 -3.30 6.63 -18.91
CA ILE C 67 -2.78 7.73 -18.11
C ILE C 67 -1.53 7.32 -17.34
N LYS C 68 -0.40 7.96 -17.65
CA LYS C 68 0.88 7.61 -17.05
C LYS C 68 1.44 8.73 -16.17
N ILE C 69 1.99 8.32 -15.04
CA ILE C 69 2.88 9.15 -14.23
C ILE C 69 4.30 9.05 -14.77
N VAL C 70 4.73 10.04 -15.54
CA VAL C 70 6.02 9.93 -16.21
C VAL C 70 7.20 10.35 -15.31
N LYS C 71 6.91 11.09 -14.24
CA LYS C 71 7.90 11.47 -13.25
C LYS C 71 7.26 11.59 -11.88
N GLU C 72 7.94 11.04 -10.88
CA GLU C 72 7.42 11.09 -9.54
C GLU C 72 8.51 11.31 -8.50
N SER C 73 8.26 12.22 -7.59
CA SER C 73 9.05 12.38 -6.36
C SER C 73 8.08 12.32 -5.18
N PRO C 74 8.58 12.46 -3.95
CA PRO C 74 7.66 12.36 -2.82
C PRO C 74 6.73 13.57 -2.74
N ALA C 75 7.06 14.64 -3.47
CA ALA C 75 6.26 15.86 -3.41
C ALA C 75 5.69 16.27 -4.78
N THR C 76 6.20 15.70 -5.85
CA THR C 76 5.80 16.14 -7.17
C THR C 76 5.56 14.96 -8.08
N ALA C 77 4.85 15.21 -9.19
CA ALA C 77 4.66 14.22 -10.26
C ALA C 77 4.19 14.90 -11.53
N VAL C 78 4.49 14.28 -12.67
CA VAL C 78 3.95 14.75 -13.94
C VAL C 78 3.11 13.65 -14.60
N ILE C 79 1.87 13.98 -14.92
CA ILE C 79 0.98 13.04 -15.60
C ILE C 79 0.75 13.34 -17.08
N ASP C 80 0.89 12.31 -17.91
CA ASP C 80 0.54 12.43 -19.32
C ASP C 80 -0.86 11.84 -19.55
N GLY C 81 -1.78 12.67 -20.03
CA GLY C 81 -3.19 12.30 -20.11
C GLY C 81 -3.56 11.27 -21.16
N ASP C 82 -2.66 11.01 -22.10
CA ASP C 82 -2.98 10.17 -23.28
C ASP C 82 -4.29 10.60 -23.94
N LEU C 83 -4.49 11.92 -24.03
CA LEU C 83 -5.71 12.50 -24.57
C LEU C 83 -7.01 12.07 -23.88
N GLY C 84 -6.92 11.64 -22.63
CA GLY C 84 -8.11 11.31 -21.86
C GLY C 84 -8.97 12.54 -21.57
N LEU C 85 -10.09 12.32 -20.89
CA LEU C 85 -10.96 13.40 -20.41
C LEU C 85 -10.26 14.20 -19.31
N GLY C 86 -10.28 15.52 -19.45
CA GLY C 86 -9.71 16.38 -18.43
C GLY C 86 -10.20 16.03 -17.04
N GLN C 87 -11.48 15.67 -16.93
CA GLN C 87 -12.06 15.38 -15.64
C GLN C 87 -11.40 14.17 -14.99
N VAL C 88 -11.08 13.17 -15.81
CA VAL C 88 -10.55 11.91 -15.30
C VAL C 88 -9.07 12.07 -14.95
N VAL C 89 -8.35 12.78 -15.80
CA VAL C 89 -6.94 13.01 -15.58
C VAL C 89 -6.77 14.00 -14.43
N GLY C 90 -7.55 15.07 -14.47
CA GLY C 90 -7.55 16.08 -13.42
C GLY C 90 -7.85 15.51 -12.03
N LYS C 91 -8.87 14.68 -11.95
CA LYS C 91 -9.24 14.07 -10.69
C LYS C 91 -8.08 13.23 -10.17
N LYS C 92 -7.49 12.43 -11.05
CA LYS C 92 -6.37 11.59 -10.63
C LYS C 92 -5.19 12.47 -10.24
N ALA C 93 -5.01 13.60 -10.94
CA ALA C 93 -3.89 14.47 -10.70
C ALA C 93 -3.95 15.03 -9.29
N MSE C 94 -5.10 15.59 -8.94
CA MSE C 94 -5.30 16.29 -7.69
C MSE C 94 -5.31 15.32 -6.51
O MSE C 94 -4.80 15.63 -5.44
CB MSE C 94 -6.59 17.13 -7.74
CG MSE C 94 -6.92 17.89 -6.44
SE MSE C 94 -5.45 19.01 -5.69
CE MSE C 94 -5.97 20.79 -6.36
N GLU C 95 -5.86 14.13 -6.71
CA GLU C 95 -5.84 13.15 -5.63
C GLU C 95 -4.44 12.67 -5.37
N LEU C 96 -3.60 12.74 -6.39
CA LEU C 96 -2.20 12.39 -6.20
C LEU C 96 -1.47 13.45 -5.39
N ALA C 97 -1.72 14.72 -5.73
CA ALA C 97 -1.17 15.84 -4.99
C ALA C 97 -1.59 15.78 -3.55
N ILE C 98 -2.86 15.46 -3.32
CA ILE C 98 -3.44 15.36 -1.97
C ILE C 98 -2.79 14.22 -1.19
N LYS C 99 -2.62 13.07 -1.84
CA LYS C 99 -1.96 11.95 -1.22
C LYS C 99 -0.57 12.38 -0.77
N LYS C 100 0.16 12.99 -1.70
CA LYS C 100 1.51 13.46 -1.41
C LYS C 100 1.56 14.47 -0.26
N ALA C 101 0.60 15.40 -0.22
CA ALA C 101 0.53 16.34 0.88
C ALA C 101 0.21 15.65 2.21
N LYS C 102 -0.49 14.52 2.14
CA LYS C 102 -0.78 13.79 3.36
C LYS C 102 0.52 13.28 3.98
N ASN C 103 1.51 13.03 3.13
CA ASN C 103 2.76 12.40 3.56
C ASN C 103 3.91 13.34 3.85
N VAL C 104 3.96 14.47 3.14
CA VAL C 104 5.06 15.42 3.32
C VAL C 104 4.64 16.89 3.47
N GLY C 105 3.35 17.17 3.38
CA GLY C 105 2.86 18.50 3.68
C GLY C 105 2.46 19.32 2.45
N VAL C 106 3.12 19.07 1.33
CA VAL C 106 2.74 19.68 0.07
C VAL C 106 2.90 18.69 -1.10
N GLY C 107 1.97 18.74 -2.05
CA GLY C 107 2.07 17.99 -3.29
C GLY C 107 1.76 18.88 -4.49
N VAL C 108 2.54 18.73 -5.55
CA VAL C 108 2.37 19.52 -6.75
C VAL C 108 2.42 18.59 -7.94
N VAL C 109 1.38 18.63 -8.76
CA VAL C 109 1.28 17.73 -9.89
C VAL C 109 0.93 18.48 -11.17
N ALA C 110 1.78 18.36 -12.17
CA ALA C 110 1.49 18.95 -13.46
C ALA C 110 0.97 17.89 -14.43
N THR C 111 0.13 18.30 -15.35
CA THR C 111 -0.39 17.39 -16.35
C THR C 111 -0.17 17.95 -17.74
N ARG C 112 -0.27 17.08 -18.73
CA ARG C 112 -0.09 17.43 -20.12
C ARG C 112 -0.85 16.39 -20.96
N ASN C 113 -1.04 16.69 -22.24
CA ASN C 113 -1.74 15.82 -23.17
CA ASN C 113 -1.74 15.80 -23.16
C ASN C 113 -3.09 15.28 -22.65
N ALA C 114 -3.87 16.18 -22.07
CA ALA C 114 -5.22 15.86 -21.60
C ALA C 114 -6.19 16.94 -22.08
N ASN C 115 -7.46 16.78 -21.76
CA ASN C 115 -8.46 17.71 -22.26
C ASN C 115 -8.99 18.71 -21.23
N HIS C 116 -9.72 19.70 -21.72
CA HIS C 116 -10.44 20.66 -20.89
C HIS C 116 -11.08 19.93 -19.72
N PHE C 117 -10.85 20.44 -18.52
CA PHE C 117 -11.32 19.75 -17.30
C PHE C 117 -12.51 20.40 -16.61
N GLY C 118 -13.22 21.27 -17.30
CA GLY C 118 -14.38 21.91 -16.69
C GLY C 118 -14.01 23.09 -15.81
N ILE C 119 -14.70 23.24 -14.69
CA ILE C 119 -14.41 24.34 -13.78
C ILE C 119 -13.24 23.99 -12.87
N ALA C 120 -12.37 24.97 -12.61
CA ALA C 120 -11.15 24.71 -11.83
C ALA C 120 -11.46 24.44 -10.35
N GLY C 121 -12.52 25.08 -9.86
CA GLY C 121 -12.91 24.95 -8.47
C GLY C 121 -13.24 23.54 -8.03
N TYR C 122 -13.73 22.70 -8.93
CA TYR C 122 -14.04 21.34 -8.56
C TYR C 122 -12.79 20.66 -7.98
N TYR C 123 -11.65 20.85 -8.62
CA TYR C 123 -10.43 20.17 -8.20
C TYR C 123 -9.91 20.75 -6.89
N SER C 124 -9.88 22.07 -6.80
CA SER C 124 -9.51 22.75 -5.56
C SER C 124 -10.39 22.28 -4.41
N GLU C 125 -11.66 22.03 -4.69
CA GLU C 125 -12.56 21.55 -3.64
C GLU C 125 -12.28 20.11 -3.18
N LEU C 126 -11.58 19.35 -4.00
CA LEU C 126 -11.19 18.01 -3.57
C LEU C 126 -10.24 18.15 -2.41
N ALA C 127 -9.34 19.11 -2.49
CA ALA C 127 -8.39 19.32 -1.41
C ALA C 127 -9.11 19.89 -0.18
N MSE C 128 -9.91 20.92 -0.38
CA MSE C 128 -10.61 21.52 0.73
C MSE C 128 -11.32 20.43 1.52
O MSE C 128 -11.29 20.42 2.75
CB MSE C 128 -11.59 22.57 0.22
CG MSE C 128 -12.56 23.13 1.26
SE MSE C 128 -13.79 24.43 0.47
CE MSE C 128 -15.16 23.23 -0.26
N ASN C 129 -11.94 19.52 0.80
CA ASN C 129 -12.75 18.49 1.46
C ASN C 129 -11.91 17.37 2.04
N GLN C 130 -10.59 17.52 1.98
CA GLN C 130 -9.68 16.64 2.69
C GLN C 130 -8.96 17.43 3.78
N ASP C 131 -9.54 18.57 4.14
CA ASP C 131 -8.95 19.48 5.12
C ASP C 131 -7.60 20.06 4.68
N MSE C 132 -7.46 20.35 3.40
CA MSE C 132 -6.26 20.99 2.92
C MSE C 132 -6.58 22.22 2.10
O MSE C 132 -7.73 22.56 1.89
CB MSE C 132 -5.46 20.01 2.07
CG MSE C 132 -5.20 18.73 2.82
SE MSE C 132 -4.00 17.53 1.91
CE MSE C 132 -4.15 15.98 3.10
N ILE C 133 -5.52 22.90 1.68
CA ILE C 133 -5.61 24.00 0.74
C ILE C 133 -5.37 23.47 -0.65
N GLY C 134 -6.28 23.76 -1.57
CA GLY C 134 -6.14 23.34 -2.95
C GLY C 134 -5.96 24.53 -3.90
N ILE C 135 -5.03 24.39 -4.85
CA ILE C 135 -4.83 25.43 -5.84
C ILE C 135 -4.70 24.84 -7.25
N THR C 136 -5.57 25.27 -8.14
CA THR C 136 -5.62 24.71 -9.49
C THR C 136 -5.53 25.82 -10.53
N ILE C 137 -4.58 25.70 -11.44
CA ILE C 137 -4.44 26.64 -12.54
C ILE C 137 -4.43 25.89 -13.87
N THR C 138 -4.62 26.63 -14.96
CA THR C 138 -4.68 25.99 -16.26
C THR C 138 -4.55 26.99 -17.39
N ASN C 139 -4.11 26.46 -18.53
CA ASN C 139 -4.02 27.12 -19.82
C ASN C 139 -5.28 26.93 -20.64
N THR C 140 -5.48 27.83 -21.59
CA THR C 140 -6.54 27.70 -22.60
C THR C 140 -6.02 28.30 -23.90
N GLU C 141 -6.77 28.12 -24.98
CA GLU C 141 -6.46 28.77 -26.26
C GLU C 141 -6.33 30.26 -26.08
N PRO C 142 -5.44 30.91 -26.85
CA PRO C 142 -5.29 32.37 -26.76
C PRO C 142 -6.64 33.10 -26.86
N ALA C 143 -6.84 34.07 -25.99
CA ALA C 143 -8.14 34.74 -25.87
C ALA C 143 -7.96 36.21 -25.54
N MSE C 144 -6.75 36.62 -25.18
CA MSE C 144 -6.55 37.97 -24.72
C MSE C 144 -5.14 38.53 -24.85
O MSE C 144 -4.15 37.80 -24.92
CB MSE C 144 -7.05 38.10 -23.28
CG MSE C 144 -6.48 37.09 -22.32
SE MSE C 144 -7.25 37.38 -20.54
CE MSE C 144 -5.83 36.54 -19.46
N ALA C 145 -5.06 39.86 -24.87
CA ALA C 145 -3.82 40.59 -25.09
C ALA C 145 -2.99 40.71 -23.81
N PRO C 146 -1.66 40.75 -23.98
CA PRO C 146 -0.82 41.25 -22.89
C PRO C 146 -1.27 42.67 -22.60
N PHE C 147 -1.06 43.18 -21.40
CA PHE C 147 -1.37 44.58 -21.11
C PHE C 147 -0.69 45.49 -22.12
N GLY C 148 -1.47 46.37 -22.74
CA GLY C 148 -0.91 47.32 -23.67
C GLY C 148 -0.60 46.71 -25.03
N GLY C 149 -1.31 45.61 -25.34
CA GLY C 149 -1.17 44.93 -26.61
C GLY C 149 -2.55 44.78 -27.24
N LYS C 150 -2.59 44.23 -28.46
CA LYS C 150 -3.85 44.14 -29.20
C LYS C 150 -4.18 42.77 -29.80
N GLU C 151 -3.21 41.84 -29.79
CA GLU C 151 -3.47 40.52 -30.34
C GLU C 151 -3.49 39.43 -29.26
N LYS C 152 -4.29 38.40 -29.47
CA LYS C 152 -4.49 37.40 -28.40
C LYS C 152 -3.34 36.40 -28.30
N ILE C 153 -2.75 36.33 -27.11
CA ILE C 153 -1.68 35.40 -26.80
C ILE C 153 -1.98 34.56 -25.55
N LEU C 154 -2.42 35.22 -24.47
CA LEU C 154 -2.76 34.55 -23.22
C LEU C 154 -4.13 33.86 -23.25
N GLY C 155 -4.22 32.70 -22.60
CA GLY C 155 -5.51 32.06 -22.38
C GLY C 155 -6.36 32.88 -21.40
N THR C 156 -7.58 32.42 -21.14
CA THR C 156 -8.42 33.01 -20.09
C THR C 156 -7.94 32.59 -18.70
N ASN C 157 -6.93 31.72 -18.69
CA ASN C 157 -6.17 31.30 -17.50
C ASN C 157 -6.81 31.47 -16.14
N PRO C 158 -7.55 30.46 -15.71
CA PRO C 158 -8.25 30.49 -14.43
C PRO C 158 -7.35 30.08 -13.28
N ILE C 159 -7.67 30.57 -12.10
CA ILE C 159 -7.05 30.11 -10.87
C ILE C 159 -8.17 29.78 -9.89
N ALA C 160 -8.02 28.67 -9.17
CA ALA C 160 -8.96 28.31 -8.11
C ALA C 160 -8.22 28.05 -6.81
N ILE C 161 -8.73 28.58 -5.73
CA ILE C 161 -8.14 28.35 -4.44
C ILE C 161 -9.24 28.10 -3.42
N ALA C 162 -9.13 27.00 -2.69
CA ALA C 162 -10.20 26.59 -1.81
C ALA C 162 -9.61 26.10 -0.49
N PHE C 163 -10.24 26.51 0.61
CA PHE C 163 -9.93 25.98 1.93
C PHE C 163 -11.12 26.21 2.86
N LYS C 164 -11.12 25.60 4.03
CA LYS C 164 -12.27 25.78 4.92
C LYS C 164 -11.93 25.80 6.39
N GLY C 165 -12.78 26.46 7.17
CA GLY C 165 -12.73 26.39 8.62
C GLY C 165 -13.67 25.28 9.07
N ASN C 166 -14.30 25.45 10.24
CA ASN C 166 -15.34 24.51 10.66
C ASN C 166 -16.71 25.06 10.32
N LYS C 167 -16.82 26.38 10.29
CA LYS C 167 -18.06 27.03 9.91
C LYS C 167 -18.03 27.60 8.48
N TYR C 168 -16.95 28.30 8.11
CA TYR C 168 -16.89 29.01 6.82
C TYR C 168 -16.06 28.31 5.74
N LYS C 169 -16.32 28.64 4.49
CA LYS C 169 -15.65 28.02 3.35
C LYS C 169 -15.09 29.08 2.47
N PHE C 170 -13.98 28.77 1.81
CA PHE C 170 -13.39 29.67 0.83
C PHE C 170 -13.16 28.93 -0.47
N SER C 171 -13.90 29.32 -1.50
CA SER C 171 -13.68 28.76 -2.80
C SER C 171 -13.64 29.83 -3.88
N LEU C 172 -12.44 30.31 -4.17
CA LEU C 172 -12.24 31.23 -5.26
C LEU C 172 -12.04 30.42 -6.56
N ASP C 173 -12.79 30.79 -7.58
CA ASP C 173 -12.71 30.12 -8.86
C ASP C 173 -12.93 31.19 -9.93
N MSE C 174 -11.85 31.66 -10.54
CA MSE C 174 -11.96 32.81 -11.42
C MSE C 174 -11.06 32.68 -12.64
O MSE C 174 -9.96 32.14 -12.56
CB MSE C 174 -11.60 34.10 -10.68
CG MSE C 174 -10.39 33.93 -9.77
SE MSE C 174 -9.31 35.51 -9.53
CE MSE C 174 -10.28 36.27 -8.04
N ALA C 175 -11.55 33.20 -13.76
CA ALA C 175 -10.74 33.45 -14.93
C ALA C 175 -9.99 34.76 -14.72
N THR C 176 -8.80 34.87 -15.32
CA THR C 176 -8.03 36.11 -15.26
C THR C 176 -8.44 37.04 -16.39
N ALA C 177 -9.49 36.68 -17.09
CA ALA C 177 -10.03 37.51 -18.16
C ALA C 177 -11.04 38.53 -17.62
N SER C 178 -10.97 39.75 -18.12
CA SER C 178 -11.94 40.80 -17.76
C SER C 178 -13.38 40.33 -17.92
N ILE C 179 -13.65 39.60 -18.99
CA ILE C 179 -15.01 39.30 -19.40
C ILE C 179 -15.03 38.10 -20.36
N ALA C 180 -16.11 37.31 -20.30
CA ALA C 180 -16.22 36.17 -21.20
C ALA C 180 -16.91 36.61 -22.49
N ARG C 181 -16.48 36.07 -23.63
CA ARG C 181 -17.05 36.51 -24.90
C ARG C 181 -18.53 36.17 -24.95
N GLY C 182 -18.97 35.36 -23.99
CA GLY C 182 -20.37 35.04 -23.82
C GLY C 182 -21.16 36.26 -23.34
N LYS C 183 -20.69 36.86 -22.26
CA LYS C 183 -21.30 38.10 -21.77
C LYS C 183 -21.18 39.23 -22.79
N ILE C 184 -20.38 39.00 -23.83
CA ILE C 184 -20.26 39.95 -24.93
C ILE C 184 -21.20 39.61 -26.09
N LEU C 185 -21.19 38.35 -26.50
CA LEU C 185 -22.13 37.86 -27.51
C LEU C 185 -23.53 38.17 -27.02
N GLU C 186 -23.74 37.95 -25.72
CA GLU C 186 -25.01 38.32 -25.11
C GLU C 186 -25.21 39.83 -25.17
N ALA C 187 -24.13 40.59 -24.95
CA ALA C 187 -24.21 42.05 -24.90
C ALA C 187 -24.50 42.69 -26.26
N LEU C 188 -24.06 42.04 -27.34
CA LEU C 188 -24.34 42.57 -28.67
C LEU C 188 -25.76 42.23 -29.10
N ARG C 189 -26.15 40.97 -28.89
CA ARG C 189 -27.46 40.49 -29.35
C ARG C 189 -28.60 41.31 -28.76
N LYS C 190 -28.24 42.27 -27.93
CA LYS C 190 -29.19 43.26 -27.42
C LYS C 190 -28.58 44.64 -27.63
N LYS C 191 -28.00 45.18 -26.57
CA LYS C 191 -27.33 46.47 -26.64
C LYS C 191 -26.53 46.65 -25.37
N ILE C 192 -27.10 47.39 -24.42
CA ILE C 192 -26.58 47.46 -23.05
C ILE C 192 -25.11 47.91 -22.99
N LYS C 193 -24.50 48.15 -24.15
CA LYS C 193 -23.11 48.57 -24.18
C LYS C 193 -22.25 47.44 -23.57
N ILE C 194 -21.29 47.79 -22.73
CA ILE C 194 -20.39 46.79 -22.13
C ILE C 194 -19.41 47.44 -21.13
N PRO C 195 -18.99 46.70 -20.10
CA PRO C 195 -18.03 47.22 -19.11
C PRO C 195 -16.81 47.89 -19.74
N GLU C 196 -16.14 48.74 -18.97
CA GLU C 196 -15.08 49.59 -19.53
C GLU C 196 -13.70 49.12 -19.13
N GLY C 197 -12.91 48.74 -20.12
CA GLY C 197 -11.55 48.30 -19.88
C GLY C 197 -11.43 46.79 -20.04
N CYS C 198 -12.27 46.24 -20.91
CA CYS C 198 -12.36 44.80 -21.08
C CYS C 198 -11.87 44.36 -22.45
N ALA C 199 -11.88 45.27 -23.42
CA ALA C 199 -11.50 44.92 -24.77
C ALA C 199 -10.82 46.07 -25.52
N VAL C 200 -10.33 45.76 -26.71
CA VAL C 200 -9.88 46.76 -27.67
C VAL C 200 -10.39 46.37 -29.05
N ASP C 201 -10.48 47.35 -29.95
CA ASP C 201 -10.96 47.11 -31.31
C ASP C 201 -9.84 46.63 -32.24
N LYS C 202 -10.16 46.44 -33.51
CA LYS C 202 -9.20 45.96 -34.49
C LYS C 202 -7.83 46.63 -34.38
N ASP C 203 -7.82 47.92 -34.02
CA ASP C 203 -6.58 48.69 -34.05
C ASP C 203 -6.07 49.09 -32.67
N GLY C 204 -6.44 48.31 -31.66
CA GLY C 204 -5.82 48.44 -30.35
C GLY C 204 -6.35 49.55 -29.46
N LYS C 205 -7.43 50.20 -29.88
CA LYS C 205 -8.03 51.26 -29.07
C LYS C 205 -9.16 50.71 -28.18
N PRO C 206 -9.28 51.26 -26.96
CA PRO C 206 -10.29 50.82 -26.00
C PRO C 206 -11.67 50.91 -26.63
N THR C 207 -12.58 50.03 -26.22
CA THR C 207 -13.92 50.01 -26.80
C THR C 207 -14.94 49.46 -25.83
N THR C 208 -16.11 50.09 -25.80
CA THR C 208 -17.22 49.62 -24.98
C THR C 208 -18.32 48.98 -25.86
N ASP C 209 -18.02 48.86 -27.14
CA ASP C 209 -18.97 48.33 -28.14
C ASP C 209 -18.79 46.83 -28.34
N PRO C 210 -19.85 46.06 -28.10
CA PRO C 210 -19.88 44.60 -28.19
C PRO C 210 -19.42 44.09 -29.55
N ALA C 211 -19.60 44.91 -30.58
CA ALA C 211 -19.31 44.51 -31.94
C ALA C 211 -17.81 44.44 -32.22
N LYS C 212 -17.18 45.61 -32.30
CA LYS C 212 -15.75 45.69 -32.60
C LYS C 212 -14.90 44.95 -31.57
N ALA C 213 -15.45 44.79 -30.36
CA ALA C 213 -14.76 44.11 -29.26
C ALA C 213 -14.73 42.60 -29.46
N LEU C 214 -15.77 42.07 -30.09
CA LEU C 214 -15.76 40.67 -30.50
C LEU C 214 -14.79 40.55 -31.68
N GLU C 215 -14.90 41.48 -32.62
CA GLU C 215 -14.02 41.54 -33.77
C GLU C 215 -12.68 42.16 -33.36
N GLY C 216 -12.40 42.09 -32.06
CA GLY C 216 -11.19 42.67 -31.51
C GLY C 216 -10.55 41.77 -30.47
N CYS C 217 -10.29 42.31 -29.28
CA CYS C 217 -9.50 41.57 -28.30
C CYS C 217 -9.78 41.83 -26.84
N ILE C 218 -9.97 40.75 -26.08
CA ILE C 218 -10.19 40.83 -24.64
C ILE C 218 -8.91 41.16 -23.85
N LEU C 219 -9.08 41.89 -22.75
CA LEU C 219 -7.96 42.26 -21.90
C LEU C 219 -8.10 41.54 -20.57
N PRO C 220 -6.96 41.33 -19.88
CA PRO C 220 -6.98 40.66 -18.57
C PRO C 220 -7.62 41.56 -17.53
N PHE C 221 -8.05 40.98 -16.40
CA PHE C 221 -8.95 41.63 -15.44
C PHE C 221 -8.43 42.82 -14.63
N GLY C 222 -7.14 42.88 -14.35
CA GLY C 222 -6.74 43.90 -13.40
C GLY C 222 -5.54 44.73 -13.72
N GLY C 223 -5.63 45.52 -14.78
CA GLY C 223 -4.53 46.37 -15.19
C GLY C 223 -3.29 45.53 -15.39
N PRO C 224 -2.12 46.15 -15.22
CA PRO C 224 -0.85 45.44 -15.39
C PRO C 224 -0.75 44.24 -14.46
N LYS C 225 -1.29 44.39 -13.25
CA LYS C 225 -1.16 43.33 -12.25
C LYS C 225 -1.94 42.09 -12.67
N GLY C 226 -3.18 42.30 -13.06
CA GLY C 226 -4.01 41.22 -13.54
C GLY C 226 -3.33 40.51 -14.68
N TYR C 227 -2.69 41.28 -15.55
CA TYR C 227 -2.01 40.71 -16.69
C TYR C 227 -0.77 39.89 -16.27
N GLY C 228 -0.04 40.37 -15.27
CA GLY C 228 1.12 39.68 -14.75
C GLY C 228 0.73 38.35 -14.14
N LEU C 229 -0.39 38.34 -13.44
CA LEU C 229 -0.95 37.10 -12.90
C LEU C 229 -1.30 36.09 -14.01
N ALA C 230 -1.96 36.58 -15.06
CA ALA C 230 -2.33 35.75 -16.21
C ALA C 230 -1.09 35.20 -16.90
N LEU C 231 -0.05 36.01 -16.99
CA LEU C 231 1.19 35.58 -17.61
C LEU C 231 1.82 34.46 -16.80
N ALA C 232 1.87 34.64 -15.48
CA ALA C 232 2.50 33.66 -14.61
C ALA C 232 1.79 32.31 -14.76
N ILE C 233 0.46 32.37 -14.73
CA ILE C 233 -0.38 31.21 -14.89
C ILE C 233 -0.18 30.56 -16.25
N GLU C 234 -0.04 31.38 -17.28
CA GLU C 234 0.13 30.87 -18.62
C GLU C 234 1.30 29.90 -18.61
N MSE C 235 2.34 30.26 -17.89
CA MSE C 235 3.56 29.47 -17.82
C MSE C 235 3.60 28.39 -16.73
O MSE C 235 3.98 27.26 -17.00
CB MSE C 235 4.75 30.40 -17.64
CG MSE C 235 6.08 29.68 -17.67
SE MSE C 235 6.50 28.95 -19.44
CE MSE C 235 7.18 27.20 -18.89
N LEU C 236 3.25 28.72 -15.49
CA LEU C 236 3.22 27.74 -14.40
C LEU C 236 2.33 26.57 -14.74
N SER C 237 1.22 26.85 -15.42
CA SER C 237 0.31 25.81 -15.88
C SER C 237 1.00 24.75 -16.72
N ALA C 238 2.08 25.10 -17.40
CA ALA C 238 2.57 24.19 -18.41
C ALA C 238 3.86 23.50 -18.04
N ILE C 239 4.23 23.55 -16.76
CA ILE C 239 5.54 23.05 -16.37
C ILE C 239 5.65 21.54 -16.52
N GLY C 240 4.51 20.89 -16.75
CA GLY C 240 4.48 19.46 -16.96
C GLY C 240 4.76 19.09 -18.40
N GLY C 241 5.06 20.08 -19.22
CA GLY C 241 5.47 19.87 -20.59
C GLY C 241 4.41 20.14 -21.63
N ALA C 242 3.43 20.97 -21.27
CA ALA C 242 2.38 21.34 -22.22
C ALA C 242 2.82 22.55 -23.04
N GLU C 243 1.94 23.01 -23.93
CA GLU C 243 2.22 24.19 -24.73
C GLU C 243 1.82 25.49 -24.02
N VAL C 244 2.36 26.60 -24.50
CA VAL C 244 2.03 27.93 -24.02
C VAL C 244 1.81 28.86 -25.20
N GLY C 245 1.01 29.90 -24.96
CA GLY C 245 0.80 30.93 -25.95
C GLY C 245 -0.04 30.48 -27.12
N THR C 246 0.41 30.79 -28.32
CA THR C 246 -0.36 30.49 -29.52
C THR C 246 -0.29 29.02 -29.92
N LYS C 247 0.65 28.28 -29.32
CA LYS C 247 0.72 26.83 -29.56
C LYS C 247 -0.29 26.04 -28.73
N VAL C 248 -0.94 26.71 -27.78
CA VAL C 248 -2.02 26.09 -27.01
C VAL C 248 -3.27 25.98 -27.86
N LYS C 249 -3.73 24.76 -28.08
CA LYS C 249 -4.94 24.55 -28.87
C LYS C 249 -5.94 23.64 -28.19
N GLY C 250 -7.04 23.43 -28.90
CA GLY C 250 -8.02 22.40 -28.60
C GLY C 250 -8.77 22.44 -27.29
N THR C 251 -8.80 23.60 -26.63
CA THR C 251 -9.51 23.66 -25.37
C THR C 251 -10.95 24.08 -25.55
N ALA C 252 -11.22 24.78 -26.64
CA ALA C 252 -12.58 25.16 -26.99
C ALA C 252 -12.89 24.90 -28.48
N ASN C 253 -12.15 23.99 -29.09
CA ASN C 253 -12.38 23.60 -30.48
C ASN C 253 -12.20 22.10 -30.70
N PRO C 254 -13.32 21.37 -30.77
CA PRO C 254 -13.36 19.91 -30.94
C PRO C 254 -12.34 19.38 -31.94
N GLU C 255 -12.13 20.10 -33.04
CA GLU C 255 -11.32 19.60 -34.15
C GLU C 255 -9.81 19.60 -33.88
N GLU C 256 -9.41 20.33 -32.85
CA GLU C 256 -8.00 20.39 -32.50
C GLU C 256 -7.65 19.36 -31.43
N ARG C 257 -6.47 18.75 -31.54
CA ARG C 257 -5.90 18.00 -30.43
C ARG C 257 -5.43 19.00 -29.35
N CYS C 258 -5.93 18.81 -28.14
CA CYS C 258 -5.71 19.77 -27.06
C CYS C 258 -4.31 19.67 -26.45
N THR C 259 -3.70 20.84 -26.23
CA THR C 259 -2.31 20.93 -25.78
C THR C 259 -2.12 21.76 -24.49
N LYS C 260 -3.23 22.13 -23.83
CA LYS C 260 -3.14 22.93 -22.61
C LYS C 260 -2.48 22.14 -21.49
N GLY C 261 -1.95 22.86 -20.50
CA GLY C 261 -1.38 22.25 -19.32
C GLY C 261 -2.16 22.67 -18.09
N ASP C 262 -2.08 21.86 -17.04
CA ASP C 262 -2.62 22.27 -15.75
C ASP C 262 -1.68 21.91 -14.60
N LEU C 263 -1.76 22.69 -13.52
CA LEU C 263 -0.97 22.47 -12.33
C LEU C 263 -1.94 22.29 -11.16
N PHE C 264 -1.74 21.25 -10.36
CA PHE C 264 -2.58 21.03 -9.19
C PHE C 264 -1.75 21.06 -7.94
N ILE C 265 -2.19 21.85 -6.98
CA ILE C 265 -1.45 21.95 -5.74
C ILE C 265 -2.32 21.71 -4.53
N ALA C 266 -1.81 20.83 -3.66
CA ALA C 266 -2.39 20.61 -2.35
C ALA C 266 -1.35 20.96 -1.28
N ILE C 267 -1.79 21.70 -0.28
CA ILE C 267 -0.94 22.03 0.85
C ILE C 267 -1.69 21.63 2.12
N ASN C 268 -1.05 20.82 2.95
CA ASN C 268 -1.66 20.26 4.14
C ASN C 268 -1.27 21.00 5.42
N PRO C 269 -2.22 21.68 6.06
CA PRO C 269 -1.92 22.38 7.31
C PRO C 269 -1.43 21.49 8.48
N GLU C 270 -1.73 20.18 8.49
CA GLU C 270 -1.20 19.28 9.53
C GLU C 270 0.29 19.55 9.70
N PHE C 271 0.96 19.87 8.60
CA PHE C 271 2.42 20.07 8.58
C PHE C 271 2.83 21.51 8.92
N PHE C 272 1.85 22.35 9.14
CA PHE C 272 2.12 23.73 9.52
C PHE C 272 1.54 23.96 10.90
N MSE C 273 0.66 24.92 11.06
CA MSE C 273 0.16 25.22 12.39
C MSE C 273 -0.74 24.12 12.95
O MSE C 273 -1.06 24.15 14.14
CB MSE C 273 -0.60 26.53 12.39
CG MSE C 273 -1.79 26.52 11.42
SE MSE C 273 -2.51 28.32 11.21
CE MSE C 273 -2.97 28.71 13.07
N GLY C 274 -1.17 23.18 12.10
CA GLY C 274 -2.03 22.09 12.53
C GLY C 274 -3.43 22.20 11.97
N LYS C 275 -4.10 21.06 11.80
CA LYS C 275 -5.45 21.01 11.22
C LYS C 275 -6.46 21.86 12.02
N GLU C 276 -6.74 21.46 13.24
CA GLU C 276 -7.69 22.23 14.06
C GLU C 276 -7.34 23.74 14.13
N GLU C 277 -6.05 24.04 14.26
CA GLU C 277 -5.62 25.41 14.41
C GLU C 277 -5.98 26.22 13.16
N PHE C 278 -5.54 25.73 12.01
CA PHE C 278 -5.84 26.37 10.76
C PHE C 278 -7.36 26.55 10.57
N LYS C 279 -8.14 25.52 10.92
CA LYS C 279 -9.59 25.60 10.80
C LYS C 279 -10.18 26.70 11.68
N ARG C 280 -9.62 26.87 12.86
CA ARG C 280 -10.11 27.91 13.75
C ARG C 280 -9.71 29.29 13.21
N LYS C 281 -8.54 29.38 12.62
CA LYS C 281 -8.04 30.66 12.11
C LYS C 281 -8.81 31.11 10.84
N VAL C 282 -9.08 30.19 9.93
CA VAL C 282 -9.94 30.49 8.77
C VAL C 282 -11.27 31.05 9.26
N ASP C 283 -11.88 30.35 10.22
CA ASP C 283 -13.19 30.75 10.76
C ASP C 283 -13.10 32.14 11.38
N GLU C 284 -11.94 32.45 11.98
CA GLU C 284 -11.79 33.72 12.69
C GLU C 284 -11.77 34.84 11.66
N LEU C 285 -10.86 34.73 10.70
CA LEU C 285 -10.75 35.66 9.59
C LEU C 285 -12.05 35.87 8.84
N LEU C 286 -12.67 34.77 8.40
CA LEU C 286 -13.84 34.84 7.56
C LEU C 286 -15.05 35.39 8.30
N ASP C 287 -15.19 35.01 9.55
CA ASP C 287 -16.25 35.52 10.39
C ASP C 287 -16.16 37.05 10.42
N GLU C 288 -14.91 37.52 10.56
CA GLU C 288 -14.63 38.94 10.69
C GLU C 288 -15.00 39.69 9.42
N ILE C 289 -14.66 39.11 8.27
CA ILE C 289 -15.01 39.69 6.99
C ILE C 289 -16.52 39.79 6.80
N LYS C 290 -17.20 38.67 7.04
CA LYS C 290 -18.66 38.57 6.93
C LYS C 290 -19.40 39.58 7.78
N ASN C 291 -18.83 39.92 8.93
CA ASN C 291 -19.52 40.79 9.87
C ASN C 291 -18.98 42.20 9.87
N SER C 292 -18.05 42.50 8.96
CA SER C 292 -17.56 43.89 8.87
C SER C 292 -18.64 44.75 8.22
N GLU C 293 -18.58 46.06 8.45
CA GLU C 293 -19.59 46.96 7.91
C GLU C 293 -19.59 47.00 6.38
N PRO C 294 -20.78 46.95 5.78
CA PRO C 294 -21.01 47.01 4.34
C PRO C 294 -21.14 48.44 3.87
N ALA C 295 -20.81 48.68 2.60
CA ALA C 295 -20.96 50.00 2.05
C ALA C 295 -22.33 50.13 1.38
N GLU C 296 -22.65 51.35 0.97
CA GLU C 296 -23.80 51.65 0.10
C GLU C 296 -24.84 50.55 0.02
N GLY C 297 -24.73 49.74 -1.03
CA GLY C 297 -25.70 48.70 -1.30
C GLY C 297 -25.10 47.38 -1.77
N PHE C 298 -24.06 46.93 -1.09
CA PHE C 298 -23.55 45.58 -1.29
C PHE C 298 -23.78 44.81 0.00
N GLU C 299 -23.70 43.49 -0.12
CA GLU C 299 -23.52 42.64 1.06
C GLU C 299 -22.13 42.09 0.89
N ILE C 300 -21.38 42.00 1.99
CA ILE C 300 -20.03 41.43 1.89
C ILE C 300 -20.12 39.92 1.66
N LEU C 301 -19.38 39.42 0.68
CA LEU C 301 -19.41 38.00 0.37
C LEU C 301 -18.03 37.35 0.44
N ILE C 302 -17.99 36.08 0.86
CA ILE C 302 -16.77 35.30 0.70
C ILE C 302 -16.77 34.69 -0.69
N PRO C 303 -15.63 34.71 -1.40
CA PRO C 303 -15.56 33.97 -2.65
C PRO C 303 -16.15 32.57 -2.47
N GLY C 304 -16.98 32.11 -3.40
CA GLY C 304 -17.62 30.82 -3.30
C GLY C 304 -19.07 30.87 -2.81
N GLU C 305 -19.39 31.92 -2.07
CA GLU C 305 -20.73 32.07 -1.50
C GLU C 305 -21.84 32.20 -2.54
N ILE C 306 -21.58 32.89 -3.66
CA ILE C 306 -22.57 32.98 -4.74
C ILE C 306 -22.84 31.59 -5.33
N GLU C 307 -21.76 30.90 -5.70
CA GLU C 307 -21.90 29.54 -6.19
C GLU C 307 -22.71 28.67 -5.22
N GLU C 308 -22.52 28.90 -3.92
CA GLU C 308 -23.23 28.11 -2.91
C GLU C 308 -24.73 28.40 -2.90
N ARG C 309 -25.11 29.65 -3.15
CA ARG C 309 -26.54 29.99 -3.16
C ARG C 309 -27.20 29.42 -4.42
N ASN C 310 -26.48 29.46 -5.52
CA ASN C 310 -26.94 28.85 -6.74
C ASN C 310 -27.19 27.35 -6.57
N LYS C 311 -26.23 26.65 -5.99
CA LYS C 311 -26.34 25.21 -5.77
C LYS C 311 -27.64 24.85 -5.04
N MSE C 312 -28.00 25.65 -4.05
CA MSE C 312 -29.24 25.46 -3.30
C MSE C 312 -30.46 25.85 -4.12
O MSE C 312 -31.51 25.23 -3.99
CB MSE C 312 -29.22 26.29 -2.02
CG MSE C 312 -28.00 26.08 -1.17
SE MSE C 312 -28.22 24.57 -0.01
CE MSE C 312 -30.18 24.59 0.16
N LYS C 313 -30.33 26.90 -4.93
CA LYS C 313 -31.44 27.41 -5.73
C LYS C 313 -31.82 26.40 -6.83
N ARG C 314 -30.80 25.76 -7.40
CA ARG C 314 -30.95 24.91 -8.60
C ARG C 314 -30.91 23.42 -8.28
N LYS C 315 -30.98 23.06 -7.00
CA LYS C 315 -31.00 21.67 -6.61
C LYS C 315 -32.09 20.89 -7.36
N ASP C 316 -33.25 21.52 -7.54
CA ASP C 316 -34.40 20.87 -8.16
C ASP C 316 -34.32 20.89 -9.69
N GLY C 317 -33.17 21.24 -10.23
CA GLY C 317 -33.02 21.30 -11.66
C GLY C 317 -33.03 22.73 -12.17
N PHE C 318 -32.43 22.93 -13.34
CA PHE C 318 -32.22 24.27 -13.87
C PHE C 318 -32.78 24.35 -15.30
N GLU C 319 -32.79 25.56 -15.86
CA GLU C 319 -33.28 25.75 -17.23
C GLU C 319 -32.19 25.57 -18.30
N ILE C 320 -32.59 25.00 -19.44
CA ILE C 320 -31.77 24.99 -20.65
C ILE C 320 -32.66 25.36 -21.82
N ASP C 321 -32.10 26.02 -22.82
CA ASP C 321 -32.88 26.45 -23.99
C ASP C 321 -33.25 25.29 -24.91
N LYS C 322 -34.06 25.58 -25.91
CA LYS C 322 -34.59 24.55 -26.81
C LYS C 322 -33.51 23.86 -27.66
N ASN C 323 -32.60 24.64 -28.24
CA ASN C 323 -31.64 24.05 -29.17
C ASN C 323 -30.66 23.09 -28.49
N LEU C 324 -30.10 23.51 -27.36
CA LEU C 324 -29.27 22.62 -26.56
C LEU C 324 -30.03 21.35 -26.24
N TYR C 325 -31.31 21.50 -25.88
CA TYR C 325 -32.17 20.34 -25.72
C TYR C 325 -32.12 19.43 -26.95
N ASN C 326 -32.22 20.02 -28.14
CA ASN C 326 -32.24 19.22 -29.36
C ASN C 326 -30.89 18.60 -29.67
N GLN C 327 -29.83 19.38 -29.54
CA GLN C 327 -28.48 18.83 -29.63
C GLN C 327 -28.40 17.55 -28.80
N LEU C 328 -28.89 17.63 -27.57
CA LEU C 328 -28.91 16.48 -26.68
C LEU C 328 -29.75 15.34 -27.24
N LYS C 329 -30.91 15.69 -27.79
CA LYS C 329 -31.82 14.68 -28.31
C LYS C 329 -31.21 13.93 -29.49
N GLU C 330 -30.51 14.64 -30.36
CA GLU C 330 -29.91 14.01 -31.53
C GLU C 330 -28.66 13.20 -31.18
N ILE C 331 -27.97 13.61 -30.12
CA ILE C 331 -26.88 12.80 -29.57
C ILE C 331 -27.44 11.46 -29.09
N CYS C 332 -28.56 11.53 -28.38
CA CYS C 332 -29.22 10.31 -27.88
C CYS C 332 -29.58 9.33 -28.99
N ASN C 333 -30.01 9.86 -30.13
CA ASN C 333 -30.41 9.01 -31.24
C ASN C 333 -29.25 8.26 -31.89
N GLU C 334 -28.10 8.91 -32.06
CA GLU C 334 -26.94 8.26 -32.64
C GLU C 334 -26.45 7.01 -31.88
N LEU C 335 -27.00 6.76 -30.70
CA LEU C 335 -26.41 5.77 -29.79
C LEU C 335 -27.40 4.79 -29.18
N GLY C 336 -28.69 4.95 -29.49
CA GLY C 336 -29.72 4.05 -29.00
C GLY C 336 -30.38 4.47 -27.70
N LEU C 337 -30.27 5.75 -27.37
CA LEU C 337 -30.82 6.28 -26.13
C LEU C 337 -32.01 7.15 -26.45
N ASN C 338 -32.89 7.34 -25.48
CA ASN C 338 -34.04 8.20 -25.65
C ASN C 338 -34.00 9.38 -24.69
N ILE C 339 -34.12 10.59 -25.23
CA ILE C 339 -34.05 11.79 -24.42
C ILE C 339 -35.15 11.84 -23.38
N GLU C 340 -36.09 10.90 -23.48
CA GLU C 340 -37.28 10.91 -22.63
C GLU C 340 -37.00 10.44 -21.20
N ASP C 341 -35.88 9.75 -21.01
CA ASP C 341 -35.50 9.25 -19.69
C ASP C 341 -34.81 10.34 -18.86
N TYR C 342 -34.36 11.39 -19.53
CA TYR C 342 -33.56 12.42 -18.90
C TYR C 342 -34.27 13.76 -18.79
N ILE C 343 -34.92 14.18 -19.86
CA ILE C 343 -35.73 15.39 -19.83
C ILE C 343 -37.17 15.04 -20.17
N GLU C 344 -37.99 14.84 -19.14
CA GLU C 344 -39.39 14.44 -19.35
C GLU C 344 -40.37 15.36 -18.61
N MSE D 1 20.86 65.13 -2.91
CA MSE D 1 21.82 64.29 -2.20
C MSE D 1 21.88 62.92 -2.87
O MSE D 1 20.95 62.13 -2.74
CB MSE D 1 21.36 64.13 -0.75
CG MSE D 1 22.45 64.25 0.31
SE MSE D 1 22.54 66.06 1.02
CE MSE D 1 23.19 67.00 -0.56
N ILE D 2 22.95 62.62 -3.59
CA ILE D 2 23.04 61.29 -4.19
C ILE D 2 23.51 60.26 -3.16
N LEU D 3 22.90 59.07 -3.20
CA LEU D 3 23.34 57.96 -2.37
C LEU D 3 23.75 56.80 -3.25
N LYS D 4 24.94 56.28 -3.01
CA LYS D 4 25.44 55.18 -3.81
C LYS D 4 25.14 53.82 -3.13
N PRO D 5 24.76 52.81 -3.93
CA PRO D 5 24.41 51.48 -3.41
C PRO D 5 25.46 50.94 -2.46
N GLU D 6 26.70 50.88 -2.93
CA GLU D 6 27.78 50.35 -2.13
C GLU D 6 27.81 51.01 -0.76
N ASN D 7 27.71 52.34 -0.74
CA ASN D 7 27.76 53.12 0.50
C ASN D 7 26.47 52.97 1.30
N GLU D 8 25.38 52.62 0.62
CA GLU D 8 24.13 52.32 1.31
C GLU D 8 24.24 50.98 2.03
N LYS D 9 24.89 50.02 1.37
CA LYS D 9 25.22 48.74 1.99
CA LYS D 9 25.22 48.74 2.01
C LYS D 9 26.03 49.00 3.27
N LYS D 10 27.08 49.81 3.15
CA LYS D 10 27.98 50.06 4.26
CA LYS D 10 27.99 50.08 4.25
C LYS D 10 27.29 50.78 5.42
N LEU D 11 26.49 51.79 5.11
CA LEU D 11 25.76 52.54 6.14
C LEU D 11 24.90 51.64 7.03
N ILE D 12 24.03 50.87 6.40
CA ILE D 12 23.10 50.00 7.11
C ILE D 12 23.80 48.88 7.91
N ILE D 13 24.93 48.41 7.39
CA ILE D 13 25.72 47.41 8.07
C ILE D 13 26.34 47.98 9.33
N ASP D 14 27.08 49.08 9.18
CA ASP D 14 27.73 49.71 10.31
C ASP D 14 26.72 50.15 11.36
N VAL D 15 25.55 50.62 10.91
CA VAL D 15 24.57 51.10 11.87
C VAL D 15 23.93 49.92 12.63
N LEU D 16 23.46 48.91 11.91
CA LEU D 16 22.86 47.74 12.53
C LEU D 16 23.82 47.03 13.47
N LYS D 17 25.09 46.94 13.08
CA LYS D 17 26.06 46.20 13.88
C LYS D 17 26.19 46.81 15.26
N LYS D 18 26.06 48.14 15.32
CA LYS D 18 26.13 48.88 16.57
C LYS D 18 24.92 48.59 17.44
N PHE D 19 23.86 48.05 16.85
CA PHE D 19 22.71 47.63 17.64
C PHE D 19 22.77 46.16 18.00
N GLY D 20 23.89 45.53 17.65
CA GLY D 20 24.13 44.16 18.07
C GLY D 20 23.72 43.15 17.03
N VAL D 21 23.28 43.62 15.87
CA VAL D 21 23.02 42.73 14.76
C VAL D 21 24.33 42.11 14.32
N PRO D 22 24.42 40.77 14.32
CA PRO D 22 25.63 40.12 13.82
C PRO D 22 25.92 40.63 12.42
N GLU D 23 27.20 40.71 12.06
CA GLU D 23 27.62 41.30 10.80
C GLU D 23 26.98 40.58 9.61
N GLU D 24 26.90 39.26 9.71
CA GLU D 24 26.29 38.50 8.62
C GLU D 24 24.80 38.82 8.45
N ASP D 25 24.07 38.95 9.55
CA ASP D 25 22.66 39.30 9.47
C ASP D 25 22.52 40.68 8.85
N ALA D 26 23.47 41.55 9.17
CA ALA D 26 23.44 42.94 8.71
C ALA D 26 23.64 43.00 7.20
N LYS D 27 24.62 42.25 6.72
CA LYS D 27 24.90 42.18 5.30
C LYS D 27 23.64 41.78 4.54
N ILE D 28 22.90 40.80 5.09
CA ILE D 28 21.70 40.37 4.43
C ILE D 28 20.66 41.48 4.40
N THR D 29 20.46 42.14 5.53
CA THR D 29 19.43 43.15 5.63
C THR D 29 19.67 44.28 4.64
N ALA D 30 20.95 44.64 4.49
CA ALA D 30 21.35 45.74 3.63
C ALA D 30 21.01 45.44 2.17
N ASP D 31 21.31 44.21 1.75
CA ASP D 31 21.02 43.75 0.39
C ASP D 31 19.57 43.99 0.01
N VAL D 32 18.66 43.73 0.93
CA VAL D 32 17.26 43.84 0.60
C VAL D 32 16.88 45.32 0.53
N PHE D 33 17.59 46.15 1.30
CA PHE D 33 17.37 47.60 1.25
C PHE D 33 17.82 48.20 -0.07
N VAL D 34 19.09 48.03 -0.39
CA VAL D 34 19.65 48.44 -1.67
C VAL D 34 18.81 47.98 -2.87
N ASP D 35 18.47 46.70 -2.91
CA ASP D 35 17.66 46.14 -3.99
C ASP D 35 16.37 46.93 -4.18
N ALA D 36 15.68 47.27 -3.09
CA ALA D 36 14.52 48.15 -3.17
C ALA D 36 14.81 49.50 -3.85
N ASP D 37 15.82 50.22 -3.37
CA ASP D 37 16.10 51.54 -3.91
C ASP D 37 16.52 51.49 -5.38
N LEU D 38 17.39 50.56 -5.73
CA LEU D 38 17.80 50.36 -7.11
C LEU D 38 16.61 50.10 -8.06
N LYS D 39 15.61 49.36 -7.57
CA LYS D 39 14.41 49.05 -8.35
C LYS D 39 13.36 50.15 -8.36
N GLY D 40 13.47 51.11 -7.45
CA GLY D 40 12.52 52.20 -7.40
C GLY D 40 11.41 51.97 -6.40
N PHE D 41 11.51 50.87 -5.66
CA PHE D 41 10.54 50.60 -4.61
C PHE D 41 10.94 51.39 -3.39
N THR D 42 10.69 52.69 -3.46
CA THR D 42 11.32 53.66 -2.59
C THR D 42 10.87 53.60 -1.14
N SER D 43 9.64 53.19 -0.92
CA SER D 43 9.10 53.16 0.44
C SER D 43 9.51 51.91 1.21
N HIS D 44 10.27 51.03 0.57
CA HIS D 44 10.81 49.87 1.23
C HIS D 44 12.33 49.88 1.25
N GLY D 45 12.92 51.00 0.86
CA GLY D 45 14.37 51.12 0.88
C GLY D 45 14.88 51.97 2.04
N ILE D 46 16.06 52.54 1.86
CA ILE D 46 16.74 53.36 2.88
C ILE D 46 15.81 54.36 3.61
N GLY D 47 14.89 55.00 2.88
CA GLY D 47 13.95 55.91 3.50
C GLY D 47 13.18 55.29 4.65
N ARG D 48 13.22 53.97 4.72
CA ARG D 48 12.48 53.23 5.71
C ARG D 48 13.42 52.82 6.86
N PHE D 49 14.73 52.92 6.62
CA PHE D 49 15.72 52.58 7.65
C PHE D 49 15.48 53.30 8.99
N PRO D 50 15.23 54.62 8.96
CA PRO D 50 14.98 55.30 10.24
C PRO D 50 13.91 54.60 11.06
N GLN D 51 12.87 54.10 10.42
CA GLN D 51 11.80 53.43 11.14
C GLN D 51 12.28 52.10 11.75
N TYR D 52 13.36 51.55 11.17
CA TYR D 52 13.96 50.32 11.66
C TYR D 52 14.74 50.62 12.92
N ILE D 53 15.41 51.78 12.92
CA ILE D 53 16.16 52.19 14.09
C ILE D 53 15.20 52.36 15.26
N THR D 54 14.11 53.10 15.02
CA THR D 54 13.09 53.26 16.06
C THR D 54 12.63 51.94 16.66
N ALA D 55 12.32 50.97 15.81
CA ALA D 55 11.81 49.69 16.27
C ALA D 55 12.87 48.97 17.10
N LEU D 56 14.13 49.22 16.79
CA LEU D 56 15.23 48.60 17.53
C LEU D 56 15.33 49.17 18.94
N LYS D 57 15.29 50.49 19.06
CA LYS D 57 15.35 51.16 20.35
C LYS D 57 14.15 50.84 21.23
N LEU D 58 13.04 50.47 20.62
CA LEU D 58 11.85 50.16 21.41
C LEU D 58 11.67 48.69 21.71
N GLY D 59 12.50 47.82 21.11
CA GLY D 59 12.44 46.38 21.37
C GLY D 59 11.57 45.55 20.42
N ASN D 60 11.00 46.19 19.40
CA ASN D 60 10.11 45.48 18.49
C ASN D 60 10.82 44.80 17.33
N ILE D 61 12.13 44.99 17.28
CA ILE D 61 13.00 44.13 16.48
C ILE D 61 14.04 43.53 17.41
N ASN D 62 14.19 42.22 17.34
CA ASN D 62 15.21 41.53 18.12
C ASN D 62 16.48 41.46 17.29
N PRO D 63 17.55 42.14 17.74
CA PRO D 63 18.76 42.14 16.91
C PRO D 63 19.52 40.81 16.97
N LYS D 64 19.26 40.00 18.00
CA LYS D 64 19.98 38.73 18.17
C LYS D 64 19.07 37.50 18.24
N PRO D 65 18.21 37.35 17.24
CA PRO D 65 17.10 36.39 17.32
C PRO D 65 17.58 34.95 17.45
N ASP D 66 16.84 34.15 18.23
CA ASP D 66 16.99 32.70 18.28
C ASP D 66 16.03 32.08 17.27
N ILE D 67 16.43 32.06 16.00
CA ILE D 67 15.54 31.65 14.91
C ILE D 67 15.45 30.14 14.79
N LYS D 68 14.24 29.61 14.92
CA LYS D 68 14.03 28.17 15.06
C LYS D 68 13.15 27.56 13.97
N ILE D 69 13.63 26.47 13.40
CA ILE D 69 12.79 25.61 12.60
C ILE D 69 11.96 24.79 13.57
N VAL D 70 10.70 25.17 13.74
CA VAL D 70 9.80 24.53 14.67
C VAL D 70 9.06 23.30 14.11
N LYS D 71 9.02 23.16 12.79
CA LYS D 71 8.47 21.95 12.16
C LYS D 71 9.18 21.76 10.84
N GLU D 72 9.53 20.52 10.51
CA GLU D 72 10.19 20.23 9.25
C GLU D 72 9.74 18.89 8.66
N SER D 73 9.74 18.81 7.34
CA SER D 73 9.57 17.55 6.61
C SER D 73 10.37 17.73 5.32
N PRO D 74 10.42 16.70 4.47
CA PRO D 74 11.22 16.81 3.24
C PRO D 74 10.82 18.01 2.36
N ALA D 75 9.57 18.44 2.40
CA ALA D 75 9.10 19.47 1.49
C ALA D 75 8.66 20.75 2.18
N THR D 76 8.49 20.68 3.49
CA THR D 76 7.91 21.80 4.20
C THR D 76 8.70 22.12 5.46
N ALA D 77 8.50 23.34 5.95
CA ALA D 77 9.05 23.74 7.23
C ALA D 77 8.31 24.96 7.76
N VAL D 78 8.35 25.13 9.07
CA VAL D 78 7.86 26.34 9.70
C VAL D 78 8.96 26.96 10.52
N ILE D 79 9.23 28.23 10.28
CA ILE D 79 10.24 28.96 11.04
C ILE D 79 9.63 30.02 11.94
N ASP D 80 10.06 30.02 13.20
CA ASP D 80 9.71 31.08 14.14
C ASP D 80 10.91 32.03 14.22
N GLY D 81 10.66 33.30 13.91
CA GLY D 81 11.72 34.28 13.74
C GLY D 81 12.19 34.94 15.02
N ASP D 82 11.49 34.71 16.12
CA ASP D 82 11.87 35.27 17.41
C ASP D 82 11.97 36.81 17.33
N LEU D 83 11.10 37.41 16.53
CA LEU D 83 11.07 38.87 16.30
C LEU D 83 12.29 39.41 15.55
N GLY D 84 13.12 38.52 15.02
CA GLY D 84 14.26 38.95 14.23
C GLY D 84 13.91 39.84 13.04
N LEU D 85 14.96 40.34 12.40
CA LEU D 85 14.80 41.10 11.18
C LEU D 85 14.18 40.24 10.11
N GLY D 86 13.12 40.73 9.48
CA GLY D 86 12.44 40.00 8.42
C GLY D 86 13.38 39.56 7.30
N GLN D 87 14.34 40.42 6.97
CA GLN D 87 15.30 40.11 5.91
C GLN D 87 16.11 38.86 6.25
N VAL D 88 16.36 38.67 7.54
CA VAL D 88 17.24 37.60 7.98
C VAL D 88 16.48 36.30 8.07
N VAL D 89 15.23 36.38 8.53
CA VAL D 89 14.35 35.22 8.61
C VAL D 89 13.88 34.79 7.23
N GLY D 90 13.46 35.75 6.42
CA GLY D 90 13.04 35.53 5.05
C GLY D 90 14.09 34.86 4.19
N LYS D 91 15.33 35.34 4.28
CA LYS D 91 16.39 34.76 3.48
C LYS D 91 16.63 33.33 3.90
N LYS D 92 16.44 33.04 5.18
CA LYS D 92 16.67 31.69 5.72
C LYS D 92 15.54 30.75 5.28
N ALA D 93 14.32 31.27 5.29
CA ALA D 93 13.14 30.53 4.90
C ALA D 93 13.18 30.16 3.42
N MSE D 94 13.48 31.16 2.59
CA MSE D 94 13.45 30.98 1.14
C MSE D 94 14.56 30.06 0.71
O MSE D 94 14.35 29.17 -0.11
CB MSE D 94 13.56 32.33 0.37
CG MSE D 94 13.47 32.17 -1.17
SE MSE D 94 12.05 30.88 -1.87
CE MSE D 94 10.71 32.21 -2.44
N GLU D 95 15.74 30.23 1.27
CA GLU D 95 16.80 29.29 0.96
C GLU D 95 16.45 27.87 1.40
N LEU D 96 15.62 27.75 2.43
CA LEU D 96 15.30 26.42 2.95
C LEU D 96 14.30 25.82 1.99
N ALA D 97 13.38 26.67 1.54
CA ALA D 97 12.37 26.23 0.58
C ALA D 97 13.08 25.78 -0.68
N ILE D 98 14.08 26.56 -1.10
CA ILE D 98 14.84 26.22 -2.29
C ILE D 98 15.63 24.95 -2.06
N LYS D 99 16.15 24.77 -0.84
CA LYS D 99 16.91 23.57 -0.52
C LYS D 99 16.07 22.31 -0.65
N LYS D 100 14.86 22.35 -0.09
CA LYS D 100 13.99 21.17 -0.12
C LYS D 100 13.52 20.91 -1.55
N ALA D 101 13.27 21.97 -2.31
CA ALA D 101 12.86 21.85 -3.71
C ALA D 101 13.93 21.23 -4.62
N LYS D 102 15.20 21.46 -4.29
CA LYS D 102 16.29 20.78 -4.96
C LYS D 102 16.09 19.30 -4.76
N ASN D 103 15.68 18.92 -3.55
CA ASN D 103 15.66 17.52 -3.13
C ASN D 103 14.47 16.69 -3.59
N VAL D 104 13.28 17.29 -3.58
CA VAL D 104 12.06 16.54 -3.83
C VAL D 104 11.08 17.28 -4.72
N GLY D 105 11.51 18.39 -5.30
CA GLY D 105 10.73 19.07 -6.31
C GLY D 105 10.07 20.35 -5.87
N VAL D 106 9.73 20.46 -4.59
CA VAL D 106 9.10 21.67 -4.11
C VAL D 106 9.31 21.84 -2.62
N GLY D 107 9.58 23.07 -2.21
CA GLY D 107 9.68 23.40 -0.80
C GLY D 107 8.72 24.52 -0.50
N VAL D 108 8.00 24.37 0.61
CA VAL D 108 7.15 25.43 1.11
C VAL D 108 7.48 25.72 2.57
N VAL D 109 7.99 26.91 2.86
CA VAL D 109 8.34 27.29 4.23
C VAL D 109 7.55 28.48 4.75
N ALA D 110 6.85 28.30 5.88
CA ALA D 110 6.06 29.38 6.47
C ALA D 110 6.83 30.02 7.62
N THR D 111 6.61 31.31 7.83
CA THR D 111 7.28 32.00 8.91
C THR D 111 6.28 32.70 9.80
N ARG D 112 6.63 32.82 11.07
CA ARG D 112 5.81 33.56 12.02
C ARG D 112 6.74 34.33 12.96
N ASN D 113 6.27 35.47 13.46
CA ASN D 113 7.00 36.14 14.51
C ASN D 113 8.32 36.71 14.04
N ALA D 114 8.31 37.29 12.86
CA ALA D 114 9.45 38.02 12.33
C ALA D 114 8.94 39.42 12.01
N ASN D 115 9.75 40.19 11.30
CA ASN D 115 9.34 41.54 10.98
C ASN D 115 9.15 41.76 9.48
N HIS D 116 8.72 42.97 9.14
CA HIS D 116 8.66 43.44 7.77
C HIS D 116 9.92 42.99 7.03
N PHE D 117 9.77 42.35 5.87
CA PHE D 117 10.94 41.86 5.17
C PHE D 117 11.33 42.69 3.95
N GLY D 118 10.63 43.81 3.76
CA GLY D 118 10.88 44.68 2.62
C GLY D 118 10.13 44.28 1.36
N ILE D 119 10.83 44.28 0.24
CA ILE D 119 10.19 43.92 -1.02
C ILE D 119 10.12 42.40 -1.20
N ALA D 120 8.95 41.91 -1.59
CA ALA D 120 8.74 40.49 -1.69
C ALA D 120 9.56 39.89 -2.84
N GLY D 121 9.83 40.70 -3.86
CA GLY D 121 10.48 40.26 -5.08
C GLY D 121 11.88 39.74 -4.88
N TYR D 122 12.58 40.28 -3.89
CA TYR D 122 13.91 39.83 -3.51
C TYR D 122 13.95 38.32 -3.19
N TYR D 123 13.03 37.86 -2.35
CA TYR D 123 13.01 36.44 -1.96
C TYR D 123 12.65 35.54 -3.16
N SER D 124 11.78 36.02 -4.03
CA SER D 124 11.42 35.22 -5.20
C SER D 124 12.57 35.11 -6.16
N GLU D 125 13.34 36.18 -6.31
CA GLU D 125 14.44 36.16 -7.25
C GLU D 125 15.57 35.26 -6.79
N LEU D 126 15.61 34.99 -5.49
CA LEU D 126 16.56 34.02 -4.97
C LEU D 126 16.31 32.69 -5.66
N ALA D 127 15.05 32.29 -5.70
CA ALA D 127 14.70 31.03 -6.32
C ALA D 127 14.96 31.11 -7.84
N MSE D 128 14.50 32.17 -8.46
CA MSE D 128 14.79 32.36 -9.87
C MSE D 128 16.27 32.21 -10.19
O MSE D 128 16.65 31.57 -11.18
CB MSE D 128 14.29 33.73 -10.33
CG MSE D 128 14.66 34.06 -11.75
SE MSE D 128 14.28 35.93 -12.14
CE MSE D 128 15.95 36.76 -11.53
N ASN D 129 17.14 32.76 -9.35
CA ASN D 129 18.55 32.70 -9.65
C ASN D 129 19.20 31.36 -9.29
N GLN D 130 18.40 30.42 -8.83
CA GLN D 130 18.78 29.01 -8.75
C GLN D 130 18.07 28.20 -9.84
N ASP D 131 17.60 28.87 -10.88
CA ASP D 131 16.92 28.20 -11.98
C ASP D 131 15.63 27.52 -11.53
N MSE D 132 14.98 28.14 -10.56
CA MSE D 132 13.72 27.63 -10.07
C MSE D 132 12.61 28.66 -10.17
O MSE D 132 12.81 29.77 -10.69
CB MSE D 132 13.89 27.18 -8.63
CG MSE D 132 14.77 25.96 -8.53
SE MSE D 132 14.83 25.28 -6.72
CE MSE D 132 16.38 24.10 -6.90
N ILE D 133 11.43 28.29 -9.70
CA ILE D 133 10.31 29.20 -9.68
C ILE D 133 10.14 29.64 -8.25
N GLY D 134 10.12 30.94 -8.04
CA GLY D 134 9.92 31.49 -6.71
C GLY D 134 8.58 32.16 -6.52
N ILE D 135 7.88 31.78 -5.46
CA ILE D 135 6.62 32.42 -5.13
C ILE D 135 6.68 32.84 -3.68
N THR D 136 6.31 34.10 -3.40
CA THR D 136 6.40 34.68 -2.05
C THR D 136 5.16 35.51 -1.67
N ILE D 137 4.65 35.31 -0.47
CA ILE D 137 3.50 36.09 -0.02
C ILE D 137 3.57 36.44 1.47
N THR D 138 2.89 37.52 1.84
CA THR D 138 2.82 37.91 3.22
C THR D 138 1.53 38.70 3.40
N ASN D 139 1.05 38.77 4.64
CA ASN D 139 0.03 39.74 4.98
C ASN D 139 0.61 40.96 5.75
N THR D 140 -0.22 41.97 5.98
CA THR D 140 0.22 43.14 6.73
C THR D 140 -0.92 43.68 7.58
N GLU D 141 -0.63 44.74 8.32
CA GLU D 141 -1.64 45.50 9.04
C GLU D 141 -2.80 45.85 8.13
N PRO D 142 -4.01 45.88 8.69
CA PRO D 142 -5.26 46.23 7.99
C PRO D 142 -5.15 47.56 7.23
N ALA D 143 -5.51 47.51 5.95
CA ALA D 143 -5.52 48.69 5.09
C ALA D 143 -6.72 48.72 4.12
N MSE D 144 -7.25 47.55 3.78
CA MSE D 144 -8.29 47.45 2.76
C MSE D 144 -9.56 46.88 3.33
O MSE D 144 -9.54 46.18 4.34
CB MSE D 144 -7.83 46.55 1.60
CG MSE D 144 -6.44 46.84 1.08
SE MSE D 144 -5.96 45.80 -0.51
CE MSE D 144 -6.18 44.02 0.20
N ALA D 145 -10.68 47.15 2.66
CA ALA D 145 -11.95 46.52 2.98
C ALA D 145 -12.22 45.38 2.01
N PRO D 146 -13.00 44.40 2.46
CA PRO D 146 -13.54 43.39 1.56
C PRO D 146 -14.36 44.09 0.48
N PHE D 147 -14.48 43.48 -0.69
CA PHE D 147 -15.29 44.08 -1.74
C PHE D 147 -16.65 44.36 -1.14
N GLY D 148 -17.21 45.52 -1.46
CA GLY D 148 -18.51 45.92 -0.94
C GLY D 148 -18.52 46.40 0.51
N GLY D 149 -17.36 46.46 1.15
CA GLY D 149 -17.31 46.91 2.53
C GLY D 149 -16.62 48.25 2.66
N LYS D 150 -16.38 48.70 3.89
CA LYS D 150 -15.73 49.99 4.12
C LYS D 150 -14.92 50.03 5.41
N GLU D 151 -14.65 48.87 6.00
CA GLU D 151 -13.82 48.77 7.19
C GLU D 151 -12.48 48.13 6.86
N LYS D 152 -11.40 48.60 7.47
CA LYS D 152 -10.09 48.01 7.22
C LYS D 152 -9.91 46.62 7.85
N ILE D 153 -9.81 45.58 7.01
CA ILE D 153 -9.59 44.23 7.51
C ILE D 153 -8.35 43.57 6.94
N LEU D 154 -8.17 43.65 5.63
CA LEU D 154 -7.08 42.97 4.95
C LEU D 154 -5.85 43.86 4.90
N GLY D 155 -4.66 43.26 4.86
CA GLY D 155 -3.43 44.02 4.64
C GLY D 155 -3.24 44.30 3.16
N THR D 156 -2.12 44.94 2.80
CA THR D 156 -1.81 45.19 1.39
C THR D 156 -1.24 43.94 0.70
N ASN D 157 -1.09 42.87 1.47
CA ASN D 157 -0.82 41.51 0.98
C ASN D 157 -0.20 41.38 -0.43
N PRO D 158 1.12 41.55 -0.54
CA PRO D 158 1.71 41.47 -1.88
C PRO D 158 1.93 40.03 -2.31
N ILE D 159 2.35 39.86 -3.55
CA ILE D 159 2.68 38.55 -4.05
C ILE D 159 3.77 38.76 -5.05
N ALA D 160 4.79 37.91 -5.01
CA ALA D 160 5.87 38.00 -5.98
C ALA D 160 6.12 36.63 -6.57
N ILE D 161 6.19 36.58 -7.89
CA ILE D 161 6.48 35.35 -8.63
C ILE D 161 7.65 35.62 -9.55
N ALA D 162 8.60 34.70 -9.59
CA ALA D 162 9.75 34.90 -10.46
C ALA D 162 10.32 33.60 -11.02
N PHE D 163 10.73 33.65 -12.28
CA PHE D 163 11.43 32.54 -12.91
C PHE D 163 12.16 33.09 -14.13
N LYS D 164 13.16 32.36 -14.63
CA LYS D 164 13.84 32.82 -15.83
C LYS D 164 14.11 31.75 -16.87
N GLY D 165 14.27 32.18 -18.12
CA GLY D 165 14.82 31.32 -19.13
C GLY D 165 16.27 31.70 -19.36
N ASN D 166 16.78 31.44 -20.55
CA ASN D 166 18.13 31.84 -20.92
C ASN D 166 18.19 33.29 -21.37
N LYS D 167 17.09 33.79 -21.89
CA LYS D 167 17.07 35.11 -22.49
C LYS D 167 16.26 36.09 -21.66
N TYR D 168 15.16 35.62 -21.10
CA TYR D 168 14.23 36.51 -20.43
C TYR D 168 14.06 36.19 -18.95
N LYS D 169 13.77 37.23 -18.18
CA LYS D 169 13.39 37.09 -16.80
C LYS D 169 11.93 37.54 -16.62
N PHE D 170 11.24 36.84 -15.72
CA PHE D 170 9.89 37.25 -15.31
C PHE D 170 9.95 37.45 -13.80
N SER D 171 9.54 38.63 -13.35
CA SER D 171 9.57 38.97 -11.94
C SER D 171 8.36 39.83 -11.55
N LEU D 172 7.25 39.18 -11.28
CA LEU D 172 6.05 39.87 -10.81
C LEU D 172 6.17 40.05 -9.32
N ASP D 173 6.07 41.31 -8.91
CA ASP D 173 6.19 41.72 -7.53
C ASP D 173 5.17 42.84 -7.34
N MSE D 174 4.07 42.53 -6.67
CA MSE D 174 2.93 43.44 -6.64
C MSE D 174 2.15 43.29 -5.36
O MSE D 174 1.98 42.18 -4.84
CB MSE D 174 1.98 43.12 -7.78
CG MSE D 174 1.71 41.63 -7.92
SE MSE D 174 0.00 41.20 -8.76
CE MSE D 174 -1.20 41.62 -7.28
N ALA D 175 1.67 44.42 -4.84
CA ALA D 175 0.75 44.41 -3.72
C ALA D 175 -0.63 44.20 -4.32
N THR D 176 -1.53 43.62 -3.55
CA THR D 176 -2.88 43.39 -4.04
C THR D 176 -3.75 44.62 -3.85
N ALA D 177 -3.17 45.68 -3.26
CA ALA D 177 -3.87 46.95 -3.11
C ALA D 177 -3.85 47.80 -4.39
N SER D 178 -4.84 48.67 -4.57
CA SER D 178 -4.87 49.59 -5.69
C SER D 178 -3.68 50.52 -5.69
N ILE D 179 -3.25 50.91 -4.50
CA ILE D 179 -2.28 51.97 -4.33
C ILE D 179 -1.72 51.94 -2.90
N ALA D 180 -0.46 52.35 -2.73
CA ALA D 180 0.19 52.34 -1.40
C ALA D 180 -0.17 53.56 -0.57
N ARG D 181 -0.17 53.40 0.75
CA ARG D 181 -0.47 54.52 1.64
C ARG D 181 0.59 55.63 1.50
N GLY D 182 1.82 55.23 1.18
CA GLY D 182 2.89 56.18 0.93
C GLY D 182 2.51 57.16 -0.17
N LYS D 183 1.99 56.63 -1.27
CA LYS D 183 1.59 57.48 -2.39
C LYS D 183 0.36 58.33 -2.06
N ILE D 184 -0.50 57.82 -1.18
CA ILE D 184 -1.62 58.61 -0.70
C ILE D 184 -1.11 59.78 0.13
N LEU D 185 -0.05 59.51 0.87
CA LEU D 185 0.57 60.49 1.77
C LEU D 185 1.23 61.61 1.00
N GLU D 186 2.05 61.25 0.00
CA GLU D 186 2.70 62.23 -0.84
C GLU D 186 1.66 63.12 -1.51
N ALA D 187 0.62 62.49 -2.02
CA ALA D 187 -0.44 63.21 -2.71
C ALA D 187 -1.08 64.28 -1.83
N LEU D 188 -1.07 64.06 -0.51
CA LEU D 188 -1.59 65.06 0.43
C LEU D 188 -0.63 66.25 0.57
N ARG D 189 0.67 65.94 0.72
CA ARG D 189 1.71 66.97 0.72
C ARG D 189 1.60 67.85 -0.51
N LYS D 190 1.61 67.21 -1.67
CA LYS D 190 1.51 67.90 -2.95
C LYS D 190 0.12 68.46 -3.20
N LYS D 191 -0.76 68.34 -2.21
CA LYS D 191 -2.12 68.88 -2.34
C LYS D 191 -2.75 68.53 -3.70
N ILE D 192 -2.54 67.31 -4.17
CA ILE D 192 -3.16 66.85 -5.42
C ILE D 192 -4.25 65.82 -5.18
N LYS D 193 -4.62 65.13 -6.24
CA LYS D 193 -5.64 64.10 -6.15
C LYS D 193 -5.01 62.71 -6.13
N ILE D 194 -5.81 61.73 -5.73
CA ILE D 194 -5.39 60.34 -5.81
C ILE D 194 -6.18 59.72 -6.96
N PRO D 195 -5.56 58.80 -7.71
CA PRO D 195 -6.15 58.06 -8.84
C PRO D 195 -7.59 57.61 -8.61
N GLU D 196 -8.38 57.47 -9.68
CA GLU D 196 -9.77 57.01 -9.57
C GLU D 196 -9.89 55.53 -9.22
N GLY D 197 -10.91 55.19 -8.43
CA GLY D 197 -11.16 53.82 -8.02
C GLY D 197 -9.96 53.16 -7.36
N CYS D 198 -9.46 53.78 -6.30
CA CYS D 198 -8.37 53.21 -5.52
C CYS D 198 -8.72 53.10 -4.04
N ALA D 199 -9.58 54.02 -3.58
CA ALA D 199 -9.87 54.17 -2.16
C ALA D 199 -11.29 54.64 -1.91
N VAL D 200 -11.82 54.33 -0.74
CA VAL D 200 -13.06 54.90 -0.27
C VAL D 200 -12.74 55.83 0.88
N ASP D 201 -13.79 56.35 1.52
CA ASP D 201 -13.64 57.35 2.58
C ASP D 201 -14.32 56.90 3.86
N LYS D 202 -14.34 57.78 4.86
CA LYS D 202 -14.99 57.55 6.14
C LYS D 202 -16.18 56.59 6.00
N ASP D 203 -17.09 56.91 5.09
CA ASP D 203 -18.19 55.99 4.82
C ASP D 203 -17.75 54.92 3.83
N GLY D 204 -18.38 54.87 2.66
CA GLY D 204 -18.03 53.86 1.68
C GLY D 204 -17.93 54.42 0.27
N LYS D 205 -18.09 55.74 0.18
CA LYS D 205 -18.08 56.42 -1.12
C LYS D 205 -16.67 56.46 -1.68
N PRO D 206 -16.53 56.14 -2.96
CA PRO D 206 -15.27 56.39 -3.67
C PRO D 206 -14.71 57.76 -3.31
N THR D 207 -13.42 57.96 -3.53
CA THR D 207 -12.84 59.25 -3.26
C THR D 207 -11.51 59.41 -3.99
N THR D 208 -11.21 60.65 -4.35
CA THR D 208 -9.92 60.96 -4.94
C THR D 208 -9.13 61.87 -4.00
N ASP D 209 -9.76 62.28 -2.91
CA ASP D 209 -9.11 63.17 -1.95
C ASP D 209 -8.23 62.38 -0.99
N PRO D 210 -6.94 62.73 -0.90
CA PRO D 210 -5.99 62.03 -0.03
C PRO D 210 -6.43 62.16 1.42
N ALA D 211 -7.01 63.29 1.78
CA ALA D 211 -7.49 63.51 3.14
C ALA D 211 -8.53 62.46 3.50
N LYS D 212 -9.63 62.44 2.75
CA LYS D 212 -10.68 61.47 2.96
C LYS D 212 -10.17 60.03 2.87
N ALA D 213 -9.22 59.78 1.97
CA ALA D 213 -8.72 58.43 1.76
C ALA D 213 -8.01 57.89 2.99
N LEU D 214 -7.22 58.72 3.68
CA LEU D 214 -6.51 58.28 4.88
C LEU D 214 -7.47 57.88 6.00
N GLU D 215 -8.56 58.62 6.12
CA GLU D 215 -9.56 58.34 7.13
C GLU D 215 -10.53 57.26 6.67
N GLY D 216 -10.18 56.59 5.57
CA GLY D 216 -11.04 55.58 4.98
C GLY D 216 -10.30 54.31 4.64
N CYS D 217 -10.59 53.75 3.48
CA CYS D 217 -9.97 52.50 3.06
C CYS D 217 -9.34 52.54 1.68
N ILE D 218 -8.32 51.70 1.48
CA ILE D 218 -7.83 51.40 0.15
C ILE D 218 -8.66 50.21 -0.37
N LEU D 219 -8.77 50.07 -1.68
CA LEU D 219 -9.52 48.95 -2.25
C LEU D 219 -8.54 47.97 -2.88
N PRO D 220 -8.90 46.68 -2.90
CA PRO D 220 -8.10 45.71 -3.67
C PRO D 220 -8.13 46.10 -5.14
N PHE D 221 -7.29 45.51 -5.98
CA PHE D 221 -7.07 46.04 -7.32
C PHE D 221 -8.08 45.62 -8.39
N GLY D 222 -8.32 44.33 -8.52
CA GLY D 222 -9.11 43.85 -9.65
C GLY D 222 -10.53 43.53 -9.25
N GLY D 223 -11.25 44.55 -8.79
CA GLY D 223 -12.59 44.39 -8.28
C GLY D 223 -12.73 43.18 -7.36
N PRO D 224 -13.81 42.42 -7.54
CA PRO D 224 -14.10 41.29 -6.65
C PRO D 224 -13.00 40.29 -6.78
N LYS D 225 -12.42 40.20 -7.97
CA LYS D 225 -11.38 39.21 -8.21
C LYS D 225 -10.10 39.54 -7.43
N GLY D 226 -9.63 40.77 -7.54
CA GLY D 226 -8.44 41.16 -6.82
C GLY D 226 -8.66 40.95 -5.33
N TYR D 227 -9.91 41.15 -4.93
CA TYR D 227 -10.31 41.03 -3.53
C TYR D 227 -10.19 39.59 -3.04
N GLY D 228 -10.68 38.65 -3.84
CA GLY D 228 -10.55 37.24 -3.51
C GLY D 228 -9.10 36.80 -3.35
N LEU D 229 -8.24 37.26 -4.25
CA LEU D 229 -6.83 36.90 -4.17
C LEU D 229 -6.22 37.44 -2.88
N ALA D 230 -6.62 38.66 -2.51
CA ALA D 230 -6.07 39.30 -1.31
C ALA D 230 -6.47 38.57 -0.03
N LEU D 231 -7.67 38.01 -0.05
CA LEU D 231 -8.17 37.19 1.04
C LEU D 231 -7.43 35.87 1.08
N ALA D 232 -7.17 35.29 -0.09
CA ALA D 232 -6.44 34.03 -0.12
C ALA D 232 -5.09 34.26 0.51
N ILE D 233 -4.43 35.33 0.09
CA ILE D 233 -3.11 35.61 0.58
C ILE D 233 -3.18 35.86 2.09
N GLU D 234 -4.15 36.65 2.52
CA GLU D 234 -4.27 36.98 3.94
C GLU D 234 -4.16 35.74 4.83
N MSE D 235 -4.60 34.61 4.29
CA MSE D 235 -4.71 33.37 5.02
C MSE D 235 -3.57 32.39 4.75
O MSE D 235 -3.07 31.75 5.67
CB MSE D 235 -6.05 32.69 4.73
CG MSE D 235 -6.28 31.41 5.53
SE MSE D 235 -6.49 31.73 7.47
CE MSE D 235 -5.09 30.53 8.14
N LEU D 236 -3.19 32.24 3.48
CA LEU D 236 -2.05 31.39 3.15
C LEU D 236 -0.80 31.90 3.83
N SER D 237 -0.67 33.22 3.90
CA SER D 237 0.48 33.88 4.50
C SER D 237 0.66 33.48 5.94
N ALA D 238 -0.43 33.10 6.58
CA ALA D 238 -0.42 32.91 8.03
C ALA D 238 -0.39 31.46 8.48
N ILE D 239 -0.36 30.52 7.53
CA ILE D 239 -0.45 29.09 7.87
C ILE D 239 0.63 28.60 8.82
N GLY D 240 1.67 29.42 9.03
CA GLY D 240 2.71 29.07 9.99
C GLY D 240 2.38 29.42 11.42
N GLY D 241 1.18 29.97 11.67
CA GLY D 241 0.79 30.35 13.01
C GLY D 241 0.73 31.85 13.24
N ALA D 242 0.94 32.63 12.19
CA ALA D 242 0.85 34.08 12.32
C ALA D 242 -0.59 34.53 12.55
N GLU D 243 -0.81 35.83 12.61
CA GLU D 243 -2.16 36.35 12.81
C GLU D 243 -2.84 36.70 11.47
N VAL D 244 -4.15 36.83 11.48
CA VAL D 244 -4.85 37.28 10.29
C VAL D 244 -5.74 38.47 10.66
N GLY D 245 -6.32 39.12 9.65
CA GLY D 245 -7.27 40.18 9.92
C GLY D 245 -6.74 41.30 10.79
N THR D 246 -7.57 41.77 11.72
CA THR D 246 -7.23 42.95 12.53
C THR D 246 -6.24 42.67 13.67
N LYS D 247 -5.95 41.40 13.91
CA LYS D 247 -4.91 41.01 14.84
C LYS D 247 -3.48 41.11 14.27
N VAL D 248 -3.36 41.47 12.99
CA VAL D 248 -2.06 41.70 12.36
C VAL D 248 -1.53 43.11 12.68
N LYS D 249 -0.38 43.18 13.32
CA LYS D 249 0.16 44.45 13.79
C LYS D 249 1.66 44.59 13.52
N GLY D 250 2.17 45.80 13.76
CA GLY D 250 3.59 46.08 13.65
C GLY D 250 4.28 45.82 12.32
N THR D 251 3.58 46.06 11.21
CA THR D 251 4.23 45.94 9.91
C THR D 251 4.65 47.31 9.41
N ALA D 252 4.11 48.36 10.03
CA ALA D 252 4.46 49.74 9.67
C ALA D 252 4.54 50.64 10.89
N ASN D 253 4.21 50.10 12.05
CA ASN D 253 4.27 50.86 13.28
C ASN D 253 5.35 50.31 14.21
N PRO D 254 6.45 51.06 14.37
CA PRO D 254 7.60 50.58 15.16
C PRO D 254 7.24 50.35 16.61
N GLU D 255 6.17 50.98 17.08
CA GLU D 255 5.81 50.91 18.50
C GLU D 255 5.00 49.66 18.79
N GLU D 256 4.88 48.77 17.79
CA GLU D 256 4.08 47.56 17.93
C GLU D 256 4.87 46.32 17.53
N ARG D 257 4.62 45.20 18.23
CA ARG D 257 5.27 43.93 17.95
C ARG D 257 4.66 43.32 16.70
N CYS D 258 5.50 42.96 15.75
CA CYS D 258 5.03 42.41 14.51
C CYS D 258 4.34 41.04 14.69
N THR D 259 3.23 40.84 13.99
CA THR D 259 2.52 39.58 14.06
C THR D 259 2.13 38.99 12.69
N LYS D 260 2.66 39.56 11.59
CA LYS D 260 2.35 39.00 10.28
C LYS D 260 3.09 37.69 10.01
N GLY D 261 2.67 37.00 8.94
CA GLY D 261 3.32 35.79 8.46
C GLY D 261 3.68 35.88 6.99
N ASP D 262 4.69 35.10 6.59
CA ASP D 262 5.07 34.96 5.18
C ASP D 262 5.05 33.49 4.82
N LEU D 263 4.80 33.23 3.54
CA LEU D 263 4.97 31.89 2.99
C LEU D 263 5.95 31.99 1.85
N PHE D 264 6.98 31.15 1.85
CA PHE D 264 7.94 31.10 0.76
C PHE D 264 7.87 29.76 0.07
N ILE D 265 7.79 29.81 -1.25
CA ILE D 265 7.66 28.63 -2.07
C ILE D 265 8.74 28.60 -3.13
N ALA D 266 9.39 27.45 -3.27
CA ALA D 266 10.23 27.23 -4.44
C ALA D 266 9.74 25.98 -5.17
N ILE D 267 9.47 26.13 -6.46
CA ILE D 267 9.12 24.99 -7.30
C ILE D 267 10.26 24.74 -8.30
N ASN D 268 10.68 23.49 -8.43
CA ASN D 268 11.88 23.12 -9.18
C ASN D 268 11.59 22.40 -10.52
N PRO D 269 11.76 23.10 -11.65
CA PRO D 269 11.43 22.58 -12.99
C PRO D 269 12.15 21.30 -13.37
N GLU D 270 13.26 21.00 -12.70
CA GLU D 270 13.97 19.78 -13.03
C GLU D 270 13.12 18.54 -12.72
N PHE D 271 12.24 18.65 -11.74
CA PHE D 271 11.36 17.54 -11.37
C PHE D 271 10.13 17.46 -12.25
N PHE D 272 9.98 18.43 -13.16
CA PHE D 272 8.85 18.45 -14.07
C PHE D 272 9.29 18.26 -15.53
N MSE D 273 9.03 19.22 -16.40
CA MSE D 273 9.45 19.06 -17.79
C MSE D 273 10.97 19.02 -17.96
O MSE D 273 11.47 18.49 -18.96
CB MSE D 273 8.84 20.13 -18.69
CG MSE D 273 9.30 21.55 -18.42
SE MSE D 273 8.22 22.88 -19.37
CE MSE D 273 8.83 22.55 -21.21
N GLY D 274 11.69 19.56 -16.97
CA GLY D 274 13.14 19.60 -17.02
C GLY D 274 13.64 21.03 -17.11
N LYS D 275 14.82 21.30 -16.58
CA LYS D 275 15.33 22.68 -16.48
C LYS D 275 15.55 23.36 -17.82
N GLU D 276 16.34 22.74 -18.70
CA GLU D 276 16.60 23.32 -20.01
C GLU D 276 15.32 23.49 -20.84
N GLU D 277 14.36 22.58 -20.66
CA GLU D 277 13.10 22.66 -21.39
C GLU D 277 12.30 23.84 -20.89
N PHE D 278 12.25 23.97 -19.59
CA PHE D 278 11.54 25.07 -18.98
C PHE D 278 12.19 26.39 -19.43
N LYS D 279 13.51 26.41 -19.55
CA LYS D 279 14.17 27.64 -20.00
C LYS D 279 13.81 27.99 -21.44
N ARG D 280 13.99 27.05 -22.34
CA ARG D 280 13.60 27.26 -23.73
C ARG D 280 12.17 27.78 -23.83
N LYS D 281 11.28 27.17 -23.07
CA LYS D 281 9.85 27.48 -23.16
C LYS D 281 9.55 28.85 -22.61
N VAL D 282 10.18 29.21 -21.49
CA VAL D 282 10.00 30.55 -20.94
C VAL D 282 10.39 31.62 -21.96
N ASP D 283 11.53 31.41 -22.62
CA ASP D 283 11.94 32.31 -23.70
C ASP D 283 10.94 32.27 -24.87
N GLU D 284 10.41 31.10 -25.20
CA GLU D 284 9.38 31.02 -26.24
C GLU D 284 8.23 31.98 -25.94
N LEU D 285 7.59 31.78 -24.80
CA LEU D 285 6.42 32.57 -24.42
C LEU D 285 6.73 34.06 -24.29
N LEU D 286 7.84 34.38 -23.66
CA LEU D 286 8.17 35.77 -23.36
C LEU D 286 8.60 36.52 -24.62
N ASP D 287 9.26 35.82 -25.53
CA ASP D 287 9.59 36.42 -26.83
C ASP D 287 8.33 36.71 -27.66
N GLU D 288 7.37 35.79 -27.62
CA GLU D 288 6.08 35.93 -28.31
C GLU D 288 5.27 37.08 -27.76
N ILE D 289 5.25 37.19 -26.43
CA ILE D 289 4.59 38.30 -25.73
C ILE D 289 5.18 39.64 -26.13
N LYS D 290 6.49 39.83 -25.91
CA LYS D 290 7.15 41.10 -26.18
C LYS D 290 7.05 41.52 -27.64
N ASN D 291 6.84 40.55 -28.53
CA ASN D 291 6.80 40.87 -29.95
C ASN D 291 5.39 41.00 -30.56
N SER D 292 4.36 40.74 -29.77
CA SER D 292 2.98 40.80 -30.26
C SER D 292 2.57 42.22 -30.57
N GLU D 293 1.39 42.37 -31.15
CA GLU D 293 0.95 43.66 -31.68
C GLU D 293 0.71 44.65 -30.57
N PRO D 294 1.48 45.75 -30.57
CA PRO D 294 1.38 46.80 -29.53
C PRO D 294 0.08 47.56 -29.67
N ALA D 295 -0.49 48.00 -28.55
CA ALA D 295 -1.68 48.86 -28.59
C ALA D 295 -1.36 50.27 -29.05
N GLU D 296 -2.16 51.24 -28.62
CA GLU D 296 -2.08 52.62 -29.09
C GLU D 296 -0.71 53.25 -28.89
N GLY D 297 -0.51 53.89 -27.74
CA GLY D 297 0.75 54.50 -27.41
C GLY D 297 1.47 53.75 -26.31
N PHE D 298 1.40 52.42 -26.39
CA PHE D 298 2.04 51.56 -25.40
C PHE D 298 3.28 50.88 -25.96
N GLU D 299 4.08 50.36 -25.04
CA GLU D 299 5.06 49.34 -25.36
C GLU D 299 4.77 48.16 -24.45
N ILE D 300 4.78 46.97 -25.02
CA ILE D 300 4.43 45.81 -24.23
C ILE D 300 5.60 45.45 -23.30
N LEU D 301 5.30 45.30 -22.02
CA LEU D 301 6.31 44.94 -21.03
C LEU D 301 6.07 43.60 -20.34
N ILE D 302 7.17 43.03 -19.87
CA ILE D 302 7.11 41.83 -19.06
C ILE D 302 7.22 42.25 -17.61
N PRO D 303 6.33 41.72 -16.76
CA PRO D 303 6.36 42.05 -15.33
C PRO D 303 7.81 42.00 -14.85
N GLY D 304 8.27 43.04 -14.16
CA GLY D 304 9.66 43.13 -13.74
C GLY D 304 10.58 44.05 -14.55
N GLU D 305 10.29 44.24 -15.85
CA GLU D 305 11.14 45.05 -16.74
C GLU D 305 11.34 46.50 -16.27
N ILE D 306 10.29 47.11 -15.75
CA ILE D 306 10.42 48.49 -15.29
C ILE D 306 11.45 48.61 -14.18
N GLU D 307 11.37 47.72 -13.19
CA GLU D 307 12.33 47.69 -12.09
C GLU D 307 13.69 47.34 -12.61
N GLU D 308 13.73 46.55 -13.69
CA GLU D 308 15.00 46.17 -14.26
C GLU D 308 15.69 47.41 -14.82
N ARG D 309 14.94 48.28 -15.46
CA ARG D 309 15.49 49.48 -16.07
C ARG D 309 15.90 50.47 -15.01
N ASN D 310 15.06 50.65 -14.00
CA ASN D 310 15.40 51.52 -12.88
C ASN D 310 16.71 51.07 -12.30
N LYS D 311 16.88 49.76 -12.18
CA LYS D 311 18.06 49.18 -11.58
C LYS D 311 19.31 49.60 -12.32
N MSE D 312 19.23 49.59 -13.64
CA MSE D 312 20.36 49.94 -14.48
C MSE D 312 20.68 51.42 -14.44
O MSE D 312 21.84 51.80 -14.53
CB MSE D 312 20.14 49.47 -15.92
CG MSE D 312 20.61 48.04 -16.21
SE MSE D 312 22.54 47.78 -16.05
CE MSE D 312 23.17 49.04 -17.40
N LYS D 313 19.66 52.27 -14.33
CA LYS D 313 19.91 53.71 -14.32
C LYS D 313 20.24 54.23 -12.92
N ARG D 314 19.97 53.43 -11.89
CA ARG D 314 20.29 53.84 -10.53
C ARG D 314 21.53 53.17 -9.98
N LYS D 315 22.14 52.27 -10.76
CA LYS D 315 23.32 51.54 -10.32
C LYS D 315 24.42 52.46 -9.79
N ASP D 316 24.42 53.73 -10.20
CA ASP D 316 25.50 54.64 -9.87
C ASP D 316 25.09 55.68 -8.83
N GLY D 317 23.93 55.47 -8.20
CA GLY D 317 23.45 56.36 -7.17
C GLY D 317 22.09 56.97 -7.47
N PHE D 318 21.35 57.25 -6.41
CA PHE D 318 20.02 57.83 -6.51
C PHE D 318 19.86 58.94 -5.48
N GLU D 319 18.96 59.88 -5.77
CA GLU D 319 18.75 61.01 -4.88
C GLU D 319 17.93 60.59 -3.67
N ILE D 320 18.31 61.09 -2.51
CA ILE D 320 17.47 61.03 -1.32
C ILE D 320 17.34 62.47 -0.83
N ASP D 321 16.25 62.80 -0.16
CA ASP D 321 16.04 64.19 0.26
C ASP D 321 16.93 64.58 1.45
N LYS D 322 17.03 65.87 1.72
CA LYS D 322 17.83 66.38 2.83
C LYS D 322 17.28 65.89 4.17
N ASN D 323 15.97 65.76 4.27
CA ASN D 323 15.32 65.33 5.50
C ASN D 323 15.82 63.96 5.99
N LEU D 324 16.01 63.05 5.05
CA LEU D 324 16.49 61.71 5.37
C LEU D 324 17.96 61.78 5.72
N TYR D 325 18.69 62.61 4.99
CA TYR D 325 20.09 62.90 5.31
C TYR D 325 20.21 63.33 6.76
N ASN D 326 19.24 64.13 7.22
CA ASN D 326 19.20 64.59 8.61
C ASN D 326 18.97 63.46 9.58
N GLN D 327 17.99 62.61 9.29
CA GLN D 327 17.67 61.50 10.17
C GLN D 327 18.87 60.56 10.26
N LEU D 328 19.45 60.25 9.11
CA LEU D 328 20.63 59.42 9.03
C LEU D 328 21.81 60.08 9.74
N LYS D 329 21.93 61.40 9.57
CA LYS D 329 23.01 62.11 10.26
C LYS D 329 22.86 61.94 11.77
N GLU D 330 21.68 62.24 12.29
CA GLU D 330 21.41 62.04 13.71
C GLU D 330 21.76 60.61 14.11
N ILE D 331 21.07 59.62 13.53
CA ILE D 331 21.36 58.23 13.81
C ILE D 331 22.87 58.00 13.87
N CYS D 332 23.59 58.40 12.82
CA CYS D 332 25.03 58.24 12.80
C CYS D 332 25.73 58.90 13.99
N ASN D 333 25.41 60.17 14.24
CA ASN D 333 26.04 60.89 15.34
C ASN D 333 25.86 60.15 16.66
N GLU D 334 24.65 59.69 16.93
CA GLU D 334 24.39 58.94 18.16
C GLU D 334 25.19 57.65 18.30
N LEU D 335 25.77 57.15 17.22
CA LEU D 335 26.52 55.89 17.28
C LEU D 335 28.02 56.08 17.06
N GLY D 336 28.46 57.33 17.02
CA GLY D 336 29.86 57.60 16.72
C GLY D 336 30.24 57.27 15.29
N LEU D 337 29.28 57.32 14.38
CA LEU D 337 29.58 57.16 12.96
C LEU D 337 29.61 58.54 12.30
N ASN D 338 30.16 58.62 11.10
CA ASN D 338 30.23 59.90 10.39
C ASN D 338 29.54 59.81 9.03
N ILE D 339 28.43 60.53 8.91
CA ILE D 339 27.59 60.43 7.71
C ILE D 339 28.37 60.67 6.42
N GLU D 340 29.36 61.55 6.49
CA GLU D 340 30.16 61.89 5.32
C GLU D 340 31.05 60.73 4.86
N ASP D 341 31.09 59.65 5.65
CA ASP D 341 31.77 58.43 5.24
C ASP D 341 30.89 57.67 4.23
N TYR D 342 29.63 58.09 4.14
CA TYR D 342 28.67 57.33 3.37
C TYR D 342 28.00 58.18 2.32
N ILE D 343 27.58 59.37 2.70
CA ILE D 343 27.00 60.31 1.76
C ILE D 343 27.97 61.47 1.56
N GLU D 344 28.62 61.47 0.40
CA GLU D 344 29.71 62.40 0.12
C GLU D 344 29.28 63.53 -0.82
N MSE E 1 37.93 -23.40 19.53
CA MSE E 1 37.09 -24.58 19.37
C MSE E 1 35.89 -24.30 18.47
O MSE E 1 35.92 -23.37 17.66
CB MSE E 1 36.64 -25.12 20.73
CG MSE E 1 35.78 -24.16 21.54
SE MSE E 1 36.65 -22.43 21.90
CE MSE E 1 38.33 -23.09 22.64
N ILE E 2 34.84 -25.10 18.62
CA ILE E 2 33.68 -25.05 17.72
C ILE E 2 32.60 -24.07 18.18
N LEU E 3 32.25 -23.15 17.28
CA LEU E 3 31.13 -22.23 17.46
C LEU E 3 30.03 -22.58 16.46
N LYS E 4 28.83 -22.85 16.96
CA LYS E 4 27.74 -23.26 16.10
C LYS E 4 26.98 -22.04 15.57
N PRO E 5 26.47 -22.12 14.33
CA PRO E 5 25.79 -21.00 13.66
C PRO E 5 24.62 -20.46 14.49
N GLU E 6 23.80 -21.37 15.00
CA GLU E 6 22.64 -21.03 15.81
C GLU E 6 23.04 -20.32 17.10
N ASN E 7 24.12 -20.75 17.73
CA ASN E 7 24.59 -20.11 18.96
C ASN E 7 25.28 -18.79 18.70
N GLU E 8 25.97 -18.70 17.57
CA GLU E 8 26.60 -17.46 17.17
C GLU E 8 25.50 -16.43 17.03
N LYS E 9 24.37 -16.86 16.51
CA LYS E 9 23.23 -15.95 16.32
C LYS E 9 22.60 -15.54 17.65
N LYS E 10 22.45 -16.46 18.58
CA LYS E 10 21.95 -16.13 19.91
C LYS E 10 22.94 -15.18 20.62
N LEU E 11 24.23 -15.44 20.47
CA LEU E 11 25.25 -14.62 21.11
C LEU E 11 25.10 -13.19 20.64
N ILE E 12 25.04 -13.02 19.32
CA ILE E 12 25.00 -11.70 18.74
C ILE E 12 23.73 -10.96 19.15
N ILE E 13 22.58 -11.61 18.97
CA ILE E 13 21.30 -11.03 19.35
C ILE E 13 21.27 -10.54 20.82
N ASP E 14 21.80 -11.34 21.73
CA ASP E 14 21.72 -11.04 23.15
C ASP E 14 22.62 -9.86 23.53
N VAL E 15 23.80 -9.79 22.91
CA VAL E 15 24.72 -8.68 23.16
C VAL E 15 24.14 -7.39 22.58
N LEU E 16 23.69 -7.46 21.34
CA LEU E 16 23.11 -6.29 20.70
C LEU E 16 21.88 -5.80 21.46
N LYS E 17 20.96 -6.71 21.78
CA LYS E 17 19.78 -6.33 22.54
C LYS E 17 20.19 -5.59 23.80
N LYS E 18 21.34 -5.98 24.36
CA LYS E 18 21.86 -5.36 25.56
C LYS E 18 22.11 -3.88 25.35
N PHE E 19 22.56 -3.51 24.15
CA PHE E 19 22.86 -2.09 23.88
C PHE E 19 21.66 -1.30 23.39
N GLY E 20 20.50 -1.95 23.33
CA GLY E 20 19.29 -1.27 22.90
C GLY E 20 18.91 -1.45 21.46
N VAL E 21 19.61 -2.33 20.74
CA VAL E 21 19.21 -2.70 19.40
C VAL E 21 17.95 -3.55 19.48
N PRO E 22 16.90 -3.18 18.72
CA PRO E 22 15.65 -3.95 18.70
C PRO E 22 15.84 -5.35 18.14
N GLU E 23 15.12 -6.31 18.69
CA GLU E 23 15.30 -7.70 18.32
C GLU E 23 15.34 -7.92 16.79
N GLU E 24 14.36 -7.39 16.07
CA GLU E 24 14.32 -7.62 14.62
C GLU E 24 15.53 -7.00 13.89
N ASP E 25 16.06 -5.91 14.41
CA ASP E 25 17.26 -5.35 13.82
C ASP E 25 18.48 -6.23 14.15
N ALA E 26 18.50 -6.76 15.37
CA ALA E 26 19.59 -7.62 15.81
C ALA E 26 19.54 -8.96 15.07
N LYS E 27 18.34 -9.48 14.88
CA LYS E 27 18.18 -10.72 14.10
C LYS E 27 18.81 -10.60 12.70
N ILE E 28 18.53 -9.49 12.02
CA ILE E 28 19.11 -9.20 10.72
C ILE E 28 20.63 -9.14 10.77
N THR E 29 21.16 -8.51 11.80
CA THR E 29 22.60 -8.30 11.87
C THR E 29 23.31 -9.61 12.09
N ALA E 30 22.77 -10.42 13.00
CA ALA E 30 23.35 -11.70 13.31
C ALA E 30 23.42 -12.55 12.06
N ASP E 31 22.35 -12.55 11.27
CA ASP E 31 22.30 -13.39 10.08
C ASP E 31 23.45 -13.10 9.12
N VAL E 32 23.77 -11.82 8.92
CA VAL E 32 24.86 -11.46 8.03
C VAL E 32 26.22 -11.90 8.58
N PHE E 33 26.41 -11.79 9.89
CA PHE E 33 27.58 -12.37 10.54
C PHE E 33 27.67 -13.89 10.27
N VAL E 34 26.59 -14.62 10.55
CA VAL E 34 26.60 -16.06 10.37
C VAL E 34 26.90 -16.44 8.92
N ASP E 35 26.39 -15.65 7.98
CA ASP E 35 26.61 -15.90 6.56
C ASP E 35 28.09 -15.77 6.23
N ALA E 36 28.71 -14.70 6.72
CA ALA E 36 30.14 -14.51 6.55
C ALA E 36 30.93 -15.71 7.10
N ASP E 37 30.67 -16.05 8.36
CA ASP E 37 31.40 -17.13 9.01
C ASP E 37 31.21 -18.49 8.35
N LEU E 38 30.03 -18.76 7.78
CA LEU E 38 29.80 -20.04 7.12
C LEU E 38 30.38 -20.09 5.70
N LYS E 39 30.40 -18.96 5.02
CA LYS E 39 30.93 -18.93 3.67
C LYS E 39 32.46 -18.96 3.69
N GLY E 40 33.03 -18.76 4.87
CA GLY E 40 34.47 -18.72 5.04
C GLY E 40 35.10 -17.35 4.92
N PHE E 41 34.28 -16.30 4.87
CA PHE E 41 34.76 -14.94 4.85
C PHE E 41 35.00 -14.47 6.29
N THR E 42 35.98 -15.05 6.96
CA THR E 42 36.05 -14.96 8.42
C THR E 42 36.33 -13.55 8.92
N SER E 43 36.92 -12.70 8.08
CA SER E 43 37.24 -11.36 8.52
C SER E 43 36.00 -10.46 8.52
N HIS E 44 34.89 -11.01 8.07
CA HIS E 44 33.65 -10.25 8.15
C HIS E 44 32.68 -10.95 9.06
N GLY E 45 33.19 -11.94 9.79
CA GLY E 45 32.38 -12.74 10.68
C GLY E 45 32.41 -12.28 12.12
N ILE E 46 32.19 -13.24 13.02
CA ILE E 46 32.12 -13.00 14.45
C ILE E 46 33.40 -12.36 14.99
N GLY E 47 34.51 -12.63 14.34
CA GLY E 47 35.78 -12.04 14.74
C GLY E 47 35.78 -10.52 14.74
N ARG E 48 34.93 -9.93 13.91
CA ARG E 48 34.85 -8.47 13.84
C ARG E 48 33.87 -7.93 14.87
N PHE E 49 33.20 -8.82 15.57
CA PHE E 49 32.15 -8.39 16.51
C PHE E 49 32.65 -7.55 17.71
N PRO E 50 33.79 -7.90 18.29
CA PRO E 50 34.34 -7.07 19.36
C PRO E 50 34.48 -5.57 18.98
N GLN E 51 34.87 -5.27 17.75
CA GLN E 51 34.97 -3.89 17.30
C GLN E 51 33.60 -3.21 17.36
N TYR E 52 32.55 -3.95 16.98
CA TYR E 52 31.19 -3.44 17.05
C TYR E 52 30.83 -3.00 18.46
N ILE E 53 31.31 -3.75 19.45
CA ILE E 53 31.03 -3.39 20.83
C ILE E 53 31.67 -2.05 21.15
N THR E 54 32.88 -1.85 20.68
CA THR E 54 33.57 -0.58 20.94
C THR E 54 32.80 0.55 20.28
N ALA E 55 32.33 0.33 19.06
CA ALA E 55 31.66 1.39 18.34
C ALA E 55 30.39 1.78 19.08
N LEU E 56 29.64 0.76 19.52
CA LEU E 56 28.41 0.98 20.29
C LEU E 56 28.64 1.73 21.60
N LYS E 57 29.67 1.36 22.35
CA LYS E 57 30.01 2.09 23.57
C LYS E 57 30.37 3.55 23.29
N LEU E 58 30.98 3.78 22.13
CA LEU E 58 31.36 5.12 21.69
C LEU E 58 30.20 5.91 21.06
N GLY E 59 29.20 5.20 20.57
CA GLY E 59 28.06 5.82 19.92
C GLY E 59 28.29 6.05 18.44
N ASN E 60 29.28 5.37 17.88
CA ASN E 60 29.51 5.42 16.44
C ASN E 60 28.52 4.51 15.69
N ILE E 61 27.91 3.60 16.43
CA ILE E 61 26.81 2.80 15.93
C ILE E 61 25.58 3.23 16.69
N ASN E 62 24.63 3.82 15.99
CA ASN E 62 23.38 4.23 16.59
C ASN E 62 22.44 3.02 16.71
N PRO E 63 22.19 2.56 17.96
CA PRO E 63 21.38 1.36 18.23
C PRO E 63 19.94 1.52 17.79
N LYS E 64 19.42 2.75 17.81
CA LYS E 64 18.05 3.03 17.38
C LYS E 64 18.00 4.17 16.36
N PRO E 65 18.42 3.90 15.12
CA PRO E 65 18.56 4.94 14.10
C PRO E 65 17.23 5.37 13.51
N ASP E 66 17.16 6.62 13.08
CA ASP E 66 16.06 7.07 12.25
C ASP E 66 16.52 7.05 10.80
N ILE E 67 16.27 5.94 10.13
CA ILE E 67 16.70 5.72 8.77
C ILE E 67 15.77 6.41 7.78
N LYS E 68 16.24 7.52 7.19
CA LYS E 68 15.41 8.32 6.29
C LYS E 68 15.72 8.02 4.83
N ILE E 69 14.67 8.10 4.02
CA ILE E 69 14.78 8.08 2.57
C ILE E 69 14.67 9.54 2.18
N VAL E 70 15.77 10.14 1.73
CA VAL E 70 15.84 11.58 1.56
C VAL E 70 15.62 12.03 0.12
N LYS E 71 15.71 11.08 -0.81
CA LYS E 71 15.40 11.34 -2.21
C LYS E 71 14.80 10.07 -2.76
N GLU E 72 13.80 10.22 -3.63
CA GLU E 72 13.17 9.06 -4.25
C GLU E 72 12.54 9.34 -5.62
N SER E 73 12.64 8.37 -6.51
CA SER E 73 11.94 8.35 -7.78
C SER E 73 11.36 6.93 -7.90
N PRO E 74 10.69 6.59 -9.02
CA PRO E 74 10.23 5.19 -9.09
C PRO E 74 11.35 4.17 -9.25
N ALA E 75 12.57 4.61 -9.58
CA ALA E 75 13.67 3.68 -9.87
C ALA E 75 14.91 3.91 -9.00
N THR E 76 14.88 4.98 -8.22
CA THR E 76 16.05 5.30 -7.39
C THR E 76 15.65 5.85 -6.04
N ALA E 77 16.58 5.73 -5.09
CA ALA E 77 16.42 6.40 -3.82
C ALA E 77 17.76 6.61 -3.14
N VAL E 78 17.80 7.59 -2.26
CA VAL E 78 18.96 7.76 -1.41
C VAL E 78 18.51 7.63 0.04
N ILE E 79 19.27 6.86 0.81
CA ILE E 79 18.94 6.59 2.19
C ILE E 79 20.05 7.04 3.12
N ASP E 80 19.65 7.70 4.20
CA ASP E 80 20.57 8.14 5.22
C ASP E 80 20.33 7.32 6.48
N GLY E 81 21.37 6.60 6.90
CA GLY E 81 21.23 5.60 7.94
C GLY E 81 21.40 6.07 9.38
N ASP E 82 21.56 7.37 9.58
CA ASP E 82 21.65 7.91 10.94
C ASP E 82 22.61 7.07 11.79
N LEU E 83 23.76 6.72 11.23
CA LEU E 83 24.77 5.89 11.93
C LEU E 83 24.27 4.53 12.43
N GLY E 84 23.30 3.94 11.75
CA GLY E 84 22.83 2.64 12.18
C GLY E 84 23.74 1.48 11.80
N LEU E 85 23.37 0.29 12.25
CA LEU E 85 24.02 -0.93 11.81
C LEU E 85 23.87 -0.98 10.29
N GLY E 86 24.97 -1.26 9.60
CA GLY E 86 25.01 -1.26 8.15
C GLY E 86 24.18 -2.39 7.58
N GLN E 87 24.06 -3.47 8.34
CA GLN E 87 23.19 -4.58 7.96
C GLN E 87 21.73 -4.12 7.88
N VAL E 88 21.31 -3.32 8.86
CA VAL E 88 19.94 -2.83 8.97
C VAL E 88 19.64 -1.88 7.81
N VAL E 89 20.56 -0.97 7.56
CA VAL E 89 20.39 -0.03 6.46
C VAL E 89 20.54 -0.76 5.12
N GLY E 90 21.51 -1.67 5.04
CA GLY E 90 21.71 -2.47 3.85
C GLY E 90 20.44 -3.16 3.38
N LYS E 91 19.86 -3.99 4.24
CA LYS E 91 18.67 -4.73 3.87
C LYS E 91 17.57 -3.79 3.42
N LYS E 92 17.34 -2.74 4.21
CA LYS E 92 16.33 -1.75 3.83
C LYS E 92 16.59 -1.23 2.41
N ALA E 93 17.86 -0.99 2.09
CA ALA E 93 18.22 -0.34 0.83
C ALA E 93 17.98 -1.26 -0.34
N MSE E 94 18.45 -2.49 -0.19
CA MSE E 94 18.36 -3.48 -1.26
C MSE E 94 16.91 -3.95 -1.46
O MSE E 94 16.44 -4.07 -2.58
CB MSE E 94 19.28 -4.68 -1.02
CG MSE E 94 19.16 -5.78 -2.11
SE MSE E 94 19.51 -5.18 -3.97
CE MSE E 94 21.38 -5.76 -4.12
N GLU E 95 16.20 -4.16 -0.36
CA GLU E 95 14.79 -4.49 -0.44
C GLU E 95 14.01 -3.40 -1.15
N LEU E 96 14.39 -2.14 -0.93
CA LEU E 96 13.74 -1.05 -1.64
C LEU E 96 14.11 -1.11 -3.12
N ALA E 97 15.35 -1.47 -3.41
CA ALA E 97 15.83 -1.57 -4.78
C ALA E 97 15.02 -2.62 -5.51
N ILE E 98 14.86 -3.75 -4.86
CA ILE E 98 14.09 -4.86 -5.39
C ILE E 98 12.64 -4.45 -5.61
N LYS E 99 12.01 -3.83 -4.60
CA LYS E 99 10.68 -3.29 -4.76
C LYS E 99 10.57 -2.37 -5.98
N LYS E 100 11.49 -1.42 -6.15
CA LYS E 100 11.48 -0.55 -7.33
C LYS E 100 11.68 -1.36 -8.61
N ALA E 101 12.54 -2.38 -8.55
CA ALA E 101 12.81 -3.25 -9.69
C ALA E 101 11.57 -4.05 -10.13
N LYS E 102 10.79 -4.55 -9.15
CA LYS E 102 9.50 -5.20 -9.43
C LYS E 102 8.59 -4.28 -10.23
N ASN E 103 8.58 -3.00 -9.89
CA ASN E 103 7.64 -2.06 -10.49
C ASN E 103 8.04 -1.47 -11.84
N VAL E 104 9.33 -1.19 -12.04
CA VAL E 104 9.74 -0.52 -13.26
C VAL E 104 10.88 -1.18 -14.05
N GLY E 105 11.45 -2.27 -13.53
CA GLY E 105 12.46 -3.01 -14.25
C GLY E 105 13.84 -2.97 -13.63
N VAL E 106 14.12 -1.90 -12.88
CA VAL E 106 15.43 -1.69 -12.29
C VAL E 106 15.32 -0.78 -11.07
N GLY E 107 16.15 -1.04 -10.06
CA GLY E 107 16.17 -0.22 -8.87
C GLY E 107 17.56 0.08 -8.36
N VAL E 108 17.82 1.35 -8.10
CA VAL E 108 19.13 1.75 -7.63
C VAL E 108 18.97 2.63 -6.41
N VAL E 109 19.52 2.14 -5.31
CA VAL E 109 19.44 2.84 -4.03
C VAL E 109 20.85 3.05 -3.46
N ALA E 110 21.15 4.27 -3.09
CA ALA E 110 22.45 4.56 -2.48
C ALA E 110 22.27 4.97 -1.02
N THR E 111 23.27 4.68 -0.20
CA THR E 111 23.18 5.02 1.20
C THR E 111 24.38 5.84 1.64
N ARG E 112 24.26 6.42 2.82
CA ARG E 112 25.35 7.14 3.45
C ARG E 112 25.08 7.16 4.95
N ASN E 113 26.08 7.51 5.76
CA ASN E 113 25.91 7.59 7.22
C ASN E 113 25.40 6.29 7.83
N ALA E 114 26.04 5.22 7.42
CA ALA E 114 25.69 3.89 7.89
C ALA E 114 27.00 3.16 7.97
N ASN E 115 27.07 2.18 8.86
CA ASN E 115 28.32 1.49 9.14
C ASN E 115 28.61 0.31 8.22
N HIS E 116 29.72 -0.35 8.51
CA HIS E 116 30.13 -1.59 7.84
C HIS E 116 28.98 -2.59 7.78
N PHE E 117 28.78 -3.21 6.60
CA PHE E 117 27.64 -4.11 6.42
C PHE E 117 27.99 -5.59 6.26
N GLY E 118 29.27 -5.92 6.37
CA GLY E 118 29.69 -7.30 6.28
C GLY E 118 29.93 -7.71 4.83
N ILE E 119 29.48 -8.90 4.47
CA ILE E 119 29.72 -9.39 3.12
C ILE E 119 28.69 -8.83 2.12
N ALA E 120 29.17 -8.37 0.97
CA ALA E 120 28.31 -7.77 -0.05
C ALA E 120 27.39 -8.79 -0.69
N GLY E 121 27.87 -10.03 -0.78
CA GLY E 121 27.12 -11.09 -1.41
C GLY E 121 25.76 -11.27 -0.76
N TYR E 122 25.70 -11.10 0.55
CA TYR E 122 24.42 -11.25 1.23
C TYR E 122 23.35 -10.36 0.58
N TYR E 123 23.68 -9.09 0.33
CA TYR E 123 22.69 -8.16 -0.23
C TYR E 123 22.36 -8.52 -1.68
N SER E 124 23.37 -8.88 -2.45
CA SER E 124 23.11 -9.29 -3.81
C SER E 124 22.23 -10.51 -3.81
N GLU E 125 22.54 -11.46 -2.93
CA GLU E 125 21.79 -12.70 -2.90
C GLU E 125 20.33 -12.49 -2.53
N LEU E 126 20.05 -11.36 -1.86
CA LEU E 126 18.67 -10.99 -1.56
C LEU E 126 17.86 -10.78 -2.83
N ALA E 127 18.47 -10.14 -3.82
CA ALA E 127 17.82 -9.90 -5.09
C ALA E 127 17.77 -11.17 -5.95
N MSE E 128 18.75 -12.04 -5.78
CA MSE E 128 18.79 -13.28 -6.53
C MSE E 128 17.63 -14.16 -6.11
O MSE E 128 16.99 -14.80 -6.94
CB MSE E 128 20.11 -14.02 -6.28
CG MSE E 128 20.15 -15.44 -6.86
SE MSE E 128 21.76 -16.48 -6.41
CE MSE E 128 21.34 -16.87 -4.53
N ASN E 129 17.35 -14.19 -4.81
CA ASN E 129 16.28 -15.01 -4.25
C ASN E 129 14.89 -14.44 -4.52
N GLN E 130 14.82 -13.37 -5.31
CA GLN E 130 13.56 -12.84 -5.81
C GLN E 130 13.53 -12.97 -7.32
N ASP E 131 14.44 -13.78 -7.86
CA ASP E 131 14.53 -14.00 -9.30
C ASP E 131 14.98 -12.76 -10.04
N MSE E 132 15.88 -12.00 -9.42
CA MSE E 132 16.49 -10.87 -10.12
C MSE E 132 18.00 -10.95 -10.17
O MSE E 132 18.60 -11.94 -9.78
CB MSE E 132 16.05 -9.54 -9.51
CG MSE E 132 14.53 -9.46 -9.50
SE MSE E 132 13.80 -7.89 -8.68
CE MSE E 132 11.90 -8.25 -8.99
N ILE E 133 18.61 -9.92 -10.73
CA ILE E 133 20.04 -9.78 -10.72
C ILE E 133 20.40 -8.74 -9.67
N GLY E 134 21.26 -9.10 -8.74
CA GLY E 134 21.68 -8.19 -7.69
C GLY E 134 23.12 -7.73 -7.81
N ILE E 135 23.34 -6.42 -7.68
CA ILE E 135 24.69 -5.86 -7.67
C ILE E 135 24.90 -4.96 -6.45
N THR E 136 25.98 -5.21 -5.72
CA THR E 136 26.33 -4.41 -4.56
C THR E 136 27.78 -3.96 -4.63
N ILE E 137 28.00 -2.66 -4.46
CA ILE E 137 29.36 -2.17 -4.24
C ILE E 137 29.35 -1.28 -3.01
N THR E 138 30.52 -1.03 -2.45
CA THR E 138 30.69 -0.23 -1.24
C THR E 138 32.12 0.28 -1.17
N ASN E 139 32.32 1.32 -0.36
CA ASN E 139 33.60 1.97 -0.08
C ASN E 139 34.37 1.30 1.04
N THR E 140 35.48 1.93 1.44
CA THR E 140 36.36 1.42 2.47
C THR E 140 37.46 2.45 2.81
N GLU E 141 37.89 2.45 4.07
CA GLU E 141 39.10 3.18 4.48
C GLU E 141 40.24 2.90 3.50
N PRO E 142 41.04 3.94 3.19
CA PRO E 142 42.17 3.78 2.24
C PRO E 142 43.03 2.55 2.57
N ALA E 143 43.44 1.84 1.53
CA ALA E 143 44.16 0.60 1.71
C ALA E 143 45.08 0.29 0.52
N MSE E 144 44.70 0.75 -0.66
CA MSE E 144 45.44 0.45 -1.88
C MSE E 144 45.88 1.70 -2.60
O MSE E 144 45.25 2.75 -2.49
CB MSE E 144 44.58 -0.34 -2.87
CG MSE E 144 43.64 -1.35 -2.26
SE MSE E 144 42.67 -2.38 -3.61
CE MSE E 144 41.85 -0.91 -4.61
N ALA E 145 46.95 1.58 -3.36
CA ALA E 145 47.40 2.71 -4.15
C ALA E 145 46.85 2.61 -5.57
N PRO E 146 46.79 3.73 -6.29
CA PRO E 146 46.48 3.66 -7.72
C PRO E 146 47.51 2.76 -8.38
N PHE E 147 47.28 2.39 -9.63
CA PHE E 147 48.29 1.65 -10.34
C PHE E 147 49.53 2.53 -10.52
N GLY E 148 50.66 2.05 -10.01
CA GLY E 148 51.91 2.78 -10.12
C GLY E 148 52.10 3.79 -9.01
N GLY E 149 51.46 3.56 -7.86
CA GLY E 149 51.50 4.52 -6.77
C GLY E 149 52.04 3.92 -5.50
N LYS E 150 52.24 4.77 -4.49
CA LYS E 150 52.76 4.33 -3.19
C LYS E 150 51.76 4.57 -2.08
N GLU E 151 50.85 5.52 -2.29
CA GLU E 151 49.93 5.97 -1.25
C GLU E 151 48.62 5.18 -1.15
N LYS E 152 48.23 4.86 0.08
CA LYS E 152 46.93 4.30 0.37
C LYS E 152 45.81 5.32 0.09
N ILE E 153 45.08 5.13 -1.00
CA ILE E 153 43.97 6.01 -1.34
C ILE E 153 42.64 5.24 -1.45
N LEU E 154 42.67 4.17 -2.23
CA LEU E 154 41.47 3.40 -2.49
C LEU E 154 41.23 2.39 -1.39
N GLY E 155 39.95 2.17 -1.07
CA GLY E 155 39.57 1.10 -0.17
C GLY E 155 39.63 -0.26 -0.84
N THR E 156 39.30 -1.32 -0.11
CA THR E 156 39.38 -2.67 -0.64
C THR E 156 38.23 -2.94 -1.60
N ASN E 157 37.20 -2.10 -1.52
CA ASN E 157 36.19 -1.93 -2.57
C ASN E 157 35.66 -3.17 -3.26
N PRO E 158 34.69 -3.84 -2.63
CA PRO E 158 34.16 -5.11 -3.12
C PRO E 158 32.99 -4.94 -4.08
N ILE E 159 32.73 -5.97 -4.86
CA ILE E 159 31.57 -6.00 -5.72
C ILE E 159 30.96 -7.37 -5.66
N ALA E 160 29.66 -7.41 -5.52
CA ALA E 160 28.92 -8.67 -5.50
C ALA E 160 27.90 -8.70 -6.63
N ILE E 161 27.88 -9.79 -7.37
CA ILE E 161 26.91 -9.98 -8.45
C ILE E 161 26.31 -11.38 -8.29
N ALA E 162 24.99 -11.44 -8.10
CA ALA E 162 24.27 -12.71 -7.95
C ALA E 162 23.07 -12.74 -8.85
N PHE E 163 22.78 -13.94 -9.36
CA PHE E 163 21.56 -14.23 -10.12
C PHE E 163 21.54 -15.74 -10.36
N LYS E 164 20.36 -16.31 -10.61
CA LYS E 164 20.26 -17.77 -10.75
C LYS E 164 19.37 -18.23 -11.88
N GLY E 165 19.49 -19.51 -12.21
CA GLY E 165 18.58 -20.12 -13.13
C GLY E 165 17.67 -21.04 -12.35
N ASN E 166 17.45 -22.23 -12.88
CA ASN E 166 16.68 -23.23 -12.17
C ASN E 166 17.65 -24.14 -11.46
N LYS E 167 18.66 -24.58 -12.18
CA LYS E 167 19.65 -25.46 -11.59
C LYS E 167 20.78 -24.64 -10.97
N TYR E 168 21.36 -23.75 -11.76
CA TYR E 168 22.60 -23.08 -11.35
C TYR E 168 22.41 -21.72 -10.72
N LYS E 169 23.24 -21.47 -9.70
CA LYS E 169 23.37 -20.15 -9.11
C LYS E 169 24.71 -19.53 -9.50
N PHE E 170 24.75 -18.21 -9.57
CA PHE E 170 25.98 -17.48 -9.83
C PHE E 170 26.10 -16.37 -8.78
N SER E 171 27.14 -16.45 -7.97
CA SER E 171 27.29 -15.50 -6.87
C SER E 171 28.73 -14.99 -6.70
N LEU E 172 29.02 -13.88 -7.34
CA LEU E 172 30.36 -13.32 -7.26
C LEU E 172 30.42 -12.32 -6.13
N ASP E 173 31.26 -12.59 -5.15
CA ASP E 173 31.42 -11.70 -4.02
C ASP E 173 32.91 -11.55 -3.82
N MSE E 174 33.39 -10.33 -4.07
CA MSE E 174 34.80 -10.18 -4.40
C MSE E 174 35.35 -8.80 -4.05
O MSE E 174 34.73 -7.78 -4.32
CB MSE E 174 34.98 -10.51 -5.89
CG MSE E 174 36.02 -9.70 -6.58
SE MSE E 174 35.61 -9.48 -8.46
CE MSE E 174 35.56 -11.35 -8.97
N ALA E 175 36.51 -8.80 -3.41
CA ALA E 175 37.24 -7.58 -3.13
C ALA E 175 38.03 -7.22 -4.38
N THR E 176 38.20 -5.93 -4.66
CA THR E 176 39.11 -5.57 -5.76
C THR E 176 40.55 -5.52 -5.29
N ALA E 177 40.73 -5.64 -3.97
CA ALA E 177 42.04 -5.85 -3.37
C ALA E 177 42.61 -7.23 -3.77
N SER E 178 43.87 -7.28 -4.17
CA SER E 178 44.45 -8.55 -4.60
C SER E 178 44.65 -9.51 -3.44
N ILE E 179 44.76 -8.96 -2.23
CA ILE E 179 44.92 -9.77 -1.02
C ILE E 179 44.28 -9.02 0.14
N ALA E 180 43.86 -9.76 1.17
CA ALA E 180 43.23 -9.14 2.34
C ALA E 180 44.22 -8.96 3.50
N ARG E 181 44.09 -7.85 4.21
CA ARG E 181 44.98 -7.55 5.34
C ARG E 181 45.07 -8.72 6.33
N GLY E 182 43.94 -9.38 6.57
CA GLY E 182 43.90 -10.51 7.47
C GLY E 182 44.93 -11.56 7.10
N LYS E 183 45.09 -11.80 5.81
CA LYS E 183 46.00 -12.83 5.34
C LYS E 183 47.43 -12.39 5.53
N ILE E 184 47.69 -11.10 5.36
CA ILE E 184 49.04 -10.57 5.55
C ILE E 184 49.42 -10.68 7.03
N LEU E 185 48.42 -10.46 7.89
CA LEU E 185 48.62 -10.55 9.32
C LEU E 185 48.84 -12.00 9.74
N GLU E 186 48.22 -12.94 9.02
CA GLU E 186 48.43 -14.34 9.33
C GLU E 186 49.84 -14.74 8.92
N ALA E 187 50.28 -14.24 7.76
CA ALA E 187 51.62 -14.55 7.27
C ALA E 187 52.63 -14.05 8.28
N LEU E 188 52.43 -12.83 8.73
CA LEU E 188 53.30 -12.25 9.73
C LEU E 188 53.34 -13.17 10.93
N ARG E 189 52.17 -13.49 11.47
CA ARG E 189 52.05 -14.39 12.63
C ARG E 189 52.83 -15.68 12.41
N LYS E 190 52.72 -16.22 11.20
CA LYS E 190 53.29 -17.52 10.87
C LYS E 190 54.76 -17.42 10.42
N LYS E 191 55.26 -16.19 10.29
CA LYS E 191 56.61 -15.96 9.77
C LYS E 191 56.76 -16.51 8.35
N ILE E 192 55.82 -16.10 7.49
CA ILE E 192 55.65 -16.60 6.14
C ILE E 192 55.72 -15.44 5.15
N LYS E 193 55.80 -15.74 3.86
CA LYS E 193 55.73 -14.73 2.81
C LYS E 193 54.31 -14.65 2.26
N ILE E 194 53.91 -13.48 1.76
CA ILE E 194 52.65 -13.36 1.02
C ILE E 194 52.93 -13.58 -0.47
N PRO E 195 51.89 -13.96 -1.23
CA PRO E 195 52.01 -14.19 -2.67
C PRO E 195 52.68 -13.03 -3.42
N GLU E 196 53.26 -13.33 -4.59
CA GLU E 196 53.90 -12.32 -5.45
C GLU E 196 52.90 -11.31 -6.00
N GLY E 197 53.30 -10.04 -6.04
CA GLY E 197 52.51 -9.00 -6.70
C GLY E 197 51.22 -8.58 -6.01
N CYS E 198 51.23 -8.58 -4.69
CA CYS E 198 50.03 -8.21 -3.94
C CYS E 198 50.27 -6.95 -3.12
N ALA E 199 51.53 -6.57 -2.98
CA ALA E 199 51.87 -5.47 -2.09
C ALA E 199 53.19 -4.78 -2.44
N VAL E 200 53.31 -3.56 -1.94
CA VAL E 200 54.50 -2.76 -2.16
C VAL E 200 54.95 -2.19 -0.82
N ASP E 201 56.25 -2.09 -0.63
CA ASP E 201 56.78 -1.61 0.64
C ASP E 201 56.65 -0.10 0.73
N LYS E 202 57.29 0.48 1.75
CA LYS E 202 57.27 1.92 1.94
C LYS E 202 57.52 2.67 0.64
N ASP E 203 58.49 2.20 -0.14
CA ASP E 203 58.99 2.97 -1.29
C ASP E 203 58.28 2.68 -2.61
N GLY E 204 57.44 1.64 -2.65
CA GLY E 204 56.71 1.32 -3.86
C GLY E 204 57.32 0.18 -4.66
N LYS E 205 58.30 -0.48 -4.07
CA LYS E 205 58.88 -1.66 -4.70
C LYS E 205 58.10 -2.88 -4.26
N PRO E 206 57.73 -3.75 -5.21
CA PRO E 206 57.01 -4.96 -4.85
C PRO E 206 57.65 -5.65 -3.64
N THR E 207 56.82 -6.10 -2.72
CA THR E 207 57.31 -6.82 -1.54
C THR E 207 56.53 -8.12 -1.33
N THR E 208 57.14 -9.03 -0.57
CA THR E 208 56.51 -10.30 -0.24
C THR E 208 56.65 -10.49 1.26
N ASP E 209 57.34 -9.55 1.88
CA ASP E 209 57.54 -9.56 3.32
C ASP E 209 56.34 -8.93 4.03
N PRO E 210 55.62 -9.72 4.84
CA PRO E 210 54.33 -9.25 5.36
C PRO E 210 54.51 -7.97 6.14
N ALA E 211 55.68 -7.85 6.78
CA ALA E 211 55.98 -6.67 7.58
C ALA E 211 56.10 -5.43 6.70
N LYS E 212 57.01 -5.47 5.74
CA LYS E 212 57.18 -4.32 4.86
C LYS E 212 55.90 -4.01 4.08
N ALA E 213 55.07 -5.03 3.88
CA ALA E 213 53.79 -4.87 3.19
C ALA E 213 52.78 -4.17 4.10
N LEU E 214 52.75 -4.59 5.36
CA LEU E 214 51.89 -3.93 6.35
C LEU E 214 52.20 -2.42 6.44
N GLU E 215 53.45 -2.06 6.21
CA GLU E 215 53.82 -0.66 6.19
C GLU E 215 53.36 -0.01 4.87
N GLY E 216 53.84 -0.53 3.76
CA GLY E 216 53.50 0.00 2.45
C GLY E 216 52.01 -0.08 2.17
N CYS E 217 51.63 -0.67 1.05
CA CYS E 217 50.21 -0.94 0.81
C CYS E 217 49.88 -2.06 -0.19
N ILE E 218 48.59 -2.30 -0.34
CA ILE E 218 48.11 -3.42 -1.13
C ILE E 218 47.84 -2.95 -2.57
N LEU E 219 47.97 -3.88 -3.50
CA LEU E 219 47.74 -3.55 -4.91
C LEU E 219 46.36 -4.03 -5.35
N PRO E 220 45.72 -3.28 -6.26
CA PRO E 220 44.43 -3.74 -6.76
C PRO E 220 44.65 -4.98 -7.63
N PHE E 221 43.63 -5.81 -7.76
CA PHE E 221 43.80 -7.20 -8.17
C PHE E 221 44.35 -7.46 -9.56
N GLY E 222 44.01 -6.66 -10.56
CA GLY E 222 44.32 -7.09 -11.91
C GLY E 222 45.03 -6.12 -12.82
N GLY E 223 46.27 -5.79 -12.49
CA GLY E 223 47.01 -4.79 -13.24
C GLY E 223 46.20 -3.51 -13.33
N PRO E 224 46.36 -2.76 -14.43
CA PRO E 224 45.71 -1.44 -14.50
C PRO E 224 44.19 -1.60 -14.55
N LYS E 225 43.72 -2.68 -15.17
CA LYS E 225 42.27 -2.90 -15.30
C LYS E 225 41.60 -3.05 -13.93
N GLY E 226 42.18 -3.89 -13.07
CA GLY E 226 41.70 -4.04 -11.71
C GLY E 226 41.69 -2.70 -11.00
N TYR E 227 42.76 -1.94 -11.16
CA TYR E 227 42.84 -0.57 -10.67
C TYR E 227 41.65 0.25 -11.18
N GLY E 228 41.42 0.22 -12.49
CA GLY E 228 40.28 0.89 -13.09
C GLY E 228 38.95 0.60 -12.40
N LEU E 229 38.70 -0.68 -12.12
CA LEU E 229 37.43 -1.09 -11.52
C LEU E 229 37.34 -0.62 -10.07
N ALA E 230 38.44 -0.76 -9.34
CA ALA E 230 38.53 -0.27 -7.98
C ALA E 230 38.19 1.24 -7.90
N LEU E 231 38.80 2.03 -8.77
CA LEU E 231 38.49 3.45 -8.84
C LEU E 231 37.00 3.72 -9.07
N ALA E 232 36.41 3.04 -10.05
CA ALA E 232 35.01 3.31 -10.42
C ALA E 232 34.08 3.00 -9.26
N ILE E 233 34.25 1.82 -8.68
CA ILE E 233 33.56 1.47 -7.45
C ILE E 233 33.76 2.53 -6.35
N GLU E 234 35.00 3.01 -6.20
CA GLU E 234 35.31 3.97 -5.14
C GLU E 234 34.40 5.14 -5.27
N MSE E 235 34.20 5.59 -6.51
CA MSE E 235 33.35 6.72 -6.78
C MSE E 235 31.85 6.38 -6.73
O MSE E 235 31.10 7.06 -6.00
CB MSE E 235 33.71 7.36 -8.12
CG MSE E 235 33.01 8.69 -8.37
SE MSE E 235 33.22 10.05 -6.93
CE MSE E 235 31.34 10.57 -6.75
N LEU E 236 31.42 5.34 -7.45
CA LEU E 236 29.99 5.01 -7.55
C LEU E 236 29.38 4.64 -6.22
N SER E 237 30.15 3.98 -5.35
CA SER E 237 29.67 3.64 -4.01
C SER E 237 29.16 4.85 -3.24
N ALA E 238 29.56 6.03 -3.67
CA ALA E 238 29.44 7.22 -2.85
C ALA E 238 28.47 8.28 -3.40
N ILE E 239 27.72 7.93 -4.44
CA ILE E 239 26.89 8.90 -5.14
C ILE E 239 25.65 9.32 -4.33
N GLY E 240 25.48 8.70 -3.17
CA GLY E 240 24.44 9.10 -2.24
C GLY E 240 25.00 10.17 -1.30
N GLY E 241 26.23 10.58 -1.55
CA GLY E 241 26.82 11.65 -0.76
C GLY E 241 27.69 11.18 0.40
N ALA E 242 28.32 10.04 0.23
CA ALA E 242 29.30 9.57 1.20
C ALA E 242 30.67 10.16 0.81
N GLU E 243 31.71 9.75 1.51
CA GLU E 243 33.05 10.27 1.24
C GLU E 243 33.77 9.38 0.25
N VAL E 244 34.84 9.90 -0.33
CA VAL E 244 35.73 9.08 -1.16
C VAL E 244 37.19 9.20 -0.71
N GLY E 245 38.07 8.43 -1.33
CA GLY E 245 39.48 8.44 -0.99
C GLY E 245 39.77 8.44 0.49
N THR E 246 40.65 9.35 0.93
CA THR E 246 41.11 9.34 2.32
C THR E 246 40.15 9.96 3.32
N LYS E 247 38.97 10.38 2.86
CA LYS E 247 37.94 10.88 3.78
C LYS E 247 37.09 9.73 4.32
N VAL E 248 37.16 8.57 3.68
CA VAL E 248 36.40 7.41 4.14
C VAL E 248 37.05 6.92 5.42
N LYS E 249 36.27 6.86 6.49
CA LYS E 249 36.76 6.42 7.77
C LYS E 249 35.75 5.47 8.41
N GLY E 250 36.20 4.79 9.46
CA GLY E 250 35.31 4.04 10.32
C GLY E 250 34.79 2.71 9.79
N THR E 251 35.49 2.13 8.82
CA THR E 251 35.11 0.80 8.34
C THR E 251 35.70 -0.34 9.21
N ALA E 252 36.94 -0.16 9.65
CA ALA E 252 37.61 -1.11 10.52
C ALA E 252 37.84 -0.52 11.91
N ASN E 253 38.15 0.77 11.95
CA ASN E 253 38.44 1.47 13.20
C ASN E 253 37.17 1.97 13.90
N PRO E 254 36.77 1.30 15.00
CA PRO E 254 35.51 1.72 15.65
C PRO E 254 35.65 3.08 16.31
N GLU E 255 36.87 3.58 16.43
CA GLU E 255 37.12 4.85 17.10
C GLU E 255 36.46 6.00 16.37
N GLU E 256 36.26 5.85 15.06
CA GLU E 256 35.78 6.97 14.28
C GLU E 256 34.41 6.75 13.67
N ARG E 257 33.77 7.85 13.27
CA ARG E 257 32.48 7.82 12.58
C ARG E 257 32.68 7.19 11.21
N CYS E 258 31.73 6.35 10.79
CA CYS E 258 31.79 5.71 9.47
C CYS E 258 31.29 6.64 8.34
N THR E 259 32.11 6.85 7.32
CA THR E 259 31.77 7.77 6.24
C THR E 259 31.66 7.07 4.89
N LYS E 260 31.66 5.74 4.89
CA LYS E 260 31.60 4.99 3.63
C LYS E 260 30.25 5.17 2.92
N GLY E 261 30.16 4.64 1.71
CA GLY E 261 28.91 4.62 0.97
C GLY E 261 28.71 3.25 0.36
N ASP E 262 27.45 2.92 0.08
CA ASP E 262 27.14 1.70 -0.65
C ASP E 262 26.04 1.91 -1.68
N LEU E 263 26.11 1.13 -2.76
CA LEU E 263 25.12 1.14 -3.82
C LEU E 263 24.52 -0.26 -3.97
N PHE E 264 23.19 -0.34 -3.91
CA PHE E 264 22.49 -1.57 -4.23
C PHE E 264 21.74 -1.44 -5.55
N ILE E 265 22.04 -2.33 -6.49
CA ILE E 265 21.30 -2.37 -7.73
C ILE E 265 20.51 -3.67 -7.88
N ALA E 266 19.26 -3.56 -8.30
CA ALA E 266 18.53 -4.74 -8.75
C ALA E 266 17.98 -4.54 -10.17
N ILE E 267 18.27 -5.48 -11.06
CA ILE E 267 17.70 -5.48 -12.39
C ILE E 267 16.76 -6.69 -12.51
N ASN E 268 15.59 -6.48 -13.08
CA ASN E 268 14.54 -7.51 -13.08
C ASN E 268 14.27 -8.15 -14.45
N PRO E 269 14.68 -9.42 -14.61
CA PRO E 269 14.63 -10.14 -15.89
C PRO E 269 13.26 -10.12 -16.55
N GLU E 270 12.21 -9.99 -15.75
CA GLU E 270 10.85 -9.99 -16.29
C GLU E 270 10.55 -8.77 -17.19
N PHE E 271 11.37 -7.72 -17.09
CA PHE E 271 11.17 -6.54 -17.92
C PHE E 271 12.02 -6.57 -19.19
N PHE E 272 12.89 -7.55 -19.27
CA PHE E 272 13.67 -7.77 -20.47
C PHE E 272 13.16 -9.04 -21.14
N MSE E 273 13.98 -10.08 -21.24
CA MSE E 273 13.55 -11.29 -21.94
C MSE E 273 12.53 -12.12 -21.19
O MSE E 273 11.86 -12.97 -21.79
CB MSE E 273 14.75 -12.16 -22.26
CG MSE E 273 15.43 -12.72 -21.04
SE MSE E 273 17.11 -13.59 -21.51
CE MSE E 273 16.41 -15.14 -22.50
N GLY E 274 12.42 -11.92 -19.89
CA GLY E 274 11.40 -12.61 -19.11
C GLY E 274 12.00 -13.49 -18.04
N LYS E 275 11.19 -13.81 -17.04
CA LYS E 275 11.67 -14.52 -15.87
C LYS E 275 12.09 -15.94 -16.22
N GLU E 276 11.14 -16.72 -16.72
CA GLU E 276 11.39 -18.11 -17.05
C GLU E 276 12.49 -18.21 -18.10
N GLU E 277 12.49 -17.27 -19.03
CA GLU E 277 13.41 -17.28 -20.17
C GLU E 277 14.81 -17.01 -19.68
N PHE E 278 14.94 -15.99 -18.85
CA PHE E 278 16.23 -15.69 -18.22
C PHE E 278 16.81 -16.91 -17.52
N LYS E 279 16.02 -17.52 -16.63
CA LYS E 279 16.51 -18.64 -15.86
C LYS E 279 17.01 -19.79 -16.73
N ARG E 280 16.33 -20.05 -17.84
CA ARG E 280 16.74 -21.14 -18.71
C ARG E 280 18.07 -20.83 -19.39
N LYS E 281 18.24 -19.58 -19.80
CA LYS E 281 19.47 -19.16 -20.44
C LYS E 281 20.64 -19.16 -19.45
N VAL E 282 20.39 -18.68 -18.24
CA VAL E 282 21.43 -18.78 -17.19
C VAL E 282 21.89 -20.22 -17.03
N ASP E 283 20.95 -21.16 -16.98
CA ASP E 283 21.30 -22.57 -16.84
C ASP E 283 22.07 -23.10 -18.06
N GLU E 284 21.68 -22.68 -19.26
CA GLU E 284 22.39 -23.11 -20.46
C GLU E 284 23.86 -22.64 -20.40
N LEU E 285 24.07 -21.37 -20.05
CA LEU E 285 25.41 -20.83 -19.92
C LEU E 285 26.24 -21.50 -18.83
N LEU E 286 25.71 -21.57 -17.62
CA LEU E 286 26.46 -22.18 -16.51
C LEU E 286 26.67 -23.69 -16.71
N ASP E 287 25.71 -24.36 -17.33
CA ASP E 287 25.83 -25.77 -17.68
C ASP E 287 26.97 -26.03 -18.66
N GLU E 288 27.05 -25.19 -19.69
CA GLU E 288 28.14 -25.25 -20.66
C GLU E 288 29.54 -25.05 -20.00
N ILE E 289 29.66 -24.02 -19.18
CA ILE E 289 30.89 -23.79 -18.44
C ILE E 289 31.24 -24.97 -17.52
N LYS E 290 30.29 -25.39 -16.70
CA LYS E 290 30.58 -26.46 -15.76
C LYS E 290 31.04 -27.73 -16.46
N ASN E 291 30.60 -27.90 -17.70
CA ASN E 291 30.91 -29.14 -18.42
C ASN E 291 31.98 -28.96 -19.48
N SER E 292 32.43 -27.71 -19.66
CA SER E 292 33.53 -27.49 -20.56
C SER E 292 34.74 -28.27 -20.05
N GLU E 293 35.71 -28.54 -20.92
CA GLU E 293 36.82 -29.41 -20.56
C GLU E 293 37.83 -28.71 -19.64
N PRO E 294 38.15 -29.35 -18.52
CA PRO E 294 39.10 -28.80 -17.55
C PRO E 294 40.56 -28.93 -17.99
N ALA E 295 41.41 -28.08 -17.41
CA ALA E 295 42.82 -28.07 -17.71
C ALA E 295 43.57 -29.06 -16.83
N GLU E 296 44.67 -29.59 -17.39
CA GLU E 296 45.60 -30.53 -16.74
C GLU E 296 45.26 -31.09 -15.36
N GLY E 297 44.97 -30.23 -14.38
CA GLY E 297 44.65 -30.71 -13.04
C GLY E 297 43.75 -29.80 -12.23
N PHE E 298 42.87 -29.08 -12.91
CA PHE E 298 41.93 -28.16 -12.27
C PHE E 298 40.51 -28.72 -12.35
N GLU E 299 39.63 -28.24 -11.47
CA GLU E 299 38.20 -28.42 -11.68
C GLU E 299 37.63 -27.05 -12.05
N ILE E 300 36.51 -27.04 -12.76
CA ILE E 300 35.86 -25.77 -13.10
C ILE E 300 34.77 -25.41 -12.09
N LEU E 301 34.82 -24.19 -11.59
CA LEU E 301 33.87 -23.72 -10.61
C LEU E 301 33.12 -22.47 -11.08
N ILE E 302 31.83 -22.42 -10.77
CA ILE E 302 31.07 -21.18 -10.89
C ILE E 302 31.34 -20.30 -9.67
N PRO E 303 31.47 -18.98 -9.88
CA PRO E 303 31.57 -18.08 -8.72
C PRO E 303 30.45 -18.35 -7.72
N GLY E 304 30.81 -18.37 -6.44
CA GLY E 304 29.87 -18.72 -5.38
C GLY E 304 29.89 -20.20 -4.99
N GLU E 305 30.51 -21.03 -5.81
CA GLU E 305 30.51 -22.47 -5.59
C GLU E 305 31.34 -22.85 -4.36
N ILE E 306 32.49 -22.20 -4.19
CA ILE E 306 33.35 -22.47 -3.04
C ILE E 306 32.65 -22.06 -1.75
N GLU E 307 32.01 -20.89 -1.76
CA GLU E 307 31.21 -20.48 -0.61
C GLU E 307 30.11 -21.49 -0.30
N GLU E 308 29.52 -22.07 -1.35
CA GLU E 308 28.47 -23.06 -1.19
C GLU E 308 29.00 -24.29 -0.42
N ARG E 309 30.08 -24.90 -0.94
CA ARG E 309 30.68 -26.07 -0.28
C ARG E 309 31.08 -25.80 1.18
N ASN E 310 31.53 -24.58 1.45
CA ASN E 310 31.91 -24.21 2.82
C ASN E 310 30.70 -24.19 3.74
N LYS E 311 29.64 -23.54 3.30
CA LYS E 311 28.45 -23.38 4.11
C LYS E 311 27.94 -24.78 4.37
N MSE E 312 28.06 -25.62 3.35
CA MSE E 312 27.69 -27.01 3.43
C MSE E 312 28.48 -27.74 4.52
O MSE E 312 27.90 -28.43 5.36
CB MSE E 312 27.92 -27.68 2.07
CG MSE E 312 26.90 -28.72 1.69
SE MSE E 312 25.07 -28.06 1.84
CE MSE E 312 24.49 -29.17 3.35
N LYS E 313 29.80 -27.57 4.51
CA LYS E 313 30.68 -28.32 5.39
C LYS E 313 30.91 -27.69 6.75
N ARG E 314 30.31 -26.54 6.98
CA ARG E 314 30.47 -25.82 8.23
C ARG E 314 29.12 -25.70 8.93
N LYS E 315 28.11 -26.41 8.41
CA LYS E 315 26.78 -26.47 9.02
C LYS E 315 26.79 -26.66 10.53
N ASP E 316 27.59 -27.62 10.98
CA ASP E 316 27.62 -28.03 12.39
C ASP E 316 28.62 -27.23 13.20
N GLY E 317 29.06 -26.08 12.68
CA GLY E 317 29.95 -25.22 13.44
C GLY E 317 31.36 -25.19 12.93
N PHE E 318 32.12 -24.19 13.38
CA PHE E 318 33.46 -23.94 12.88
C PHE E 318 34.36 -23.49 14.05
N GLU E 319 35.67 -23.45 13.82
CA GLU E 319 36.63 -23.14 14.87
C GLU E 319 36.92 -21.65 14.99
N ILE E 320 36.85 -21.13 16.21
CA ILE E 320 37.35 -19.79 16.51
C ILE E 320 38.59 -19.95 17.37
N ASP E 321 39.51 -18.99 17.30
CA ASP E 321 40.72 -19.08 18.12
C ASP E 321 40.46 -18.58 19.53
N LYS E 322 41.36 -18.95 20.44
CA LYS E 322 41.20 -18.66 21.87
C LYS E 322 41.08 -17.17 22.18
N ASN E 323 41.95 -16.36 21.58
CA ASN E 323 41.87 -14.92 21.74
C ASN E 323 40.44 -14.42 21.60
N LEU E 324 39.80 -14.85 20.50
CA LEU E 324 38.46 -14.38 20.16
C LEU E 324 37.45 -14.88 21.17
N TYR E 325 37.61 -16.12 21.59
CA TYR E 325 36.73 -16.69 22.60
C TYR E 325 36.87 -15.85 23.87
N ASN E 326 38.12 -15.56 24.23
CA ASN E 326 38.42 -14.76 25.42
C ASN E 326 37.89 -13.34 25.32
N GLN E 327 37.97 -12.75 24.12
CA GLN E 327 37.39 -11.44 23.89
C GLN E 327 35.88 -11.51 24.07
N LEU E 328 35.29 -12.64 23.69
CA LEU E 328 33.85 -12.86 23.79
C LEU E 328 33.44 -13.28 25.20
N LYS E 329 34.34 -13.97 25.89
CA LYS E 329 34.10 -14.26 27.30
C LYS E 329 33.87 -12.96 28.06
N GLU E 330 34.84 -12.05 27.95
CA GLU E 330 34.77 -10.76 28.64
C GLU E 330 33.55 -9.93 28.28
N ILE E 331 33.29 -9.79 26.99
CA ILE E 331 32.13 -9.05 26.51
C ILE E 331 30.86 -9.57 27.18
N CYS E 332 30.74 -10.89 27.29
CA CYS E 332 29.58 -11.51 27.92
C CYS E 332 29.57 -11.27 29.41
N ASN E 333 30.71 -11.53 30.04
CA ASN E 333 30.85 -11.38 31.48
C ASN E 333 31.09 -9.92 31.85
N GLU E 334 30.09 -9.09 31.60
CA GLU E 334 30.19 -7.64 31.79
C GLU E 334 28.87 -7.05 31.34
N LEU E 335 28.21 -7.77 30.45
CA LEU E 335 26.84 -7.45 30.07
C LEU E 335 25.96 -8.45 30.80
N GLY E 336 26.61 -9.32 31.58
CA GLY E 336 25.91 -10.27 32.41
C GLY E 336 25.22 -11.37 31.62
N LEU E 337 25.97 -11.94 30.69
CA LEU E 337 25.50 -13.07 29.90
C LEU E 337 26.45 -14.22 30.17
N ASN E 338 26.09 -15.44 29.79
CA ASN E 338 27.00 -16.55 30.06
C ASN E 338 27.56 -17.20 28.80
N ILE E 339 28.87 -17.03 28.58
CA ILE E 339 29.51 -17.54 27.38
C ILE E 339 29.15 -19.00 27.12
N GLU E 340 28.86 -19.76 28.16
CA GLU E 340 28.58 -21.17 27.99
C GLU E 340 27.15 -21.47 27.57
N ASP E 341 26.35 -20.42 27.40
CA ASP E 341 25.05 -20.57 26.76
C ASP E 341 25.27 -20.51 25.26
N TYR E 342 26.49 -20.17 24.87
CA TYR E 342 26.82 -20.08 23.45
C TYR E 342 27.98 -20.99 23.05
N ILE E 343 28.88 -21.26 23.99
CA ILE E 343 30.02 -22.16 23.76
C ILE E 343 30.49 -22.76 25.09
N GLU E 344 30.39 -24.08 25.28
CA GLU E 344 29.84 -25.04 24.32
C GLU E 344 30.74 -25.25 23.09
N MSE F 1 50.04 7.10 -45.69
CA MSE F 1 49.87 8.55 -45.61
C MSE F 1 49.05 8.97 -44.40
O MSE F 1 48.68 8.14 -43.56
CB MSE F 1 49.20 9.08 -46.88
CG MSE F 1 50.02 8.93 -48.15
SE MSE F 1 49.20 7.73 -49.46
CE MSE F 1 49.84 6.02 -48.76
N ILE F 2 48.76 10.26 -44.33
CA ILE F 2 48.03 10.80 -43.20
C ILE F 2 46.54 10.81 -43.46
N LEU F 3 45.78 10.39 -42.46
CA LEU F 3 44.33 10.39 -42.56
C LEU F 3 43.78 11.30 -41.48
N LYS F 4 43.00 12.30 -41.88
CA LYS F 4 42.43 13.26 -40.95
C LYS F 4 41.02 12.84 -40.52
N PRO F 5 40.73 12.95 -39.22
CA PRO F 5 39.44 12.48 -38.68
C PRO F 5 38.27 12.92 -39.54
N GLU F 6 38.22 14.20 -39.89
CA GLU F 6 37.11 14.76 -40.64
C GLU F 6 36.92 14.02 -41.95
N ASN F 7 38.04 13.72 -42.62
CA ASN F 7 38.00 13.02 -43.91
C ASN F 7 37.59 11.56 -43.76
N GLU F 8 37.85 11.01 -42.57
CA GLU F 8 37.47 9.65 -42.28
C GLU F 8 35.94 9.54 -42.26
N LYS F 9 35.30 10.49 -41.60
CA LYS F 9 33.86 10.57 -41.58
C LYS F 9 33.31 10.58 -43.00
N LYS F 10 33.89 11.43 -43.84
CA LYS F 10 33.43 11.62 -45.22
C LYS F 10 33.51 10.32 -45.99
N LEU F 11 34.66 9.69 -45.89
CA LEU F 11 34.90 8.40 -46.51
C LEU F 11 33.77 7.42 -46.15
N ILE F 12 33.59 7.21 -44.85
CA ILE F 12 32.68 6.18 -44.37
C ILE F 12 31.23 6.51 -44.72
N ILE F 13 30.90 7.80 -44.77
CA ILE F 13 29.54 8.21 -45.09
C ILE F 13 29.21 7.99 -46.56
N ASP F 14 30.15 8.32 -47.45
CA ASP F 14 29.96 8.19 -48.89
C ASP F 14 29.84 6.72 -49.28
N VAL F 15 30.48 5.86 -48.50
CA VAL F 15 30.53 4.42 -48.79
C VAL F 15 29.26 3.70 -48.29
N LEU F 16 28.91 3.95 -47.03
CA LEU F 16 27.71 3.36 -46.44
C LEU F 16 26.47 3.80 -47.22
N LYS F 17 26.49 5.06 -47.64
CA LYS F 17 25.41 5.60 -48.46
C LYS F 17 25.20 4.78 -49.75
N LYS F 18 26.28 4.41 -50.42
CA LYS F 18 26.17 3.65 -51.65
C LYS F 18 25.49 2.32 -51.39
N PHE F 19 25.62 1.83 -50.15
CA PHE F 19 25.08 0.53 -49.79
C PHE F 19 23.65 0.61 -49.25
N GLY F 20 23.10 1.82 -49.23
CA GLY F 20 21.72 2.01 -48.81
C GLY F 20 21.53 2.53 -47.40
N VAL F 21 22.62 2.80 -46.70
CA VAL F 21 22.54 3.29 -45.33
C VAL F 21 22.09 4.75 -45.32
N PRO F 22 20.99 5.05 -44.60
CA PRO F 22 20.52 6.43 -44.54
C PRO F 22 21.62 7.34 -44.03
N GLU F 23 21.57 8.62 -44.41
CA GLU F 23 22.66 9.56 -44.12
C GLU F 23 23.00 9.68 -42.63
N GLU F 24 21.99 9.82 -41.79
CA GLU F 24 22.24 10.04 -40.37
C GLU F 24 22.72 8.79 -39.65
N ASP F 25 22.49 7.62 -40.25
CA ASP F 25 23.00 6.37 -39.70
C ASP F 25 24.48 6.22 -40.11
N ALA F 26 24.77 6.68 -41.31
CA ALA F 26 26.15 6.71 -41.78
C ALA F 26 27.00 7.62 -40.87
N LYS F 27 26.48 8.81 -40.55
CA LYS F 27 27.19 9.77 -39.71
C LYS F 27 27.49 9.17 -38.35
N ILE F 28 26.43 8.68 -37.71
CA ILE F 28 26.51 7.95 -36.44
C ILE F 28 27.58 6.87 -36.49
N THR F 29 27.47 5.99 -37.47
CA THR F 29 28.49 4.95 -37.63
C THR F 29 29.93 5.51 -37.68
N ALA F 30 30.14 6.53 -38.51
CA ALA F 30 31.46 7.11 -38.73
C ALA F 30 32.08 7.67 -37.45
N ASP F 31 31.26 8.30 -36.63
CA ASP F 31 31.72 8.94 -35.41
C ASP F 31 32.42 7.93 -34.49
N VAL F 32 32.01 6.68 -34.59
CA VAL F 32 32.50 5.64 -33.69
C VAL F 32 33.79 5.04 -34.22
N PHE F 33 33.87 4.92 -35.54
CA PHE F 33 35.13 4.55 -36.18
C PHE F 33 36.21 5.58 -35.91
N VAL F 34 35.87 6.84 -36.11
CA VAL F 34 36.85 7.91 -35.94
C VAL F 34 37.30 7.98 -34.49
N ASP F 35 36.34 7.86 -33.57
CA ASP F 35 36.67 7.92 -32.15
C ASP F 35 37.66 6.82 -31.75
N ALA F 36 37.49 5.63 -32.34
CA ALA F 36 38.42 4.54 -32.09
C ALA F 36 39.80 4.90 -32.63
N ASP F 37 39.83 5.47 -33.83
CA ASP F 37 41.09 5.80 -34.47
C ASP F 37 41.84 6.88 -33.71
N LEU F 38 41.13 7.91 -33.27
CA LEU F 38 41.74 8.93 -32.44
C LEU F 38 42.31 8.39 -31.13
N LYS F 39 41.57 7.48 -30.50
CA LYS F 39 41.93 7.00 -29.16
C LYS F 39 43.06 5.97 -29.15
N GLY F 40 43.38 5.42 -30.31
CA GLY F 40 44.44 4.44 -30.37
C GLY F 40 44.00 3.00 -30.52
N PHE F 41 42.69 2.76 -30.42
CA PHE F 41 42.15 1.42 -30.60
C PHE F 41 41.97 1.09 -32.07
N THR F 42 43.08 0.85 -32.74
CA THR F 42 43.12 0.67 -34.19
C THR F 42 42.37 -0.57 -34.72
N SER F 43 42.30 -1.62 -33.91
CA SER F 43 41.57 -2.82 -34.29
C SER F 43 40.11 -2.51 -34.56
N HIS F 44 39.64 -1.39 -34.02
CA HIS F 44 38.23 -1.07 -34.05
C HIS F 44 37.92 0.12 -34.93
N GLY F 45 38.97 0.67 -35.53
CA GLY F 45 38.85 1.85 -36.36
C GLY F 45 38.63 1.46 -37.80
N ILE F 46 38.91 2.41 -38.68
CA ILE F 46 38.69 2.20 -40.10
C ILE F 46 39.46 0.99 -40.64
N GLY F 47 40.37 0.44 -39.83
CA GLY F 47 41.07 -0.78 -40.22
C GLY F 47 40.13 -1.95 -40.39
N ARG F 48 39.00 -1.89 -39.67
CA ARG F 48 37.99 -2.94 -39.70
C ARG F 48 36.94 -2.69 -40.78
N PHE F 49 36.95 -1.49 -41.31
CA PHE F 49 35.92 -1.07 -42.27
C PHE F 49 35.76 -1.98 -43.49
N PRO F 50 36.87 -2.50 -44.03
CA PRO F 50 36.73 -3.43 -45.16
C PRO F 50 35.89 -4.66 -44.82
N GLN F 51 36.03 -5.21 -43.61
CA GLN F 51 35.19 -6.34 -43.21
C GLN F 51 33.73 -5.93 -43.15
N TYR F 52 33.49 -4.65 -42.87
CA TYR F 52 32.14 -4.16 -42.88
C TYR F 52 31.58 -4.29 -44.28
N ILE F 53 32.39 -3.89 -45.27
CA ILE F 53 31.97 -3.90 -46.67
C ILE F 53 31.62 -5.32 -47.08
N THR F 54 32.46 -6.28 -46.68
CA THR F 54 32.20 -7.69 -46.93
C THR F 54 30.86 -8.14 -46.35
N ALA F 55 30.65 -7.84 -45.07
CA ALA F 55 29.43 -8.22 -44.37
C ALA F 55 28.20 -7.69 -45.10
N LEU F 56 28.29 -6.41 -45.49
CA LEU F 56 27.20 -5.75 -46.22
C LEU F 56 26.84 -6.49 -47.51
N LYS F 57 27.85 -6.80 -48.30
CA LYS F 57 27.68 -7.54 -49.54
C LYS F 57 27.05 -8.91 -49.26
N LEU F 58 27.50 -9.55 -48.20
CA LEU F 58 27.00 -10.87 -47.82
C LEU F 58 25.64 -10.82 -47.12
N GLY F 59 25.10 -9.61 -46.96
CA GLY F 59 23.78 -9.45 -46.36
C GLY F 59 23.75 -9.68 -44.86
N ASN F 60 24.91 -9.81 -44.24
CA ASN F 60 24.96 -10.02 -42.80
C ASN F 60 24.85 -8.72 -41.99
N ILE F 61 24.85 -7.59 -42.70
CA ILE F 61 24.56 -6.29 -42.11
C ILE F 61 23.44 -5.64 -42.89
N ASN F 62 22.30 -5.43 -42.24
CA ASN F 62 21.16 -4.83 -42.93
C ASN F 62 21.17 -3.30 -42.87
N PRO F 63 21.41 -2.67 -44.03
CA PRO F 63 21.59 -1.21 -44.14
C PRO F 63 20.32 -0.42 -43.85
N LYS F 64 19.16 -1.04 -43.93
CA LYS F 64 17.90 -0.35 -43.71
C LYS F 64 17.07 -1.11 -42.68
N PRO F 65 17.48 -1.02 -41.41
CA PRO F 65 16.83 -1.82 -40.37
C PRO F 65 15.53 -1.21 -39.90
N ASP F 66 14.57 -2.09 -39.64
CA ASP F 66 13.40 -1.76 -38.86
C ASP F 66 13.81 -2.01 -37.42
N ILE F 67 14.33 -0.98 -36.76
CA ILE F 67 14.78 -1.09 -35.37
C ILE F 67 13.61 -0.86 -34.41
N LYS F 68 13.36 -1.83 -33.54
CA LYS F 68 12.14 -1.84 -32.73
C LYS F 68 12.39 -1.84 -31.22
N ILE F 69 11.66 -1.00 -30.50
CA ILE F 69 11.59 -1.16 -29.07
C ILE F 69 10.57 -2.28 -28.85
N VAL F 70 11.07 -3.44 -28.45
CA VAL F 70 10.26 -4.63 -28.27
C VAL F 70 9.55 -4.64 -26.92
N LYS F 71 10.28 -4.19 -25.88
CA LYS F 71 9.82 -4.11 -24.49
C LYS F 71 10.18 -2.71 -23.98
N GLU F 72 9.29 -2.08 -23.20
CA GLU F 72 9.58 -0.76 -22.65
C GLU F 72 8.88 -0.48 -21.31
N SER F 73 9.61 0.17 -20.40
CA SER F 73 9.04 0.71 -19.17
C SER F 73 9.73 2.06 -18.92
N PRO F 74 9.28 2.82 -17.92
CA PRO F 74 9.88 4.13 -17.63
C PRO F 74 11.38 4.06 -17.34
N ALA F 75 11.88 2.87 -17.02
CA ALA F 75 13.28 2.72 -16.65
C ALA F 75 14.08 1.78 -17.56
N THR F 76 13.38 0.99 -18.38
CA THR F 76 13.99 -0.08 -19.15
C THR F 76 13.46 -0.19 -20.59
N ALA F 77 14.29 -0.76 -21.45
CA ALA F 77 13.87 -1.11 -22.80
C ALA F 77 14.69 -2.29 -23.31
N VAL F 78 14.11 -3.03 -24.24
CA VAL F 78 14.84 -4.00 -25.02
C VAL F 78 14.67 -3.57 -26.48
N ILE F 79 15.77 -3.53 -27.19
CA ILE F 79 15.78 -3.12 -28.58
C ILE F 79 16.29 -4.25 -29.47
N ASP F 80 15.51 -4.55 -30.51
CA ASP F 80 15.89 -5.53 -31.52
C ASP F 80 16.36 -4.77 -32.77
N GLY F 81 17.58 -5.06 -33.20
CA GLY F 81 18.27 -4.23 -34.18
C GLY F 81 18.10 -4.62 -35.64
N ASP F 82 17.33 -5.67 -35.89
CA ASP F 82 17.06 -6.13 -37.26
C ASP F 82 18.34 -6.32 -38.08
N LEU F 83 19.42 -6.72 -37.43
CA LEU F 83 20.68 -6.97 -38.12
C LEU F 83 21.36 -5.69 -38.58
N GLY F 84 20.94 -4.56 -38.02
CA GLY F 84 21.50 -3.27 -38.37
C GLY F 84 22.91 -3.06 -37.88
N LEU F 85 23.53 -1.97 -38.31
CA LEU F 85 24.83 -1.57 -37.78
C LEU F 85 24.75 -1.45 -36.27
N GLY F 86 25.67 -2.10 -35.57
CA GLY F 86 25.74 -2.00 -34.13
C GLY F 86 25.91 -0.57 -33.63
N GLN F 87 26.49 0.29 -34.46
CA GLN F 87 26.64 1.68 -34.07
C GLN F 87 25.30 2.39 -34.05
N VAL F 88 24.46 2.11 -35.04
CA VAL F 88 23.17 2.78 -35.11
C VAL F 88 22.27 2.28 -33.97
N VAL F 89 22.24 0.96 -33.78
CA VAL F 89 21.44 0.38 -32.72
C VAL F 89 21.99 0.80 -31.36
N GLY F 90 23.32 0.85 -31.25
CA GLY F 90 23.96 1.24 -30.01
C GLY F 90 23.63 2.64 -29.56
N LYS F 91 23.82 3.62 -30.44
CA LYS F 91 23.59 5.02 -30.11
C LYS F 91 22.14 5.24 -29.70
N LYS F 92 21.23 4.49 -30.31
CA LYS F 92 19.81 4.55 -29.96
C LYS F 92 19.51 3.96 -28.56
N ALA F 93 20.15 2.83 -28.24
CA ALA F 93 19.95 2.22 -26.95
C ALA F 93 20.48 3.12 -25.83
N MSE F 94 21.72 3.57 -25.97
CA MSE F 94 22.30 4.42 -24.96
C MSE F 94 21.56 5.75 -24.84
O MSE F 94 21.37 6.25 -23.73
CB MSE F 94 23.81 4.64 -25.17
CG MSE F 94 24.46 5.48 -24.09
SE MSE F 94 24.08 4.80 -22.27
CE MSE F 94 25.73 3.80 -21.97
N GLU F 95 21.11 6.33 -25.95
CA GLU F 95 20.43 7.61 -25.87
C GLU F 95 19.11 7.43 -25.16
N LEU F 96 18.54 6.23 -25.28
CA LEU F 96 17.26 5.93 -24.66
C LEU F 96 17.44 5.65 -23.17
N ALA F 97 18.54 4.99 -22.83
CA ALA F 97 18.89 4.78 -21.44
C ALA F 97 19.09 6.13 -20.77
N ILE F 98 19.73 7.04 -21.49
CA ILE F 98 20.05 8.37 -20.98
C ILE F 98 18.79 9.19 -20.72
N LYS F 99 17.80 9.02 -21.60
CA LYS F 99 16.53 9.71 -21.51
C LYS F 99 15.70 9.17 -20.35
N LYS F 100 15.76 7.85 -20.16
CA LYS F 100 15.05 7.28 -19.03
C LYS F 100 15.74 7.69 -17.71
N ALA F 101 17.07 7.83 -17.73
CA ALA F 101 17.82 8.31 -16.56
C ALA F 101 17.55 9.79 -16.30
N LYS F 102 17.38 10.57 -17.35
CA LYS F 102 16.93 11.94 -17.22
C LYS F 102 15.61 11.99 -16.43
N ASN F 103 14.72 11.03 -16.71
CA ASN F 103 13.35 11.07 -16.22
C ASN F 103 13.13 10.47 -14.83
N VAL F 104 13.76 9.33 -14.55
CA VAL F 104 13.48 8.60 -13.33
C VAL F 104 14.75 8.21 -12.57
N GLY F 105 15.91 8.56 -13.10
CA GLY F 105 17.16 8.42 -12.36
C GLY F 105 18.11 7.36 -12.87
N VAL F 106 17.59 6.45 -13.67
CA VAL F 106 18.41 5.39 -14.23
C VAL F 106 17.73 4.82 -15.46
N GLY F 107 18.53 4.38 -16.41
CA GLY F 107 17.99 3.72 -17.58
C GLY F 107 18.83 2.52 -17.95
N VAL F 108 18.19 1.35 -17.96
CA VAL F 108 18.84 0.16 -18.48
C VAL F 108 18.19 -0.26 -19.80
N VAL F 109 18.98 -0.29 -20.86
CA VAL F 109 18.49 -0.71 -22.14
C VAL F 109 19.35 -1.82 -22.71
N ALA F 110 18.68 -2.90 -23.12
CA ALA F 110 19.32 -4.11 -23.63
C ALA F 110 19.08 -4.24 -25.13
N THR F 111 20.01 -4.89 -25.84
CA THR F 111 19.87 -5.05 -27.30
C THR F 111 20.09 -6.48 -27.77
N ARG F 112 19.45 -6.83 -28.87
CA ARG F 112 19.51 -8.17 -29.42
C ARG F 112 19.56 -8.07 -30.93
N ASN F 113 20.22 -9.03 -31.56
CA ASN F 113 20.14 -9.10 -33.01
C ASN F 113 20.69 -7.82 -33.68
N ALA F 114 21.93 -7.50 -33.38
CA ALA F 114 22.59 -6.32 -33.94
C ALA F 114 24.05 -6.70 -34.13
N ASN F 115 24.81 -5.85 -34.79
CA ASN F 115 26.21 -6.13 -35.08
C ASN F 115 27.20 -5.54 -34.06
N HIS F 116 28.47 -5.89 -34.21
CA HIS F 116 29.52 -5.36 -33.34
C HIS F 116 29.49 -3.83 -33.39
N PHE F 117 29.62 -3.18 -32.23
CA PHE F 117 29.38 -1.75 -32.15
C PHE F 117 30.65 -0.88 -32.06
N GLY F 118 31.81 -1.52 -32.16
CA GLY F 118 33.07 -0.80 -32.08
C GLY F 118 33.63 -0.77 -30.66
N ILE F 119 34.05 0.41 -30.23
CA ILE F 119 34.58 0.58 -28.87
C ILE F 119 33.44 0.85 -27.89
N ALA F 120 33.42 0.13 -26.79
CA ALA F 120 32.35 0.29 -25.80
C ALA F 120 32.37 1.69 -25.19
N GLY F 121 33.56 2.28 -25.14
CA GLY F 121 33.75 3.57 -24.49
C GLY F 121 32.93 4.67 -25.13
N TYR F 122 32.74 4.60 -26.45
CA TYR F 122 31.95 5.60 -27.15
C TYR F 122 30.56 5.73 -26.54
N TYR F 123 29.93 4.60 -26.25
CA TYR F 123 28.59 4.65 -25.73
C TYR F 123 28.53 5.18 -24.28
N SER F 124 29.46 4.76 -23.44
CA SER F 124 29.48 5.23 -22.06
C SER F 124 29.76 6.73 -21.98
N GLU F 125 30.57 7.22 -22.91
CA GLU F 125 30.94 8.62 -22.87
C GLU F 125 29.76 9.52 -23.28
N LEU F 126 28.83 8.99 -24.06
CA LEU F 126 27.60 9.72 -24.34
C LEU F 126 26.89 10.13 -23.05
N ALA F 127 26.72 9.16 -22.15
CA ALA F 127 26.15 9.43 -20.84
C ALA F 127 27.00 10.45 -20.08
N MSE F 128 28.31 10.22 -20.05
CA MSE F 128 29.20 11.10 -19.32
C MSE F 128 29.02 12.54 -19.79
O MSE F 128 28.97 13.46 -18.96
CB MSE F 128 30.66 10.67 -19.50
CG MSE F 128 31.69 11.69 -18.98
SE MSE F 128 33.55 11.27 -19.52
CE MSE F 128 33.44 11.78 -21.41
N ASN F 129 28.91 12.71 -21.10
CA ASN F 129 28.79 14.03 -21.72
C ASN F 129 27.42 14.68 -21.54
N GLN F 130 26.52 13.98 -20.86
CA GLN F 130 25.28 14.55 -20.37
C GLN F 130 25.29 14.66 -18.84
N ASP F 131 26.48 14.77 -18.28
CA ASP F 131 26.64 14.84 -16.83
C ASP F 131 26.04 13.66 -16.10
N MSE F 132 26.31 12.46 -16.61
CA MSE F 132 25.76 11.24 -16.04
C MSE F 132 26.82 10.18 -15.99
O MSE F 132 27.94 10.36 -16.48
CB MSE F 132 24.63 10.74 -16.92
CG MSE F 132 23.48 11.70 -16.98
SE MSE F 132 21.88 10.80 -17.58
CE MSE F 132 20.67 12.33 -17.65
N ILE F 133 26.47 9.06 -15.37
CA ILE F 133 27.36 7.91 -15.34
C ILE F 133 26.91 6.95 -16.41
N GLY F 134 27.82 6.55 -17.28
CA GLY F 134 27.49 5.58 -18.32
C GLY F 134 28.24 4.28 -18.19
N ILE F 135 27.51 3.18 -18.29
CA ILE F 135 28.10 1.84 -18.24
C ILE F 135 27.61 1.00 -19.42
N THR F 136 28.56 0.36 -20.07
CA THR F 136 28.29 -0.38 -21.28
C THR F 136 29.00 -1.71 -21.23
N ILE F 137 28.25 -2.78 -21.43
CA ILE F 137 28.84 -4.10 -21.54
C ILE F 137 28.31 -4.78 -22.80
N THR F 138 29.05 -5.76 -23.29
CA THR F 138 28.64 -6.54 -24.43
C THR F 138 29.38 -7.87 -24.34
N ASN F 139 28.84 -8.91 -24.99
CA ASN F 139 29.55 -10.18 -25.08
C ASN F 139 30.00 -10.46 -26.51
N THR F 140 30.85 -11.47 -26.71
CA THR F 140 31.44 -11.70 -28.03
C THR F 140 31.59 -13.20 -28.27
N GLU F 141 31.92 -13.58 -29.50
CA GLU F 141 32.20 -14.99 -29.77
C GLU F 141 33.36 -15.50 -28.92
N PRO F 142 33.32 -16.79 -28.55
CA PRO F 142 34.23 -17.42 -27.59
C PRO F 142 35.71 -17.19 -27.88
N ALA F 143 36.48 -16.90 -26.83
CA ALA F 143 37.89 -16.55 -26.95
C ALA F 143 38.65 -17.06 -25.74
N MSE F 144 37.94 -17.21 -24.61
CA MSE F 144 38.55 -17.54 -23.33
C MSE F 144 37.91 -18.75 -22.64
O MSE F 144 36.69 -18.94 -22.72
CB MSE F 144 38.45 -16.35 -22.37
CG MSE F 144 38.65 -14.99 -22.98
SE MSE F 144 38.47 -13.54 -21.67
CE MSE F 144 36.85 -14.13 -20.76
N ALA F 145 38.73 -19.54 -21.96
CA ALA F 145 38.21 -20.59 -21.09
C ALA F 145 37.95 -19.98 -19.74
N PRO F 146 37.08 -20.61 -18.95
CA PRO F 146 36.89 -20.18 -17.56
C PRO F 146 38.15 -20.51 -16.78
N PHE F 147 38.36 -19.82 -15.66
CA PHE F 147 39.52 -20.12 -14.85
C PHE F 147 39.49 -21.61 -14.51
N GLY F 148 40.44 -22.37 -15.07
CA GLY F 148 40.57 -23.79 -14.74
C GLY F 148 40.22 -24.74 -15.88
N GLY F 149 39.66 -24.20 -16.97
CA GLY F 149 39.33 -25.02 -18.13
C GLY F 149 40.29 -24.79 -19.28
N LYS F 150 39.98 -25.37 -20.44
CA LYS F 150 40.89 -25.28 -21.59
C LYS F 150 40.22 -25.14 -22.96
N GLU F 151 38.95 -24.76 -23.00
CA GLU F 151 38.28 -24.48 -24.28
C GLU F 151 37.53 -23.14 -24.24
N LYS F 152 37.31 -22.56 -25.42
CA LYS F 152 36.65 -21.27 -25.55
C LYS F 152 35.15 -21.35 -25.26
N ILE F 153 34.69 -20.56 -24.30
CA ILE F 153 33.26 -20.36 -24.09
C ILE F 153 32.95 -18.87 -24.01
N LEU F 154 33.77 -18.15 -23.23
CA LEU F 154 33.52 -16.75 -22.94
C LEU F 154 34.08 -15.79 -23.99
N GLY F 155 33.29 -14.78 -24.37
CA GLY F 155 33.79 -13.72 -25.22
C GLY F 155 34.78 -12.86 -24.44
N THR F 156 35.50 -11.99 -25.14
CA THR F 156 36.44 -11.07 -24.50
C THR F 156 35.70 -10.02 -23.66
N ASN F 157 34.40 -9.85 -23.94
CA ASN F 157 33.47 -9.22 -23.00
C ASN F 157 33.96 -7.94 -22.32
N PRO F 158 33.87 -6.81 -23.03
CA PRO F 158 34.33 -5.54 -22.48
C PRO F 158 33.29 -4.91 -21.58
N ILE F 159 33.76 -4.19 -20.56
CA ILE F 159 32.90 -3.27 -19.84
C ILE F 159 33.47 -1.86 -20.04
N ALA F 160 32.61 -0.86 -20.08
CA ALA F 160 33.08 0.53 -20.16
C ALA F 160 32.29 1.41 -19.20
N ILE F 161 32.99 2.23 -18.43
CA ILE F 161 32.39 3.07 -17.41
C ILE F 161 32.95 4.50 -17.51
N ALA F 162 32.06 5.47 -17.75
CA ALA F 162 32.49 6.87 -17.79
C ALA F 162 31.66 7.82 -16.91
N PHE F 163 32.35 8.78 -16.32
CA PHE F 163 31.75 9.91 -15.62
C PHE F 163 32.81 11.01 -15.57
N LYS F 164 32.39 12.25 -15.39
CA LYS F 164 33.37 13.32 -15.32
C LYS F 164 33.00 14.26 -14.20
N GLY F 165 33.99 15.01 -13.71
CA GLY F 165 33.73 16.07 -12.75
C GLY F 165 33.74 17.39 -13.50
N ASN F 166 34.22 18.45 -12.83
CA ASN F 166 34.36 19.78 -13.45
C ASN F 166 35.66 19.92 -14.21
N LYS F 167 36.64 19.10 -13.85
CA LYS F 167 38.01 19.28 -14.32
C LYS F 167 38.54 17.96 -14.85
N TYR F 168 38.14 16.85 -14.24
CA TYR F 168 38.64 15.54 -14.66
C TYR F 168 37.56 14.71 -15.34
N LYS F 169 37.97 13.91 -16.33
CA LYS F 169 37.09 12.90 -16.89
C LYS F 169 37.62 11.51 -16.53
N PHE F 170 36.73 10.60 -16.16
CA PHE F 170 37.07 9.20 -15.94
C PHE F 170 36.48 8.40 -17.09
N SER F 171 37.27 7.54 -17.72
CA SER F 171 36.73 6.73 -18.80
C SER F 171 37.39 5.36 -18.95
N LEU F 172 36.85 4.39 -18.24
CA LEU F 172 37.31 3.02 -18.31
C LEU F 172 36.69 2.30 -19.51
N ASP F 173 37.54 1.78 -20.37
CA ASP F 173 37.10 1.03 -21.54
C ASP F 173 38.04 -0.16 -21.71
N MSE F 174 37.62 -1.34 -21.27
CA MSE F 174 38.53 -2.48 -21.19
C MSE F 174 37.91 -3.81 -21.59
O MSE F 174 36.74 -4.04 -21.34
CB MSE F 174 39.02 -2.64 -19.75
CG MSE F 174 37.87 -2.91 -18.81
SE MSE F 174 38.37 -3.35 -17.01
CE MSE F 174 38.68 -5.27 -17.25
N ALA F 175 38.71 -4.67 -22.20
CA ALA F 175 38.31 -6.05 -22.41
C ALA F 175 38.63 -6.85 -21.17
N THR F 176 37.79 -7.80 -20.81
CA THR F 176 38.09 -8.67 -19.68
C THR F 176 39.10 -9.76 -20.07
N ALA F 177 39.54 -9.77 -21.32
CA ALA F 177 40.58 -10.71 -21.69
C ALA F 177 41.95 -10.11 -21.36
N SER F 178 42.88 -10.97 -20.95
CA SER F 178 44.23 -10.49 -20.67
C SER F 178 44.94 -10.02 -21.94
N ILE F 179 44.41 -10.37 -23.10
CA ILE F 179 45.04 -9.98 -24.38
C ILE F 179 44.13 -10.16 -25.59
N ALA F 180 44.43 -9.41 -26.67
CA ALA F 180 43.62 -9.42 -27.89
C ALA F 180 44.15 -10.36 -28.99
N ARG F 181 43.24 -11.07 -29.66
CA ARG F 181 43.59 -11.86 -30.84
C ARG F 181 43.88 -10.90 -31.97
N GLY F 182 45.05 -10.26 -31.91
CA GLY F 182 45.39 -9.19 -32.82
C GLY F 182 46.73 -8.69 -32.38
N LYS F 183 46.97 -8.76 -31.08
CA LYS F 183 48.30 -8.57 -30.54
C LYS F 183 48.98 -9.93 -30.52
N ILE F 184 48.17 -10.99 -30.45
CA ILE F 184 48.70 -12.35 -30.40
C ILE F 184 49.21 -12.79 -31.76
N LEU F 185 48.36 -12.67 -32.77
CA LEU F 185 48.77 -13.01 -34.14
C LEU F 185 49.83 -12.02 -34.63
N GLU F 186 49.95 -10.91 -33.91
CA GLU F 186 50.99 -9.93 -34.19
C GLU F 186 52.35 -10.52 -33.79
N ALA F 187 52.40 -11.09 -32.59
CA ALA F 187 53.61 -11.72 -32.08
C ALA F 187 54.01 -12.94 -32.91
N LEU F 188 53.09 -13.43 -33.74
CA LEU F 188 53.36 -14.58 -34.59
C LEU F 188 54.26 -14.16 -35.75
N ARG F 189 53.87 -13.11 -36.46
CA ARG F 189 54.70 -12.55 -37.51
C ARG F 189 55.57 -11.44 -36.94
N LYS F 190 56.35 -11.80 -35.94
CA LYS F 190 57.41 -10.97 -35.39
C LYS F 190 58.15 -11.86 -34.41
N LYS F 191 57.83 -13.14 -34.47
CA LYS F 191 58.48 -14.21 -33.71
C LYS F 191 59.03 -13.83 -32.34
N ILE F 192 58.19 -13.24 -31.49
CA ILE F 192 58.61 -12.93 -30.12
C ILE F 192 57.73 -13.63 -29.11
N LYS F 193 58.15 -13.55 -27.85
CA LYS F 193 57.34 -14.02 -26.74
C LYS F 193 56.01 -13.28 -26.76
N ILE F 194 55.05 -13.80 -26.00
CA ILE F 194 53.93 -12.99 -25.56
C ILE F 194 54.01 -12.96 -24.04
N PRO F 195 53.36 -11.97 -23.42
CA PRO F 195 53.40 -11.87 -21.96
C PRO F 195 53.00 -13.17 -21.29
N GLU F 196 53.18 -13.25 -19.98
CA GLU F 196 52.89 -14.48 -19.23
C GLU F 196 51.54 -14.48 -18.52
N GLY F 197 50.74 -15.50 -18.80
CA GLY F 197 49.43 -15.64 -18.20
C GLY F 197 48.30 -15.22 -19.12
N CYS F 198 48.67 -14.75 -20.31
CA CYS F 198 47.71 -14.23 -21.29
C CYS F 198 46.96 -15.33 -22.04
N ALA F 199 47.64 -16.45 -22.27
CA ALA F 199 47.05 -17.52 -23.04
C ALA F 199 47.53 -18.89 -22.56
N VAL F 200 46.80 -19.94 -22.96
CA VAL F 200 47.18 -21.31 -22.66
C VAL F 200 47.11 -22.14 -23.93
N ASP F 201 47.75 -23.31 -23.93
CA ASP F 201 47.88 -24.11 -25.15
C ASP F 201 46.68 -25.04 -25.37
N LYS F 202 46.92 -26.12 -26.11
CA LYS F 202 45.89 -27.11 -26.40
C LYS F 202 45.35 -27.75 -25.13
N ASP F 203 46.18 -27.81 -24.09
CA ASP F 203 45.85 -28.60 -22.90
C ASP F 203 45.80 -27.83 -21.58
N GLY F 204 45.48 -26.54 -21.64
CA GLY F 204 45.29 -25.74 -20.45
C GLY F 204 46.57 -25.33 -19.74
N LYS F 205 47.72 -25.69 -20.31
CA LYS F 205 49.01 -25.31 -19.76
C LYS F 205 49.47 -23.98 -20.33
N PRO F 206 49.92 -23.08 -19.45
CA PRO F 206 50.32 -21.71 -19.82
C PRO F 206 51.33 -21.70 -20.95
N THR F 207 51.16 -20.78 -21.90
CA THR F 207 51.98 -20.72 -23.10
C THR F 207 52.42 -19.30 -23.40
N THR F 208 53.61 -19.13 -23.96
CA THR F 208 54.06 -17.82 -24.41
C THR F 208 54.30 -17.81 -25.91
N ASP F 209 54.17 -18.97 -26.54
CA ASP F 209 54.28 -19.06 -27.99
C ASP F 209 52.96 -18.68 -28.65
N PRO F 210 52.99 -17.62 -29.47
CA PRO F 210 51.82 -17.14 -30.22
C PRO F 210 51.15 -18.27 -30.97
N ALA F 211 51.94 -19.12 -31.60
CA ALA F 211 51.42 -20.26 -32.35
C ALA F 211 50.52 -21.13 -31.46
N LYS F 212 51.12 -21.68 -30.39
CA LYS F 212 50.39 -22.56 -29.50
C LYS F 212 49.19 -21.86 -28.88
N ALA F 213 49.32 -20.55 -28.72
CA ALA F 213 48.26 -19.76 -28.09
C ALA F 213 47.21 -19.36 -29.12
N LEU F 214 47.58 -19.37 -30.39
CA LEU F 214 46.63 -19.04 -31.45
C LEU F 214 45.72 -20.23 -31.71
N GLU F 215 46.13 -21.40 -31.23
CA GLU F 215 45.34 -22.61 -31.36
C GLU F 215 44.91 -23.09 -29.98
N GLY F 216 44.62 -22.14 -29.10
CA GLY F 216 44.23 -22.42 -27.74
C GLY F 216 43.39 -21.28 -27.20
N CYS F 217 43.48 -21.05 -25.89
CA CYS F 217 42.66 -20.01 -25.26
C CYS F 217 43.42 -18.80 -24.73
N ILE F 218 42.74 -17.67 -24.75
CA ILE F 218 43.17 -16.51 -24.01
C ILE F 218 42.54 -16.65 -22.62
N LEU F 219 43.20 -16.11 -21.62
CA LEU F 219 42.69 -16.21 -20.25
C LEU F 219 42.02 -14.91 -19.84
N PRO F 220 41.14 -14.97 -18.84
CA PRO F 220 40.58 -13.71 -18.31
C PRO F 220 41.67 -12.94 -17.58
N PHE F 221 41.45 -11.66 -17.35
CA PHE F 221 42.53 -10.77 -16.96
C PHE F 221 42.96 -10.86 -15.51
N GLY F 222 42.09 -11.33 -14.62
CA GLY F 222 42.44 -11.31 -13.21
C GLY F 222 42.26 -12.60 -12.44
N GLY F 223 42.93 -13.66 -12.89
CA GLY F 223 42.72 -14.97 -12.33
C GLY F 223 41.22 -15.19 -12.22
N PRO F 224 40.77 -15.78 -11.11
CA PRO F 224 39.37 -16.13 -10.92
C PRO F 224 38.52 -14.88 -10.77
N LYS F 225 39.10 -13.84 -10.20
CA LYS F 225 38.36 -12.60 -10.00
C LYS F 225 37.92 -11.99 -11.32
N GLY F 226 38.84 -11.94 -12.28
CA GLY F 226 38.55 -11.40 -13.60
C GLY F 226 37.59 -12.31 -14.34
N TYR F 227 37.84 -13.62 -14.23
CA TYR F 227 37.00 -14.63 -14.84
C TYR F 227 35.54 -14.54 -14.41
N GLY F 228 35.33 -14.30 -13.11
CA GLY F 228 34.00 -14.15 -12.56
C GLY F 228 33.30 -12.93 -13.13
N LEU F 229 34.06 -11.87 -13.34
CA LEU F 229 33.49 -10.68 -13.96
C LEU F 229 33.13 -10.94 -15.42
N ALA F 230 34.01 -11.63 -16.12
CA ALA F 230 33.82 -11.94 -17.54
C ALA F 230 32.56 -12.76 -17.71
N LEU F 231 32.33 -13.62 -16.72
CA LEU F 231 31.21 -14.54 -16.75
C LEU F 231 29.94 -13.74 -16.60
N ALA F 232 29.93 -12.80 -15.66
CA ALA F 232 28.75 -12.00 -15.38
C ALA F 232 28.39 -11.11 -16.56
N ILE F 233 29.42 -10.58 -17.20
CA ILE F 233 29.20 -9.79 -18.39
C ILE F 233 28.56 -10.65 -19.49
N GLU F 234 29.07 -11.87 -19.67
CA GLU F 234 28.52 -12.79 -20.67
C GLU F 234 27.01 -12.98 -20.51
N MSE F 235 26.54 -12.97 -19.27
CA MSE F 235 25.12 -13.11 -18.98
C MSE F 235 24.34 -11.80 -19.01
O MSE F 235 23.27 -11.73 -19.64
CB MSE F 235 24.89 -13.82 -17.65
CG MSE F 235 23.44 -14.23 -17.46
SE MSE F 235 22.76 -15.46 -18.89
CE MSE F 235 21.39 -14.32 -19.70
N LEU F 236 24.82 -10.76 -18.32
CA LEU F 236 24.06 -9.52 -18.25
C LEU F 236 23.92 -8.89 -19.63
N SER F 237 24.88 -9.16 -20.50
CA SER F 237 24.89 -8.59 -21.84
C SER F 237 23.72 -9.14 -22.64
N ALA F 238 23.30 -10.34 -22.30
CA ALA F 238 22.34 -11.03 -23.13
C ALA F 238 20.91 -10.99 -22.59
N ILE F 239 20.64 -10.19 -21.58
CA ILE F 239 19.32 -10.27 -20.94
C ILE F 239 18.14 -9.81 -21.83
N GLY F 240 18.45 -9.21 -22.96
CA GLY F 240 17.43 -8.79 -23.90
C GLY F 240 17.17 -9.81 -25.00
N GLY F 241 17.68 -11.02 -24.79
CA GLY F 241 17.37 -12.14 -25.66
C GLY F 241 18.48 -12.51 -26.62
N ALA F 242 19.67 -11.99 -26.37
CA ALA F 242 20.83 -12.34 -27.20
C ALA F 242 21.32 -13.76 -26.91
N GLU F 243 22.31 -14.21 -27.67
CA GLU F 243 22.91 -15.51 -27.35
C GLU F 243 24.00 -15.39 -26.28
N VAL F 244 24.30 -16.51 -25.64
CA VAL F 244 25.41 -16.59 -24.70
C VAL F 244 26.37 -17.71 -25.10
N GLY F 245 27.59 -17.68 -24.57
CA GLY F 245 28.54 -18.75 -24.77
C GLY F 245 28.75 -19.14 -26.22
N THR F 246 28.80 -20.44 -26.47
CA THR F 246 29.22 -20.93 -27.78
C THR F 246 28.20 -20.66 -28.88
N LYS F 247 27.01 -20.18 -28.50
CA LYS F 247 26.00 -19.81 -29.47
C LYS F 247 26.21 -18.38 -30.02
N VAL F 248 27.05 -17.59 -29.34
CA VAL F 248 27.34 -16.23 -29.80
C VAL F 248 28.18 -16.28 -31.07
N LYS F 249 27.64 -15.75 -32.17
CA LYS F 249 28.34 -15.77 -33.46
C LYS F 249 28.45 -14.39 -34.12
N GLY F 250 29.25 -14.32 -35.17
CA GLY F 250 29.31 -13.16 -36.05
C GLY F 250 29.75 -11.83 -35.45
N THR F 251 30.69 -11.85 -34.51
CA THR F 251 31.24 -10.62 -33.96
C THR F 251 32.62 -10.35 -34.52
N ALA F 252 33.14 -11.30 -35.30
CA ALA F 252 34.46 -11.17 -35.86
C ALA F 252 34.50 -11.79 -37.24
N ASN F 253 33.33 -12.13 -37.77
CA ASN F 253 33.26 -12.89 -39.01
C ASN F 253 32.21 -12.38 -39.99
N PRO F 254 32.65 -11.72 -41.07
CA PRO F 254 31.69 -11.19 -42.05
C PRO F 254 30.73 -12.26 -42.58
N GLU F 255 31.08 -13.53 -42.44
CA GLU F 255 30.29 -14.63 -43.03
C GLU F 255 29.16 -15.16 -42.15
N GLU F 256 29.10 -14.70 -40.90
CA GLU F 256 28.10 -15.20 -39.96
C GLU F 256 27.15 -14.09 -39.49
N ARG F 257 25.93 -14.47 -39.12
CA ARG F 257 24.93 -13.55 -38.59
C ARG F 257 25.28 -13.20 -37.16
N CYS F 258 25.38 -11.93 -36.85
CA CYS F 258 25.70 -11.55 -35.48
C CYS F 258 24.60 -11.93 -34.49
N THR F 259 25.00 -12.22 -33.26
CA THR F 259 24.17 -12.98 -32.34
C THR F 259 24.44 -12.54 -30.90
N LYS F 260 25.27 -11.50 -30.74
CA LYS F 260 25.63 -11.00 -29.41
C LYS F 260 24.61 -10.04 -28.83
N GLY F 261 24.80 -9.67 -27.57
CA GLY F 261 23.93 -8.71 -26.91
C GLY F 261 24.69 -7.57 -26.26
N ASP F 262 23.99 -6.46 -26.03
CA ASP F 262 24.54 -5.30 -25.34
C ASP F 262 23.62 -4.88 -24.20
N LEU F 263 24.20 -4.30 -23.16
CA LEU F 263 23.41 -3.71 -22.11
C LEU F 263 23.97 -2.31 -21.95
N PHE F 264 23.10 -1.32 -22.00
CA PHE F 264 23.50 0.05 -21.83
C PHE F 264 22.82 0.59 -20.61
N ILE F 265 23.62 1.19 -19.75
CA ILE F 265 23.12 1.74 -18.51
C ILE F 265 23.54 3.19 -18.37
N ALA F 266 22.59 4.01 -17.98
CA ALA F 266 22.85 5.38 -17.58
C ALA F 266 22.33 5.61 -16.16
N ILE F 267 23.18 6.14 -15.29
CA ILE F 267 22.74 6.54 -13.95
C ILE F 267 22.88 8.05 -13.82
N ASN F 268 21.85 8.69 -13.26
CA ASN F 268 21.81 10.16 -13.20
C ASN F 268 22.06 10.72 -11.79
N PRO F 269 23.25 11.33 -11.57
CA PRO F 269 23.69 11.85 -10.27
C PRO F 269 22.77 12.92 -9.69
N GLU F 270 22.00 13.58 -10.55
CA GLU F 270 20.97 14.50 -10.09
C GLU F 270 19.95 13.83 -9.15
N PHE F 271 19.64 12.55 -9.38
CA PHE F 271 18.68 11.84 -8.53
C PHE F 271 19.27 11.35 -7.23
N PHE F 272 20.57 11.54 -7.08
CA PHE F 272 21.25 11.09 -5.87
C PHE F 272 21.80 12.31 -5.14
N MSE F 273 23.10 12.42 -5.02
CA MSE F 273 23.64 13.54 -4.25
C MSE F 273 23.43 14.89 -4.94
O MSE F 273 23.48 15.93 -4.28
CB MSE F 273 25.12 13.35 -3.97
CG MSE F 273 25.95 13.20 -5.21
SE MSE F 273 27.72 12.54 -4.70
CE MSE F 273 28.31 14.00 -3.56
N GLY F 274 23.20 14.85 -6.26
CA GLY F 274 22.98 16.06 -7.05
C GLY F 274 24.09 16.26 -8.06
N LYS F 275 23.78 16.93 -9.17
CA LYS F 275 24.72 17.03 -10.29
C LYS F 275 26.04 17.64 -9.89
N GLU F 276 25.97 18.91 -9.45
CA GLU F 276 27.17 19.69 -9.12
C GLU F 276 27.93 19.07 -7.96
N GLU F 277 27.20 18.49 -7.01
CA GLU F 277 27.82 17.85 -5.86
C GLU F 277 28.69 16.69 -6.32
N PHE F 278 28.09 15.85 -7.16
CA PHE F 278 28.78 14.72 -7.78
C PHE F 278 30.07 15.16 -8.45
N LYS F 279 29.97 16.11 -9.38
CA LYS F 279 31.15 16.61 -10.11
C LYS F 279 32.27 17.11 -9.20
N ARG F 280 31.90 17.82 -8.14
CA ARG F 280 32.89 18.33 -7.20
C ARG F 280 33.66 17.17 -6.53
N LYS F 281 32.91 16.13 -6.14
CA LYS F 281 33.48 14.93 -5.50
C LYS F 281 34.28 14.07 -6.46
N VAL F 282 33.93 14.13 -7.75
CA VAL F 282 34.72 13.40 -8.74
C VAL F 282 36.10 14.06 -8.89
N ASP F 283 36.10 15.37 -8.97
CA ASP F 283 37.34 16.11 -9.06
C ASP F 283 38.18 15.92 -7.81
N GLU F 284 37.52 15.85 -6.67
CA GLU F 284 38.23 15.68 -5.42
C GLU F 284 39.02 14.39 -5.49
N LEU F 285 38.32 13.31 -5.83
CA LEU F 285 38.91 11.98 -5.83
C LEU F 285 40.06 11.85 -6.83
N LEU F 286 39.82 12.32 -8.05
CA LEU F 286 40.79 12.18 -9.13
C LEU F 286 42.02 13.06 -8.89
N ASP F 287 41.82 14.19 -8.24
CA ASP F 287 42.92 15.07 -7.88
C ASP F 287 43.81 14.32 -6.90
N GLU F 288 43.17 13.63 -5.95
CA GLU F 288 43.84 12.95 -4.85
C GLU F 288 44.68 11.82 -5.39
N ILE F 289 44.08 11.05 -6.30
CA ILE F 289 44.76 9.98 -7.01
C ILE F 289 45.92 10.53 -7.83
N LYS F 290 45.65 11.51 -8.67
CA LYS F 290 46.66 12.08 -9.55
C LYS F 290 47.87 12.65 -8.80
N ASN F 291 47.62 13.29 -7.67
CA ASN F 291 48.66 14.01 -6.97
C ASN F 291 49.37 13.17 -5.92
N SER F 292 48.93 11.93 -5.75
CA SER F 292 49.66 11.03 -4.86
C SER F 292 51.07 10.72 -5.42
N GLU F 293 51.94 10.19 -4.57
CA GLU F 293 53.33 9.92 -4.97
C GLU F 293 53.44 8.65 -5.80
N PRO F 294 54.08 8.75 -6.97
CA PRO F 294 54.25 7.60 -7.87
C PRO F 294 55.25 6.63 -7.26
N ALA F 295 55.10 5.34 -7.51
CA ALA F 295 56.14 4.39 -7.18
C ALA F 295 57.24 4.48 -8.24
N GLU F 296 58.28 3.67 -8.05
CA GLU F 296 59.38 3.54 -9.01
C GLU F 296 59.61 4.76 -9.91
N GLY F 297 59.50 4.54 -11.21
CA GLY F 297 59.58 5.62 -12.18
C GLY F 297 58.26 5.73 -12.92
N PHE F 298 57.19 5.34 -12.23
CA PHE F 298 55.87 5.29 -12.85
C PHE F 298 55.19 6.64 -12.88
N GLU F 299 54.15 6.71 -13.72
CA GLU F 299 53.29 7.87 -13.78
C GLU F 299 51.90 7.41 -13.35
N ILE F 300 51.29 8.10 -12.39
CA ILE F 300 49.93 7.74 -11.98
C ILE F 300 48.92 8.28 -12.98
N LEU F 301 48.14 7.40 -13.60
CA LEU F 301 47.17 7.80 -14.62
C LEU F 301 45.74 7.45 -14.24
N ILE F 302 44.79 8.29 -14.64
CA ILE F 302 43.38 7.97 -14.52
C ILE F 302 43.01 7.16 -15.77
N PRO F 303 42.15 6.13 -15.63
CA PRO F 303 41.68 5.38 -16.81
C PRO F 303 41.06 6.28 -17.86
N GLY F 304 41.47 6.12 -19.12
CA GLY F 304 40.94 6.91 -20.21
C GLY F 304 41.95 7.95 -20.64
N GLU F 305 42.88 8.23 -19.74
CA GLU F 305 43.85 9.33 -19.91
C GLU F 305 44.85 9.02 -21.02
N ILE F 306 45.13 7.73 -21.24
CA ILE F 306 46.03 7.30 -22.29
C ILE F 306 45.35 7.55 -23.63
N GLU F 307 44.05 7.30 -23.67
CA GLU F 307 43.29 7.45 -24.89
C GLU F 307 43.13 8.92 -25.16
N GLU F 308 42.91 9.70 -24.12
CA GLU F 308 42.73 11.14 -24.31
C GLU F 308 44.00 11.80 -24.87
N ARG F 309 45.16 11.34 -24.43
CA ARG F 309 46.41 11.86 -24.97
C ARG F 309 46.47 11.54 -26.45
N ASN F 310 46.26 10.27 -26.80
CA ASN F 310 46.25 9.89 -28.22
C ASN F 310 45.29 10.74 -29.03
N LYS F 311 44.08 10.88 -28.52
CA LYS F 311 43.05 11.65 -29.21
C LYS F 311 43.57 13.08 -29.47
N MSE F 312 44.46 13.57 -28.62
CA MSE F 312 45.04 14.89 -28.78
C MSE F 312 46.21 14.93 -29.77
O MSE F 312 46.38 15.91 -30.49
CB MSE F 312 45.50 15.47 -27.43
CG MSE F 312 44.38 15.84 -26.48
SE MSE F 312 43.02 17.03 -27.23
CE MSE F 312 41.53 15.77 -27.37
N LYS F 313 47.03 13.88 -29.81
CA LYS F 313 48.15 13.86 -30.75
C LYS F 313 47.65 13.56 -32.14
N ARG F 314 46.40 13.15 -32.25
CA ARG F 314 45.92 12.56 -33.48
C ARG F 314 44.76 13.30 -34.13
N LYS F 315 44.27 14.36 -33.50
CA LYS F 315 43.06 15.05 -33.99
C LYS F 315 43.21 15.70 -35.37
N ASP F 316 44.46 15.95 -35.76
CA ASP F 316 44.72 16.56 -37.06
C ASP F 316 45.48 15.63 -38.00
N GLY F 317 45.46 14.34 -37.71
CA GLY F 317 45.95 13.36 -38.67
C GLY F 317 46.77 12.22 -38.12
N PHE F 318 46.49 11.01 -38.58
CA PHE F 318 47.29 9.85 -38.20
C PHE F 318 47.67 9.01 -39.40
N GLU F 319 48.86 8.41 -39.31
CA GLU F 319 49.35 7.49 -40.33
C GLU F 319 48.40 6.32 -40.42
N ILE F 320 48.11 5.89 -41.64
CA ILE F 320 47.40 4.62 -41.79
C ILE F 320 48.24 3.64 -42.61
N ASP F 321 48.04 2.36 -42.31
CA ASP F 321 48.71 1.28 -43.01
C ASP F 321 48.68 1.51 -44.52
N LYS F 322 49.81 1.30 -45.18
CA LYS F 322 49.86 1.45 -46.63
C LYS F 322 48.97 0.41 -47.31
N ASN F 323 48.80 -0.75 -46.70
CA ASN F 323 47.85 -1.72 -47.21
C ASN F 323 46.39 -1.35 -46.97
N LEU F 324 46.09 -0.69 -45.84
CA LEU F 324 44.73 -0.22 -45.61
C LEU F 324 44.37 0.76 -46.70
N TYR F 325 45.32 1.63 -47.03
CA TYR F 325 45.13 2.63 -48.04
C TYR F 325 44.68 2.01 -49.35
N ASN F 326 45.28 0.88 -49.70
CA ASN F 326 44.94 0.20 -50.94
C ASN F 326 43.57 -0.47 -50.90
N GLN F 327 43.24 -1.05 -49.74
CA GLN F 327 41.92 -1.65 -49.58
C GLN F 327 40.85 -0.57 -49.73
N LEU F 328 41.07 0.58 -49.11
CA LEU F 328 40.14 1.70 -49.18
C LEU F 328 40.15 2.33 -50.57
N LYS F 329 41.26 2.19 -51.27
CA LYS F 329 41.38 2.74 -52.62
C LYS F 329 40.46 1.95 -53.53
N GLU F 330 40.47 0.63 -53.38
CA GLU F 330 39.64 -0.25 -54.22
C GLU F 330 38.17 -0.24 -53.83
N ILE F 331 37.89 -0.20 -52.53
CA ILE F 331 36.51 -0.07 -52.09
C ILE F 331 35.86 1.15 -52.76
N CYS F 332 36.50 2.31 -52.61
CA CYS F 332 36.11 3.53 -53.32
C CYS F 332 35.94 3.36 -54.83
N ASN F 333 36.86 2.65 -55.47
CA ASN F 333 36.83 2.50 -56.93
C ASN F 333 35.60 1.74 -57.42
N GLU F 334 35.27 0.68 -56.70
CA GLU F 334 34.16 -0.16 -57.07
C GLU F 334 32.82 0.52 -56.78
N LEU F 335 32.88 1.75 -56.28
CA LEU F 335 31.67 2.51 -56.03
C LEU F 335 31.68 3.81 -56.85
N GLY F 336 32.75 4.04 -57.59
CA GLY F 336 32.87 5.27 -58.34
C GLY F 336 33.16 6.50 -57.48
N LEU F 337 33.59 6.29 -56.25
CA LEU F 337 34.10 7.38 -55.44
C LEU F 337 35.61 7.57 -55.67
N ASN F 338 36.13 8.74 -55.31
CA ASN F 338 37.56 9.02 -55.47
C ASN F 338 38.30 9.04 -54.15
N ILE F 339 39.37 8.26 -54.05
CA ILE F 339 40.14 8.21 -52.82
C ILE F 339 40.80 9.57 -52.51
N GLU F 340 41.12 10.33 -53.55
CA GLU F 340 41.79 11.63 -53.46
C GLU F 340 40.98 12.58 -52.61
N ASP F 341 39.68 12.33 -52.52
CA ASP F 341 38.79 13.19 -51.75
C ASP F 341 38.87 12.97 -50.24
N TYR F 342 39.66 11.98 -49.82
CA TYR F 342 39.72 11.64 -48.40
C TYR F 342 41.14 11.54 -47.88
N ILE F 343 42.02 10.90 -48.65
CA ILE F 343 43.41 10.74 -48.26
C ILE F 343 44.31 11.13 -49.42
N GLU F 344 45.39 11.83 -49.10
CA GLU F 344 46.45 12.10 -50.06
C GLU F 344 47.83 11.98 -49.41
N MSE G 1 6.41 -32.17 -35.37
CA MSE G 1 7.79 -31.70 -35.50
C MSE G 1 8.38 -31.34 -34.13
O MSE G 1 7.91 -31.85 -33.11
CB MSE G 1 7.84 -30.49 -36.46
CG MSE G 1 9.23 -29.89 -36.69
SE MSE G 1 10.66 -31.20 -37.00
CE MSE G 1 12.15 -29.98 -37.32
N ILE G 2 9.42 -30.52 -34.12
CA ILE G 2 9.96 -29.97 -32.88
C ILE G 2 9.27 -28.64 -32.60
N LEU G 3 8.76 -28.47 -31.38
CA LEU G 3 8.22 -27.20 -30.91
C LEU G 3 9.20 -26.62 -29.92
N LYS G 4 9.61 -25.36 -30.13
CA LYS G 4 10.54 -24.69 -29.23
C LYS G 4 9.79 -23.90 -28.18
N PRO G 5 10.25 -23.96 -26.92
CA PRO G 5 9.66 -23.27 -25.78
C PRO G 5 9.21 -21.86 -26.13
N GLU G 6 10.07 -21.10 -26.80
CA GLU G 6 9.77 -19.69 -27.08
C GLU G 6 8.59 -19.55 -28.02
N ASN G 7 8.55 -20.41 -29.03
CA ASN G 7 7.51 -20.33 -30.06
C ASN G 7 6.16 -20.84 -29.56
N GLU G 8 6.20 -21.78 -28.63
CA GLU G 8 5.00 -22.23 -27.96
C GLU G 8 4.39 -21.09 -27.16
N LYS G 9 5.23 -20.34 -26.47
CA LYS G 9 4.76 -19.19 -25.74
C LYS G 9 4.10 -18.21 -26.71
N LYS G 10 4.82 -17.79 -27.74
CA LYS G 10 4.26 -16.90 -28.76
C LYS G 10 2.94 -17.44 -29.31
N LEU G 11 2.93 -18.72 -29.68
CA LEU G 11 1.73 -19.31 -30.28
C LEU G 11 0.51 -19.17 -29.36
N ILE G 12 0.71 -19.50 -28.10
CA ILE G 12 -0.37 -19.45 -27.12
C ILE G 12 -0.82 -18.01 -26.89
N ILE G 13 0.15 -17.11 -26.76
CA ILE G 13 -0.19 -15.71 -26.57
C ILE G 13 -1.01 -15.17 -27.75
N ASP G 14 -0.53 -15.37 -28.97
CA ASP G 14 -1.26 -14.89 -30.15
C ASP G 14 -2.68 -15.43 -30.23
N VAL G 15 -2.85 -16.73 -30.01
CA VAL G 15 -4.17 -17.35 -30.04
C VAL G 15 -5.11 -16.79 -28.95
N LEU G 16 -4.66 -16.78 -27.69
CA LEU G 16 -5.46 -16.22 -26.59
C LEU G 16 -5.81 -14.73 -26.78
N LYS G 17 -4.83 -13.94 -27.21
CA LYS G 17 -5.08 -12.51 -27.40
C LYS G 17 -6.20 -12.38 -28.40
N LYS G 18 -6.22 -13.29 -29.36
CA LYS G 18 -7.20 -13.28 -30.42
C LYS G 18 -8.60 -13.40 -29.85
N PHE G 19 -8.72 -14.10 -28.72
CA PHE G 19 -10.04 -14.32 -28.10
C PHE G 19 -10.42 -13.26 -27.07
N GLY G 20 -9.63 -12.21 -26.95
CA GLY G 20 -9.94 -11.16 -25.99
C GLY G 20 -9.25 -11.34 -24.64
N VAL G 21 -8.39 -12.36 -24.53
CA VAL G 21 -7.57 -12.49 -23.34
C VAL G 21 -6.57 -11.32 -23.33
N PRO G 22 -6.43 -10.65 -22.19
CA PRO G 22 -5.48 -9.53 -22.10
C PRO G 22 -4.08 -10.11 -22.12
N GLU G 23 -3.17 -9.43 -22.82
CA GLU G 23 -1.84 -9.99 -23.04
C GLU G 23 -1.19 -10.49 -21.76
N GLU G 24 -1.32 -9.74 -20.66
CA GLU G 24 -0.65 -10.12 -19.43
C GLU G 24 -1.18 -11.44 -18.87
N ASP G 25 -2.47 -11.70 -19.07
CA ASP G 25 -3.04 -12.96 -18.63
C ASP G 25 -2.63 -14.10 -19.57
N ALA G 26 -2.47 -13.79 -20.85
CA ALA G 26 -1.98 -14.78 -21.79
C ALA G 26 -0.55 -15.19 -21.49
N LYS G 27 0.29 -14.22 -21.14
CA LYS G 27 1.68 -14.52 -20.85
C LYS G 27 1.83 -15.47 -19.67
N ILE G 28 0.98 -15.29 -18.65
CA ILE G 28 0.98 -16.17 -17.48
C ILE G 28 0.53 -17.57 -17.88
N THR G 29 -0.51 -17.63 -18.71
CA THR G 29 -1.05 -18.91 -19.14
C THR G 29 -0.06 -19.66 -20.01
N ALA G 30 0.53 -18.96 -20.96
CA ALA G 30 1.54 -19.56 -21.80
C ALA G 30 2.64 -20.14 -20.95
N ASP G 31 3.00 -19.45 -19.87
CA ASP G 31 4.13 -19.91 -19.05
C ASP G 31 3.90 -21.25 -18.35
N VAL G 32 2.69 -21.48 -17.87
CA VAL G 32 2.34 -22.76 -17.24
C VAL G 32 2.35 -23.89 -18.26
N PHE G 33 1.89 -23.59 -19.47
CA PHE G 33 1.88 -24.57 -20.56
C PHE G 33 3.31 -24.99 -20.90
N VAL G 34 4.18 -24.01 -21.05
CA VAL G 34 5.56 -24.29 -21.40
C VAL G 34 6.26 -25.04 -20.27
N ASP G 35 5.93 -24.68 -19.03
CA ASP G 35 6.45 -25.37 -17.84
C ASP G 35 6.03 -26.84 -17.89
N ALA G 36 4.73 -27.09 -18.14
CA ALA G 36 4.23 -28.45 -18.30
C ALA G 36 5.01 -29.23 -19.36
N ASP G 37 5.24 -28.62 -20.51
CA ASP G 37 5.94 -29.31 -21.59
C ASP G 37 7.43 -29.55 -21.37
N LEU G 38 8.13 -28.60 -20.75
CA LEU G 38 9.56 -28.78 -20.50
C LEU G 38 9.84 -29.82 -19.41
N LYS G 39 8.95 -29.89 -18.42
CA LYS G 39 9.05 -30.87 -17.35
C LYS G 39 8.66 -32.26 -17.82
N GLY G 40 7.97 -32.35 -18.94
CA GLY G 40 7.58 -33.63 -19.49
C GLY G 40 6.16 -34.05 -19.13
N PHE G 41 5.44 -33.20 -18.39
CA PHE G 41 4.03 -33.46 -18.11
C PHE G 41 3.20 -33.10 -19.33
N THR G 42 3.36 -33.87 -20.39
CA THR G 42 2.70 -33.57 -21.66
C THR G 42 1.17 -33.54 -21.66
N SER G 43 0.51 -34.24 -20.74
CA SER G 43 -0.96 -34.22 -20.70
C SER G 43 -1.51 -32.86 -20.30
N HIS G 44 -0.63 -31.99 -19.79
CA HIS G 44 -1.05 -30.67 -19.31
C HIS G 44 -0.35 -29.60 -20.11
N GLY G 45 0.39 -30.01 -21.11
CA GLY G 45 1.12 -29.09 -21.95
C GLY G 45 0.28 -28.62 -23.11
N ILE G 46 0.95 -28.19 -24.18
CA ILE G 46 0.29 -27.65 -25.35
C ILE G 46 -0.61 -28.67 -25.99
N GLY G 47 -0.49 -29.92 -25.54
CA GLY G 47 -1.37 -30.98 -25.98
C GLY G 47 -2.81 -30.63 -25.64
N ARG G 48 -2.99 -29.87 -24.58
CA ARG G 48 -4.31 -29.58 -24.08
C ARG G 48 -4.87 -28.30 -24.66
N PHE G 49 -4.05 -27.58 -25.42
CA PHE G 49 -4.46 -26.26 -25.91
C PHE G 49 -5.73 -26.25 -26.77
N PRO G 50 -5.86 -27.22 -27.70
CA PRO G 50 -7.07 -27.24 -28.54
C PRO G 50 -8.38 -27.28 -27.76
N GLN G 51 -8.40 -27.89 -26.59
CA GLN G 51 -9.63 -27.92 -25.81
C GLN G 51 -9.95 -26.55 -25.19
N TYR G 52 -8.93 -25.77 -24.84
CA TYR G 52 -9.13 -24.39 -24.36
C TYR G 52 -9.80 -23.56 -25.45
N ILE G 53 -9.47 -23.86 -26.70
CA ILE G 53 -10.10 -23.13 -27.80
C ILE G 53 -11.57 -23.50 -27.88
N THR G 54 -11.88 -24.77 -27.72
CA THR G 54 -13.27 -25.24 -27.73
C THR G 54 -14.04 -24.61 -26.57
N ALA G 55 -13.42 -24.60 -25.40
CA ALA G 55 -14.02 -24.00 -24.22
C ALA G 55 -14.26 -22.49 -24.40
N LEU G 56 -13.24 -21.76 -24.85
CA LEU G 56 -13.39 -20.33 -25.10
C LEU G 56 -14.53 -20.07 -26.07
N LYS G 57 -14.59 -20.86 -27.14
CA LYS G 57 -15.61 -20.68 -28.18
C LYS G 57 -17.02 -20.98 -27.66
N LEU G 58 -17.14 -21.94 -26.75
CA LEU G 58 -18.43 -22.28 -26.19
C LEU G 58 -18.81 -21.35 -25.04
N GLY G 59 -17.82 -20.57 -24.57
CA GLY G 59 -18.04 -19.65 -23.46
C GLY G 59 -17.75 -20.23 -22.08
N ASN G 60 -17.18 -21.44 -22.03
CA ASN G 60 -16.85 -22.05 -20.75
C ASN G 60 -15.54 -21.54 -20.15
N ILE G 61 -14.83 -20.73 -20.92
CA ILE G 61 -13.74 -19.94 -20.39
C ILE G 61 -14.05 -18.49 -20.71
N ASN G 62 -13.94 -17.66 -19.69
CA ASN G 62 -14.21 -16.25 -19.79
C ASN G 62 -12.88 -15.55 -20.01
N PRO G 63 -12.67 -15.01 -21.21
CA PRO G 63 -11.41 -14.35 -21.54
C PRO G 63 -11.21 -13.09 -20.70
N LYS G 64 -12.29 -12.55 -20.14
CA LYS G 64 -12.21 -11.29 -19.41
C LYS G 64 -12.91 -11.37 -18.06
N PRO G 65 -12.37 -12.20 -17.15
CA PRO G 65 -13.05 -12.45 -15.88
C PRO G 65 -13.00 -11.25 -14.95
N ASP G 66 -14.05 -11.09 -14.15
CA ASP G 66 -14.04 -10.19 -13.00
C ASP G 66 -13.71 -11.05 -11.77
N ILE G 67 -12.42 -11.22 -11.52
CA ILE G 67 -11.95 -12.07 -10.45
C ILE G 67 -12.07 -11.36 -9.11
N LYS G 68 -12.85 -11.95 -8.20
CA LYS G 68 -13.16 -11.33 -6.91
C LYS G 68 -12.69 -12.13 -5.71
N ILE G 69 -11.95 -11.44 -4.83
CA ILE G 69 -11.73 -11.93 -3.48
C ILE G 69 -13.04 -11.73 -2.70
N VAL G 70 -13.79 -12.81 -2.49
CA VAL G 70 -15.12 -12.69 -1.85
C VAL G 70 -15.09 -12.75 -0.33
N LYS G 71 -14.05 -13.36 0.24
CA LYS G 71 -13.86 -13.34 1.69
C LYS G 71 -12.38 -13.23 2.03
N GLU G 72 -12.07 -12.49 3.07
CA GLU G 72 -10.67 -12.25 3.38
C GLU G 72 -10.43 -12.00 4.88
N SER G 73 -9.39 -12.65 5.40
CA SER G 73 -8.88 -12.35 6.73
C SER G 73 -7.38 -12.04 6.59
N PRO G 74 -6.64 -11.94 7.71
CA PRO G 74 -5.20 -11.74 7.53
C PRO G 74 -4.44 -13.00 7.08
N ALA G 75 -5.03 -14.19 7.20
CA ALA G 75 -4.38 -15.41 6.74
C ALA G 75 -5.11 -16.16 5.62
N THR G 76 -6.38 -15.81 5.41
CA THR G 76 -7.22 -16.58 4.50
C THR G 76 -7.95 -15.75 3.47
N ALA G 77 -8.44 -16.43 2.43
CA ALA G 77 -9.18 -15.76 1.38
C ALA G 77 -9.92 -16.78 0.50
N VAL G 78 -11.07 -16.36 -0.03
CA VAL G 78 -11.73 -17.15 -1.05
C VAL G 78 -11.81 -16.31 -2.32
N ILE G 79 -11.33 -16.86 -3.42
CA ILE G 79 -11.39 -16.17 -4.71
C ILE G 79 -12.37 -16.88 -5.61
N ASP G 80 -13.17 -16.10 -6.32
CA ASP G 80 -14.12 -16.62 -7.30
C ASP G 80 -13.60 -16.21 -8.67
N GLY G 81 -13.40 -17.18 -9.56
CA GLY G 81 -12.76 -16.94 -10.85
C GLY G 81 -13.60 -16.41 -12.00
N ASP G 82 -14.92 -16.31 -11.83
CA ASP G 82 -15.77 -15.85 -12.93
C ASP G 82 -15.45 -16.63 -14.20
N LEU G 83 -15.23 -17.93 -14.05
CA LEU G 83 -14.83 -18.81 -15.16
C LEU G 83 -13.60 -18.37 -15.95
N GLY G 84 -12.65 -17.73 -15.28
CA GLY G 84 -11.44 -17.28 -15.95
C GLY G 84 -10.51 -18.43 -16.27
N LEU G 85 -9.44 -18.16 -17.03
CA LEU G 85 -8.41 -19.18 -17.18
C LEU G 85 -7.89 -19.58 -15.79
N GLY G 86 -7.78 -20.88 -15.54
CA GLY G 86 -7.28 -21.36 -14.26
C GLY G 86 -5.90 -20.83 -13.92
N GLN G 87 -5.05 -20.64 -14.94
CA GLN G 87 -3.69 -20.18 -14.71
C GLN G 87 -3.69 -18.78 -14.13
N VAL G 88 -4.57 -17.94 -14.65
CA VAL G 88 -4.70 -16.57 -14.22
C VAL G 88 -5.22 -16.51 -12.80
N VAL G 89 -6.24 -17.30 -12.50
CA VAL G 89 -6.84 -17.28 -11.17
C VAL G 89 -5.88 -17.90 -10.17
N GLY G 90 -5.24 -18.99 -10.57
CA GLY G 90 -4.27 -19.67 -9.74
C GLY G 90 -3.10 -18.80 -9.34
N LYS G 91 -2.49 -18.13 -10.29
CA LYS G 91 -1.37 -17.25 -9.95
C LYS G 91 -1.80 -16.18 -8.95
N LYS G 92 -2.92 -15.51 -9.22
CA LYS G 92 -3.42 -14.51 -8.28
C LYS G 92 -3.68 -15.14 -6.90
N ALA G 93 -4.24 -16.35 -6.90
CA ALA G 93 -4.57 -17.01 -5.66
C ALA G 93 -3.32 -17.33 -4.86
N MSE G 94 -2.31 -17.91 -5.52
CA MSE G 94 -1.08 -18.30 -4.81
C MSE G 94 -0.27 -17.07 -4.37
O MSE G 94 0.23 -17.02 -3.25
CB MSE G 94 -0.21 -19.26 -5.63
CG MSE G 94 1.09 -19.66 -4.94
SE MSE G 94 0.92 -20.41 -3.09
CE MSE G 94 1.16 -22.32 -3.46
N GLU G 95 -0.13 -16.10 -5.24
CA GLU G 95 0.51 -14.84 -4.85
C GLU G 95 -0.14 -14.17 -3.64
N LEU G 96 -1.46 -14.26 -3.52
CA LEU G 96 -2.16 -13.70 -2.35
C LEU G 96 -1.87 -14.53 -1.11
N ALA G 97 -1.80 -15.84 -1.30
CA ALA G 97 -1.49 -16.71 -0.18
C ALA G 97 -0.08 -16.37 0.31
N ILE G 98 0.83 -16.10 -0.63
CA ILE G 98 2.22 -15.75 -0.31
C ILE G 98 2.32 -14.40 0.42
N LYS G 99 1.63 -13.39 -0.11
CA LYS G 99 1.61 -12.07 0.53
C LYS G 99 1.18 -12.17 1.99
N LYS G 100 0.12 -12.95 2.26
CA LYS G 100 -0.39 -13.10 3.61
C LYS G 100 0.61 -13.86 4.49
N ALA G 101 1.27 -14.87 3.93
CA ALA G 101 2.29 -15.58 4.71
C ALA G 101 3.43 -14.64 5.04
N LYS G 102 3.66 -13.64 4.20
CA LYS G 102 4.69 -12.65 4.49
C LYS G 102 4.36 -11.86 5.74
N ASN G 103 3.08 -11.58 5.96
CA ASN G 103 2.67 -10.75 7.09
C ASN G 103 2.47 -11.53 8.38
N VAL G 104 1.89 -12.72 8.28
CA VAL G 104 1.48 -13.45 9.47
C VAL G 104 2.02 -14.88 9.56
N GLY G 105 2.84 -15.27 8.60
CA GLY G 105 3.50 -16.57 8.65
C GLY G 105 2.83 -17.66 7.83
N VAL G 106 1.56 -17.46 7.47
CA VAL G 106 0.88 -18.47 6.68
C VAL G 106 -0.23 -17.85 5.84
N GLY G 107 -0.43 -18.38 4.64
CA GLY G 107 -1.53 -17.95 3.79
C GLY G 107 -2.27 -19.12 3.17
N VAL G 108 -3.58 -19.16 3.34
CA VAL G 108 -4.41 -20.20 2.74
C VAL G 108 -5.51 -19.58 1.90
N VAL G 109 -5.49 -19.84 0.60
CA VAL G 109 -6.45 -19.24 -0.31
C VAL G 109 -7.16 -20.30 -1.12
N ALA G 110 -8.48 -20.38 -0.99
CA ALA G 110 -9.28 -21.29 -1.81
C ALA G 110 -9.91 -20.63 -3.07
N THR G 111 -10.04 -21.39 -4.16
CA THR G 111 -10.75 -20.90 -5.36
C THR G 111 -12.00 -21.70 -5.70
N ARG G 112 -12.89 -21.07 -6.47
CA ARG G 112 -14.05 -21.73 -7.06
C ARG G 112 -14.34 -21.03 -8.38
N ASN G 113 -15.12 -21.69 -9.24
CA ASN G 113 -15.53 -21.15 -10.54
C ASN G 113 -14.37 -20.67 -11.38
N ALA G 114 -13.33 -21.49 -11.42
CA ALA G 114 -12.19 -21.29 -12.28
C ALA G 114 -11.93 -22.59 -13.04
N ASN G 115 -11.19 -22.51 -14.14
CA ASN G 115 -10.90 -23.67 -14.97
C ASN G 115 -9.63 -24.43 -14.61
N HIS G 116 -9.44 -25.59 -15.24
CA HIS G 116 -8.20 -26.36 -15.14
C HIS G 116 -6.97 -25.43 -15.11
N PHE G 117 -6.08 -25.61 -14.13
CA PHE G 117 -4.92 -24.69 -14.02
C PHE G 117 -3.56 -25.31 -14.40
N GLY G 118 -3.57 -26.42 -15.12
CA GLY G 118 -2.32 -27.03 -15.56
C GLY G 118 -1.64 -27.81 -14.45
N ILE G 119 -0.32 -27.72 -14.37
CA ILE G 119 0.42 -28.49 -13.38
C ILE G 119 0.43 -27.79 -12.04
N ALA G 120 0.20 -28.56 -10.97
CA ALA G 120 0.11 -28.01 -9.62
C ALA G 120 1.44 -27.47 -9.14
N GLY G 121 2.52 -28.06 -9.65
CA GLY G 121 3.85 -27.68 -9.24
C GLY G 121 4.20 -26.24 -9.52
N TYR G 122 3.75 -25.71 -10.66
CA TYR G 122 4.01 -24.32 -10.98
C TYR G 122 3.64 -23.41 -9.80
N TYR G 123 2.44 -23.60 -9.25
CA TYR G 123 1.97 -22.70 -8.20
C TYR G 123 2.70 -22.89 -6.88
N SER G 124 3.10 -24.12 -6.60
CA SER G 124 3.84 -24.42 -5.40
C SER G 124 5.23 -23.82 -5.46
N GLU G 125 5.81 -23.79 -6.65
CA GLU G 125 7.14 -23.27 -6.81
C GLU G 125 7.19 -21.74 -6.67
N LEU G 126 6.09 -21.06 -7.01
CA LEU G 126 6.02 -19.62 -6.80
C LEU G 126 6.38 -19.34 -5.36
N ALA G 127 5.83 -20.14 -4.47
CA ALA G 127 6.10 -20.02 -3.04
C ALA G 127 7.55 -20.36 -2.73
N MSE G 128 8.05 -21.42 -3.36
CA MSE G 128 9.40 -21.90 -3.11
C MSE G 128 10.40 -20.81 -3.49
O MSE G 128 11.41 -20.61 -2.82
CB MSE G 128 9.67 -23.16 -3.95
CG MSE G 128 11.14 -23.58 -4.03
SE MSE G 128 11.53 -25.18 -5.15
CE MSE G 128 11.68 -24.37 -6.92
N ASN G 129 10.10 -20.10 -4.57
CA ASN G 129 11.01 -19.11 -5.12
C ASN G 129 10.82 -17.77 -4.42
N GLN G 130 10.08 -17.78 -3.33
CA GLN G 130 9.95 -16.62 -2.47
C GLN G 130 10.49 -17.01 -1.10
N ASP G 131 11.17 -18.16 -1.07
CA ASP G 131 11.78 -18.69 0.14
C ASP G 131 10.77 -19.20 1.14
N MSE G 132 9.64 -19.66 0.62
CA MSE G 132 8.62 -20.28 1.45
C MSE G 132 8.37 -21.74 1.09
O MSE G 132 9.10 -22.33 0.30
CB MSE G 132 7.33 -19.48 1.38
CG MSE G 132 7.58 -18.05 1.73
SE MSE G 132 5.99 -16.97 1.86
CE MSE G 132 6.82 -15.28 2.39
N ILE G 133 7.36 -22.30 1.71
CA ILE G 133 6.95 -23.65 1.43
C ILE G 133 5.62 -23.53 0.74
N GLY G 134 5.49 -24.12 -0.43
CA GLY G 134 4.25 -24.04 -1.15
C GLY G 134 3.54 -25.37 -1.17
N ILE G 135 2.23 -25.34 -0.89
CA ILE G 135 1.37 -26.50 -1.04
C ILE G 135 0.12 -26.22 -1.88
N THR G 136 -0.04 -26.95 -2.96
CA THR G 136 -1.24 -26.83 -3.81
C THR G 136 -2.00 -28.15 -3.93
N ILE G 137 -3.31 -28.11 -3.75
CA ILE G 137 -4.12 -29.26 -4.09
C ILE G 137 -5.25 -28.83 -4.98
N THR G 138 -6.01 -29.80 -5.48
CA THR G 138 -7.11 -29.51 -6.42
C THR G 138 -7.94 -30.74 -6.78
N ASN G 139 -9.10 -30.44 -7.35
CA ASN G 139 -10.12 -31.41 -7.74
C ASN G 139 -10.08 -31.73 -9.21
N THR G 140 -10.81 -32.77 -9.60
CA THR G 140 -11.07 -33.07 -11.01
C THR G 140 -12.33 -33.90 -11.14
N GLU G 141 -12.78 -34.12 -12.37
CA GLU G 141 -13.89 -35.02 -12.67
C GLU G 141 -13.57 -36.41 -12.16
N PRO G 142 -14.60 -37.16 -11.72
CA PRO G 142 -14.41 -38.52 -11.17
C PRO G 142 -13.54 -39.36 -12.09
N ALA G 143 -12.48 -39.90 -11.54
CA ALA G 143 -11.51 -40.58 -12.37
C ALA G 143 -11.19 -41.96 -11.82
N MSE G 144 -11.47 -42.16 -10.54
CA MSE G 144 -11.05 -43.37 -9.85
C MSE G 144 -11.99 -43.74 -8.72
O MSE G 144 -12.71 -42.89 -8.17
CB MSE G 144 -9.63 -43.21 -9.33
CG MSE G 144 -9.44 -42.12 -8.26
SE MSE G 144 -7.54 -41.70 -7.94
CE MSE G 144 -7.65 -40.82 -6.20
N ALA G 145 -11.96 -45.01 -8.36
CA ALA G 145 -12.86 -45.54 -7.35
C ALA G 145 -12.30 -45.27 -5.98
N PRO G 146 -13.16 -45.25 -4.96
CA PRO G 146 -12.58 -45.31 -3.62
C PRO G 146 -12.04 -46.72 -3.44
N PHE G 147 -11.13 -46.93 -2.49
CA PHE G 147 -10.59 -48.27 -2.19
C PHE G 147 -11.68 -49.27 -1.76
N GLY G 148 -11.79 -50.38 -2.48
CA GLY G 148 -12.83 -51.35 -2.19
C GLY G 148 -14.05 -51.13 -3.05
N GLY G 149 -14.05 -50.07 -3.85
CA GLY G 149 -15.16 -49.82 -4.76
C GLY G 149 -14.77 -50.01 -6.20
N LYS G 150 -15.73 -49.85 -7.11
CA LYS G 150 -15.44 -50.03 -8.53
C LYS G 150 -16.06 -48.93 -9.41
N GLU G 151 -16.39 -47.80 -8.80
CA GLU G 151 -17.10 -46.72 -9.46
C GLU G 151 -16.37 -45.38 -9.28
N LYS G 152 -16.24 -44.63 -10.38
CA LYS G 152 -15.58 -43.33 -10.36
C LYS G 152 -16.24 -42.36 -9.40
N ILE G 153 -15.47 -41.83 -8.45
CA ILE G 153 -15.98 -40.79 -7.53
C ILE G 153 -14.95 -39.71 -7.32
N LEU G 154 -13.70 -40.13 -7.12
CA LEU G 154 -12.61 -39.20 -6.82
C LEU G 154 -11.92 -38.72 -8.10
N GLY G 155 -11.60 -37.43 -8.15
CA GLY G 155 -10.79 -36.90 -9.22
C GLY G 155 -9.41 -37.51 -9.12
N THR G 156 -8.51 -37.16 -10.04
CA THR G 156 -7.11 -37.59 -9.93
C THR G 156 -6.39 -36.80 -8.83
N ASN G 157 -7.06 -35.78 -8.30
CA ASN G 157 -6.65 -35.06 -7.11
C ASN G 157 -5.14 -34.93 -6.82
N PRO G 158 -4.46 -34.06 -7.58
CA PRO G 158 -3.03 -33.84 -7.33
C PRO G 158 -2.73 -33.06 -6.05
N ILE G 159 -1.51 -33.26 -5.56
CA ILE G 159 -0.93 -32.40 -4.54
C ILE G 159 0.47 -31.98 -5.00
N ALA G 160 0.83 -30.73 -4.76
CA ALA G 160 2.18 -30.26 -5.05
C ALA G 160 2.80 -29.63 -3.81
N ILE G 161 3.94 -30.15 -3.38
CA ILE G 161 4.67 -29.58 -2.25
C ILE G 161 6.06 -29.17 -2.70
N ALA G 162 6.44 -27.93 -2.41
CA ALA G 162 7.72 -27.38 -2.86
C ALA G 162 8.36 -26.50 -1.81
N PHE G 163 9.68 -26.55 -1.75
CA PHE G 163 10.51 -25.74 -0.85
C PHE G 163 11.97 -26.02 -1.19
N LYS G 164 12.86 -25.19 -0.68
CA LYS G 164 14.26 -25.33 -1.05
C LYS G 164 15.19 -24.82 0.04
N GLY G 165 16.42 -25.32 0.00
CA GLY G 165 17.49 -24.79 0.83
C GLY G 165 18.34 -23.88 -0.03
N ASN G 166 19.63 -23.83 0.22
CA ASN G 166 20.54 -23.06 -0.61
C ASN G 166 21.07 -23.86 -1.79
N LYS G 167 21.45 -25.11 -1.52
CA LYS G 167 21.97 -25.97 -2.58
C LYS G 167 20.90 -26.87 -3.20
N TYR G 168 19.93 -27.29 -2.40
CA TYR G 168 18.96 -28.27 -2.88
C TYR G 168 17.54 -27.74 -2.94
N LYS G 169 16.79 -28.24 -3.90
CA LYS G 169 15.35 -27.94 -3.92
C LYS G 169 14.52 -29.22 -3.82
N PHE G 170 13.28 -29.05 -3.38
CA PHE G 170 12.33 -30.14 -3.22
C PHE G 170 11.03 -29.74 -3.90
N SER G 171 10.66 -30.47 -4.94
CA SER G 171 9.44 -30.17 -5.66
C SER G 171 8.66 -31.43 -6.02
N LEU G 172 7.68 -31.74 -5.20
CA LEU G 172 6.87 -32.93 -5.37
C LEU G 172 5.59 -32.47 -6.02
N ASP G 173 5.24 -33.09 -7.14
CA ASP G 173 4.07 -32.67 -7.89
C ASP G 173 3.45 -33.94 -8.41
N MSE G 174 2.33 -34.36 -7.81
CA MSE G 174 1.84 -35.72 -8.04
C MSE G 174 0.32 -35.95 -7.93
O MSE G 174 -0.30 -35.55 -6.95
CB MSE G 174 2.52 -36.65 -7.05
CG MSE G 174 2.42 -36.17 -5.60
SE MSE G 174 2.31 -37.61 -4.28
CE MSE G 174 0.43 -38.15 -4.48
N ALA G 175 -0.24 -36.64 -8.93
CA ALA G 175 -1.62 -37.12 -8.87
C ALA G 175 -1.74 -38.28 -7.89
N THR G 176 -2.84 -38.31 -7.12
CA THR G 176 -3.11 -39.40 -6.20
C THR G 176 -3.64 -40.65 -6.91
N ALA G 177 -3.71 -40.62 -8.23
CA ALA G 177 -4.14 -41.80 -8.98
C ALA G 177 -2.95 -42.75 -9.22
N SER G 178 -3.18 -44.04 -9.01
CA SER G 178 -2.12 -45.01 -9.25
C SER G 178 -1.49 -44.84 -10.63
N ILE G 179 -2.32 -44.57 -11.64
CA ILE G 179 -1.84 -44.55 -13.02
C ILE G 179 -2.76 -43.70 -13.88
N ALA G 180 -2.23 -43.15 -14.97
CA ALA G 180 -3.02 -42.33 -15.88
C ALA G 180 -3.62 -43.17 -17.01
N ARG G 181 -4.91 -42.99 -17.28
CA ARG G 181 -5.55 -43.75 -18.36
C ARG G 181 -4.66 -43.69 -19.61
N GLY G 182 -4.09 -42.53 -19.87
CA GLY G 182 -3.15 -42.37 -20.96
C GLY G 182 -2.18 -43.53 -21.04
N LYS G 183 -1.49 -43.80 -19.94
CA LYS G 183 -0.48 -44.85 -19.90
C LYS G 183 -1.05 -46.25 -20.02
N ILE G 184 -2.35 -46.41 -19.78
CA ILE G 184 -2.96 -47.73 -19.87
C ILE G 184 -3.20 -48.12 -21.32
N LEU G 185 -3.70 -47.18 -22.11
CA LEU G 185 -3.93 -47.42 -23.52
C LEU G 185 -2.65 -47.25 -24.34
N GLU G 186 -1.60 -46.77 -23.70
CA GLU G 186 -0.26 -46.82 -24.28
C GLU G 186 0.38 -48.13 -23.88
N ALA G 187 -0.23 -48.80 -22.91
CA ALA G 187 0.18 -50.15 -22.54
C ALA G 187 -0.64 -51.15 -23.36
N LEU G 188 -1.79 -50.70 -23.84
CA LEU G 188 -2.62 -51.55 -24.68
C LEU G 188 -2.02 -51.66 -26.08
N ARG G 189 -1.86 -50.52 -26.75
CA ARG G 189 -1.25 -50.49 -28.08
C ARG G 189 0.17 -51.04 -28.07
N LYS G 190 0.80 -51.01 -26.89
CA LYS G 190 2.18 -51.45 -26.72
C LYS G 190 2.19 -52.94 -26.40
N LYS G 191 1.01 -53.48 -26.14
CA LYS G 191 0.86 -54.77 -25.47
C LYS G 191 1.89 -54.99 -24.39
N ILE G 192 1.56 -54.58 -23.17
CA ILE G 192 2.33 -54.94 -21.99
C ILE G 192 1.33 -54.88 -20.84
N LYS G 193 1.59 -55.60 -19.77
CA LYS G 193 0.74 -55.49 -18.59
C LYS G 193 0.98 -54.14 -17.90
N ILE G 194 -0.05 -53.58 -17.27
CA ILE G 194 0.14 -52.47 -16.34
C ILE G 194 0.37 -53.02 -14.94
N PRO G 195 1.02 -52.23 -14.06
CA PRO G 195 1.32 -52.65 -12.69
C PRO G 195 0.10 -53.06 -11.88
N GLU G 196 0.38 -53.62 -10.70
CA GLU G 196 -0.60 -54.34 -9.91
C GLU G 196 -1.18 -53.47 -8.82
N GLY G 197 -2.49 -53.52 -8.64
CA GLY G 197 -3.16 -52.68 -7.66
C GLY G 197 -3.67 -51.37 -8.25
N CYS G 198 -3.27 -51.10 -9.48
CA CYS G 198 -3.68 -49.89 -10.19
C CYS G 198 -5.18 -49.82 -10.53
N ALA G 199 -5.76 -50.93 -10.96
CA ALA G 199 -7.12 -50.88 -11.49
C ALA G 199 -7.93 -52.15 -11.23
N VAL G 200 -9.24 -52.07 -11.48
CA VAL G 200 -10.15 -53.19 -11.30
C VAL G 200 -11.01 -53.47 -12.53
N ASP G 201 -11.68 -54.63 -12.50
CA ASP G 201 -12.50 -55.16 -13.58
C ASP G 201 -13.78 -54.39 -13.84
N LYS G 202 -14.44 -54.75 -14.94
CA LYS G 202 -15.82 -54.38 -15.18
C LYS G 202 -16.72 -55.06 -14.14
N ASP G 203 -16.09 -55.85 -13.26
CA ASP G 203 -16.80 -56.64 -12.26
C ASP G 203 -16.35 -56.27 -10.85
N GLY G 204 -15.22 -55.61 -10.75
CA GLY G 204 -14.67 -55.21 -9.45
C GLY G 204 -13.54 -56.09 -9.01
N LYS G 205 -12.90 -56.77 -9.96
CA LYS G 205 -11.80 -57.69 -9.67
C LYS G 205 -10.49 -57.08 -10.12
N PRO G 206 -9.42 -57.32 -9.37
CA PRO G 206 -8.08 -56.82 -9.71
C PRO G 206 -7.59 -57.33 -11.08
N THR G 207 -6.85 -56.48 -11.80
CA THR G 207 -6.44 -56.82 -13.16
C THR G 207 -5.20 -56.05 -13.64
N THR G 208 -4.24 -56.76 -14.20
CA THR G 208 -3.08 -56.09 -14.78
C THR G 208 -3.21 -55.99 -16.30
N ASP G 209 -4.40 -56.27 -16.81
CA ASP G 209 -4.64 -56.24 -18.24
C ASP G 209 -5.26 -54.93 -18.68
N PRO G 210 -4.55 -54.21 -19.56
CA PRO G 210 -4.96 -52.87 -20.03
C PRO G 210 -6.35 -52.87 -20.66
N ALA G 211 -6.68 -53.93 -21.37
CA ALA G 211 -8.02 -54.05 -21.96
C ALA G 211 -9.08 -54.08 -20.87
N LYS G 212 -8.91 -54.93 -19.85
CA LYS G 212 -9.84 -54.98 -18.74
C LYS G 212 -9.79 -53.67 -17.98
N ALA G 213 -8.58 -53.15 -17.81
CA ALA G 213 -8.39 -51.86 -17.16
C ALA G 213 -9.30 -50.82 -17.78
N LEU G 214 -9.14 -50.62 -19.09
CA LEU G 214 -9.91 -49.65 -19.87
C LEU G 214 -11.43 -49.79 -19.71
N GLU G 215 -11.90 -51.00 -19.41
CA GLU G 215 -13.32 -51.22 -19.18
C GLU G 215 -13.70 -51.03 -17.71
N GLY G 216 -12.71 -50.98 -16.83
CA GLY G 216 -12.97 -51.05 -15.41
C GLY G 216 -12.92 -49.73 -14.65
N CYS G 217 -12.01 -49.64 -13.68
CA CYS G 217 -11.90 -48.43 -12.91
C CYS G 217 -10.54 -48.36 -12.22
N ILE G 218 -9.86 -47.23 -12.41
CA ILE G 218 -8.55 -47.03 -11.84
C ILE G 218 -8.66 -46.84 -10.34
N LEU G 219 -7.55 -47.08 -9.63
CA LEU G 219 -7.54 -46.97 -8.17
C LEU G 219 -6.59 -45.90 -7.65
N PRO G 220 -6.82 -45.42 -6.42
CA PRO G 220 -5.84 -44.45 -5.92
C PRO G 220 -4.50 -45.14 -5.73
N PHE G 221 -3.45 -44.35 -5.45
CA PHE G 221 -2.08 -44.86 -5.51
C PHE G 221 -1.60 -45.77 -4.38
N GLY G 222 -2.02 -45.54 -3.16
CA GLY G 222 -1.32 -46.22 -2.08
C GLY G 222 -2.09 -47.15 -1.17
N GLY G 223 -2.87 -48.04 -1.75
CA GLY G 223 -3.78 -48.87 -0.94
C GLY G 223 -4.77 -47.98 -0.20
N PRO G 224 -5.14 -48.36 1.02
CA PRO G 224 -6.04 -47.55 1.85
C PRO G 224 -5.47 -46.16 2.09
N LYS G 225 -4.19 -46.12 2.47
CA LYS G 225 -3.52 -44.87 2.77
C LYS G 225 -3.61 -43.84 1.62
N GLY G 226 -3.19 -44.22 0.41
CA GLY G 226 -3.31 -43.34 -0.74
C GLY G 226 -4.75 -42.89 -0.93
N TYR G 227 -5.66 -43.84 -0.81
CA TYR G 227 -7.06 -43.54 -0.90
C TYR G 227 -7.51 -42.48 0.11
N GLY G 228 -7.13 -42.64 1.38
CA GLY G 228 -7.45 -41.66 2.40
C GLY G 228 -6.99 -40.24 2.05
N LEU G 229 -5.75 -40.14 1.58
CA LEU G 229 -5.22 -38.84 1.18
C LEU G 229 -6.05 -38.22 0.07
N ALA G 230 -6.33 -39.00 -0.97
CA ALA G 230 -7.08 -38.49 -2.12
C ALA G 230 -8.50 -38.06 -1.73
N LEU G 231 -9.08 -38.75 -0.76
CA LEU G 231 -10.38 -38.38 -0.23
C LEU G 231 -10.29 -37.02 0.51
N ALA G 232 -9.20 -36.85 1.26
CA ALA G 232 -8.95 -35.60 1.96
C ALA G 232 -8.79 -34.48 0.94
N ILE G 233 -7.90 -34.67 -0.03
CA ILE G 233 -7.76 -33.72 -1.13
C ILE G 233 -9.11 -33.37 -1.78
N GLU G 234 -9.87 -34.37 -2.19
CA GLU G 234 -11.18 -34.14 -2.82
C GLU G 234 -12.00 -33.10 -2.07
N MSE G 235 -11.98 -33.19 -0.75
CA MSE G 235 -12.77 -32.31 0.08
C MSE G 235 -12.07 -30.96 0.35
O MSE G 235 -12.63 -29.91 0.05
CB MSE G 235 -13.17 -33.04 1.38
CG MSE G 235 -14.14 -32.29 2.27
SE MSE G 235 -15.90 -31.80 1.49
CE MSE G 235 -15.53 -29.94 0.99
N LEU G 236 -10.84 -30.99 0.87
CA LEU G 236 -10.14 -29.75 1.20
C LEU G 236 -9.94 -28.81 0.01
N SER G 237 -9.78 -29.41 -1.17
CA SER G 237 -9.65 -28.67 -2.42
C SER G 237 -10.82 -27.73 -2.62
N ALA G 238 -11.94 -28.02 -1.97
CA ALA G 238 -13.19 -27.38 -2.36
C ALA G 238 -13.82 -26.54 -1.27
N ILE G 239 -13.06 -26.22 -0.23
CA ILE G 239 -13.60 -25.43 0.88
C ILE G 239 -13.94 -23.96 0.51
N GLY G 240 -13.56 -23.56 -0.70
CA GLY G 240 -13.93 -22.25 -1.21
C GLY G 240 -15.33 -22.24 -1.81
N GLY G 241 -16.01 -23.36 -1.70
CA GLY G 241 -17.37 -23.48 -2.22
C GLY G 241 -17.48 -24.23 -3.53
N ALA G 242 -16.43 -24.96 -3.92
CA ALA G 242 -16.45 -25.71 -5.15
C ALA G 242 -17.35 -26.94 -5.04
N GLU G 243 -17.47 -27.72 -6.11
CA GLU G 243 -18.19 -28.99 -6.05
C GLU G 243 -17.25 -30.11 -5.61
N VAL G 244 -17.83 -31.24 -5.24
CA VAL G 244 -17.07 -32.44 -4.90
C VAL G 244 -17.70 -33.67 -5.54
N GLY G 245 -16.93 -34.76 -5.61
CA GLY G 245 -17.42 -36.01 -6.18
C GLY G 245 -17.87 -35.91 -7.64
N THR G 246 -18.98 -36.57 -7.96
CA THR G 246 -19.51 -36.56 -9.32
C THR G 246 -20.10 -35.20 -9.74
N LYS G 247 -20.19 -34.25 -8.81
CA LYS G 247 -20.62 -32.91 -9.16
C LYS G 247 -19.49 -32.07 -9.76
N VAL G 248 -18.26 -32.58 -9.72
CA VAL G 248 -17.15 -31.88 -10.34
C VAL G 248 -17.20 -32.14 -11.86
N LYS G 249 -17.33 -31.06 -12.61
CA LYS G 249 -17.50 -31.13 -14.04
C LYS G 249 -16.45 -30.27 -14.75
N GLY G 250 -16.24 -30.54 -16.02
CA GLY G 250 -15.51 -29.66 -16.92
C GLY G 250 -14.03 -29.38 -16.67
N THR G 251 -13.29 -30.38 -16.20
CA THR G 251 -11.86 -30.22 -16.02
C THR G 251 -11.13 -30.87 -17.18
N ALA G 252 -11.88 -31.63 -17.97
CA ALA G 252 -11.35 -32.33 -19.14
C ALA G 252 -12.27 -32.14 -20.33
N ASN G 253 -13.49 -31.72 -20.06
CA ASN G 253 -14.51 -31.64 -21.09
C ASN G 253 -14.97 -30.19 -21.30
N PRO G 254 -14.55 -29.59 -22.43
CA PRO G 254 -14.82 -28.20 -22.81
C PRO G 254 -16.29 -27.89 -23.07
N GLU G 255 -17.17 -28.88 -22.92
CA GLU G 255 -18.60 -28.64 -23.06
C GLU G 255 -19.27 -28.44 -21.70
N GLU G 256 -18.55 -28.77 -20.64
CA GLU G 256 -19.06 -28.54 -19.30
C GLU G 256 -18.42 -27.32 -18.64
N ARG G 257 -19.26 -26.48 -18.04
CA ARG G 257 -18.84 -25.46 -17.11
C ARG G 257 -18.07 -26.13 -15.95
N CYS G 258 -16.86 -25.64 -15.66
CA CYS G 258 -15.98 -26.25 -14.68
C CYS G 258 -16.41 -25.93 -13.24
N THR G 259 -16.37 -26.93 -12.35
CA THR G 259 -16.87 -26.71 -11.00
C THR G 259 -15.85 -27.15 -9.94
N LYS G 260 -14.63 -27.47 -10.36
CA LYS G 260 -13.62 -27.95 -9.43
C LYS G 260 -13.12 -26.87 -8.45
N GLY G 261 -12.30 -27.26 -7.49
CA GLY G 261 -11.80 -26.33 -6.49
C GLY G 261 -10.28 -26.42 -6.37
N ASP G 262 -9.65 -25.35 -5.89
CA ASP G 262 -8.21 -25.37 -5.65
C ASP G 262 -7.96 -24.85 -4.27
N LEU G 263 -6.97 -25.41 -3.59
CA LEU G 263 -6.49 -24.83 -2.34
C LEU G 263 -5.04 -24.46 -2.47
N PHE G 264 -4.74 -23.20 -2.16
CA PHE G 264 -3.36 -22.74 -2.16
C PHE G 264 -2.87 -22.43 -0.73
N ILE G 265 -1.77 -23.06 -0.34
CA ILE G 265 -1.20 -22.79 0.97
C ILE G 265 0.25 -22.37 0.85
N ALA G 266 0.62 -21.35 1.62
CA ALA G 266 1.98 -20.86 1.66
C ALA G 266 2.41 -20.76 3.11
N ILE G 267 3.53 -21.39 3.45
CA ILE G 267 4.05 -21.32 4.82
C ILE G 267 5.43 -20.69 4.86
N ASN G 268 5.56 -19.63 5.65
CA ASN G 268 6.78 -18.83 5.73
C ASN G 268 7.71 -19.18 6.90
N PRO G 269 8.87 -19.78 6.60
CA PRO G 269 9.79 -20.23 7.67
C PRO G 269 10.33 -19.08 8.55
N GLU G 270 10.24 -17.85 8.07
CA GLU G 270 10.61 -16.70 8.89
C GLU G 270 9.86 -16.66 10.23
N PHE G 271 8.62 -17.15 10.24
CA PHE G 271 7.78 -17.05 11.42
C PHE G 271 7.96 -18.27 12.28
N PHE G 272 8.88 -19.12 11.87
CA PHE G 272 9.17 -20.33 12.64
C PHE G 272 10.64 -20.33 13.05
N MSE G 273 11.37 -21.38 12.73
CA MSE G 273 12.77 -21.42 13.07
C MSE G 273 13.62 -20.33 12.41
O MSE G 273 14.71 -20.04 12.88
CB MSE G 273 13.36 -22.80 12.73
CG MSE G 273 13.27 -23.14 11.26
SE MSE G 273 14.05 -24.86 10.86
CE MSE G 273 15.81 -24.67 11.72
N GLY G 274 13.11 -19.74 11.32
CA GLY G 274 13.82 -18.68 10.59
C GLY G 274 14.31 -19.04 9.19
N LYS G 275 14.23 -18.09 8.25
CA LYS G 275 14.60 -18.34 6.85
C LYS G 275 15.93 -19.06 6.61
N GLU G 276 17.03 -18.42 7.00
CA GLU G 276 18.38 -18.98 6.80
C GLU G 276 18.60 -20.34 7.47
N GLU G 277 18.10 -20.52 8.69
CA GLU G 277 18.31 -21.78 9.39
C GLU G 277 17.48 -22.91 8.78
N PHE G 278 16.34 -22.56 8.21
CA PHE G 278 15.48 -23.52 7.54
C PHE G 278 16.09 -23.99 6.23
N LYS G 279 16.77 -23.08 5.52
CA LYS G 279 17.46 -23.45 4.27
C LYS G 279 18.65 -24.34 4.57
N ARG G 280 19.29 -24.11 5.72
CA ARG G 280 20.39 -24.96 6.09
C ARG G 280 19.89 -26.37 6.42
N LYS G 281 18.81 -26.47 7.18
CA LYS G 281 18.24 -27.77 7.52
C LYS G 281 17.75 -28.50 6.26
N VAL G 282 17.05 -27.80 5.37
CA VAL G 282 16.66 -28.42 4.11
C VAL G 282 17.88 -29.07 3.44
N ASP G 283 18.95 -28.30 3.26
CA ASP G 283 20.17 -28.84 2.66
C ASP G 283 20.73 -30.02 3.47
N GLU G 284 20.75 -29.89 4.79
CA GLU G 284 21.24 -30.97 5.66
C GLU G 284 20.47 -32.27 5.40
N LEU G 285 19.14 -32.18 5.39
CA LEU G 285 18.29 -33.34 5.06
C LEU G 285 18.52 -33.84 3.65
N LEU G 286 18.36 -32.96 2.67
CA LEU G 286 18.45 -33.41 1.27
C LEU G 286 19.85 -33.89 0.87
N ASP G 287 20.89 -33.35 1.48
CA ASP G 287 22.23 -33.86 1.21
C ASP G 287 22.36 -35.30 1.72
N GLU G 288 22.03 -35.48 3.00
CA GLU G 288 22.02 -36.81 3.59
C GLU G 288 21.31 -37.82 2.69
N ILE G 289 20.10 -37.51 2.26
CA ILE G 289 19.36 -38.42 1.36
C ILE G 289 20.07 -38.63 0.02
N LYS G 290 20.33 -37.55 -0.70
CA LYS G 290 20.98 -37.63 -2.00
C LYS G 290 22.33 -38.35 -1.99
N ASN G 291 22.85 -38.67 -0.81
CA ASN G 291 24.16 -39.30 -0.71
C ASN G 291 24.18 -40.57 0.14
N SER G 292 23.01 -40.97 0.62
CA SER G 292 22.88 -42.26 1.27
C SER G 292 23.12 -43.35 0.21
N GLU G 293 23.32 -44.58 0.65
CA GLU G 293 23.60 -45.68 -0.27
C GLU G 293 22.40 -46.10 -1.12
N PRO G 294 22.61 -46.23 -2.43
CA PRO G 294 21.53 -46.63 -3.33
C PRO G 294 21.30 -48.13 -3.28
N ALA G 295 20.15 -48.56 -3.77
CA ALA G 295 19.90 -49.98 -4.00
C ALA G 295 20.56 -50.37 -5.31
N GLU G 296 20.47 -51.65 -5.67
CA GLU G 296 21.20 -52.19 -6.82
C GLU G 296 21.10 -51.33 -8.08
N GLY G 297 20.08 -51.59 -8.91
CA GLY G 297 19.98 -50.92 -10.20
C GLY G 297 19.30 -49.58 -10.11
N PHE G 298 19.54 -48.88 -9.01
CA PHE G 298 18.80 -47.65 -8.69
C PHE G 298 19.69 -46.42 -8.50
N GLU G 299 19.07 -45.26 -8.65
CA GLU G 299 19.68 -44.00 -8.26
C GLU G 299 18.71 -43.31 -7.30
N ILE G 300 19.24 -42.67 -6.25
CA ILE G 300 18.36 -41.97 -5.32
C ILE G 300 18.09 -40.55 -5.82
N LEU G 301 16.83 -40.17 -5.85
CA LEU G 301 16.41 -38.89 -6.40
C LEU G 301 15.50 -38.16 -5.44
N ILE G 302 15.55 -36.84 -5.48
CA ILE G 302 14.65 -36.03 -4.68
C ILE G 302 13.48 -35.65 -5.58
N PRO G 303 12.26 -35.70 -5.03
CA PRO G 303 11.10 -35.22 -5.79
C PRO G 303 11.41 -33.90 -6.48
N GLY G 304 11.18 -33.84 -7.78
CA GLY G 304 11.56 -32.70 -8.60
C GLY G 304 12.76 -32.90 -9.52
N GLU G 305 13.61 -33.88 -9.20
CA GLU G 305 14.86 -34.06 -9.97
C GLU G 305 14.61 -34.47 -11.40
N ILE G 306 13.67 -35.39 -11.62
CA ILE G 306 13.31 -35.85 -12.96
C ILE G 306 12.87 -34.69 -13.86
N GLU G 307 11.91 -33.91 -13.39
CA GLU G 307 11.43 -32.74 -14.13
C GLU G 307 12.55 -31.74 -14.40
N GLU G 308 13.44 -31.54 -13.43
CA GLU G 308 14.56 -30.62 -13.63
C GLU G 308 15.48 -31.14 -14.73
N ARG G 309 15.74 -32.43 -14.76
CA ARG G 309 16.62 -32.93 -15.80
C ARG G 309 15.89 -32.83 -17.12
N ASN G 310 14.59 -33.09 -17.09
CA ASN G 310 13.77 -32.94 -18.29
C ASN G 310 13.83 -31.54 -18.87
N LYS G 311 13.51 -30.55 -18.04
CA LYS G 311 13.50 -29.16 -18.48
C LYS G 311 14.85 -28.79 -19.09
N MSE G 312 15.93 -29.36 -18.56
CA MSE G 312 17.26 -29.13 -19.11
C MSE G 312 17.42 -29.73 -20.49
O MSE G 312 18.05 -29.13 -21.36
CB MSE G 312 18.33 -29.75 -18.20
CG MSE G 312 18.53 -29.06 -16.87
SE MSE G 312 19.41 -27.34 -17.01
CE MSE G 312 20.65 -27.74 -18.44
N LYS G 313 16.86 -30.92 -20.69
CA LYS G 313 17.06 -31.68 -21.93
C LYS G 313 16.12 -31.23 -23.04
N ARG G 314 15.08 -30.48 -22.67
CA ARG G 314 14.09 -30.05 -23.66
C ARG G 314 14.04 -28.53 -23.84
N LYS G 315 15.14 -27.86 -23.51
CA LYS G 315 15.25 -26.41 -23.71
C LYS G 315 15.25 -26.08 -25.19
N ASP G 316 15.89 -26.92 -25.98
CA ASP G 316 16.07 -26.76 -27.41
CA ASP G 316 16.03 -26.61 -27.40
C ASP G 316 14.80 -27.03 -28.21
N GLY G 317 13.70 -27.26 -27.51
CA GLY G 317 12.47 -27.66 -28.15
C GLY G 317 12.22 -29.15 -27.94
N PHE G 318 10.98 -29.56 -28.13
CA PHE G 318 10.59 -30.93 -27.87
C PHE G 318 9.65 -31.43 -28.96
N GLU G 319 9.43 -32.73 -28.97
CA GLU G 319 8.63 -33.36 -30.02
C GLU G 319 7.12 -33.27 -29.82
N ILE G 320 6.42 -32.98 -30.91
CA ILE G 320 4.97 -33.03 -30.92
C ILE G 320 4.53 -33.83 -32.14
N ASP G 321 3.35 -34.44 -32.08
CA ASP G 321 2.90 -35.33 -33.16
C ASP G 321 2.15 -34.60 -34.28
N LYS G 322 1.92 -35.32 -35.38
CA LYS G 322 1.24 -34.78 -36.54
C LYS G 322 -0.17 -34.32 -36.18
N ASN G 323 -0.82 -35.10 -35.33
CA ASN G 323 -2.18 -34.79 -34.90
C ASN G 323 -2.32 -33.40 -34.28
N LEU G 324 -1.52 -33.13 -33.25
CA LEU G 324 -1.51 -31.83 -32.60
C LEU G 324 -1.09 -30.70 -33.57
N TYR G 325 -0.04 -30.93 -34.35
CA TYR G 325 0.35 -29.98 -35.39
C TYR G 325 -0.89 -29.54 -36.17
N ASN G 326 -1.65 -30.51 -36.69
CA ASN G 326 -2.83 -30.23 -37.48
C ASN G 326 -3.92 -29.46 -36.75
N GLN G 327 -4.30 -29.90 -35.56
CA GLN G 327 -5.21 -29.12 -34.73
C GLN G 327 -4.72 -27.68 -34.62
N LEU G 328 -3.44 -27.53 -34.32
CA LEU G 328 -2.84 -26.22 -34.16
C LEU G 328 -2.82 -25.43 -35.46
N LYS G 329 -2.70 -26.14 -36.58
CA LYS G 329 -2.68 -25.47 -37.89
C LYS G 329 -4.04 -24.85 -38.17
N GLU G 330 -5.10 -25.63 -37.95
CA GLU G 330 -6.45 -25.12 -38.18
C GLU G 330 -6.79 -23.96 -37.26
N ILE G 331 -6.51 -24.13 -35.97
CA ILE G 331 -6.69 -23.06 -35.01
C ILE G 331 -6.09 -21.75 -35.51
N CYS G 332 -4.86 -21.81 -36.01
CA CYS G 332 -4.18 -20.63 -36.49
C CYS G 332 -4.88 -20.09 -37.72
N ASN G 333 -5.26 -20.99 -38.59
CA ASN G 333 -5.91 -20.61 -39.83
C ASN G 333 -7.17 -19.81 -39.59
N GLU G 334 -8.08 -20.34 -38.77
CA GLU G 334 -9.33 -19.63 -38.52
C GLU G 334 -9.10 -18.29 -37.84
N LEU G 335 -7.89 -18.04 -37.33
CA LEU G 335 -7.60 -16.77 -36.66
C LEU G 335 -6.69 -15.87 -37.48
N GLY G 336 -6.34 -16.31 -38.68
CA GLY G 336 -5.47 -15.51 -39.52
C GLY G 336 -4.02 -15.48 -39.08
N LEU G 337 -3.66 -16.29 -38.09
CA LEU G 337 -2.25 -16.52 -37.80
C LEU G 337 -1.69 -17.55 -38.80
N ASN G 338 -0.39 -17.79 -38.72
CA ASN G 338 0.26 -18.74 -39.61
C ASN G 338 1.13 -19.72 -38.82
N ILE G 339 0.73 -20.98 -38.79
CA ILE G 339 1.44 -21.98 -38.00
C ILE G 339 2.94 -21.93 -38.24
N GLU G 340 3.33 -21.50 -39.43
CA GLU G 340 4.73 -21.50 -39.80
C GLU G 340 5.53 -20.44 -39.08
N ASP G 341 4.85 -19.52 -38.41
CA ASP G 341 5.52 -18.53 -37.59
C ASP G 341 6.04 -19.15 -36.29
N TYR G 342 5.53 -20.33 -35.94
CA TYR G 342 5.83 -20.94 -34.66
C TYR G 342 6.50 -22.30 -34.75
N ILE G 343 6.15 -23.08 -35.75
CA ILE G 343 6.79 -24.38 -35.94
C ILE G 343 7.51 -24.40 -37.28
N GLU G 344 8.64 -23.72 -37.32
CA GLU G 344 9.43 -23.53 -38.53
C GLU G 344 10.42 -24.69 -38.67
N MSE H 1 -5.01 -60.33 30.01
CA MSE H 1 -6.12 -60.02 30.91
C MSE H 1 -6.76 -58.67 30.58
O MSE H 1 -6.09 -57.72 30.15
CB MSE H 1 -5.68 -60.08 32.38
CG MSE H 1 -4.53 -59.12 32.77
SE MSE H 1 -2.79 -59.60 31.99
CE MSE H 1 -2.47 -61.31 32.88
N ILE H 2 -8.08 -58.59 30.78
CA ILE H 2 -8.84 -57.38 30.50
C ILE H 2 -8.42 -56.18 31.35
N LEU H 3 -8.25 -55.04 30.68
CA LEU H 3 -7.96 -53.78 31.36
C LEU H 3 -9.03 -52.75 30.99
N LYS H 4 -9.81 -52.32 31.97
CA LYS H 4 -10.81 -51.29 31.74
C LYS H 4 -10.13 -49.92 31.48
N PRO H 5 -10.65 -49.16 30.49
CA PRO H 5 -10.06 -47.85 30.08
C PRO H 5 -10.00 -46.81 31.20
N GLU H 6 -11.11 -46.61 31.91
CA GLU H 6 -11.15 -45.76 33.11
C GLU H 6 -10.03 -46.14 34.07
N ASN H 7 -9.85 -47.44 34.24
CA ASN H 7 -8.79 -47.92 35.11
C ASN H 7 -7.39 -47.71 34.53
N GLU H 8 -7.30 -47.68 33.20
CA GLU H 8 -6.03 -47.36 32.55
C GLU H 8 -5.71 -45.88 32.77
N LYS H 9 -6.75 -45.06 32.82
CA LYS H 9 -6.62 -43.64 33.04
C LYS H 9 -6.12 -43.39 34.47
N LYS H 10 -6.70 -44.09 35.43
CA LYS H 10 -6.34 -43.90 36.83
C LYS H 10 -4.95 -44.43 37.11
N LEU H 11 -4.57 -45.49 36.40
CA LEU H 11 -3.26 -46.07 36.60
C LEU H 11 -2.16 -45.11 36.17
N ILE H 12 -2.31 -44.59 34.95
CA ILE H 12 -1.37 -43.64 34.40
C ILE H 12 -1.27 -42.34 35.21
N ILE H 13 -2.40 -41.86 35.71
CA ILE H 13 -2.43 -40.63 36.48
C ILE H 13 -1.69 -40.83 37.80
N ASP H 14 -2.00 -41.90 38.50
CA ASP H 14 -1.42 -42.13 39.82
C ASP H 14 0.08 -42.37 39.72
N VAL H 15 0.50 -43.04 38.65
CA VAL H 15 1.92 -43.28 38.43
C VAL H 15 2.66 -41.99 38.05
N LEU H 16 2.10 -41.21 37.13
CA LEU H 16 2.72 -39.96 36.69
C LEU H 16 2.79 -38.91 37.81
N LYS H 17 1.72 -38.81 38.59
CA LYS H 17 1.74 -37.94 39.76
C LYS H 17 2.92 -38.31 40.66
N LYS H 18 3.23 -39.60 40.74
CA LYS H 18 4.36 -40.05 41.55
C LYS H 18 5.72 -39.48 41.10
N PHE H 19 5.79 -38.96 39.88
CA PHE H 19 7.05 -38.39 39.39
C PHE H 19 6.97 -36.88 39.29
N GLY H 20 5.91 -36.28 39.80
CA GLY H 20 5.83 -34.83 39.83
C GLY H 20 4.98 -34.23 38.74
N VAL H 21 4.56 -35.04 37.79
CA VAL H 21 3.64 -34.55 36.76
C VAL H 21 2.37 -34.04 37.44
N PRO H 22 2.07 -32.74 37.24
CA PRO H 22 0.85 -32.11 37.77
C PRO H 22 -0.37 -32.92 37.35
N GLU H 23 -1.46 -32.88 38.11
CA GLU H 23 -2.59 -33.74 37.81
C GLU H 23 -3.23 -33.48 36.44
N GLU H 24 -3.43 -32.22 36.09
CA GLU H 24 -3.95 -31.87 34.77
C GLU H 24 -3.05 -32.30 33.61
N ASP H 25 -1.74 -32.32 33.83
CA ASP H 25 -0.82 -32.84 32.82
C ASP H 25 -0.98 -34.36 32.70
N ALA H 26 -1.17 -34.99 33.85
CA ALA H 26 -1.30 -36.43 33.92
C ALA H 26 -2.59 -36.89 33.25
N LYS H 27 -3.72 -36.26 33.60
CA LYS H 27 -5.00 -36.60 32.99
C LYS H 27 -4.91 -36.52 31.47
N ILE H 28 -4.30 -35.43 30.99
CA ILE H 28 -4.11 -35.21 29.57
C ILE H 28 -3.34 -36.37 28.95
N THR H 29 -2.20 -36.72 29.54
CA THR H 29 -1.40 -37.80 29.01
C THR H 29 -2.22 -39.10 28.89
N ALA H 30 -2.90 -39.47 29.97
CA ALA H 30 -3.67 -40.71 30.00
C ALA H 30 -4.70 -40.79 28.87
N ASP H 31 -5.40 -39.69 28.63
CA ASP H 31 -6.47 -39.64 27.63
C ASP H 31 -5.97 -40.11 26.27
N VAL H 32 -4.75 -39.69 25.94
CA VAL H 32 -4.14 -40.01 24.65
C VAL H 32 -3.67 -41.46 24.62
N PHE H 33 -3.35 -42.01 25.79
CA PHE H 33 -3.00 -43.41 25.91
C PHE H 33 -4.25 -44.25 25.69
N VAL H 34 -5.30 -43.89 26.40
CA VAL H 34 -6.57 -44.60 26.30
C VAL H 34 -7.16 -44.55 24.89
N ASP H 35 -7.11 -43.38 24.26
CA ASP H 35 -7.51 -43.25 22.88
C ASP H 35 -6.83 -44.28 21.95
N ALA H 36 -5.51 -44.45 22.09
CA ALA H 36 -4.78 -45.39 21.26
C ALA H 36 -5.19 -46.84 21.50
N ASP H 37 -5.27 -47.25 22.77
CA ASP H 37 -5.66 -48.61 23.12
C ASP H 37 -7.09 -48.91 22.66
N LEU H 38 -7.94 -47.90 22.72
CA LEU H 38 -9.33 -48.07 22.31
C LEU H 38 -9.45 -48.23 20.80
N LYS H 39 -8.56 -47.59 20.05
CA LYS H 39 -8.62 -47.62 18.59
C LYS H 39 -7.87 -48.83 18.01
N GLY H 40 -7.02 -49.43 18.81
CA GLY H 40 -6.28 -50.59 18.38
C GLY H 40 -4.86 -50.26 17.96
N PHE H 41 -4.47 -48.99 18.06
CA PHE H 41 -3.08 -48.63 17.85
C PHE H 41 -2.31 -49.01 19.10
N THR H 42 -2.37 -50.29 19.47
CA THR H 42 -1.94 -50.73 20.80
C THR H 42 -0.49 -50.39 21.11
N SER H 43 0.29 -50.16 20.06
CA SER H 43 1.71 -49.88 20.20
C SER H 43 2.01 -48.43 20.61
N HIS H 44 0.97 -47.61 20.69
CA HIS H 44 1.13 -46.26 21.21
C HIS H 44 0.26 -46.05 22.41
N GLY H 45 -0.23 -47.15 22.98
CA GLY H 45 -1.03 -47.13 24.19
C GLY H 45 -0.22 -47.62 25.39
N ILE H 46 -0.93 -48.04 26.42
CA ILE H 46 -0.33 -48.47 27.67
C ILE H 46 0.97 -49.30 27.54
N GLY H 47 1.03 -50.20 26.57
CA GLY H 47 2.20 -51.02 26.39
C GLY H 47 3.47 -50.20 26.22
N ARG H 48 3.31 -48.92 25.95
CA ARG H 48 4.46 -48.06 25.75
C ARG H 48 4.80 -47.34 27.05
N PHE H 49 3.96 -47.53 28.07
CA PHE H 49 4.12 -46.81 29.34
C PHE H 49 5.44 -47.10 30.09
N PRO H 50 5.83 -48.39 30.18
CA PRO H 50 7.12 -48.66 30.82
C PRO H 50 8.26 -47.85 30.23
N GLN H 51 8.27 -47.68 28.91
CA GLN H 51 9.30 -46.86 28.27
C GLN H 51 9.29 -45.42 28.83
N TYR H 52 8.10 -44.89 29.12
CA TYR H 52 7.97 -43.55 29.69
C TYR H 52 8.59 -43.50 31.07
N ILE H 53 8.39 -44.56 31.85
CA ILE H 53 8.97 -44.63 33.19
C ILE H 53 10.50 -44.61 33.10
N THR H 54 11.04 -45.50 32.27
CA THR H 54 12.48 -45.53 32.04
C THR H 54 13.01 -44.11 31.75
N ALA H 55 12.30 -43.37 30.92
CA ALA H 55 12.76 -42.04 30.51
C ALA H 55 12.62 -40.99 31.61
N LEU H 56 11.57 -41.10 32.41
CA LEU H 56 11.33 -40.16 33.50
C LEU H 56 12.45 -40.22 34.52
N LYS H 57 12.87 -41.45 34.82
CA LYS H 57 13.95 -41.68 35.77
C LYS H 57 15.27 -41.16 35.23
N LEU H 58 15.61 -41.56 34.01
CA LEU H 58 16.82 -41.07 33.35
C LEU H 58 16.70 -39.59 33.02
N GLY H 59 15.57 -38.99 33.39
CA GLY H 59 15.39 -37.56 33.26
C GLY H 59 15.31 -37.10 31.83
N ASN H 60 14.90 -38.00 30.94
CA ASN H 60 14.68 -37.63 29.54
C ASN H 60 13.26 -37.14 29.32
N ILE H 61 12.46 -37.22 30.38
CA ILE H 61 11.14 -36.60 30.40
C ILE H 61 11.07 -35.64 31.59
N ASN H 62 10.89 -34.36 31.30
CA ASN H 62 10.74 -33.37 32.36
C ASN H 62 9.29 -33.34 32.88
N PRO H 63 9.10 -33.73 34.15
CA PRO H 63 7.77 -33.82 34.77
C PRO H 63 7.13 -32.46 35.01
N LYS H 64 7.95 -31.43 35.13
CA LYS H 64 7.45 -30.09 35.40
C LYS H 64 8.10 -29.12 34.44
N PRO H 65 7.68 -29.19 33.16
CA PRO H 65 8.35 -28.42 32.12
C PRO H 65 7.97 -26.95 32.14
N ASP H 66 8.87 -26.12 31.61
CA ASP H 66 8.59 -24.73 31.34
C ASP H 66 8.20 -24.63 29.86
N ILE H 67 6.94 -24.88 29.56
CA ILE H 67 6.53 -24.81 28.17
C ILE H 67 6.39 -23.37 27.71
N LYS H 68 7.16 -23.02 26.68
CA LYS H 68 7.21 -21.65 26.24
C LYS H 68 6.75 -21.47 24.82
N ILE H 69 6.03 -20.39 24.56
CA ILE H 69 5.81 -19.92 23.20
C ILE H 69 6.93 -18.95 22.85
N VAL H 70 7.91 -19.43 22.10
CA VAL H 70 9.10 -18.62 21.77
C VAL H 70 8.92 -17.73 20.54
N LYS H 71 7.89 -18.00 19.75
CA LYS H 71 7.59 -17.20 18.58
C LYS H 71 6.09 -17.20 18.38
N GLU H 72 5.50 -16.06 18.04
CA GLU H 72 4.05 -15.99 17.92
C GLU H 72 3.56 -14.88 16.98
N SER H 73 2.43 -15.13 16.34
CA SER H 73 1.80 -14.18 15.44
C SER H 73 0.33 -14.55 15.34
N PRO H 74 -0.48 -13.66 14.77
CA PRO H 74 -1.91 -13.97 14.77
C PRO H 74 -2.20 -15.39 14.25
N ALA H 75 -1.35 -15.93 13.38
CA ALA H 75 -1.69 -17.20 12.71
C ALA H 75 -0.71 -18.33 12.95
N THR H 76 0.41 -18.03 13.61
CA THR H 76 1.45 -19.04 13.83
C THR H 76 2.07 -18.90 15.21
N ALA H 77 2.74 -19.98 15.63
CA ALA H 77 3.50 -20.01 16.86
C ALA H 77 4.53 -21.13 16.81
N VAL H 78 5.57 -20.98 17.61
CA VAL H 78 6.51 -22.05 17.84
C VAL H 78 6.52 -22.27 19.33
N ILE H 79 6.55 -23.53 19.76
CA ILE H 79 6.50 -23.86 21.17
C ILE H 79 7.70 -24.70 21.58
N ASP H 80 8.42 -24.27 22.60
CA ASP H 80 9.48 -25.13 23.15
C ASP H 80 8.90 -25.97 24.27
N GLY H 81 9.04 -27.29 24.13
CA GLY H 81 8.44 -28.23 25.06
C GLY H 81 9.17 -28.42 26.39
N ASP H 82 10.46 -28.10 26.43
CA ASP H 82 11.28 -28.31 27.63
C ASP H 82 11.37 -29.79 28.03
N LEU H 83 11.34 -30.69 27.05
CA LEU H 83 11.43 -32.11 27.32
C LEU H 83 10.23 -32.65 28.12
N GLY H 84 9.12 -31.93 28.05
CA GLY H 84 7.88 -32.36 28.71
C GLY H 84 7.18 -33.46 27.93
N LEU H 85 6.19 -34.06 28.58
CA LEU H 85 5.35 -35.03 27.90
C LEU H 85 4.82 -34.47 26.58
N GLY H 86 5.01 -35.24 25.51
CA GLY H 86 4.51 -34.88 24.19
C GLY H 86 3.02 -34.61 24.17
N GLN H 87 2.26 -35.37 24.95
CA GLN H 87 0.82 -35.14 25.06
C GLN H 87 0.50 -33.73 25.55
N VAL H 88 1.23 -33.29 26.57
CA VAL H 88 0.96 -32.01 27.20
C VAL H 88 1.31 -30.85 26.25
N VAL H 89 2.53 -30.88 25.72
CA VAL H 89 2.96 -29.94 24.69
C VAL H 89 2.03 -30.03 23.48
N GLY H 90 1.79 -31.25 23.02
CA GLY H 90 0.97 -31.49 21.85
C GLY H 90 -0.41 -30.89 21.95
N LYS H 91 -1.08 -31.12 23.08
CA LYS H 91 -2.40 -30.56 23.29
C LYS H 91 -2.37 -29.04 23.32
N LYS H 92 -1.40 -28.49 24.03
CA LYS H 92 -1.25 -27.05 24.06
C LYS H 92 -1.09 -26.48 22.65
N ALA H 93 -0.15 -27.03 21.89
CA ALA H 93 0.11 -26.57 20.53
C ALA H 93 -1.15 -26.59 19.69
N MSE H 94 -1.85 -27.74 19.68
CA MSE H 94 -3.02 -27.88 18.83
C MSE H 94 -4.19 -27.03 19.33
O MSE H 94 -4.88 -26.40 18.52
CB MSE H 94 -3.43 -29.36 18.67
CG MSE H 94 -4.73 -29.57 17.87
SE MSE H 94 -4.71 -28.76 16.05
CE MSE H 94 -4.29 -30.35 14.96
N GLU H 95 -4.39 -27.00 20.64
CA GLU H 95 -5.35 -26.07 21.24
C GLU H 95 -5.06 -24.62 20.83
N LEU H 96 -3.78 -24.25 20.75
CA LEU H 96 -3.40 -22.88 20.35
C LEU H 96 -3.57 -22.70 18.84
N ALA H 97 -3.33 -23.76 18.08
CA ALA H 97 -3.61 -23.74 16.64
C ALA H 97 -5.09 -23.52 16.39
N ILE H 98 -5.93 -24.19 17.16
CA ILE H 98 -7.36 -24.03 17.05
C ILE H 98 -7.82 -22.62 17.38
N LYS H 99 -7.24 -22.04 18.44
CA LYS H 99 -7.59 -20.70 18.88
C LYS H 99 -7.25 -19.68 17.78
N LYS H 100 -6.11 -19.86 17.13
CA LYS H 100 -5.67 -18.91 16.12
C LYS H 100 -6.56 -19.02 14.89
N ALA H 101 -6.88 -20.25 14.49
CA ALA H 101 -7.77 -20.49 13.34
C ALA H 101 -9.15 -19.87 13.57
N LYS H 102 -9.62 -19.88 14.81
CA LYS H 102 -10.91 -19.27 15.07
C LYS H 102 -10.85 -17.75 14.90
N ASN H 103 -9.68 -17.16 15.15
CA ASN H 103 -9.52 -15.70 14.98
C ASN H 103 -9.28 -15.21 13.55
N VAL H 104 -8.42 -15.91 12.81
CA VAL H 104 -8.05 -15.47 11.47
C VAL H 104 -8.19 -16.54 10.41
N GLY H 105 -8.71 -17.71 10.78
CA GLY H 105 -9.03 -18.70 9.77
C GLY H 105 -8.15 -19.93 9.69
N VAL H 106 -6.90 -19.80 10.13
CA VAL H 106 -5.98 -20.93 10.09
C VAL H 106 -4.89 -20.72 11.12
N GLY H 107 -4.48 -21.81 11.77
CA GLY H 107 -3.44 -21.76 12.78
C GLY H 107 -2.39 -22.84 12.58
N VAL H 108 -1.13 -22.43 12.54
CA VAL H 108 -0.04 -23.37 12.37
C VAL H 108 0.94 -23.24 13.53
N VAL H 109 1.05 -24.31 14.32
CA VAL H 109 1.87 -24.28 15.53
C VAL H 109 2.91 -25.41 15.49
N ALA H 110 4.18 -25.03 15.46
CA ALA H 110 5.29 -25.99 15.43
C ALA H 110 5.88 -26.18 16.81
N THR H 111 6.31 -27.39 17.11
CA THR H 111 6.91 -27.68 18.40
C THR H 111 8.32 -28.20 18.25
N ARG H 112 9.12 -27.94 19.26
CA ARG H 112 10.46 -28.49 19.36
C ARG H 112 10.65 -28.93 20.81
N ASN H 113 11.54 -29.90 21.04
CA ASN H 113 11.96 -30.20 22.40
C ASN H 113 10.86 -30.87 23.24
N ALA H 114 10.10 -31.75 22.59
CA ALA H 114 9.06 -32.50 23.27
C ALA H 114 9.28 -33.99 23.02
N ASN H 115 8.58 -34.81 23.80
CA ASN H 115 8.64 -36.26 23.61
C ASN H 115 7.57 -36.81 22.66
N HIS H 116 7.74 -38.06 22.26
CA HIS H 116 6.75 -38.76 21.44
C HIS H 116 5.36 -38.49 22.01
N PHE H 117 4.39 -38.21 21.13
CA PHE H 117 3.10 -37.71 21.61
C PHE H 117 1.96 -38.71 21.50
N GLY H 118 2.29 -39.92 21.05
CA GLY H 118 1.29 -40.96 20.89
C GLY H 118 0.75 -40.97 19.48
N ILE H 119 -0.56 -41.13 19.35
CA ILE H 119 -1.16 -41.20 18.02
C ILE H 119 -1.55 -39.80 17.53
N ALA H 120 -1.20 -39.51 16.27
CA ALA H 120 -1.41 -38.18 15.72
C ALA H 120 -2.88 -37.80 15.69
N GLY H 121 -3.74 -38.80 15.50
CA GLY H 121 -5.15 -38.56 15.29
C GLY H 121 -5.86 -37.89 16.45
N TYR H 122 -5.33 -38.06 17.66
CA TYR H 122 -5.95 -37.47 18.83
C TYR H 122 -5.98 -35.95 18.68
N TYR H 123 -4.87 -35.42 18.17
CA TYR H 123 -4.68 -33.98 18.08
C TYR H 123 -5.53 -33.38 16.99
N SER H 124 -5.50 -33.98 15.80
CA SER H 124 -6.32 -33.41 14.73
C SER H 124 -7.82 -33.64 14.95
N GLU H 125 -8.17 -34.58 15.83
CA GLU H 125 -9.57 -34.73 16.24
C GLU H 125 -10.01 -33.65 17.21
N LEU H 126 -9.07 -33.05 17.93
CA LEU H 126 -9.41 -31.89 18.75
C LEU H 126 -9.92 -30.77 17.86
N ALA H 127 -9.31 -30.63 16.69
CA ALA H 127 -9.78 -29.66 15.70
C ALA H 127 -11.15 -30.03 15.13
N MSE H 128 -11.29 -31.28 14.70
CA MSE H 128 -12.55 -31.76 14.15
C MSE H 128 -13.72 -31.49 15.10
O MSE H 128 -14.83 -31.19 14.67
CB MSE H 128 -12.45 -33.27 13.91
CG MSE H 128 -13.77 -33.90 13.53
SE MSE H 128 -13.58 -35.82 13.27
CE MSE H 128 -13.68 -36.37 15.15
N ASN H 129 -13.46 -31.63 16.40
CA ASN H 129 -14.52 -31.46 17.38
C ASN H 129 -14.76 -29.99 17.75
N GLN H 130 -14.05 -29.08 17.11
CA GLN H 130 -14.35 -27.65 17.15
C GLN H 130 -14.98 -27.21 15.84
N ASP H 131 -15.35 -28.18 15.01
CA ASP H 131 -15.90 -27.94 13.68
C ASP H 131 -14.86 -27.28 12.79
N MSE H 132 -13.69 -27.90 12.75
CA MSE H 132 -12.59 -27.42 11.94
C MSE H 132 -11.84 -28.57 11.29
O MSE H 132 -12.15 -29.73 11.53
CB MSE H 132 -11.64 -26.63 12.84
CG MSE H 132 -12.31 -25.45 13.50
SE MSE H 132 -11.02 -24.20 14.22
CE MSE H 132 -12.24 -22.89 14.97
N ILE H 133 -10.88 -28.24 10.47
CA ILE H 133 -10.01 -29.25 9.89
C ILE H 133 -8.71 -29.28 10.67
N GLY H 134 -8.35 -30.46 11.15
CA GLY H 134 -7.11 -30.68 11.89
C GLY H 134 -6.13 -31.50 11.08
N ILE H 135 -4.88 -31.08 11.09
CA ILE H 135 -3.83 -31.78 10.38
C ILE H 135 -2.63 -31.83 11.31
N THR H 136 -2.05 -33.01 11.47
CA THR H 136 -0.95 -33.19 12.40
C THR H 136 0.14 -34.05 11.77
N ILE H 137 1.38 -33.66 11.95
CA ILE H 137 2.50 -34.43 11.42
C ILE H 137 3.64 -34.35 12.40
N THR H 138 4.54 -35.32 12.32
CA THR H 138 5.70 -35.36 13.16
C THR H 138 6.74 -36.27 12.49
N ASN H 139 8.00 -36.14 12.88
CA ASN H 139 9.01 -37.09 12.43
C ASN H 139 9.48 -38.07 13.52
N THR H 140 10.46 -38.89 13.18
CA THR H 140 10.72 -40.10 13.93
C THR H 140 12.19 -40.42 13.75
N GLU H 141 12.78 -41.16 14.70
CA GLU H 141 14.10 -41.71 14.48
C GLU H 141 14.12 -42.39 13.11
N PRO H 142 15.28 -42.43 12.44
CA PRO H 142 15.31 -43.08 11.13
C PRO H 142 14.73 -44.50 11.14
N ALA H 143 13.99 -44.84 10.09
CA ALA H 143 13.36 -46.16 9.97
C ALA H 143 13.27 -46.61 8.52
N MSE H 144 13.24 -45.64 7.61
CA MSE H 144 12.97 -45.90 6.20
C MSE H 144 14.04 -45.38 5.26
O MSE H 144 14.68 -44.35 5.53
CB MSE H 144 11.64 -45.28 5.78
CG MSE H 144 10.52 -45.39 6.79
SE MSE H 144 8.83 -44.87 5.97
CE MSE H 144 9.34 -43.15 5.21
N ALA H 145 14.21 -46.07 4.14
CA ALA H 145 15.16 -45.64 3.13
C ALA H 145 14.49 -44.70 2.15
N PRO H 146 15.28 -43.81 1.53
CA PRO H 146 14.80 -43.10 0.34
C PRO H 146 14.34 -44.14 -0.67
N PHE H 147 13.47 -43.78 -1.59
CA PHE H 147 13.08 -44.73 -2.62
C PHE H 147 14.29 -45.07 -3.48
N GLY H 148 14.62 -46.36 -3.53
CA GLY H 148 15.77 -46.80 -4.31
C GLY H 148 17.06 -46.77 -3.50
N GLY H 149 16.93 -46.70 -2.18
CA GLY H 149 18.07 -46.65 -1.29
C GLY H 149 18.04 -47.79 -0.29
N LYS H 150 19.12 -47.98 0.44
CA LYS H 150 19.18 -49.08 1.41
C LYS H 150 19.49 -48.62 2.85
N GLU H 151 19.59 -47.31 3.06
CA GLU H 151 19.97 -46.74 4.36
C GLU H 151 18.78 -46.10 5.11
N LYS H 152 18.73 -46.28 6.43
CA LYS H 152 17.65 -45.71 7.24
C LYS H 152 17.90 -44.22 7.49
N ILE H 153 17.07 -43.37 6.88
CA ILE H 153 17.22 -41.93 7.01
C ILE H 153 15.92 -41.26 7.44
N LEU H 154 14.82 -41.62 6.80
CA LEU H 154 13.52 -41.01 7.09
C LEU H 154 12.83 -41.69 8.27
N GLY H 155 12.01 -40.93 9.00
CA GLY H 155 11.18 -41.50 10.05
C GLY H 155 9.97 -42.24 9.49
N THR H 156 9.12 -42.79 10.36
CA THR H 156 7.90 -43.45 9.91
C THR H 156 6.82 -42.40 9.70
N ASN H 157 7.17 -41.17 10.10
CA ASN H 157 6.48 -39.94 9.72
C ASN H 157 4.99 -40.02 9.46
N PRO H 158 4.19 -39.93 10.53
CA PRO H 158 2.73 -40.02 10.37
C PRO H 158 2.12 -38.69 9.97
N ILE H 159 0.96 -38.75 9.34
CA ILE H 159 0.14 -37.56 9.15
C ILE H 159 -1.31 -37.91 9.51
N ALA H 160 -2.00 -36.97 10.16
CA ALA H 160 -3.39 -37.18 10.52
C ALA H 160 -4.23 -36.01 10.04
N ILE H 161 -5.38 -36.33 9.45
CA ILE H 161 -6.26 -35.30 8.92
C ILE H 161 -7.68 -35.65 9.34
N ALA H 162 -8.33 -34.75 10.08
CA ALA H 162 -9.69 -35.01 10.55
C ALA H 162 -10.65 -33.82 10.33
N PHE H 163 -11.91 -34.16 10.09
CA PHE H 163 -12.98 -33.19 9.91
C PHE H 163 -14.30 -33.96 9.78
N LYS H 164 -15.43 -33.30 9.94
CA LYS H 164 -16.69 -34.01 9.98
C LYS H 164 -17.86 -33.16 9.46
N GLY H 165 -18.96 -33.83 9.13
CA GLY H 165 -20.19 -33.14 8.79
C GLY H 165 -21.19 -33.19 9.93
N ASN H 166 -22.47 -33.33 9.59
CA ASN H 166 -23.52 -33.55 10.59
C ASN H 166 -23.65 -35.04 10.91
N LYS H 167 -23.43 -35.88 9.91
CA LYS H 167 -23.56 -37.32 10.08
C LYS H 167 -22.20 -38.03 10.08
N TYR H 168 -21.40 -37.80 9.04
CA TYR H 168 -20.15 -38.52 8.88
C TYR H 168 -18.92 -37.85 9.50
N LYS H 169 -17.99 -38.65 9.99
CA LYS H 169 -16.68 -38.18 10.40
C LYS H 169 -15.63 -38.64 9.40
N PHE H 170 -14.59 -37.84 9.20
CA PHE H 170 -13.44 -38.25 8.43
C PHE H 170 -12.21 -38.14 9.32
N SER H 171 -11.45 -39.21 9.42
CA SER H 171 -10.33 -39.25 10.34
C SER H 171 -9.21 -40.12 9.79
N LEU H 172 -8.44 -39.58 8.86
CA LEU H 172 -7.25 -40.28 8.38
C LEU H 172 -6.14 -40.14 9.42
N ASP H 173 -5.59 -41.27 9.84
CA ASP H 173 -4.48 -41.26 10.79
C ASP H 173 -3.53 -42.37 10.39
N MSE H 174 -2.38 -42.02 9.82
CA MSE H 174 -1.56 -43.03 9.20
C MSE H 174 -0.09 -42.72 9.29
O MSE H 174 0.32 -41.57 9.18
CB MSE H 174 -1.93 -43.14 7.72
CG MSE H 174 -1.96 -41.76 7.03
SE MSE H 174 -1.91 -41.73 5.06
CE MSE H 174 -0.03 -42.18 4.76
N ALA H 175 0.73 -43.76 9.45
CA ALA H 175 2.15 -43.64 9.23
C ALA H 175 2.46 -43.72 7.73
N THR H 176 3.41 -42.94 7.24
CA THR H 176 3.86 -43.08 5.86
C THR H 176 4.68 -44.35 5.64
N ALA H 177 5.03 -45.04 6.72
CA ALA H 177 5.71 -46.32 6.61
C ALA H 177 4.69 -47.36 6.14
N SER H 178 5.17 -48.37 5.42
CA SER H 178 4.24 -49.38 4.89
C SER H 178 3.98 -50.46 5.94
N ILE H 179 4.78 -50.48 6.99
CA ILE H 179 4.57 -51.44 8.08
C ILE H 179 5.22 -50.95 9.37
N ALA H 180 4.57 -51.23 10.49
CA ALA H 180 5.15 -50.85 11.78
C ALA H 180 6.25 -51.83 12.12
N ARG H 181 7.25 -51.38 12.89
CA ARG H 181 8.32 -52.28 13.32
C ARG H 181 7.77 -53.34 14.26
N GLY H 182 6.70 -53.01 14.97
CA GLY H 182 6.08 -53.93 15.90
C GLY H 182 5.51 -55.13 15.18
N LYS H 183 4.89 -54.86 14.05
CA LYS H 183 4.27 -55.93 13.25
C LYS H 183 5.31 -56.85 12.62
N ILE H 184 6.54 -56.36 12.46
CA ILE H 184 7.64 -57.19 11.98
C ILE H 184 8.17 -58.07 13.11
N LEU H 185 8.42 -57.46 14.26
CA LEU H 185 8.80 -58.19 15.46
C LEU H 185 7.79 -59.31 15.71
N GLU H 186 6.52 -58.91 15.76
CA GLU H 186 5.43 -59.84 15.98
C GLU H 186 5.51 -61.01 15.00
N ALA H 187 5.65 -60.70 13.71
CA ALA H 187 5.82 -61.70 12.67
C ALA H 187 7.06 -62.57 12.89
N LEU H 188 8.03 -62.07 13.64
CA LEU H 188 9.25 -62.82 13.91
C LEU H 188 9.04 -63.82 15.05
N ARG H 189 8.16 -63.47 15.98
CA ARG H 189 7.79 -64.39 17.04
C ARG H 189 6.97 -65.52 16.44
N LYS H 190 5.90 -65.14 15.73
CA LYS H 190 4.98 -66.12 15.19
C LYS H 190 5.52 -66.80 13.92
N LYS H 191 6.84 -66.74 13.75
CA LYS H 191 7.54 -67.44 12.65
C LYS H 191 6.85 -67.40 11.28
N ILE H 192 6.49 -66.20 10.82
CA ILE H 192 5.85 -66.08 9.50
C ILE H 192 6.43 -64.99 8.61
N LYS H 193 5.83 -64.84 7.43
CA LYS H 193 6.23 -63.83 6.48
C LYS H 193 5.52 -62.50 6.76
N ILE H 194 6.15 -61.37 6.40
CA ILE H 194 5.48 -60.08 6.38
C ILE H 194 4.95 -59.81 4.98
N PRO H 195 3.95 -58.94 4.86
CA PRO H 195 3.39 -58.60 3.54
C PRO H 195 4.45 -58.27 2.50
N GLU H 196 4.11 -58.42 1.23
CA GLU H 196 5.06 -58.20 0.15
C GLU H 196 5.16 -56.72 -0.18
N GLY H 197 6.38 -56.23 -0.32
CA GLY H 197 6.63 -54.82 -0.60
C GLY H 197 6.50 -53.94 0.63
N CYS H 198 7.07 -54.38 1.74
CA CYS H 198 6.99 -53.63 2.99
C CYS H 198 8.37 -53.33 3.56
N ALA H 199 9.37 -54.09 3.11
CA ALA H 199 10.72 -53.95 3.63
C ALA H 199 11.73 -54.44 2.62
N VAL H 200 12.98 -54.03 2.81
CA VAL H 200 14.10 -54.56 2.04
C VAL H 200 15.18 -54.93 3.04
N ASP H 201 15.98 -55.95 2.73
CA ASP H 201 16.98 -56.44 3.69
C ASP H 201 18.25 -55.58 3.79
N LYS H 202 19.28 -56.14 4.40
CA LYS H 202 20.58 -55.47 4.50
C LYS H 202 20.98 -54.93 3.13
N ASP H 203 20.87 -55.79 2.12
CA ASP H 203 20.99 -55.38 0.73
C ASP H 203 19.72 -54.64 0.36
N GLY H 204 19.80 -53.74 -0.63
CA GLY H 204 18.64 -52.96 -1.04
C GLY H 204 17.49 -53.80 -1.59
N LYS H 205 17.72 -55.10 -1.71
CA LYS H 205 16.77 -56.02 -2.33
C LYS H 205 15.54 -56.31 -1.46
N PRO H 206 14.37 -56.42 -2.10
CA PRO H 206 13.09 -56.66 -1.42
C PRO H 206 13.12 -57.91 -0.55
N THR H 207 12.18 -58.01 0.40
CA THR H 207 12.21 -59.10 1.39
C THR H 207 10.89 -59.28 2.15
N THR H 208 10.57 -60.54 2.42
CA THR H 208 9.37 -60.91 3.12
C THR H 208 9.72 -61.57 4.46
N ASP H 209 11.00 -61.88 4.63
CA ASP H 209 11.49 -62.42 5.90
C ASP H 209 11.69 -61.35 6.98
N PRO H 210 11.02 -61.52 8.13
CA PRO H 210 11.02 -60.56 9.24
C PRO H 210 12.40 -60.31 9.88
N ALA H 211 13.21 -61.36 10.02
CA ALA H 211 14.54 -61.22 10.58
C ALA H 211 15.42 -60.30 9.72
N LYS H 212 15.46 -60.59 8.41
CA LYS H 212 16.15 -59.73 7.46
C LYS H 212 15.63 -58.30 7.58
N ALA H 213 14.32 -58.13 7.40
CA ALA H 213 13.71 -56.81 7.44
C ALA H 213 14.13 -55.96 8.64
N LEU H 214 14.49 -56.61 9.75
CA LEU H 214 14.73 -55.91 11.01
C LEU H 214 16.10 -55.26 11.06
N GLU H 215 17.02 -55.76 10.25
CA GLU H 215 18.35 -55.17 10.11
C GLU H 215 18.44 -54.41 8.79
N GLY H 216 17.38 -54.51 8.00
CA GLY H 216 17.25 -53.77 6.76
C GLY H 216 16.40 -52.53 6.97
N CYS H 217 15.58 -52.19 5.98
CA CYS H 217 14.73 -51.00 6.04
C CYS H 217 13.28 -51.25 5.71
N ILE H 218 12.40 -50.51 6.38
CA ILE H 218 11.00 -50.50 6.02
C ILE H 218 10.82 -49.52 4.87
N LEU H 219 9.88 -49.81 3.97
CA LEU H 219 9.66 -48.97 2.80
C LEU H 219 8.54 -47.96 3.03
N PRO H 220 8.71 -46.72 2.51
CA PRO H 220 7.58 -45.80 2.47
C PRO H 220 6.45 -46.51 1.75
N PHE H 221 5.22 -46.08 1.98
CA PHE H 221 4.08 -46.78 1.40
C PHE H 221 4.02 -46.73 -0.13
N GLY H 222 3.44 -45.69 -0.71
CA GLY H 222 3.03 -45.79 -2.11
C GLY H 222 4.10 -45.48 -3.14
N GLY H 223 5.11 -46.33 -3.22
CA GLY H 223 6.21 -46.12 -4.15
C GLY H 223 6.80 -44.72 -4.07
N PRO H 224 7.34 -44.23 -5.19
CA PRO H 224 7.97 -42.91 -5.21
C PRO H 224 7.04 -41.85 -4.66
N LYS H 225 5.74 -42.03 -4.86
CA LYS H 225 4.79 -41.03 -4.38
C LYS H 225 4.79 -40.96 -2.86
N GLY H 226 4.76 -42.12 -2.22
CA GLY H 226 4.69 -42.17 -0.76
C GLY H 226 5.99 -41.74 -0.11
N TYR H 227 7.09 -42.06 -0.78
CA TYR H 227 8.42 -41.62 -0.38
C TYR H 227 8.47 -40.10 -0.36
N GLY H 228 8.02 -39.48 -1.45
CA GLY H 228 7.95 -38.03 -1.56
C GLY H 228 7.19 -37.38 -0.43
N LEU H 229 6.06 -37.96 -0.04
CA LEU H 229 5.27 -37.39 1.05
C LEU H 229 5.95 -37.55 2.41
N ALA H 230 6.71 -38.63 2.59
CA ALA H 230 7.41 -38.88 3.84
C ALA H 230 8.59 -37.93 3.98
N LEU H 231 9.18 -37.57 2.83
CA LEU H 231 10.27 -36.61 2.78
C LEU H 231 9.71 -35.22 3.12
N ALA H 232 8.60 -34.87 2.47
CA ALA H 232 7.95 -33.60 2.77
C ALA H 232 7.69 -33.51 4.25
N ILE H 233 7.17 -34.59 4.82
CA ILE H 233 6.83 -34.61 6.23
C ILE H 233 8.04 -34.52 7.14
N GLU H 234 9.11 -35.25 6.83
CA GLU H 234 10.32 -35.18 7.63
C GLU H 234 10.68 -33.72 7.84
N MSE H 235 10.48 -32.92 6.80
CA MSE H 235 10.89 -31.52 6.80
C MSE H 235 9.92 -30.58 7.49
O MSE H 235 10.31 -29.84 8.39
CB MSE H 235 11.15 -31.05 5.38
CG MSE H 235 11.85 -29.68 5.30
SE MSE H 235 13.57 -29.62 6.25
CE MSE H 235 13.04 -28.47 7.75
N LEU H 236 8.66 -30.62 7.08
CA LEU H 236 7.64 -29.71 7.62
C LEU H 236 7.45 -29.89 9.13
N SER H 237 7.72 -31.11 9.61
CA SER H 237 7.56 -31.44 11.04
C SER H 237 8.55 -30.67 11.86
N ALA H 238 9.66 -30.32 11.24
CA ALA H 238 10.80 -29.80 11.96
C ALA H 238 10.94 -28.29 11.89
N ILE H 239 9.97 -27.60 11.30
CA ILE H 239 10.15 -26.16 11.05
C ILE H 239 10.15 -25.27 12.30
N GLY H 240 9.92 -25.86 13.46
CA GLY H 240 10.02 -25.11 14.69
C GLY H 240 11.42 -25.19 15.29
N GLY H 241 12.31 -25.86 14.58
CA GLY H 241 13.70 -26.02 15.00
C GLY H 241 14.06 -27.40 15.52
N ALA H 242 13.28 -28.41 15.16
CA ALA H 242 13.66 -29.77 15.52
C ALA H 242 14.68 -30.34 14.53
N GLU H 243 15.13 -31.56 14.78
CA GLU H 243 16.10 -32.17 13.89
C GLU H 243 15.39 -32.91 12.76
N VAL H 244 16.15 -33.29 11.75
CA VAL H 244 15.62 -34.13 10.68
C VAL H 244 16.64 -35.20 10.37
N GLY H 245 16.26 -36.15 9.50
CA GLY H 245 17.17 -37.21 9.11
C GLY H 245 17.70 -37.98 10.29
N THR H 246 19.00 -38.30 10.25
CA THR H 246 19.61 -39.16 11.28
C THR H 246 19.86 -38.50 12.62
N LYS H 247 19.71 -37.18 12.68
CA LYS H 247 19.89 -36.51 13.97
C LYS H 247 18.62 -36.55 14.79
N VAL H 248 17.55 -37.14 14.23
CA VAL H 248 16.34 -37.36 15.02
C VAL H 248 16.53 -38.57 15.91
N LYS H 249 16.65 -38.35 17.21
CA LYS H 249 16.75 -39.45 18.15
C LYS H 249 15.66 -39.38 19.24
N GLY H 250 15.60 -40.41 20.07
CA GLY H 250 14.78 -40.42 21.26
C GLY H 250 13.27 -40.54 21.14
N THR H 251 12.78 -41.17 20.08
CA THR H 251 11.32 -41.29 19.90
C THR H 251 10.81 -42.63 20.40
N ALA H 252 11.70 -43.61 20.50
CA ALA H 252 11.34 -44.93 20.99
C ALA H 252 12.43 -45.49 21.91
N ASN H 253 13.42 -44.67 22.20
CA ASN H 253 14.58 -45.08 22.97
C ASN H 253 14.76 -44.15 24.15
N PRO H 254 14.46 -44.64 25.35
CA PRO H 254 14.30 -43.82 26.55
C PRO H 254 15.64 -43.30 27.07
N GLU H 255 16.73 -43.81 26.49
CA GLU H 255 18.07 -43.42 26.92
C GLU H 255 18.55 -42.14 26.21
N GLU H 256 17.77 -41.68 25.24
CA GLU H 256 18.15 -40.53 24.43
C GLU H 256 17.23 -39.33 24.67
N ARG H 257 17.79 -38.12 24.67
CA ARG H 257 17.00 -36.89 24.61
C ARG H 257 16.22 -36.90 23.31
N CYS H 258 14.96 -36.47 23.38
CA CYS H 258 14.10 -36.45 22.20
C CYS H 258 14.36 -35.20 21.36
N THR H 259 14.55 -35.37 20.06
CA THR H 259 14.87 -34.24 19.17
C THR H 259 13.88 -34.07 18.00
N LYS H 260 12.79 -34.84 17.99
CA LYS H 260 11.83 -34.75 16.88
C LYS H 260 10.97 -33.49 16.92
N GLY H 261 10.32 -33.18 15.81
CA GLY H 261 9.41 -32.05 15.77
C GLY H 261 7.97 -32.43 15.45
N ASP H 262 7.04 -31.53 15.71
CA ASP H 262 5.62 -31.72 15.41
C ASP H 262 5.07 -30.47 14.76
N LEU H 263 4.20 -30.63 13.78
CA LEU H 263 3.46 -29.49 13.25
C LEU H 263 1.95 -29.71 13.47
N PHE H 264 1.27 -28.69 14.00
CA PHE H 264 -0.17 -28.77 14.20
C PHE H 264 -0.83 -27.68 13.42
N ILE H 265 -1.77 -28.05 12.58
CA ILE H 265 -2.47 -27.09 11.76
C ILE H 265 -3.95 -27.17 12.01
N ALA H 266 -4.62 -26.04 11.97
CA ALA H 266 -6.07 -26.03 12.09
C ALA H 266 -6.59 -25.05 11.06
N ILE H 267 -7.44 -25.54 10.15
CA ILE H 267 -8.10 -24.66 9.19
C ILE H 267 -9.56 -24.55 9.58
N ASN H 268 -10.09 -23.33 9.54
CA ASN H 268 -11.43 -23.02 10.05
C ASN H 268 -12.45 -22.77 8.91
N PRO H 269 -13.36 -23.74 8.68
CA PRO H 269 -14.32 -23.62 7.59
C PRO H 269 -15.15 -22.32 7.56
N GLU H 270 -15.43 -21.73 8.71
CA GLU H 270 -16.20 -20.48 8.71
C GLU H 270 -15.52 -19.40 7.87
N PHE H 271 -14.20 -19.44 7.78
CA PHE H 271 -13.51 -18.40 7.02
C PHE H 271 -13.59 -18.63 5.52
N PHE H 272 -13.97 -19.83 5.13
CA PHE H 272 -14.14 -20.13 3.71
C PHE H 272 -15.61 -20.21 3.31
N MSE H 273 -16.05 -21.36 2.82
CA MSE H 273 -17.42 -21.46 2.30
C MSE H 273 -18.49 -21.29 3.40
O MSE H 273 -19.63 -20.93 3.10
CB MSE H 273 -17.59 -22.77 1.57
CG MSE H 273 -17.38 -24.00 2.43
SE MSE H 273 -17.63 -25.66 1.42
CE MSE H 273 -19.52 -25.49 0.95
N GLY H 274 -18.12 -21.54 4.65
CA GLY H 274 -19.03 -21.41 5.77
C GLY H 274 -19.13 -22.73 6.52
N LYS H 275 -19.28 -22.67 7.83
CA LYS H 275 -19.31 -23.89 8.66
C LYS H 275 -20.45 -24.86 8.32
N GLU H 276 -21.65 -24.35 8.16
CA GLU H 276 -22.81 -25.21 7.88
C GLU H 276 -22.83 -25.69 6.43
N GLU H 277 -22.33 -24.84 5.53
CA GLU H 277 -22.15 -25.20 4.12
C GLU H 277 -21.12 -26.31 3.98
N PHE H 278 -20.08 -26.25 4.80
CA PHE H 278 -19.00 -27.23 4.73
C PHE H 278 -19.50 -28.58 5.23
N LYS H 279 -20.13 -28.57 6.39
CA LYS H 279 -20.65 -29.79 6.97
C LYS H 279 -21.66 -30.48 6.05
N ARG H 280 -22.48 -29.71 5.34
CA ARG H 280 -23.42 -30.32 4.39
C ARG H 280 -22.68 -31.04 3.26
N LYS H 281 -21.60 -30.43 2.79
CA LYS H 281 -20.82 -30.97 1.67
C LYS H 281 -19.97 -32.17 2.05
N VAL H 282 -19.38 -32.14 3.23
CA VAL H 282 -18.66 -33.31 3.75
C VAL H 282 -19.61 -34.49 3.77
N ASP H 283 -20.77 -34.29 4.40
CA ASP H 283 -21.79 -35.32 4.43
C ASP H 283 -22.13 -35.81 3.04
N GLU H 284 -22.43 -34.89 2.12
CA GLU H 284 -22.85 -35.28 0.77
C GLU H 284 -21.75 -36.10 0.07
N LEU H 285 -20.50 -35.66 0.18
CA LEU H 285 -19.41 -36.39 -0.44
C LEU H 285 -19.27 -37.78 0.15
N LEU H 286 -19.09 -37.86 1.47
CA LEU H 286 -18.84 -39.14 2.15
C LEU H 286 -20.00 -40.11 1.97
N ASP H 287 -21.22 -39.59 1.97
CA ASP H 287 -22.36 -40.43 1.70
C ASP H 287 -22.27 -40.99 0.27
N GLU H 288 -21.87 -40.15 -0.67
CA GLU H 288 -21.73 -40.60 -2.05
C GLU H 288 -20.70 -41.73 -2.09
N ILE H 289 -19.56 -41.50 -1.45
CA ILE H 289 -18.47 -42.47 -1.43
C ILE H 289 -18.95 -43.77 -0.82
N LYS H 290 -19.63 -43.66 0.31
CA LYS H 290 -20.06 -44.84 1.05
C LYS H 290 -21.06 -45.69 0.27
N ASN H 291 -21.84 -45.04 -0.60
CA ASN H 291 -22.91 -45.75 -1.28
C ASN H 291 -22.58 -46.12 -2.72
N SER H 292 -21.31 -45.99 -3.08
CA SER H 292 -20.85 -46.40 -4.40
C SER H 292 -20.66 -47.89 -4.49
N GLU H 293 -20.54 -48.38 -5.73
CA GLU H 293 -20.52 -49.80 -6.04
C GLU H 293 -19.26 -50.47 -5.52
N PRO H 294 -19.43 -51.41 -4.58
CA PRO H 294 -18.35 -52.22 -4.01
C PRO H 294 -17.66 -53.07 -5.07
N ALA H 295 -16.34 -53.19 -4.98
CA ALA H 295 -15.65 -54.27 -5.66
C ALA H 295 -16.07 -55.58 -4.98
N GLU H 296 -15.62 -56.70 -5.54
CA GLU H 296 -16.05 -58.04 -5.15
C GLU H 296 -16.25 -58.30 -3.65
N GLY H 297 -15.15 -58.56 -2.94
CA GLY H 297 -15.25 -58.94 -1.54
C GLY H 297 -15.01 -57.82 -0.55
N PHE H 298 -15.46 -56.61 -0.88
CA PHE H 298 -15.16 -55.43 -0.08
C PHE H 298 -16.39 -54.68 0.39
N GLU H 299 -16.18 -53.90 1.44
CA GLU H 299 -17.16 -52.97 1.97
C GLU H 299 -16.40 -51.65 2.06
N ILE H 300 -16.83 -50.67 1.28
CA ILE H 300 -16.15 -49.39 1.24
C ILE H 300 -16.22 -48.74 2.60
N LEU H 301 -15.06 -48.34 3.13
CA LEU H 301 -14.98 -47.62 4.41
C LEU H 301 -14.44 -46.20 4.22
N ILE H 302 -14.83 -45.30 5.12
CA ILE H 302 -14.21 -43.98 5.22
C ILE H 302 -13.00 -44.10 6.15
N PRO H 303 -11.94 -43.34 5.88
CA PRO H 303 -10.83 -43.34 6.84
C PRO H 303 -11.32 -43.00 8.25
N GLY H 304 -10.88 -43.78 9.24
CA GLY H 304 -11.35 -43.61 10.60
C GLY H 304 -12.40 -44.63 11.06
N GLU H 305 -13.21 -45.13 10.13
CA GLU H 305 -14.29 -46.07 10.45
C GLU H 305 -13.84 -47.29 11.26
N ILE H 306 -12.73 -47.90 10.84
CA ILE H 306 -12.18 -49.06 11.52
C ILE H 306 -11.85 -48.77 12.98
N GLU H 307 -11.29 -47.58 13.22
CA GLU H 307 -10.84 -47.20 14.55
C GLU H 307 -12.04 -46.95 15.45
N GLU H 308 -13.08 -46.35 14.89
CA GLU H 308 -14.30 -46.13 15.63
C GLU H 308 -14.90 -47.47 16.05
N ARG H 309 -14.92 -48.42 15.12
CA ARG H 309 -15.48 -49.72 15.41
C ARG H 309 -14.69 -50.34 16.54
N ASN H 310 -13.36 -50.31 16.42
CA ASN H 310 -12.54 -50.83 17.49
C ASN H 310 -12.94 -50.23 18.86
N LYS H 311 -13.07 -48.90 18.93
CA LYS H 311 -13.43 -48.22 20.16
C LYS H 311 -14.71 -48.77 20.77
N MSE H 312 -15.72 -48.92 19.93
CA MSE H 312 -16.99 -49.50 20.38
C MSE H 312 -16.75 -50.84 21.02
O MSE H 312 -17.19 -51.07 22.16
CB MSE H 312 -17.95 -49.66 19.20
CG MSE H 312 -18.56 -48.37 18.70
SE MSE H 312 -19.68 -47.53 20.05
CE MSE H 312 -18.36 -46.31 20.80
N LYS H 313 -16.07 -51.74 20.32
CA LYS H 313 -15.81 -53.08 20.82
C LYS H 313 -15.04 -53.01 22.13
N ARG H 314 -14.17 -52.02 22.23
CA ARG H 314 -13.16 -51.99 23.29
C ARG H 314 -13.55 -51.12 24.50
N LYS H 315 -14.65 -50.39 24.37
CA LYS H 315 -15.16 -49.53 25.45
C LYS H 315 -15.26 -50.21 26.82
N ASP H 316 -15.46 -51.52 26.85
CA ASP H 316 -15.68 -52.21 28.12
C ASP H 316 -14.48 -53.03 28.51
N GLY H 317 -13.32 -52.68 27.99
CA GLY H 317 -12.10 -53.40 28.28
C GLY H 317 -11.48 -54.07 27.06
N PHE H 318 -10.16 -54.22 27.12
CA PHE H 318 -9.39 -54.84 26.06
C PHE H 318 -8.26 -55.65 26.69
N GLU H 319 -7.80 -56.67 25.97
CA GLU H 319 -6.75 -57.53 26.49
C GLU H 319 -5.38 -56.86 26.47
N ILE H 320 -4.53 -57.25 27.42
CA ILE H 320 -3.10 -56.92 27.39
C ILE H 320 -2.34 -58.21 27.75
N ASP H 321 -1.09 -58.31 27.32
CA ASP H 321 -0.30 -59.53 27.56
C ASP H 321 0.33 -59.57 28.95
N LYS H 322 0.65 -60.78 29.43
CA LYS H 322 1.17 -60.98 30.79
C LYS H 322 2.45 -60.23 31.05
N ASN H 323 3.37 -60.29 30.09
CA ASN H 323 4.67 -59.65 30.23
C ASN H 323 4.57 -58.15 30.52
N LEU H 324 3.55 -57.50 29.98
CA LEU H 324 3.33 -56.09 30.27
C LEU H 324 2.65 -55.91 31.62
N TYR H 325 1.66 -56.73 31.92
CA TYR H 325 1.05 -56.67 33.25
C TYR H 325 2.12 -56.82 34.31
N ASN H 326 3.15 -57.60 34.01
CA ASN H 326 4.28 -57.76 34.92
C ASN H 326 5.06 -56.45 35.06
N GLN H 327 5.39 -55.84 33.93
CA GLN H 327 6.14 -54.60 33.96
C GLN H 327 5.38 -53.56 34.76
N LEU H 328 4.05 -53.67 34.74
CA LEU H 328 3.18 -52.73 35.45
C LEU H 328 3.21 -52.99 36.94
N LYS H 329 2.91 -54.22 37.32
CA LYS H 329 3.03 -54.65 38.70
C LYS H 329 4.26 -53.99 39.34
N GLU H 330 5.41 -54.22 38.70
CA GLU H 330 6.69 -53.72 39.19
C GLU H 330 6.75 -52.20 39.37
N ILE H 331 6.45 -51.46 38.31
CA ILE H 331 6.40 -50.00 38.39
C ILE H 331 5.52 -49.57 39.55
N CYS H 332 4.30 -50.10 39.61
CA CYS H 332 3.40 -49.84 40.72
C CYS H 332 4.03 -50.13 42.07
N ASN H 333 4.71 -51.26 42.19
CA ASN H 333 5.36 -51.63 43.43
C ASN H 333 6.40 -50.61 43.86
N GLU H 334 7.28 -50.24 42.93
CA GLU H 334 8.32 -49.26 43.21
C GLU H 334 7.74 -47.97 43.79
N LEU H 335 6.58 -47.56 43.28
CA LEU H 335 6.03 -46.25 43.63
C LEU H 335 5.01 -46.38 44.75
N GLY H 336 5.02 -47.55 45.40
CA GLY H 336 4.08 -47.81 46.47
C GLY H 336 2.65 -47.65 46.03
N LEU H 337 2.28 -48.42 45.00
CA LEU H 337 0.92 -48.46 44.48
C LEU H 337 0.54 -49.93 44.30
N ASN H 338 -0.77 -50.22 44.35
CA ASN H 338 -1.24 -51.60 44.20
C ASN H 338 -1.82 -51.86 42.80
N ILE H 339 -1.16 -52.74 42.05
CA ILE H 339 -1.56 -53.02 40.67
C ILE H 339 -3.02 -53.50 40.60
N GLU H 340 -3.53 -53.96 41.75
CA GLU H 340 -4.84 -54.56 41.81
C GLU H 340 -5.98 -53.55 41.97
N ASP H 341 -5.64 -52.27 42.04
CA ASP H 341 -6.67 -51.23 42.03
C ASP H 341 -7.08 -50.93 40.61
N TYR H 342 -6.33 -51.48 39.66
CA TYR H 342 -6.52 -51.10 38.27
C TYR H 342 -6.81 -52.29 37.36
N ILE H 343 -6.16 -53.41 37.64
CA ILE H 343 -6.35 -54.60 36.83
C ILE H 343 -6.83 -55.72 37.73
N GLU H 344 -8.09 -56.10 37.56
CA GLU H 344 -8.75 -56.97 38.51
C GLU H 344 -9.59 -58.05 37.81
PA NAD I . -26.03 18.03 25.64
O1A NAD I . -27.17 17.20 26.31
O2A NAD I . -24.87 18.55 26.55
O5B NAD I . -25.86 17.89 24.07
C5B NAD I . -26.42 16.84 23.35
C4B NAD I . -26.79 17.06 21.90
O4B NAD I . -28.02 17.73 21.74
C3B NAD I . -25.76 17.84 21.15
O3B NAD I . -25.42 17.21 19.98
C2B NAD I . -26.40 19.15 20.99
O2B NAD I . -25.95 19.89 19.91
C1B NAD I . -27.84 18.79 20.87
N9A NAD I . -28.75 19.86 21.24
C8A NAD I . -28.96 20.30 22.48
N7A NAD I . -29.98 21.17 22.47
C5A NAD I . -30.45 21.23 21.21
C6A NAD I . -31.48 21.93 20.58
N6A NAD I . -32.28 22.86 21.32
N1A NAD I . -31.70 21.75 19.27
C2A NAD I . -30.95 20.89 18.55
N3A NAD I . -29.95 20.20 19.11
C4A NAD I . -29.69 20.35 20.42
O3 NAD I . -25.13 16.74 25.57
PN NAD I . -24.79 15.76 26.75
O1N NAD I . -25.42 14.40 26.48
O2N NAD I . -25.30 16.27 28.08
O5D NAD I . -23.25 15.58 26.85
C5D NAD I . -22.60 15.14 25.70
C4D NAD I . -21.10 14.98 25.68
O4D NAD I . -20.66 14.13 26.68
C3D NAD I . -20.73 14.36 24.36
O3D NAD I . -19.70 15.05 23.82
C2D NAD I . -20.45 12.93 24.65
O2D NAD I . -19.54 12.34 23.81
C1D NAD I . -19.92 13.00 26.05
N1N NAD I . -19.83 11.69 26.86
C2N NAD I . -18.71 10.95 26.84
C3N NAD I . -18.66 9.76 27.59
C7N NAD I . -17.45 8.88 27.61
O7N NAD I . -17.30 8.11 28.56
N7N NAD I . -16.59 8.78 26.46
C4N NAD I . -19.79 9.37 28.31
C5N NAD I . -20.95 10.15 28.30
C6N NAD I . -20.93 11.33 27.55
PA NAD J . -43.85 1.56 22.19
O1A NAD J . -43.63 3.05 21.83
O2A NAD J . -45.32 1.02 22.26
O5B NAD J . -42.69 0.50 22.06
C5B NAD J . -41.35 0.88 22.01
C4B NAD J . -40.32 0.00 22.67
O4B NAD J . -40.13 0.32 24.04
C3B NAD J . -40.73 -1.43 22.58
O3B NAD J . -39.67 -2.20 22.15
C2B NAD J . -41.14 -1.77 23.95
O2B NAD J . -40.92 -3.10 24.28
C1B NAD J . -40.31 -0.82 24.77
N9A NAD J . -40.92 -0.58 26.07
C8A NAD J . -42.13 -0.05 26.32
N7A NAD J . -42.31 -0.03 27.65
C5A NAD J . -41.22 -0.55 28.24
C6A NAD J . -40.80 -0.78 29.56
N6A NAD J . -41.66 -0.42 30.65
N1A NAD J . -39.61 -1.34 29.78
C2A NAD J . -38.80 -1.69 28.76
N3A NAD J . -39.14 -1.49 27.48
C4A NAD J . -40.32 -0.93 27.21
O3 NAD J . -43.98 1.31 20.63
PN NAD J . -44.11 2.33 19.42
O1N NAD J . -43.14 3.50 19.47
O2N NAD J . -45.53 2.85 19.28
O5D NAD J . -43.82 1.51 18.12
C5D NAD J . -44.67 0.47 17.75
C4D NAD J . -44.51 0.02 16.33
O4D NAD J . -44.79 1.07 15.49
C3D NAD J . -43.09 -0.42 16.05
O3D NAD J . -43.01 -1.79 15.91
C2D NAD J . -42.66 0.29 14.81
O2D NAD J . -42.11 -0.54 13.87
C1D NAD J . -43.92 0.88 14.30
N1N NAD J . -43.83 2.08 13.34
C2N NAD J . -43.73 1.85 12.02
C3N NAD J . -43.64 2.92 11.11
C7N NAD J . -43.52 2.70 9.64
O7N NAD J . -43.14 3.63 8.93
N7N NAD J . -43.77 1.41 9.06
C4N NAD J . -43.67 4.22 11.64
C5N NAD J . -43.78 4.42 13.02
C6N NAD J . -43.87 3.31 13.85
PA NAD K . -16.98 35.19 -11.82
O1A NAD K . -15.95 35.97 -12.69
O2A NAD K . -18.33 34.72 -12.47
O5B NAD K . -16.54 34.49 -10.47
C5B NAD K . -15.22 34.52 -10.00
C4B NAD K . -15.05 34.47 -8.51
O4B NAD K . -15.28 35.72 -7.91
C3B NAD K . -16.02 33.50 -7.92
O3B NAD K . -15.38 32.61 -7.08
C2B NAD K . -16.98 34.33 -7.22
O2B NAD K . -17.48 33.77 -6.06
C1B NAD K . -16.19 35.57 -6.89
N9A NAD K . -17.08 36.71 -6.69
C8A NAD K . -17.91 37.25 -7.61
N7A NAD K . -18.57 38.27 -7.03
C5A NAD K . -18.17 38.36 -5.75
C6A NAD K . -18.50 39.20 -4.67
N6A NAD K . -19.44 40.26 -4.85
N1A NAD K . -17.90 39.01 -3.49
C2A NAD K . -16.99 38.03 -3.32
N3A NAD K . -16.66 37.20 -4.31
C4A NAD K . -17.23 37.34 -5.53
O3 NAD K . -16.42 33.87 -12.51
PN NAD K . -15.74 33.70 -13.94
O1N NAD K . -14.53 34.59 -14.13
O2N NAD K . -16.75 33.95 -15.04
O5D NAD K . -15.22 32.22 -14.10
C5D NAD K . -16.11 31.15 -14.11
C4D NAD K . -15.54 29.80 -14.43
O4D NAD K . -14.88 29.81 -15.64
C3D NAD K . -14.58 29.28 -13.37
O3D NAD K . -15.16 28.23 -12.71
C2D NAD K . -13.37 28.84 -14.10
O2D NAD K . -12.91 27.63 -13.65
C1D NAD K . -13.85 28.75 -15.51
N1N NAD K . -12.83 28.65 -16.67
C2N NAD K . -12.40 27.44 -17.05
C3N NAD K . -11.50 27.32 -18.12
C7N NAD K . -11.00 25.98 -18.56
O7N NAD K . -10.62 25.81 -19.71
N7N NAD K . -11.00 24.88 -17.63
C4N NAD K . -11.07 28.50 -18.78
C5N NAD K . -11.55 29.74 -18.35
C6N NAD K . -12.45 29.79 -17.28
PA NAD L . 3.75 48.38 -9.11
O1A NAD L . 2.30 48.40 -8.57
O2A NAD L . 4.75 49.48 -8.59
O5B NAD L . 4.36 47.06 -9.76
C5B NAD L . 3.63 45.87 -9.83
C4B NAD L . 4.10 44.84 -10.83
O4B NAD L . 3.50 44.99 -12.11
C3B NAD L . 5.58 44.92 -11.03
O3B NAD L . 6.15 43.66 -11.04
C2B NAD L . 5.71 45.65 -12.28
O2B NAD L . 6.83 45.35 -13.04
C1B NAD L . 4.49 45.24 -13.05
N9A NAD L . 4.13 46.26 -14.02
C8A NAD L . 3.85 47.55 -13.76
N7A NAD L . 3.50 48.16 -14.89
C5A NAD L . 3.55 47.25 -15.88
C6A NAD L . 3.29 47.27 -17.27
N6A NAD L . 2.87 48.49 -17.89
N1A NAD L . 3.45 46.15 -17.99
C2A NAD L . 3.83 45.01 -17.41
N3A NAD L . 4.09 44.93 -16.09
C4A NAD L . 3.95 46.02 -15.33
O3 NAD L . 4.16 47.63 -7.78
PN NAD L . 3.60 47.85 -6.32
O1N NAD L . 2.22 47.21 -6.15
O2N NAD L . 3.55 49.31 -5.96
O5D NAD L . 4.55 47.11 -5.33
C5D NAD L . 5.44 47.81 -4.53
C4D NAD L . 6.42 46.95 -3.78
O4D NAD L . 6.20 47.08 -2.44
C3D NAD L . 6.31 45.48 -4.15
O3D NAD L . 7.54 44.98 -4.42
C2D NAD L . 5.74 44.78 -2.99
O2D NAD L . 6.41 43.63 -2.73
C1D NAD L . 5.96 45.74 -1.86
N1N NAD L . 4.97 45.68 -0.68
C2N NAD L . 5.40 45.10 0.45
C3N NAD L . 4.57 44.97 1.56
C7N NAD L . 5.07 44.30 2.81
O7N NAD L . 4.57 44.55 3.91
N7N NAD L . 6.19 43.41 2.74
C4N NAD L . 3.25 45.44 1.43
C5N NAD L . 2.82 46.03 0.23
C6N NAD L . 3.73 46.13 -0.84
PA NAD M . 38.07 -14.37 -2.72
O1A NAD M . 39.00 -13.24 -3.26
O2A NAD M . 38.18 -14.75 -1.21
O5B NAD M . 36.76 -14.79 -3.52
C5B NAD M . 36.26 -14.04 -4.59
C4B NAD M . 35.26 -14.69 -5.52
O4B NAD M . 35.90 -15.42 -6.54
C3B NAD M . 34.30 -15.61 -4.83
O3B NAD M . 32.98 -15.31 -5.11
C2B NAD M . 34.69 -16.95 -5.29
O2B NAD M . 33.62 -17.81 -5.47
C1B NAD M . 35.38 -16.69 -6.60
N9A NAD M . 36.42 -17.66 -6.80
C8A NAD M . 37.51 -17.82 -6.02
N7A NAD M . 38.26 -18.80 -6.54
C5A NAD M . 37.63 -19.27 -7.63
C6A NAD M . 37.90 -20.27 -8.57
N6A NAD M . 39.09 -21.04 -8.40
N1A NAD M . 37.06 -20.50 -9.59
C2A NAD M . 35.94 -19.76 -9.72
N3A NAD M . 35.62 -18.79 -8.84
C4A NAD M . 36.44 -18.54 -7.81
O3 NAD M . 37.11 -13.21 -2.21
PN NAD M . 37.55 -11.90 -1.46
O1N NAD M . 38.09 -10.85 -2.43
O2N NAD M . 38.58 -12.20 -0.40
O5D NAD M . 36.27 -11.30 -0.77
C5D NAD M . 35.88 -11.77 0.48
C4D NAD M . 34.69 -11.08 1.14
O4D NAD M . 35.10 -9.92 1.77
C3D NAD M . 33.59 -10.72 0.16
O3D NAD M . 32.42 -11.36 0.51
C2D NAD M . 33.46 -9.25 0.18
O2D NAD M . 32.16 -8.79 0.09
C1D NAD M . 34.08 -8.87 1.49
N1N NAD M . 34.52 -7.40 1.69
C2N NAD M . 33.75 -6.55 2.39
C3N NAD M . 34.13 -5.21 2.56
C7N NAD M . 33.31 -4.24 3.35
O7N NAD M . 33.83 -3.25 3.87
N7N NAD M . 31.90 -4.46 3.53
C4N NAD M . 35.33 -4.78 1.95
C5N NAD M . 36.10 -5.68 1.21
C6N NAD M . 35.67 -7.01 1.09
PA NAD N . 43.86 -1.48 -22.79
O1A NAD N . 43.96 -2.95 -22.29
O2A NAD N . 44.37 -1.17 -24.23
O5B NAD N . 42.92 -0.44 -22.05
C5B NAD N . 42.25 -0.72 -20.86
C4B NAD N . 41.92 0.46 -19.97
O4B NAD N . 42.84 0.64 -18.91
C3B NAD N . 41.86 1.74 -20.74
O3B NAD N . 40.65 2.39 -20.52
C2B NAD N . 43.02 2.49 -20.27
O2B NAD N . 42.79 3.85 -20.21
C1B NAD N . 43.30 1.94 -18.91
N9A NAD N . 44.71 2.00 -18.56
C8A NAD N . 45.69 1.31 -19.18
N7A NAD N . 46.85 1.53 -18.54
C5A NAD N . 46.59 2.35 -17.51
C6A NAD N . 47.38 2.91 -16.51
N6A NAD N . 48.79 2.62 -16.51
N1A NAD N . 46.84 3.70 -15.57
C2A NAD N . 45.52 3.95 -15.59
N3A NAD N . 44.71 3.43 -16.53
C4A NAD N . 45.23 2.63 -17.49
O3 NAD N . 42.45 -1.77 -23.51
PN NAD N . 41.82 -3.07 -24.18
O1N NAD N . 41.48 -4.14 -23.14
O2N NAD N . 42.71 -3.61 -25.28
O5D NAD N . 40.46 -2.64 -24.86
C5D NAD N . 40.43 -2.05 -26.12
C4D NAD N . 39.06 -1.79 -26.73
O4D NAD N . 38.55 -2.93 -27.33
C3D NAD N . 38.03 -1.34 -25.71
O3D NAD N . 37.76 -0.02 -25.93
C2D NAD N . 36.83 -2.16 -25.89
O2D NAD N . 35.69 -1.39 -25.97
C1D NAD N . 37.09 -2.91 -27.17
N1N NAD N . 36.40 -4.27 -27.36
C2N NAD N . 35.32 -4.39 -28.15
C3N NAD N . 34.69 -5.62 -28.33
C7N NAD N . 33.47 -5.73 -29.20
O7N NAD N . 33.03 -6.83 -29.52
N7N NAD N . 32.76 -4.53 -29.58
C4N NAD N . 35.21 -6.74 -27.68
C5N NAD N . 36.34 -6.59 -26.87
C6N NAD N . 36.93 -5.34 -26.73
PA NAD O . 4.65 -38.88 -11.65
O1A NAD O . 3.36 -39.73 -11.41
O2A NAD O . 5.24 -38.81 -13.10
O5B NAD O . 5.08 -37.74 -10.63
C5B NAD O . 5.05 -37.90 -9.26
C4B NAD O . 6.29 -37.44 -8.53
O4B NAD O . 7.12 -38.52 -8.18
C3B NAD O . 7.09 -36.50 -9.39
O3B NAD O . 7.17 -35.25 -8.81
C2B NAD O . 8.38 -37.18 -9.56
O2B NAD O . 9.48 -36.34 -9.53
C1B NAD O . 8.42 -38.14 -8.42
N9A NAD O . 9.26 -39.27 -8.73
C8A NAD O . 9.10 -40.14 -9.75
N7A NAD O . 10.05 -41.06 -9.66
C5A NAD O . 10.83 -40.79 -8.59
C6A NAD O . 11.96 -41.38 -8.01
N6A NAD O . 12.57 -42.54 -8.61
N1A NAD O . 12.49 -40.85 -6.90
C2A NAD O . 11.95 -39.76 -6.35
N3A NAD O . 10.87 -39.15 -6.87
C4A NAD O . 10.31 -39.65 -7.98
O3 NAD O . 3.68 -37.75 -12.19
PN NAD O . 2.11 -37.69 -12.09
O1N NAD O . 1.59 -38.22 -10.76
O2N NAD O . 1.49 -38.46 -13.23
O5D NAD O . 1.68 -36.18 -12.21
C5D NAD O . 1.35 -35.62 -13.45
C4D NAD O . 0.99 -34.16 -13.46
O4D NAD O . -0.37 -34.01 -13.66
C3D NAD O . 1.36 -33.44 -12.18
O3D NAD O . 2.19 -32.37 -12.42
C2D NAD O . 0.10 -32.95 -11.60
O2D NAD O . 0.28 -31.71 -11.03
C1D NAD O . -0.83 -32.92 -12.77
N1N NAD O . -2.35 -32.92 -12.51
C2N NAD O . -3.08 -31.80 -12.72
C3N NAD O . -4.46 -31.80 -12.47
C7N NAD O . -5.32 -30.59 -12.67
O7N NAD O . -6.53 -30.71 -12.90
N7N NAD O . -4.78 -29.27 -12.54
C4N NAD O . -5.02 -32.99 -12.00
C5N NAD O . -4.24 -34.13 -11.80
C6N NAD O . -2.88 -34.06 -12.07
PA NAD P . -3.23 -48.29 9.45
O1A NAD P . -1.97 -48.23 8.53
O2A NAD P . -3.20 -49.28 10.66
O5B NAD P . -4.28 -47.10 9.46
C5B NAD P . -4.13 -45.97 8.66
C4B NAD P . -5.40 -45.33 8.16
O4B NAD P . -5.90 -45.99 7.03
C3B NAD P . -6.49 -45.34 9.19
O3B NAD P . -7.00 -44.06 9.39
C2B NAD P . -7.49 -46.24 8.66
O2B NAD P . -8.77 -45.83 8.96
C1B NAD P . -7.26 -46.19 7.18
N9A NAD P . -7.70 -47.41 6.53
C8A NAD P . -7.13 -48.62 6.68
N7A NAD P . -7.82 -49.49 5.94
C5A NAD P . -8.82 -48.85 5.35
C6A NAD P . -9.85 -49.23 4.48
N6A NAD P . -9.95 -50.61 4.07
N1A NAD P . -10.72 -48.33 4.03
C2A NAD P . -10.62 -47.04 4.43
N3A NAD P . -9.65 -46.61 5.26
C4A NAD P . -8.75 -47.50 5.72
O3 NAD P . -2.48 -47.30 10.44
PN NAD P . -0.94 -47.20 10.73
O1N NAD P . -0.19 -46.58 9.57
O2N NAD P . -0.33 -48.56 10.99
O5D NAD P . -0.70 -46.25 11.97
C5D NAD P . -1.11 -46.49 13.28
C4D NAD P . -0.82 -45.35 14.24
O4D NAD P . 0.54 -45.22 14.52
C3D NAD P . -1.26 -44.02 13.67
O3D NAD P . -2.42 -43.63 14.31
C2D NAD P . -0.16 -43.05 13.85
O2D NAD P . -0.54 -41.88 14.47
C1D NAD P . 0.85 -43.77 14.69
N1N NAD P . 2.34 -43.34 14.55
C2N NAD P . 2.91 -42.58 15.50
C3N NAD P . 4.25 -42.17 15.36
C7N NAD P . 4.93 -41.32 16.40
O7N NAD P . 6.14 -41.36 16.51
N7N NAD P . 4.19 -40.40 17.23
C4N NAD P . 4.97 -42.60 14.24
C5N NAD P . 4.35 -43.39 13.27
C6N NAD P . 3.01 -43.75 13.46
#